data_2G18
#
_entry.id   2G18
#
_cell.length_a   78.501
_cell.length_b   141.332
_cell.length_c   121.842
_cell.angle_alpha   90.00
_cell.angle_beta   91.29
_cell.angle_gamma   90.00
#
_symmetry.space_group_name_H-M   'P 1 21 1'
#
loop_
_entity.id
_entity.type
_entity.pdbx_description
1 polymer 'Phycocyanobilin:ferredoxin oxidoreductase'
2 non-polymer 'CALCIUM ION'
3 water water
#
_entity_poly.entity_id   1
_entity_poly.type   'polypeptide(L)'
_entity_poly.pdbx_seq_one_letter_code
;GPLGSPEFISLTSIPSLREQQHPLIRQLADCIEEVWHQHLDLSPYHLPAELGYVEGRLEGEKLTIENRCYQTPQFRKMHL
ELAKVGNMLDILHCVMFPRPEYDLPMFGCDLVGGRGQISAAIADLSPVHLDRTLPESYNSALTSLNTLNFSQPRELPEWG
NIFSDFCIFVRPSSPEEEAMFLGRVREFLQVHCQGAIAASPVSAEQKQQILAGQHNYCSKQQQNDKTRRVLEKAFGVDWA
ENYMTTVLFDLPE
;
_entity_poly.pdbx_strand_id   A,B,C,D,E,F,G,H,I,J,K,L
#
loop_
_chem_comp.id
_chem_comp.type
_chem_comp.name
_chem_comp.formula
CA non-polymer 'CALCIUM ION' 'Ca 2'
#
# COMPACT_ATOMS: atom_id res chain seq x y z
N ILE A 9 24.75 -1.78 -37.74
CA ILE A 9 26.19 -2.16 -37.71
C ILE A 9 26.81 -2.20 -39.13
N SER A 10 26.18 -2.96 -40.03
CA SER A 10 26.37 -2.81 -41.50
C SER A 10 24.97 -2.76 -42.16
N LEU A 11 24.69 -1.75 -42.95
CA LEU A 11 23.29 -1.51 -43.36
C LEU A 11 23.03 -1.51 -44.86
N THR A 12 21.96 -2.17 -45.29
CA THR A 12 21.52 -2.00 -46.66
C THR A 12 20.27 -1.17 -46.73
N SER A 13 20.16 -0.40 -47.78
CA SER A 13 18.97 0.36 -48.02
C SER A 13 18.13 -0.39 -49.01
N ILE A 14 16.83 -0.43 -48.74
CA ILE A 14 15.81 -0.94 -49.64
C ILE A 14 14.73 0.12 -49.70
N PRO A 15 13.80 0.01 -50.66
CA PRO A 15 12.79 1.09 -50.75
C PRO A 15 11.77 1.00 -49.64
N SER A 16 11.06 2.11 -49.37
CA SER A 16 10.05 2.15 -48.34
C SER A 16 8.81 1.39 -48.77
N LEU A 17 8.19 0.76 -47.78
CA LEU A 17 6.93 0.07 -47.90
C LEU A 17 5.84 0.98 -48.48
N ARG A 18 5.97 2.28 -48.22
CA ARG A 18 4.93 3.23 -48.58
C ARG A 18 4.67 3.27 -50.06
N GLU A 19 5.63 2.82 -50.86
CA GLU A 19 5.44 2.71 -52.33
C GLU A 19 4.45 1.62 -52.74
N GLN A 20 4.25 0.63 -51.89
CA GLN A 20 3.32 -0.45 -52.19
C GLN A 20 1.95 -0.21 -51.58
N GLN A 21 1.77 0.95 -50.94
CA GLN A 21 0.60 1.14 -50.13
C GLN A 21 -0.43 2.04 -50.80
N HIS A 22 -1.66 2.07 -50.28
CA HIS A 22 -2.70 3.00 -50.72
C HIS A 22 -2.09 4.40 -50.82
N PRO A 23 -2.43 5.13 -51.90
CA PRO A 23 -1.83 6.44 -52.16
C PRO A 23 -2.04 7.45 -51.05
N LEU A 24 -3.17 7.44 -50.35
CA LEU A 24 -3.36 8.34 -49.24
C LEU A 24 -2.34 8.05 -48.13
N ILE A 25 -2.03 6.77 -47.93
CA ILE A 25 -1.08 6.39 -46.90
C ILE A 25 0.33 6.91 -47.26
N ARG A 26 0.72 6.70 -48.50
CA ARG A 26 1.97 7.23 -48.94
C ARG A 26 2.03 8.77 -48.82
N GLN A 27 0.96 9.45 -49.18
CA GLN A 27 0.97 10.86 -49.21
C GLN A 27 1.05 11.38 -47.75
N LEU A 28 0.29 10.77 -46.84
CA LEU A 28 0.35 11.13 -45.45
C LEU A 28 1.74 10.88 -44.84
N ALA A 29 2.34 9.74 -45.11
CA ALA A 29 3.67 9.46 -44.58
C ALA A 29 4.65 10.52 -45.06
N ASP A 30 4.71 10.76 -46.37
CA ASP A 30 5.59 11.79 -46.91
C ASP A 30 5.33 13.16 -46.28
N CYS A 31 4.07 13.49 -46.04
CA CYS A 31 3.66 14.77 -45.54
C CYS A 31 4.05 14.92 -44.05
N ILE A 32 3.86 13.86 -43.27
CA ILE A 32 4.22 13.89 -41.86
C ILE A 32 5.73 14.13 -41.68
N GLU A 33 6.50 13.36 -42.43
CA GLU A 33 7.95 13.49 -42.39
C GLU A 33 8.45 14.83 -42.93
N GLU A 34 7.83 15.32 -44.01
CA GLU A 34 8.19 16.60 -44.55
C GLU A 34 7.98 17.75 -43.52
N VAL A 35 6.88 17.72 -42.76
CA VAL A 35 6.61 18.79 -41.78
C VAL A 35 7.59 18.64 -40.61
N TRP A 36 7.82 17.41 -40.17
CA TRP A 36 8.81 17.18 -39.10
C TRP A 36 10.13 17.78 -39.47
N HIS A 37 10.59 17.50 -40.68
CA HIS A 37 11.89 17.98 -41.11
C HIS A 37 11.98 19.49 -41.27
N GLN A 38 10.86 20.09 -41.60
CA GLN A 38 10.85 21.48 -41.93
C GLN A 38 10.84 22.31 -40.65
N HIS A 39 10.14 21.84 -39.63
CA HIS A 39 9.99 22.65 -38.46
C HIS A 39 10.84 22.22 -37.25
N LEU A 40 11.25 20.97 -37.19
CA LEU A 40 11.85 20.51 -35.96
C LEU A 40 13.29 20.12 -36.19
N ASP A 41 14.02 19.93 -35.10
CA ASP A 41 15.41 19.50 -35.18
C ASP A 41 15.55 18.01 -34.85
N LEU A 42 15.56 17.19 -35.89
CA LEU A 42 15.44 15.73 -35.73
C LEU A 42 16.71 14.98 -35.47
N SER A 43 16.65 14.06 -34.51
CA SER A 43 17.71 13.07 -34.33
C SER A 43 17.08 11.69 -34.44
N PRO A 44 17.90 10.69 -34.73
CA PRO A 44 17.36 9.34 -34.72
C PRO A 44 16.94 8.91 -33.31
N TYR A 45 15.90 8.12 -33.26
CA TYR A 45 15.53 7.50 -32.02
C TYR A 45 15.61 6.00 -32.32
N HIS A 46 16.35 5.25 -31.53
CA HIS A 46 16.60 3.85 -31.89
C HIS A 46 15.69 2.89 -31.21
N LEU A 47 15.07 2.04 -32.02
CA LEU A 47 14.34 0.88 -31.50
C LEU A 47 15.31 -0.27 -31.59
N PRO A 48 15.12 -1.28 -30.74
CA PRO A 48 15.84 -2.53 -30.93
C PRO A 48 15.88 -2.86 -32.43
N ALA A 49 17.06 -3.19 -32.91
CA ALA A 49 17.32 -3.63 -34.30
C ALA A 49 16.21 -4.49 -34.93
N GLU A 50 15.74 -5.48 -34.16
CA GLU A 50 14.79 -6.47 -34.64
C GLU A 50 13.46 -5.84 -35.05
N LEU A 51 13.22 -4.61 -34.60
CA LEU A 51 11.87 -4.00 -34.67
C LEU A 51 11.69 -2.84 -35.62
N GLY A 52 12.77 -2.35 -36.21
CA GLY A 52 12.74 -1.34 -37.27
C GLY A 52 12.08 -1.81 -38.55
N TYR A 53 12.23 -3.10 -38.85
CA TYR A 53 11.66 -3.71 -40.02
C TYR A 53 11.25 -5.17 -39.69
N VAL A 54 9.97 -5.47 -39.84
CA VAL A 54 9.47 -6.75 -39.36
C VAL A 54 8.74 -7.48 -40.46
N GLU A 55 9.09 -8.74 -40.64
CA GLU A 55 8.46 -9.58 -41.65
C GLU A 55 7.81 -10.80 -41.03
N GLY A 56 6.61 -11.10 -41.47
CA GLY A 56 5.90 -12.27 -40.99
C GLY A 56 4.90 -12.70 -42.03
N ARG A 57 3.98 -13.54 -41.59
CA ARG A 57 3.03 -14.20 -42.48
C ARG A 57 1.70 -14.25 -41.77
N LEU A 58 0.64 -14.16 -42.54
CA LEU A 58 -0.70 -14.19 -41.99
C LEU A 58 -1.66 -14.68 -43.05
N GLU A 59 -2.23 -15.87 -42.84
CA GLU A 59 -3.12 -16.52 -43.83
C GLU A 59 -2.43 -16.65 -45.17
N GLY A 60 -1.14 -16.98 -45.14
CA GLY A 60 -0.34 -17.09 -46.37
C GLY A 60 0.15 -15.74 -46.92
N GLU A 61 -0.45 -14.64 -46.50
CA GLU A 61 -0.06 -13.32 -46.99
C GLU A 61 1.17 -12.80 -46.27
N LYS A 62 2.01 -12.08 -46.99
CA LYS A 62 3.17 -11.42 -46.37
C LYS A 62 2.76 -10.27 -45.46
N LEU A 63 3.31 -10.23 -44.27
CA LEU A 63 3.12 -9.11 -43.35
C LEU A 63 4.42 -8.36 -43.27
N THR A 64 4.35 -7.03 -43.44
CA THR A 64 5.52 -6.20 -43.34
C THR A 64 5.19 -5.01 -42.44
N ILE A 65 6.11 -4.70 -41.54
CA ILE A 65 5.99 -3.52 -40.70
C ILE A 65 7.28 -2.71 -40.78
N GLU A 66 7.16 -1.44 -41.10
CA GLU A 66 8.31 -0.60 -41.18
C GLU A 66 8.13 0.55 -40.19
N ASN A 67 9.09 0.65 -39.29
CA ASN A 67 9.06 1.60 -38.20
C ASN A 67 10.15 2.64 -38.35
N ARG A 68 9.77 3.89 -38.14
CA ARG A 68 10.67 4.98 -38.23
C ARG A 68 10.45 5.91 -37.04
N CYS A 69 11.53 6.21 -36.32
CA CYS A 69 11.44 7.04 -35.13
C CYS A 69 12.44 8.12 -35.05
N TYR A 70 12.05 9.24 -34.44
CA TYR A 70 12.96 10.35 -34.24
C TYR A 70 12.73 10.93 -32.88
N GLN A 71 13.61 11.82 -32.48
CA GLN A 71 13.43 12.59 -31.27
C GLN A 71 13.91 14.01 -31.51
N THR A 72 13.43 14.93 -30.66
CA THR A 72 13.87 16.31 -30.66
C THR A 72 14.01 16.79 -29.21
N PRO A 73 14.53 18.00 -29.03
CA PRO A 73 14.54 18.52 -27.66
C PRO A 73 13.18 18.54 -26.99
N GLN A 74 12.07 18.61 -27.75
CA GLN A 74 10.75 18.64 -27.18
C GLN A 74 10.06 17.28 -27.23
N PHE A 75 10.46 16.41 -28.15
CA PHE A 75 9.76 15.13 -28.29
C PHE A 75 10.65 13.99 -27.91
N ARG A 76 10.19 13.20 -26.96
CA ARG A 76 10.88 12.00 -26.56
C ARG A 76 10.96 11.03 -27.75
N LYS A 77 9.90 10.98 -28.55
CA LYS A 77 9.74 9.95 -29.57
C LYS A 77 8.72 10.41 -30.58
N MET A 78 9.07 10.28 -31.85
CA MET A 78 8.21 10.57 -32.95
C MET A 78 8.20 9.35 -33.82
N HIS A 79 7.06 8.71 -33.85
CA HIS A 79 7.02 7.37 -34.38
C HIS A 79 6.09 7.31 -35.59
N LEU A 80 6.65 6.84 -36.71
CA LEU A 80 5.85 6.55 -37.90
C LEU A 80 5.97 5.09 -38.22
N GLU A 81 4.81 4.43 -38.21
CA GLU A 81 4.68 3.04 -38.49
C GLU A 81 3.84 2.84 -39.75
N LEU A 82 4.34 1.98 -40.63
CA LEU A 82 3.64 1.58 -41.85
C LEU A 82 3.55 0.10 -41.84
N ALA A 83 2.37 -0.43 -42.17
CA ALA A 83 2.23 -1.86 -42.19
C ALA A 83 1.37 -2.30 -43.37
N LYS A 84 1.66 -3.52 -43.82
CA LYS A 84 0.98 -4.12 -44.92
C LYS A 84 0.84 -5.62 -44.69
N VAL A 85 -0.37 -6.12 -44.94
CA VAL A 85 -0.65 -7.55 -44.99
C VAL A 85 -1.20 -7.86 -46.37
N GLY A 86 -0.41 -8.56 -47.18
CA GLY A 86 -0.72 -8.79 -48.60
C GLY A 86 -1.43 -7.61 -49.20
N ASN A 87 -2.59 -7.83 -49.78
CA ASN A 87 -3.41 -6.72 -50.19
C ASN A 87 -4.74 -6.66 -49.45
N MET A 88 -4.79 -7.28 -48.28
CA MET A 88 -5.97 -7.17 -47.42
C MET A 88 -5.94 -6.00 -46.43
N LEU A 89 -4.75 -5.50 -46.09
CA LEU A 89 -4.63 -4.53 -45.04
C LEU A 89 -3.45 -3.59 -45.23
N ASP A 90 -3.75 -2.30 -45.16
CA ASP A 90 -2.74 -1.24 -45.12
C ASP A 90 -2.92 -0.40 -43.88
N ILE A 91 -1.84 -0.09 -43.19
CA ILE A 91 -1.96 0.69 -41.95
C ILE A 91 -0.90 1.75 -41.93
N LEU A 92 -1.31 2.98 -41.58
CA LEU A 92 -0.37 3.99 -41.13
C LEU A 92 -0.70 4.35 -39.71
N HIS A 93 0.30 4.41 -38.88
CA HIS A 93 0.10 4.85 -37.50
C HIS A 93 1.17 5.89 -37.17
N CYS A 94 0.79 6.97 -36.50
CA CYS A 94 1.79 7.98 -36.17
C CYS A 94 1.51 8.52 -34.80
N VAL A 95 2.50 8.52 -33.91
CA VAL A 95 2.34 9.20 -32.65
C VAL A 95 3.57 10.06 -32.32
N MET A 96 3.34 11.25 -31.73
CA MET A 96 4.41 12.08 -31.17
C MET A 96 4.28 12.16 -29.65
N PHE A 97 5.30 11.74 -28.93
CA PHE A 97 5.29 11.75 -27.48
C PHE A 97 6.17 12.88 -27.03
N PRO A 98 5.58 13.93 -26.47
CA PRO A 98 6.45 15.00 -25.94
C PRO A 98 7.25 14.51 -24.75
N ARG A 99 8.36 15.18 -24.49
CA ARG A 99 9.05 15.02 -23.22
C ARG A 99 8.17 15.59 -22.12
N PRO A 100 8.08 14.91 -20.97
CA PRO A 100 7.12 15.38 -19.96
C PRO A 100 7.44 16.72 -19.35
N GLU A 101 8.62 17.27 -19.62
CA GLU A 101 8.88 18.66 -19.21
C GLU A 101 8.06 19.69 -20.03
N TYR A 102 7.44 19.25 -21.12
CA TYR A 102 6.71 20.19 -21.97
C TYR A 102 5.22 19.94 -21.95
N ASP A 103 4.46 21.02 -21.81
CA ASP A 103 3.00 20.99 -21.72
C ASP A 103 2.41 20.91 -23.12
N LEU A 104 2.56 19.76 -23.73
CA LEU A 104 2.19 19.61 -25.13
C LEU A 104 1.21 18.45 -25.23
N PRO A 105 0.23 18.56 -26.10
CA PRO A 105 -0.64 17.41 -26.29
C PRO A 105 0.05 16.28 -27.09
N MET A 106 -0.64 15.15 -27.22
CA MET A 106 -0.14 14.05 -28.00
C MET A 106 -0.72 14.08 -29.39
N PHE A 107 0.11 14.29 -30.41
CA PHE A 107 -0.38 14.14 -31.75
C PHE A 107 -0.45 12.67 -32.11
N GLY A 108 -1.55 12.26 -32.74
CA GLY A 108 -1.67 10.92 -33.28
C GLY A 108 -2.51 10.89 -34.52
N CYS A 109 -2.16 10.05 -35.48
CA CYS A 109 -3.08 9.76 -36.55
C CYS A 109 -2.92 8.33 -37.02
N ASP A 110 -4.01 7.77 -37.53
CA ASP A 110 -4.05 6.41 -37.96
C ASP A 110 -4.83 6.37 -39.23
N LEU A 111 -4.39 5.52 -40.13
CA LEU A 111 -5.11 5.25 -41.35
C LEU A 111 -5.19 3.74 -41.49
N VAL A 112 -6.38 3.23 -41.76
CA VAL A 112 -6.56 1.81 -41.96
C VAL A 112 -7.27 1.63 -43.29
N GLY A 113 -6.73 0.74 -44.09
CA GLY A 113 -7.32 0.51 -45.39
C GLY A 113 -6.99 -0.87 -45.90
N GLY A 114 -6.99 -0.92 -47.23
CA GLY A 114 -6.88 -2.15 -48.01
C GLY A 114 -7.77 -2.03 -49.25
N ARG A 115 -7.17 -2.29 -50.40
CA ARG A 115 -7.90 -2.53 -51.66
C ARG A 115 -8.32 -1.26 -52.40
N GLY A 116 -7.55 -0.20 -52.22
CA GLY A 116 -7.83 1.06 -52.91
C GLY A 116 -8.88 1.86 -52.17
N GLN A 117 -9.34 1.30 -51.04
CA GLN A 117 -10.24 2.02 -50.12
C GLN A 117 -9.56 2.33 -48.78
N ILE A 118 -10.12 3.28 -48.03
CA ILE A 118 -9.75 3.52 -46.64
C ILE A 118 -10.99 3.39 -45.77
N SER A 119 -10.95 2.47 -44.80
CA SER A 119 -12.10 2.27 -43.94
C SER A 119 -12.15 3.17 -42.71
N ALA A 120 -10.98 3.68 -42.28
CA ALA A 120 -10.87 4.46 -41.06
C ALA A 120 -9.72 5.47 -41.12
N ALA A 121 -10.02 6.72 -40.77
CA ALA A 121 -9.01 7.74 -40.67
C ALA A 121 -9.24 8.56 -39.42
N ILE A 122 -8.23 8.64 -38.58
CA ILE A 122 -8.36 9.37 -37.32
C ILE A 122 -7.17 10.28 -37.12
N ALA A 123 -7.42 11.45 -36.56
CA ALA A 123 -6.32 12.39 -36.24
C ALA A 123 -6.69 13.22 -35.05
N ASP A 124 -5.76 13.38 -34.11
CA ASP A 124 -6.05 14.20 -32.96
C ASP A 124 -4.84 14.81 -32.35
N LEU A 125 -5.07 15.89 -31.64
CA LEU A 125 -4.11 16.40 -30.69
C LEU A 125 -4.74 16.11 -29.32
N SER A 126 -4.39 14.98 -28.73
CA SER A 126 -5.05 14.49 -27.50
C SER A 126 -4.47 15.13 -26.25
N PRO A 127 -5.32 15.56 -25.32
CA PRO A 127 -4.84 16.37 -24.19
C PRO A 127 -3.97 15.60 -23.23
N VAL A 128 -2.96 16.26 -22.65
CA VAL A 128 -2.29 15.67 -21.50
C VAL A 128 -2.87 16.03 -20.16
N HIS A 129 -4.04 16.61 -20.10
CA HIS A 129 -4.74 16.63 -18.84
C HIS A 129 -6.03 15.84 -18.86
N LEU A 130 -6.37 15.33 -17.68
CA LEU A 130 -7.55 14.51 -17.47
C LEU A 130 -8.86 15.31 -17.63
N ASP A 131 -8.83 16.60 -17.32
CA ASP A 131 -9.95 17.51 -17.57
C ASP A 131 -10.21 17.63 -19.07
N ARG A 132 -9.22 17.26 -19.90
CA ARG A 132 -9.31 17.24 -21.37
C ARG A 132 -9.16 18.60 -22.08
N THR A 133 -8.64 19.59 -21.37
CA THR A 133 -8.29 20.86 -21.97
C THR A 133 -6.95 20.77 -22.69
N LEU A 134 -6.83 21.47 -23.82
CA LEU A 134 -5.57 21.79 -24.48
C LEU A 134 -5.07 23.18 -24.06
N PRO A 135 -3.79 23.50 -24.28
CA PRO A 135 -3.34 24.89 -24.04
C PRO A 135 -4.09 25.91 -24.88
N GLU A 136 -4.12 27.14 -24.38
CA GLU A 136 -4.80 28.27 -25.03
C GLU A 136 -4.42 28.46 -26.48
N SER A 137 -3.12 28.50 -26.74
CA SER A 137 -2.67 28.75 -28.08
C SER A 137 -3.20 27.70 -29.07
N TYR A 138 -3.34 26.45 -28.60
CA TYR A 138 -3.89 25.38 -29.43
C TYR A 138 -5.36 25.66 -29.69
N ASN A 139 -6.11 25.95 -28.63
CA ASN A 139 -7.52 26.30 -28.77
C ASN A 139 -7.75 27.39 -29.80
N SER A 140 -7.04 28.51 -29.71
CA SER A 140 -7.29 29.58 -30.69
C SER A 140 -7.00 29.08 -32.10
N ALA A 141 -5.86 28.44 -32.27
CA ALA A 141 -5.46 28.05 -33.59
C ALA A 141 -6.41 27.03 -34.21
N LEU A 142 -6.83 26.04 -33.41
CA LEU A 142 -7.69 24.99 -33.92
C LEU A 142 -9.08 25.47 -34.19
N THR A 143 -9.53 26.45 -33.42
CA THR A 143 -10.88 26.93 -33.56
C THR A 143 -10.93 27.85 -34.79
N SER A 144 -9.81 28.53 -35.05
CA SER A 144 -9.66 29.39 -36.22
C SER A 144 -9.74 28.65 -37.54
N LEU A 145 -9.35 27.39 -37.54
CA LEU A 145 -9.38 26.54 -38.74
C LEU A 145 -10.79 26.45 -39.34
N ASN A 146 -10.87 26.41 -40.67
CA ASN A 146 -12.14 26.16 -41.36
C ASN A 146 -12.74 24.85 -40.92
N THR A 147 -14.00 24.88 -40.50
CA THR A 147 -14.68 23.63 -40.12
C THR A 147 -14.96 22.81 -41.35
N LEU A 148 -14.65 21.53 -41.25
CA LEU A 148 -14.71 20.68 -42.40
C LEU A 148 -15.99 19.87 -42.41
N ASN A 149 -16.49 19.66 -43.62
CA ASN A 149 -17.75 19.00 -43.84
C ASN A 149 -17.68 17.49 -44.20
N PHE A 150 -17.44 16.63 -43.21
CA PHE A 150 -17.35 15.18 -43.47
C PHE A 150 -18.68 14.46 -43.45
N SER A 151 -18.93 13.68 -44.49
CA SER A 151 -20.24 13.06 -44.69
C SER A 151 -20.43 11.79 -43.86
N GLN A 152 -19.35 11.02 -43.75
CA GLN A 152 -19.34 9.75 -43.03
C GLN A 152 -18.43 9.86 -41.80
N PRO A 153 -18.84 10.65 -40.80
CA PRO A 153 -18.10 10.65 -39.55
C PRO A 153 -18.34 9.34 -38.79
N ARG A 154 -17.49 9.07 -37.82
CA ARG A 154 -17.60 7.88 -37.01
C ARG A 154 -17.62 8.25 -35.54
N GLU A 155 -18.28 7.41 -34.75
CA GLU A 155 -18.44 7.68 -33.34
C GLU A 155 -17.24 7.11 -32.61
N LEU A 156 -16.67 7.93 -31.73
CA LEU A 156 -15.57 7.49 -30.88
C LEU A 156 -16.11 6.48 -29.85
N PRO A 157 -15.32 5.43 -29.56
CA PRO A 157 -15.67 4.48 -28.49
C PRO A 157 -15.57 5.16 -27.10
N GLU A 158 -16.23 4.59 -26.09
CA GLU A 158 -16.23 5.17 -24.73
C GLU A 158 -14.87 5.20 -24.01
N TRP A 159 -13.90 4.39 -24.47
CA TRP A 159 -12.52 4.55 -24.04
C TRP A 159 -11.83 5.75 -24.71
N GLY A 160 -12.57 6.45 -25.58
CA GLY A 160 -12.06 7.55 -26.37
C GLY A 160 -12.35 8.92 -25.81
N ASN A 161 -12.47 9.01 -24.49
CA ASN A 161 -12.51 10.30 -23.84
C ASN A 161 -11.07 10.85 -23.69
N ILE A 162 -10.09 10.09 -24.17
CA ILE A 162 -8.71 10.55 -24.24
C ILE A 162 -8.49 11.50 -25.41
N PHE A 163 -9.44 11.55 -26.32
CA PHE A 163 -9.34 12.43 -27.46
C PHE A 163 -9.94 13.80 -27.17
N SER A 164 -9.43 14.81 -27.85
CA SER A 164 -9.89 16.17 -27.69
C SER A 164 -11.17 16.39 -28.47
N ASP A 165 -11.73 17.59 -28.31
CA ASP A 165 -12.91 18.00 -29.04
C ASP A 165 -12.64 18.23 -30.54
N PHE A 166 -11.36 18.35 -30.92
CA PHE A 166 -11.01 18.60 -32.31
C PHE A 166 -10.76 17.33 -33.07
N CYS A 167 -10.82 16.22 -32.36
CA CYS A 167 -10.52 14.95 -32.96
C CYS A 167 -11.36 14.69 -34.20
N ILE A 168 -10.73 14.16 -35.23
CA ILE A 168 -11.40 13.82 -36.46
C ILE A 168 -11.37 12.31 -36.67
N PHE A 169 -12.54 11.73 -36.89
CA PHE A 169 -12.67 10.31 -37.05
C PHE A 169 -13.70 10.05 -38.12
N VAL A 170 -13.22 9.65 -39.30
CA VAL A 170 -14.08 9.50 -40.44
C VAL A 170 -13.74 8.29 -41.25
N ARG A 171 -14.70 7.92 -42.11
CA ARG A 171 -14.45 7.03 -43.25
C ARG A 171 -14.55 7.93 -44.50
N PRO A 172 -13.41 8.21 -45.16
CA PRO A 172 -13.44 9.07 -46.34
C PRO A 172 -14.15 8.34 -47.50
N SER A 173 -15.17 8.99 -48.05
CA SER A 173 -15.96 8.38 -49.13
C SER A 173 -15.41 8.70 -50.53
N SER A 174 -14.94 9.94 -50.72
CA SER A 174 -14.34 10.33 -51.99
C SER A 174 -12.87 10.67 -51.79
N PRO A 175 -12.14 10.85 -52.90
CA PRO A 175 -10.81 11.43 -52.86
C PRO A 175 -10.78 12.92 -52.46
N GLU A 176 -11.92 13.60 -52.54
CA GLU A 176 -12.06 14.97 -52.00
C GLU A 176 -11.93 14.94 -50.49
N GLU A 177 -12.57 13.95 -49.89
CA GLU A 177 -12.54 13.77 -48.44
C GLU A 177 -11.18 13.34 -47.98
N GLU A 178 -10.54 12.47 -48.76
CA GLU A 178 -9.16 12.04 -48.51
C GLU A 178 -8.23 13.24 -48.45
N ALA A 179 -8.43 14.17 -49.37
CA ALA A 179 -7.62 15.37 -49.43
C ALA A 179 -7.92 16.34 -48.29
N MET A 180 -9.21 16.41 -47.91
CA MET A 180 -9.65 17.21 -46.78
C MET A 180 -8.98 16.68 -45.51
N PHE A 181 -8.98 15.36 -45.38
CA PHE A 181 -8.40 14.75 -44.22
C PHE A 181 -6.89 15.01 -44.14
N LEU A 182 -6.22 14.79 -45.26
CA LEU A 182 -4.80 15.04 -45.33
C LEU A 182 -4.46 16.51 -45.03
N GLY A 183 -5.27 17.44 -45.53
CA GLY A 183 -5.07 18.85 -45.29
C GLY A 183 -5.18 19.17 -43.82
N ARG A 184 -6.13 18.53 -43.16
CA ARG A 184 -6.40 18.81 -41.76
C ARG A 184 -5.30 18.24 -40.89
N VAL A 185 -4.84 17.04 -41.20
CA VAL A 185 -3.71 16.46 -40.46
C VAL A 185 -2.53 17.37 -40.55
N ARG A 186 -2.30 17.92 -41.72
CA ARG A 186 -1.20 18.86 -41.89
C ARG A 186 -1.37 20.10 -41.01
N GLU A 187 -2.55 20.67 -40.98
CA GLU A 187 -2.81 21.83 -40.12
C GLU A 187 -2.54 21.54 -38.64
N PHE A 188 -2.93 20.35 -38.20
CA PHE A 188 -2.69 19.94 -36.84
C PHE A 188 -1.22 19.87 -36.57
N LEU A 189 -0.46 19.32 -37.50
CA LEU A 189 0.98 19.23 -37.34
C LEU A 189 1.65 20.57 -37.28
N GLN A 190 1.19 21.51 -38.10
CA GLN A 190 1.80 22.82 -38.12
C GLN A 190 1.55 23.54 -36.81
N VAL A 191 0.33 23.38 -36.29
CA VAL A 191 -0.01 24.08 -35.08
C VAL A 191 0.79 23.48 -33.93
N HIS A 192 0.91 22.14 -34.00
CA HIS A 192 1.65 21.39 -32.99
C HIS A 192 3.13 21.68 -33.03
N CYS A 193 3.69 21.82 -34.21
CA CYS A 193 5.12 22.18 -34.31
C CYS A 193 5.41 23.56 -33.74
N GLN A 194 4.58 24.54 -34.05
CA GLN A 194 4.64 25.89 -33.52
C GLN A 194 4.51 25.87 -32.00
N GLY A 195 3.56 25.08 -31.53
CA GLY A 195 3.38 24.83 -30.11
C GLY A 195 4.65 24.35 -29.44
N ALA A 196 5.27 23.34 -30.05
CA ALA A 196 6.50 22.76 -29.54
C ALA A 196 7.62 23.73 -29.52
N ILE A 197 7.76 24.56 -30.56
CA ILE A 197 8.91 25.45 -30.68
C ILE A 197 8.85 26.61 -29.68
N ALA A 198 7.64 26.96 -29.31
CA ALA A 198 7.30 28.02 -28.36
C ALA A 198 7.29 27.56 -26.90
N ALA A 199 7.31 26.26 -26.66
CA ALA A 199 7.14 25.74 -25.31
C ALA A 199 8.39 25.89 -24.47
N SER A 200 8.21 26.27 -23.19
CA SER A 200 9.29 26.23 -22.20
C SER A 200 9.00 25.06 -21.28
N PRO A 201 10.05 24.43 -20.76
CA PRO A 201 9.84 23.38 -19.75
C PRO A 201 9.08 23.94 -18.57
N VAL A 202 8.35 23.05 -17.93
CA VAL A 202 7.58 23.42 -16.75
C VAL A 202 8.31 22.97 -15.45
N SER A 203 7.79 23.36 -14.31
CA SER A 203 8.31 22.94 -13.00
C SER A 203 8.26 21.44 -12.80
N ALA A 204 9.06 20.92 -11.86
CA ALA A 204 9.12 19.48 -11.63
C ALA A 204 7.74 18.94 -11.18
N GLU A 205 6.94 19.85 -10.64
CA GLU A 205 5.56 19.57 -10.24
C GLU A 205 4.61 19.38 -11.47
N GLN A 206 4.56 20.37 -12.35
CA GLN A 206 3.75 20.20 -13.55
C GLN A 206 4.21 19.01 -14.41
N LYS A 207 5.48 18.65 -14.28
CA LYS A 207 5.99 17.56 -15.08
C LYS A 207 5.49 16.23 -14.52
N GLN A 208 5.27 16.19 -13.20
CA GLN A 208 4.66 15.01 -12.59
C GLN A 208 3.24 14.81 -13.16
N GLN A 209 2.50 15.89 -13.26
CA GLN A 209 1.20 15.86 -13.91
C GLN A 209 1.24 15.49 -15.39
N ILE A 210 2.06 16.19 -16.16
CA ILE A 210 2.17 15.83 -17.55
C ILE A 210 2.43 14.34 -17.67
N LEU A 211 3.28 13.85 -16.79
CA LEU A 211 3.60 12.44 -16.85
C LEU A 211 2.36 11.51 -16.54
N ALA A 212 1.37 11.96 -15.71
CA ALA A 212 0.08 11.23 -15.47
C ALA A 212 -0.82 11.20 -16.70
N GLY A 213 -0.98 12.36 -17.34
CA GLY A 213 -1.78 12.47 -18.55
C GLY A 213 -1.30 11.58 -19.65
N GLN A 214 0.00 11.57 -19.89
CA GLN A 214 0.58 10.68 -20.91
C GLN A 214 0.39 9.20 -20.52
N HIS A 215 0.61 8.90 -19.24
CA HIS A 215 0.41 7.56 -18.76
C HIS A 215 -1.03 7.15 -19.07
N ASN A 216 -2.00 8.06 -18.80
CA ASN A 216 -3.39 7.71 -19.04
C ASN A 216 -3.65 7.41 -20.51
N TYR A 217 -3.09 8.24 -21.37
CA TYR A 217 -3.28 8.13 -22.80
C TYR A 217 -2.73 6.79 -23.30
N CYS A 218 -1.53 6.45 -22.85
CA CYS A 218 -0.85 5.29 -23.31
C CYS A 218 -1.51 4.01 -22.79
N SER A 219 -1.97 3.98 -21.54
CA SER A 219 -2.67 2.77 -21.09
C SER A 219 -3.98 2.53 -21.80
N LYS A 220 -4.77 3.59 -22.00
CA LYS A 220 -6.00 3.46 -22.78
C LYS A 220 -5.75 2.98 -24.17
N GLN A 221 -4.74 3.54 -24.84
CA GLN A 221 -4.35 3.09 -26.17
C GLN A 221 -3.88 1.65 -26.20
N GLN A 222 -3.10 1.23 -25.22
CA GLN A 222 -2.62 -0.15 -25.13
C GLN A 222 -3.82 -1.07 -24.99
N GLN A 223 -4.70 -0.73 -24.06
CA GLN A 223 -5.86 -1.57 -23.75
C GLN A 223 -6.77 -1.76 -24.93
N ASN A 224 -6.73 -0.84 -25.88
CA ASN A 224 -7.80 -0.74 -26.82
C ASN A 224 -7.45 -0.66 -28.31
N ASP A 225 -6.21 -0.29 -28.65
CA ASP A 225 -5.79 -0.32 -30.07
C ASP A 225 -6.04 -1.70 -30.70
N LYS A 226 -6.55 -1.69 -31.94
CA LYS A 226 -7.01 -2.90 -32.63
C LYS A 226 -5.92 -3.60 -33.42
N THR A 227 -4.77 -2.94 -33.59
CA THR A 227 -3.66 -3.57 -34.31
C THR A 227 -3.17 -4.81 -33.53
N ARG A 228 -3.47 -4.82 -32.23
CA ARG A 228 -3.13 -5.90 -31.34
C ARG A 228 -3.53 -7.26 -31.92
N ARG A 229 -4.79 -7.37 -32.33
CA ARG A 229 -5.36 -8.60 -32.85
C ARG A 229 -4.60 -9.08 -34.06
N VAL A 230 -4.27 -8.15 -34.95
CA VAL A 230 -3.44 -8.44 -36.12
C VAL A 230 -2.09 -9.00 -35.70
N LEU A 231 -1.48 -8.35 -34.73
CA LEU A 231 -0.16 -8.75 -34.27
C LEU A 231 -0.16 -10.09 -33.56
N GLU A 232 -1.21 -10.35 -32.79
CA GLU A 232 -1.38 -11.61 -32.13
C GLU A 232 -1.44 -12.76 -33.14
N LYS A 233 -2.21 -12.54 -34.20
CA LYS A 233 -2.40 -13.49 -35.25
C LYS A 233 -1.13 -13.76 -36.04
N ALA A 234 -0.28 -12.74 -36.10
CA ALA A 234 0.97 -12.86 -36.80
C ALA A 234 2.05 -13.56 -35.97
N PHE A 235 2.13 -13.20 -34.68
CA PHE A 235 3.31 -13.54 -33.89
C PHE A 235 3.05 -14.11 -32.49
N GLY A 236 1.79 -14.23 -32.12
CA GLY A 236 1.47 -14.72 -30.81
C GLY A 236 1.11 -13.57 -29.86
N VAL A 237 0.56 -13.94 -28.72
CA VAL A 237 0.03 -12.98 -27.74
C VAL A 237 1.10 -12.20 -27.01
N ASP A 238 2.17 -12.85 -26.59
CA ASP A 238 3.24 -12.15 -25.89
C ASP A 238 4.02 -11.17 -26.77
N TRP A 239 4.31 -11.56 -28.00
CA TRP A 239 5.01 -10.70 -28.93
C TRP A 239 4.16 -9.40 -29.12
N ALA A 240 2.87 -9.60 -29.34
CA ALA A 240 1.95 -8.50 -29.52
C ALA A 240 1.87 -7.62 -28.27
N GLU A 241 1.84 -8.23 -27.10
CA GLU A 241 1.84 -7.47 -25.85
C GLU A 241 3.11 -6.61 -25.69
N ASN A 242 4.26 -7.22 -25.93
CA ASN A 242 5.51 -6.54 -25.88
C ASN A 242 5.57 -5.36 -26.87
N TYR A 243 5.00 -5.54 -28.05
CA TYR A 243 5.06 -4.55 -29.09
C TYR A 243 4.19 -3.35 -28.73
N MET A 244 3.03 -3.62 -28.16
CA MET A 244 2.11 -2.60 -27.73
C MET A 244 2.70 -1.75 -26.62
N THR A 245 3.40 -2.39 -25.69
CA THR A 245 3.92 -1.68 -24.51
C THR A 245 5.33 -1.11 -24.68
N THR A 246 6.09 -1.57 -25.66
CA THR A 246 7.41 -1.04 -25.82
C THR A 246 7.66 -0.33 -27.14
N VAL A 247 6.81 -0.53 -28.14
CA VAL A 247 7.02 0.17 -29.40
C VAL A 247 5.93 1.21 -29.68
N LEU A 248 4.67 0.83 -29.54
CA LEU A 248 3.60 1.71 -29.93
C LEU A 248 3.20 2.68 -28.85
N PHE A 249 2.99 2.21 -27.64
CA PHE A 249 2.49 3.09 -26.60
C PHE A 249 3.26 2.92 -25.32
N ASP A 250 4.57 3.10 -25.40
CA ASP A 250 5.43 2.91 -24.24
C ASP A 250 5.23 4.04 -23.22
N LEU A 251 5.07 3.66 -21.95
CA LEU A 251 4.91 4.59 -20.82
C LEU A 251 6.11 5.52 -20.75
N PRO A 252 5.88 6.84 -20.57
CA PRO A 252 6.91 7.88 -20.80
C PRO A 252 8.23 7.75 -20.03
N GLU A 253 8.28 6.82 -19.08
CA GLU A 253 9.52 6.34 -18.51
C GLU A 253 9.64 4.83 -18.77
N ILE B 9 26.47 -28.48 -37.37
CA ILE B 9 26.66 -27.45 -36.28
C ILE B 9 26.46 -27.96 -34.83
N SER B 10 27.31 -27.50 -33.92
CA SER B 10 27.46 -28.04 -32.56
C SER B 10 26.24 -27.98 -31.66
N LEU B 11 26.16 -28.94 -30.73
CA LEU B 11 24.97 -29.09 -29.89
C LEU B 11 25.32 -29.52 -28.48
N THR B 12 24.60 -28.98 -27.50
CA THR B 12 24.70 -29.45 -26.12
C THR B 12 23.55 -30.36 -25.84
N SER B 13 23.67 -31.09 -24.74
CA SER B 13 22.52 -31.80 -24.24
C SER B 13 22.10 -31.16 -22.96
N ILE B 14 20.79 -31.12 -22.73
CA ILE B 14 20.22 -30.58 -21.51
C ILE B 14 19.23 -31.59 -20.91
N PRO B 15 18.79 -31.37 -19.65
CA PRO B 15 17.79 -32.31 -19.12
C PRO B 15 16.56 -32.32 -20.01
N SER B 16 15.87 -33.47 -20.11
CA SER B 16 14.58 -33.52 -20.76
C SER B 16 13.52 -32.81 -19.95
N LEU B 17 12.67 -32.12 -20.69
CA LEU B 17 11.49 -31.49 -20.18
C LEU B 17 10.65 -32.39 -19.28
N ARG B 18 10.72 -33.69 -19.54
CA ARG B 18 9.85 -34.63 -18.86
C ARG B 18 10.08 -34.66 -17.35
N GLU B 19 11.25 -34.20 -16.90
CA GLU B 19 11.57 -34.11 -15.47
C GLU B 19 10.77 -33.05 -14.75
N GLN B 20 10.26 -32.07 -15.49
CA GLN B 20 9.45 -31.03 -14.90
C GLN B 20 7.95 -31.29 -15.05
N GLN B 21 7.60 -32.43 -15.64
CA GLN B 21 6.21 -32.70 -15.97
C GLN B 21 5.48 -33.64 -15.01
N HIS B 22 4.15 -33.68 -15.11
CA HIS B 22 3.34 -34.61 -14.36
C HIS B 22 3.95 -36.01 -14.46
N PRO B 23 4.01 -36.73 -13.34
CA PRO B 23 4.66 -38.04 -13.27
C PRO B 23 4.16 -39.07 -14.25
N LEU B 24 2.87 -39.03 -14.59
CA LEU B 24 2.34 -39.96 -15.58
C LEU B 24 2.91 -39.66 -16.94
N ILE B 25 3.10 -38.38 -17.23
CA ILE B 25 3.69 -37.99 -18.51
C ILE B 25 5.14 -38.51 -18.62
N ARG B 26 5.93 -38.29 -17.60
CA ARG B 26 7.29 -38.81 -17.56
C ARG B 26 7.30 -40.33 -17.68
N GLN B 27 6.43 -41.01 -16.96
CA GLN B 27 6.38 -42.45 -16.97
C GLN B 27 6.02 -42.96 -18.37
N LEU B 28 5.01 -42.35 -18.99
CA LEU B 28 4.63 -42.70 -20.34
C LEU B 28 5.71 -42.42 -21.36
N ALA B 29 6.36 -41.26 -21.28
CA ALA B 29 7.43 -40.94 -22.24
C ALA B 29 8.54 -41.97 -22.13
N ASP B 30 8.99 -42.28 -20.92
CA ASP B 30 10.05 -43.26 -20.71
C ASP B 30 9.62 -44.62 -21.25
N CYS B 31 8.36 -44.97 -20.98
CA CYS B 31 7.85 -46.25 -21.35
C CYS B 31 7.76 -46.41 -22.86
N ILE B 32 7.29 -45.36 -23.56
CA ILE B 32 7.19 -45.44 -25.03
C ILE B 32 8.58 -45.64 -25.62
N GLU B 33 9.54 -44.82 -25.18
CA GLU B 33 10.87 -44.90 -25.74
C GLU B 33 11.51 -46.24 -25.43
N GLU B 34 11.23 -46.75 -24.24
CA GLU B 34 11.75 -48.03 -23.79
C GLU B 34 11.32 -49.13 -24.75
N VAL B 35 10.02 -49.17 -25.04
CA VAL B 35 9.49 -50.20 -25.92
C VAL B 35 10.06 -50.04 -27.31
N TRP B 36 10.13 -48.82 -27.80
CA TRP B 36 10.67 -48.56 -29.12
C TRP B 36 12.09 -49.12 -29.31
N HIS B 37 12.94 -48.82 -28.33
CA HIS B 37 14.31 -49.29 -28.32
C HIS B 37 14.45 -50.77 -28.19
N GLN B 38 13.54 -51.38 -27.44
CA GLN B 38 13.61 -52.80 -27.12
C GLN B 38 13.24 -53.61 -28.35
N HIS B 39 12.25 -53.14 -29.10
CA HIS B 39 11.66 -53.97 -30.14
C HIS B 39 12.03 -53.57 -31.57
N LEU B 40 12.42 -52.32 -31.77
CA LEU B 40 12.61 -51.83 -33.12
C LEU B 40 14.05 -51.41 -33.37
N ASP B 41 14.35 -51.23 -34.65
CA ASP B 41 15.67 -50.77 -35.05
C ASP B 41 15.69 -49.27 -35.42
N LEU B 42 16.03 -48.45 -34.44
CA LEU B 42 15.82 -47.00 -34.50
C LEU B 42 16.92 -46.23 -35.17
N SER B 43 16.55 -45.32 -36.05
CA SER B 43 17.46 -44.32 -36.57
C SER B 43 16.88 -42.98 -36.31
N PRO B 44 17.72 -41.95 -36.29
CA PRO B 44 17.21 -40.61 -36.04
C PRO B 44 16.40 -40.06 -37.20
N TYR B 45 15.55 -39.09 -36.85
CA TYR B 45 14.71 -38.40 -37.81
C TYR B 45 14.75 -36.95 -37.36
N HIS B 46 15.45 -36.11 -38.10
CA HIS B 46 15.50 -34.70 -37.77
C HIS B 46 14.49 -33.95 -38.56
N LEU B 47 13.66 -33.17 -37.87
CA LEU B 47 12.98 -32.07 -38.51
C LEU B 47 13.94 -30.92 -38.53
N PRO B 48 13.61 -29.89 -39.30
CA PRO B 48 14.02 -28.53 -38.96
C PRO B 48 14.03 -28.43 -37.45
N ALA B 49 15.10 -28.88 -36.82
CA ALA B 49 15.63 -28.20 -35.65
C ALA B 49 15.57 -26.73 -35.91
N GLU B 50 15.58 -25.92 -34.86
CA GLU B 50 14.59 -24.88 -34.70
C GLU B 50 13.23 -25.41 -34.29
N LEU B 51 12.89 -26.61 -34.75
CA LEU B 51 11.59 -27.21 -34.38
C LEU B 51 11.71 -28.38 -33.43
N GLY B 52 12.93 -28.84 -33.18
CA GLY B 52 13.16 -29.91 -32.25
C GLY B 52 13.08 -29.47 -30.81
N TYR B 53 13.44 -28.23 -30.56
CA TYR B 53 13.30 -27.65 -29.24
C TYR B 53 12.81 -26.21 -29.32
N VAL B 54 11.65 -25.95 -28.76
CA VAL B 54 10.99 -24.68 -29.00
C VAL B 54 10.64 -23.96 -27.72
N GLU B 55 10.98 -22.68 -27.66
CA GLU B 55 10.73 -21.86 -26.48
C GLU B 55 9.89 -20.67 -26.87
N GLY B 56 8.91 -20.36 -26.03
CA GLY B 56 8.05 -19.22 -26.26
C GLY B 56 7.45 -18.76 -24.96
N ARG B 57 6.42 -17.91 -25.06
CA ARG B 57 5.79 -17.26 -23.94
C ARG B 57 4.29 -17.17 -24.18
N LEU B 58 3.52 -17.32 -23.11
CA LEU B 58 2.08 -17.33 -23.22
C LEU B 58 1.55 -16.88 -21.89
N GLU B 59 0.89 -15.72 -21.88
CA GLU B 59 0.37 -15.07 -20.66
C GLU B 59 1.49 -14.95 -19.62
N GLY B 60 2.67 -14.58 -20.07
CA GLY B 60 3.82 -14.48 -19.17
C GLY B 60 4.50 -15.80 -18.84
N GLU B 61 3.80 -16.91 -19.06
CA GLU B 61 4.34 -18.23 -18.70
C GLU B 61 5.29 -18.74 -19.78
N LYS B 62 6.34 -19.43 -19.37
CA LYS B 62 7.25 -20.07 -20.32
C LYS B 62 6.61 -21.25 -21.05
N LEU B 63 6.76 -21.26 -22.37
CA LEU B 63 6.28 -22.36 -23.18
C LEU B 63 7.50 -23.13 -23.67
N THR B 64 7.47 -24.43 -23.49
CA THR B 64 8.54 -25.29 -23.99
C THR B 64 7.95 -26.47 -24.74
N ILE B 65 8.52 -26.75 -25.89
CA ILE B 65 8.16 -27.95 -26.64
C ILE B 65 9.43 -28.69 -26.99
N GLU B 66 9.47 -29.95 -26.62
CA GLU B 66 10.59 -30.82 -26.91
C GLU B 66 10.10 -31.94 -27.86
N ASN B 67 10.78 -32.08 -29.00
CA ASN B 67 10.37 -33.02 -30.01
C ASN B 67 11.45 -34.03 -30.22
N ARG B 68 11.05 -35.29 -30.31
CA ARG B 68 11.98 -36.36 -30.52
C ARG B 68 11.41 -37.32 -31.56
N CYS B 69 12.17 -37.55 -32.61
CA CYS B 69 11.70 -38.40 -33.69
C CYS B 69 12.66 -39.49 -34.08
N TYR B 70 12.10 -40.61 -34.54
CA TYR B 70 12.90 -41.67 -35.07
C TYR B 70 12.25 -42.19 -36.30
N GLN B 71 12.94 -43.15 -36.95
CA GLN B 71 12.38 -43.92 -38.03
C GLN B 71 12.98 -45.31 -38.04
N THR B 72 12.28 -46.22 -38.70
CA THR B 72 12.74 -47.59 -38.79
C THR B 72 12.37 -48.06 -40.17
N PRO B 73 12.80 -49.27 -40.55
CA PRO B 73 12.36 -49.77 -41.84
C PRO B 73 10.86 -49.80 -42.00
N GLN B 74 10.10 -49.95 -40.93
CA GLN B 74 8.63 -49.98 -41.04
C GLN B 74 7.96 -48.63 -40.79
N PHE B 75 8.61 -47.77 -40.04
CA PHE B 75 7.99 -46.51 -39.63
C PHE B 75 8.64 -45.31 -40.21
N ARG B 76 7.87 -44.52 -40.97
CA ARG B 76 8.39 -43.30 -41.61
C ARG B 76 8.86 -42.38 -40.53
N LYS B 77 8.11 -42.36 -39.43
CA LYS B 77 8.32 -41.36 -38.42
C LYS B 77 7.67 -41.82 -37.13
N MET B 78 8.43 -41.68 -36.06
CA MET B 78 7.98 -41.98 -34.72
C MET B 78 8.29 -40.72 -33.87
N HIS B 79 7.21 -40.08 -33.45
CA HIS B 79 7.29 -38.77 -32.92
C HIS B 79 6.77 -38.76 -31.49
N LEU B 80 7.65 -38.36 -30.59
CA LEU B 80 7.30 -38.08 -29.22
C LEU B 80 7.46 -36.57 -28.95
N GLU B 81 6.35 -35.93 -28.57
CA GLU B 81 6.31 -34.49 -28.29
C GLU B 81 5.95 -34.31 -26.84
N LEU B 82 6.71 -33.47 -26.16
CA LEU B 82 6.45 -33.08 -24.77
C LEU B 82 6.34 -31.58 -24.73
N ALA B 83 5.29 -31.05 -24.09
CA ALA B 83 5.16 -29.63 -24.04
C ALA B 83 4.68 -29.19 -22.68
N LYS B 84 5.09 -27.98 -22.31
CA LYS B 84 4.78 -27.41 -21.02
C LYS B 84 4.53 -25.93 -21.20
N VAL B 85 3.48 -25.43 -20.54
CA VAL B 85 3.22 -24.00 -20.42
C VAL B 85 3.15 -23.65 -18.92
N GLY B 86 4.18 -22.97 -18.42
CA GLY B 86 4.37 -22.82 -16.98
C GLY B 86 3.85 -24.02 -16.18
N ASN B 87 2.89 -23.77 -15.29
CA ASN B 87 2.29 -24.82 -14.49
C ASN B 87 0.81 -24.97 -14.86
N MET B 88 0.43 -24.36 -15.97
CA MET B 88 -0.93 -24.37 -16.45
C MET B 88 -1.22 -25.61 -17.30
N LEU B 89 -0.21 -26.10 -18.01
CA LEU B 89 -0.44 -27.05 -19.06
C LEU B 89 0.74 -27.97 -19.29
N ASP B 90 0.47 -29.27 -19.29
CA ASP B 90 1.43 -30.31 -19.64
C ASP B 90 0.83 -31.17 -20.75
N ILE B 91 1.63 -31.47 -21.76
CA ILE B 91 1.13 -32.28 -22.86
C ILE B 91 2.13 -33.33 -23.23
N LEU B 92 1.64 -34.54 -23.45
CA LEU B 92 2.40 -35.56 -24.18
C LEU B 92 1.64 -35.92 -25.41
N HIS B 93 2.34 -36.00 -26.53
CA HIS B 93 1.71 -36.42 -27.78
C HIS B 93 2.64 -37.41 -28.48
N CYS B 94 2.11 -38.53 -28.92
CA CYS B 94 2.95 -39.52 -29.59
C CYS B 94 2.24 -40.09 -30.78
N VAL B 95 2.91 -40.15 -31.91
CA VAL B 95 2.33 -40.78 -33.08
C VAL B 95 3.40 -41.59 -33.79
N MET B 96 3.06 -42.78 -34.27
CA MET B 96 3.94 -43.55 -35.14
C MET B 96 3.28 -43.66 -36.48
N PHE B 97 3.96 -43.18 -37.52
CA PHE B 97 3.43 -43.20 -38.92
C PHE B 97 4.14 -44.28 -39.66
N PRO B 98 3.42 -45.36 -40.03
CA PRO B 98 4.08 -46.45 -40.82
C PRO B 98 4.42 -45.97 -42.21
N ARG B 99 5.46 -46.54 -42.81
CA ARG B 99 5.68 -46.37 -44.23
C ARG B 99 4.51 -47.03 -44.93
N PRO B 100 3.96 -46.37 -45.98
CA PRO B 100 2.74 -46.86 -46.63
C PRO B 100 2.90 -48.20 -47.34
N GLU B 101 4.11 -48.75 -47.41
CA GLU B 101 4.27 -50.11 -47.95
C GLU B 101 3.82 -51.17 -46.97
N TYR B 102 3.62 -50.78 -45.71
CA TYR B 102 3.22 -51.75 -44.72
C TYR B 102 1.80 -51.56 -44.22
N ASP B 103 1.08 -52.68 -44.12
CA ASP B 103 -0.28 -52.70 -43.62
C ASP B 103 -0.36 -52.58 -42.10
N LEU B 104 -0.05 -51.40 -41.58
CA LEU B 104 0.01 -51.18 -40.16
C LEU B 104 -0.89 -50.02 -39.79
N PRO B 105 -1.64 -50.16 -38.67
CA PRO B 105 -2.43 -49.05 -38.16
C PRO B 105 -1.55 -47.91 -37.62
N MET B 106 -2.18 -46.80 -37.27
CA MET B 106 -1.48 -45.66 -36.70
C MET B 106 -1.52 -45.77 -35.18
N PHE B 107 -0.37 -45.80 -34.52
CA PHE B 107 -0.38 -45.66 -33.09
C PHE B 107 -0.37 -44.20 -32.69
N GLY B 108 -1.26 -43.83 -31.77
CA GLY B 108 -1.27 -42.50 -31.20
C GLY B 108 -1.65 -42.52 -29.73
N CYS B 109 -1.01 -41.67 -28.94
CA CYS B 109 -1.53 -41.42 -27.60
C CYS B 109 -1.26 -39.99 -27.22
N ASP B 110 -2.13 -39.46 -26.38
CA ASP B 110 -2.07 -38.08 -25.96
C ASP B 110 -2.40 -38.01 -24.49
N LEU B 111 -1.69 -37.15 -23.80
CA LEU B 111 -1.94 -36.89 -22.42
C LEU B 111 -1.98 -35.38 -22.22
N VAL B 112 -3.05 -34.88 -21.62
CA VAL B 112 -3.18 -33.46 -21.38
C VAL B 112 -3.45 -33.29 -19.92
N GLY B 113 -2.64 -32.44 -19.29
CA GLY B 113 -2.81 -32.15 -17.87
C GLY B 113 -2.39 -30.75 -17.52
N GLY B 114 -2.01 -30.56 -16.27
CA GLY B 114 -1.75 -29.22 -15.77
C GLY B 114 -2.07 -29.12 -14.30
N ARG B 115 -1.24 -28.33 -13.61
CA ARG B 115 -1.47 -27.99 -12.23
C ARG B 115 -1.45 -29.25 -11.40
N GLY B 116 -0.73 -30.26 -11.89
CA GLY B 116 -0.61 -31.53 -11.21
C GLY B 116 -1.75 -32.50 -11.45
N GLN B 117 -2.52 -32.30 -12.52
CA GLN B 117 -3.69 -33.17 -12.79
C GLN B 117 -3.73 -33.68 -14.23
N ILE B 118 -4.46 -34.77 -14.51
CA ILE B 118 -4.67 -35.17 -15.90
C ILE B 118 -6.12 -35.11 -16.33
N SER B 119 -6.42 -34.18 -17.23
CA SER B 119 -7.78 -34.01 -17.70
C SER B 119 -8.20 -34.96 -18.81
N ALA B 120 -7.24 -35.41 -19.62
CA ALA B 120 -7.54 -36.25 -20.79
C ALA B 120 -6.40 -37.21 -21.14
N ALA B 121 -6.73 -38.49 -21.33
CA ALA B 121 -5.78 -39.49 -21.79
C ALA B 121 -6.40 -40.26 -22.93
N ILE B 122 -5.71 -40.32 -24.04
CA ILE B 122 -6.23 -41.09 -25.19
C ILE B 122 -5.15 -41.98 -25.76
N ALA B 123 -5.52 -43.17 -26.20
CA ALA B 123 -4.60 -44.03 -26.94
C ALA B 123 -5.35 -44.86 -27.92
N ASP B 124 -4.79 -45.02 -29.10
CA ASP B 124 -5.39 -45.87 -30.10
C ASP B 124 -4.39 -46.52 -31.05
N LEU B 125 -4.88 -47.57 -31.70
CA LEU B 125 -4.30 -48.10 -32.90
C LEU B 125 -5.32 -47.85 -33.99
N SER B 126 -5.21 -46.69 -34.63
CA SER B 126 -6.21 -46.22 -35.57
C SER B 126 -6.07 -46.89 -36.95
N PRO B 127 -7.19 -47.33 -37.54
CA PRO B 127 -7.09 -48.13 -38.78
C PRO B 127 -6.59 -47.29 -39.99
N VAL B 128 -5.90 -47.95 -40.90
CA VAL B 128 -5.60 -47.35 -42.20
C VAL B 128 -6.44 -47.95 -43.32
N HIS B 129 -7.16 -49.03 -43.10
CA HIS B 129 -8.08 -49.50 -44.15
C HIS B 129 -9.28 -48.56 -44.11
N LEU B 130 -9.74 -48.12 -45.27
CA LEU B 130 -10.86 -47.16 -45.28
C LEU B 130 -12.17 -47.70 -44.70
N ASP B 131 -12.34 -49.02 -44.69
CA ASP B 131 -13.47 -49.69 -44.03
C ASP B 131 -13.46 -49.67 -42.49
N ARG B 132 -12.48 -49.00 -41.87
CA ARG B 132 -12.37 -48.83 -40.40
C ARG B 132 -11.87 -50.09 -39.66
N THR B 133 -11.32 -51.04 -40.42
CA THR B 133 -10.91 -52.31 -39.88
C THR B 133 -9.43 -52.29 -39.60
N LEU B 134 -9.02 -53.09 -38.61
CA LEU B 134 -7.62 -53.38 -38.35
C LEU B 134 -7.25 -54.71 -39.03
N PRO B 135 -5.94 -55.08 -39.08
CA PRO B 135 -5.58 -56.48 -39.50
C PRO B 135 -5.94 -57.52 -38.46
N GLU B 136 -6.14 -58.77 -38.91
CA GLU B 136 -6.54 -59.91 -38.09
C GLU B 136 -5.72 -60.17 -36.83
N SER B 137 -4.40 -60.19 -36.98
CA SER B 137 -3.50 -60.40 -35.86
C SER B 137 -3.68 -59.33 -34.77
N TYR B 138 -3.97 -58.09 -35.17
CA TYR B 138 -4.31 -57.04 -34.22
C TYR B 138 -5.63 -57.30 -33.50
N ASN B 139 -6.66 -57.66 -34.26
CA ASN B 139 -7.94 -58.01 -33.66
C ASN B 139 -7.84 -59.10 -32.61
N SER B 140 -7.18 -60.20 -32.92
CA SER B 140 -7.07 -61.28 -31.94
C SER B 140 -6.38 -60.80 -30.69
N ALA B 141 -5.28 -60.08 -30.86
CA ALA B 141 -4.45 -59.69 -29.74
C ALA B 141 -5.21 -58.72 -28.86
N LEU B 142 -5.93 -57.81 -29.49
CA LEU B 142 -6.60 -56.74 -28.75
C LEU B 142 -7.94 -57.13 -28.13
N THR B 143 -8.82 -57.77 -28.92
CA THR B 143 -10.12 -58.26 -28.42
C THR B 143 -9.91 -59.27 -27.30
N SER B 144 -8.69 -59.80 -27.22
CA SER B 144 -8.36 -60.77 -26.20
C SER B 144 -7.91 -60.13 -24.90
N LEU B 145 -7.95 -58.80 -24.82
CA LEU B 145 -7.62 -58.13 -23.57
C LEU B 145 -8.80 -57.73 -22.67
N ASN B 146 -8.54 -57.78 -21.36
CA ASN B 146 -9.37 -57.18 -20.31
C ASN B 146 -10.22 -55.96 -20.75
N THR B 147 -11.52 -56.04 -20.47
CA THR B 147 -12.44 -54.92 -20.68
C THR B 147 -12.30 -54.03 -19.48
N LEU B 148 -11.51 -52.97 -19.61
CA LEU B 148 -11.14 -52.18 -18.44
C LEU B 148 -12.25 -51.23 -17.94
N ASN B 149 -12.50 -51.26 -16.63
CA ASN B 149 -13.47 -50.38 -15.96
C ASN B 149 -12.93 -48.97 -15.61
N PHE B 150 -13.22 -48.00 -16.47
CA PHE B 150 -12.84 -46.62 -16.20
C PHE B 150 -14.06 -45.83 -15.73
N SER B 151 -13.89 -45.10 -14.64
CA SER B 151 -14.96 -44.35 -14.01
C SER B 151 -15.38 -43.19 -14.89
N GLN B 152 -14.40 -42.60 -15.56
CA GLN B 152 -14.59 -41.40 -16.35
C GLN B 152 -14.23 -41.63 -17.82
N PRO B 153 -14.99 -42.52 -18.50
CA PRO B 153 -14.72 -42.54 -19.94
C PRO B 153 -15.22 -41.27 -20.57
N ARG B 154 -14.73 -40.97 -21.76
CA ARG B 154 -15.12 -39.76 -22.47
C ARG B 154 -15.61 -40.13 -23.84
N GLU B 155 -16.50 -39.31 -24.38
CA GLU B 155 -17.09 -39.57 -25.66
C GLU B 155 -16.21 -39.00 -26.75
N LEU B 156 -15.99 -39.79 -27.78
CA LEU B 156 -15.24 -39.33 -28.95
C LEU B 156 -16.12 -38.37 -29.75
N PRO B 157 -15.52 -37.36 -30.43
CA PRO B 157 -16.35 -36.49 -31.30
C PRO B 157 -16.63 -37.16 -32.65
N GLU B 158 -17.36 -36.51 -33.56
CA GLU B 158 -17.76 -37.16 -34.81
C GLU B 158 -16.67 -37.33 -35.88
N TRP B 159 -15.60 -36.54 -35.74
CA TRP B 159 -14.37 -36.75 -36.51
C TRP B 159 -13.56 -37.88 -35.87
N GLY B 160 -14.15 -38.52 -34.86
CA GLY B 160 -13.51 -39.60 -34.11
C GLY B 160 -13.69 -40.96 -34.75
N ASN B 161 -14.35 -41.00 -35.90
CA ASN B 161 -14.50 -42.25 -36.63
C ASN B 161 -13.19 -42.62 -37.33
N ILE B 162 -12.13 -41.88 -37.04
CA ILE B 162 -10.80 -42.29 -37.45
C ILE B 162 -10.21 -43.27 -36.44
N PHE B 163 -10.80 -43.31 -35.25
CA PHE B 163 -10.33 -44.18 -34.18
C PHE B 163 -10.97 -45.56 -34.24
N SER B 164 -10.23 -46.57 -33.79
CA SER B 164 -10.72 -47.95 -33.81
C SER B 164 -11.67 -48.21 -32.64
N ASP B 165 -12.25 -49.39 -32.62
CA ASP B 165 -13.15 -49.81 -31.55
C ASP B 165 -12.42 -50.05 -30.24
N PHE B 166 -11.10 -50.07 -30.31
CA PHE B 166 -10.27 -50.38 -29.16
C PHE B 166 -9.73 -49.13 -28.48
N CYS B 167 -10.04 -48.00 -29.11
CA CYS B 167 -9.61 -46.70 -28.62
C CYS B 167 -10.00 -46.46 -27.18
N ILE B 168 -9.06 -45.92 -26.41
CA ILE B 168 -9.29 -45.59 -25.02
C ILE B 168 -9.20 -44.09 -24.81
N PHE B 169 -10.27 -43.52 -24.28
CA PHE B 169 -10.39 -42.09 -24.04
C PHE B 169 -11.03 -41.84 -22.68
N VAL B 170 -10.19 -41.46 -21.73
CA VAL B 170 -10.65 -41.32 -20.35
C VAL B 170 -10.07 -40.07 -19.69
N ARG B 171 -10.69 -39.68 -18.57
CA ARG B 171 -10.08 -38.79 -17.58
C ARG B 171 -9.78 -39.66 -16.34
N PRO B 172 -8.48 -39.96 -16.10
CA PRO B 172 -8.11 -40.82 -14.99
C PRO B 172 -8.40 -40.13 -13.67
N SER B 173 -9.20 -40.77 -12.83
CA SER B 173 -9.59 -40.19 -11.54
C SER B 173 -8.60 -40.48 -10.39
N SER B 174 -8.05 -41.69 -10.40
CA SER B 174 -7.09 -42.14 -9.38
C SER B 174 -5.76 -42.47 -10.03
N PRO B 175 -4.70 -42.62 -9.22
CA PRO B 175 -3.43 -43.17 -9.71
C PRO B 175 -3.50 -44.65 -10.08
N GLU B 176 -4.53 -45.37 -9.65
CA GLU B 176 -4.71 -46.74 -10.16
C GLU B 176 -5.21 -46.73 -11.62
N GLU B 177 -6.04 -45.75 -11.96
CA GLU B 177 -6.49 -45.56 -13.33
C GLU B 177 -5.34 -45.10 -14.22
N GLU B 178 -4.52 -44.21 -13.68
CA GLU B 178 -3.31 -43.77 -14.37
C GLU B 178 -2.42 -44.96 -14.73
N ALA B 179 -2.30 -45.91 -13.82
CA ALA B 179 -1.49 -47.08 -14.04
C ALA B 179 -2.18 -48.08 -14.99
N MET B 180 -3.51 -48.14 -14.92
CA MET B 180 -4.28 -48.94 -15.87
C MET B 180 -4.06 -48.43 -17.29
N PHE B 181 -4.13 -47.11 -17.43
CA PHE B 181 -3.96 -46.47 -18.71
C PHE B 181 -2.57 -46.72 -19.27
N LEU B 182 -1.54 -46.54 -18.45
CA LEU B 182 -0.18 -46.77 -18.88
C LEU B 182 0.06 -48.24 -19.26
N GLY B 183 -0.54 -49.14 -18.49
CA GLY B 183 -0.42 -50.58 -18.78
C GLY B 183 -1.05 -50.94 -20.11
N ARG B 184 -2.17 -50.29 -20.45
CA ARG B 184 -2.82 -50.54 -21.72
C ARG B 184 -2.06 -49.94 -22.90
N VAL B 185 -1.53 -48.73 -22.74
CA VAL B 185 -0.74 -48.16 -23.81
C VAL B 185 0.40 -49.13 -24.10
N ARG B 186 1.04 -49.62 -23.05
CA ARG B 186 2.18 -50.51 -23.21
C ARG B 186 1.78 -51.77 -24.02
N GLU B 187 0.62 -52.33 -23.69
CA GLU B 187 0.11 -53.48 -24.44
C GLU B 187 -0.11 -53.18 -25.93
N PHE B 188 -0.70 -52.01 -26.22
CA PHE B 188 -0.89 -51.56 -27.57
C PHE B 188 0.43 -51.52 -28.32
N LEU B 189 1.43 -50.92 -27.66
CA LEU B 189 2.76 -50.81 -28.25
C LEU B 189 3.38 -52.16 -28.51
N GLN B 190 3.22 -53.10 -27.60
CA GLN B 190 3.83 -54.42 -27.81
C GLN B 190 3.20 -55.16 -28.95
N VAL B 191 1.89 -55.09 -29.04
CA VAL B 191 1.19 -55.70 -30.14
C VAL B 191 1.61 -55.04 -31.45
N HIS B 192 1.76 -53.72 -31.42
CA HIS B 192 2.04 -52.96 -32.60
C HIS B 192 3.44 -53.24 -33.08
N CYS B 193 4.38 -53.41 -32.14
CA CYS B 193 5.77 -53.69 -32.50
C CYS B 193 5.96 -55.08 -33.08
N GLN B 194 5.22 -56.06 -32.55
CA GLN B 194 5.16 -57.41 -33.13
C GLN B 194 4.56 -57.37 -34.53
N GLY B 195 3.49 -56.60 -34.68
CA GLY B 195 2.86 -56.42 -35.96
C GLY B 195 3.87 -55.87 -36.96
N ALA B 196 4.64 -54.86 -36.53
CA ALA B 196 5.62 -54.20 -37.40
C ALA B 196 6.70 -55.15 -37.87
N ILE B 197 7.21 -55.96 -36.96
CA ILE B 197 8.32 -56.84 -37.24
C ILE B 197 7.91 -58.02 -38.13
N ALA B 198 6.65 -58.44 -38.02
CA ALA B 198 6.07 -59.50 -38.87
C ALA B 198 5.59 -59.01 -40.25
N ALA B 199 5.51 -57.70 -40.47
CA ALA B 199 4.87 -57.20 -41.68
C ALA B 199 5.74 -57.33 -42.93
N SER B 200 5.13 -57.72 -44.06
CA SER B 200 5.81 -57.66 -45.34
C SER B 200 5.29 -56.50 -46.16
N PRO B 201 6.14 -55.95 -47.03
CA PRO B 201 5.60 -54.98 -47.97
C PRO B 201 4.45 -55.57 -48.76
N VAL B 202 3.46 -54.72 -48.94
CA VAL B 202 2.22 -54.99 -49.63
C VAL B 202 2.36 -54.60 -51.09
N SER B 203 1.38 -55.04 -51.89
CA SER B 203 1.21 -54.68 -53.28
C SER B 203 0.87 -53.22 -53.50
N ALA B 204 1.14 -52.74 -54.71
CA ALA B 204 0.78 -51.39 -55.16
C ALA B 204 -0.66 -50.98 -54.84
N GLU B 205 -1.62 -51.89 -55.07
CA GLU B 205 -3.05 -51.65 -54.81
C GLU B 205 -3.28 -51.35 -53.35
N GLN B 206 -2.87 -52.29 -52.48
CA GLN B 206 -2.98 -52.09 -51.04
C GLN B 206 -2.35 -50.76 -50.67
N LYS B 207 -1.15 -50.49 -51.20
CA LYS B 207 -0.43 -49.28 -50.85
C LYS B 207 -1.32 -48.05 -51.06
N GLN B 208 -1.91 -47.97 -52.25
CA GLN B 208 -2.94 -46.98 -52.57
C GLN B 208 -4.00 -46.80 -51.50
N GLN B 209 -4.57 -47.90 -51.03
CA GLN B 209 -5.59 -47.87 -49.96
C GLN B 209 -5.03 -47.38 -48.62
N ILE B 210 -3.79 -47.76 -48.32
CA ILE B 210 -3.15 -47.48 -47.04
C ILE B 210 -2.78 -46.02 -46.97
N LEU B 211 -2.22 -45.56 -48.08
CA LEU B 211 -1.89 -44.17 -48.28
C LEU B 211 -3.10 -43.29 -48.02
N ALA B 212 -4.23 -43.64 -48.65
CA ALA B 212 -5.51 -42.97 -48.47
C ALA B 212 -5.94 -42.94 -47.01
N GLY B 213 -5.87 -44.10 -46.35
CA GLY B 213 -6.17 -44.21 -44.90
C GLY B 213 -5.34 -43.28 -44.01
N GLN B 214 -4.02 -43.25 -44.18
CA GLN B 214 -3.17 -42.28 -43.48
C GLN B 214 -3.54 -40.85 -43.84
N HIS B 215 -3.76 -40.60 -45.12
CA HIS B 215 -4.13 -39.27 -45.54
C HIS B 215 -5.36 -38.83 -44.75
N ASN B 216 -6.36 -39.71 -44.70
CA ASN B 216 -7.61 -39.34 -44.02
C ASN B 216 -7.36 -39.08 -42.53
N TYR B 217 -6.52 -39.90 -41.92
CA TYR B 217 -6.22 -39.82 -40.51
C TYR B 217 -5.51 -38.51 -40.19
N CYS B 218 -4.53 -38.15 -41.00
CA CYS B 218 -3.75 -36.93 -40.82
C CYS B 218 -4.57 -35.67 -41.07
N SER B 219 -5.42 -35.66 -42.11
CA SER B 219 -6.21 -34.45 -42.35
C SER B 219 -7.20 -34.21 -41.23
N LYS B 220 -7.87 -35.27 -40.77
CA LYS B 220 -8.83 -35.10 -39.68
C LYS B 220 -8.15 -34.59 -38.44
N GLN B 221 -6.95 -35.10 -38.16
CA GLN B 221 -6.21 -34.68 -36.98
C GLN B 221 -5.77 -33.22 -37.10
N GLN B 222 -5.35 -32.82 -38.31
CA GLN B 222 -4.96 -31.44 -38.55
C GLN B 222 -6.14 -30.53 -38.32
N GLN B 223 -7.28 -30.91 -38.89
CA GLN B 223 -8.49 -30.12 -38.81
C GLN B 223 -8.97 -29.91 -37.38
N ASN B 224 -8.63 -30.86 -36.51
CA ASN B 224 -9.33 -30.99 -35.25
C ASN B 224 -8.50 -31.05 -33.96
N ASP B 225 -7.20 -31.34 -34.03
CA ASP B 225 -6.34 -31.33 -32.84
C ASP B 225 -6.35 -29.97 -32.15
N LYS B 226 -6.50 -30.00 -30.83
CA LYS B 226 -6.71 -28.78 -30.03
C LYS B 226 -5.42 -28.08 -29.61
N THR B 227 -4.29 -28.73 -29.83
CA THR B 227 -3.02 -28.07 -29.54
C THR B 227 -2.82 -26.82 -30.46
N ARG B 228 -3.49 -26.84 -31.60
CA ARG B 228 -3.51 -25.71 -32.51
C ARG B 228 -3.75 -24.36 -31.82
N ARG B 229 -4.78 -24.32 -30.97
CA ARG B 229 -5.17 -23.07 -30.33
C ARG B 229 -4.05 -22.55 -29.42
N VAL B 230 -3.47 -23.44 -28.64
CA VAL B 230 -2.29 -23.14 -27.83
C VAL B 230 -1.18 -22.58 -28.71
N LEU B 231 -0.92 -23.23 -29.84
CA LEU B 231 0.20 -22.81 -30.70
C LEU B 231 -0.04 -21.47 -31.34
N GLU B 232 -1.30 -21.19 -31.71
CA GLU B 232 -1.66 -19.93 -32.32
C GLU B 232 -1.42 -18.79 -31.33
N LYS B 233 -1.81 -19.02 -30.08
CA LYS B 233 -1.68 -18.00 -29.04
C LYS B 233 -0.22 -17.73 -28.69
N ALA B 234 0.62 -18.73 -28.87
CA ALA B 234 2.06 -18.61 -28.64
C ALA B 234 2.82 -17.96 -29.79
N PHE B 235 2.48 -18.30 -31.04
CA PHE B 235 3.34 -17.93 -32.17
C PHE B 235 2.62 -17.39 -33.39
N GLY B 236 1.30 -17.30 -33.33
CA GLY B 236 0.54 -16.81 -34.48
C GLY B 236 -0.01 -17.97 -35.29
N VAL B 237 -0.95 -17.65 -36.17
CA VAL B 237 -1.76 -18.59 -36.89
C VAL B 237 -0.96 -19.38 -37.89
N ASP B 238 -0.10 -18.72 -38.64
CA ASP B 238 0.67 -19.39 -39.68
C ASP B 238 1.70 -20.35 -39.12
N TRP B 239 2.36 -19.93 -38.04
CA TRP B 239 3.34 -20.75 -37.40
C TRP B 239 2.65 -22.04 -36.93
N ALA B 240 1.49 -21.89 -36.30
CA ALA B 240 0.70 -23.02 -35.83
C ALA B 240 0.24 -23.90 -37.01
N GLU B 241 -0.15 -23.27 -38.12
CA GLU B 241 -0.62 -24.03 -39.28
C GLU B 241 0.53 -24.90 -39.80
N ASN B 242 1.69 -24.28 -39.98
CA ASN B 242 2.89 -24.94 -40.44
C ASN B 242 3.31 -26.10 -39.52
N TYR B 243 3.18 -25.88 -38.22
CA TYR B 243 3.57 -26.88 -37.24
C TYR B 243 2.65 -28.09 -37.34
N MET B 244 1.35 -27.85 -37.41
CA MET B 244 0.33 -28.91 -37.60
C MET B 244 0.56 -29.77 -38.85
N THR B 245 0.89 -29.11 -39.97
CA THR B 245 0.99 -29.83 -41.24
C THR B 245 2.35 -30.42 -41.51
N THR B 246 3.40 -29.97 -40.84
CA THR B 246 4.72 -30.49 -41.18
C THR B 246 5.40 -31.21 -40.01
N VAL B 247 4.97 -30.99 -38.77
CA VAL B 247 5.57 -31.65 -37.62
C VAL B 247 4.64 -32.67 -36.96
N LEU B 248 3.38 -32.30 -36.71
CA LEU B 248 2.47 -33.18 -35.99
C LEU B 248 1.75 -34.17 -36.87
N PHE B 249 1.15 -33.70 -37.96
CA PHE B 249 0.39 -34.59 -38.81
C PHE B 249 0.69 -34.43 -40.30
N ASP B 250 1.96 -34.60 -40.68
CA ASP B 250 2.38 -34.40 -42.04
C ASP B 250 1.87 -35.53 -42.97
N LEU B 251 1.40 -35.13 -44.15
CA LEU B 251 0.82 -36.09 -45.09
C LEU B 251 1.89 -37.06 -45.57
N PRO B 252 1.56 -38.34 -45.66
CA PRO B 252 2.49 -39.48 -45.78
C PRO B 252 3.57 -39.48 -46.86
N GLU B 253 3.27 -38.99 -48.08
CA GLU B 253 4.18 -39.22 -49.21
C GLU B 253 4.45 -37.93 -49.98
N ILE C 9 -52.52 -39.10 -5.22
CA ILE C 9 -52.21 -37.62 -5.33
C ILE C 9 -52.02 -37.20 -6.81
N SER C 10 -53.16 -37.02 -7.49
CA SER C 10 -53.26 -36.79 -8.92
C SER C 10 -52.63 -35.46 -9.26
N LEU C 11 -52.03 -35.40 -10.44
CA LEU C 11 -51.26 -34.22 -10.85
C LEU C 11 -51.77 -33.69 -12.20
N THR C 12 -51.82 -32.37 -12.36
CA THR C 12 -52.15 -31.81 -13.66
C THR C 12 -50.97 -31.08 -14.24
N SER C 13 -50.79 -31.27 -15.54
CA SER C 13 -49.76 -30.61 -16.31
C SER C 13 -50.24 -29.26 -16.78
N ILE C 14 -49.39 -28.25 -16.67
CA ILE C 14 -49.68 -26.96 -17.29
C ILE C 14 -48.42 -26.33 -17.92
N PRO C 15 -48.62 -25.47 -18.93
CA PRO C 15 -47.52 -24.70 -19.52
C PRO C 15 -46.63 -24.07 -18.47
N SER C 16 -45.33 -24.07 -18.71
CA SER C 16 -44.35 -23.46 -17.83
C SER C 16 -44.43 -21.95 -17.95
N LEU C 17 -44.19 -21.29 -16.84
CA LEU C 17 -44.13 -19.86 -16.76
C LEU C 17 -43.17 -19.29 -17.78
N ARG C 18 -42.16 -20.08 -18.17
CA ARG C 18 -41.08 -19.60 -18.98
C ARG C 18 -41.53 -19.12 -20.36
N GLU C 19 -42.68 -19.59 -20.80
CA GLU C 19 -43.26 -19.19 -22.06
C GLU C 19 -43.68 -17.71 -22.05
N GLN C 20 -43.96 -17.19 -20.86
CA GLN C 20 -44.47 -15.82 -20.72
C GLN C 20 -43.33 -14.87 -20.42
N GLN C 21 -42.11 -15.40 -20.35
CA GLN C 21 -40.96 -14.64 -19.87
C GLN C 21 -40.02 -14.14 -20.96
N HIS C 22 -39.15 -13.20 -20.60
CA HIS C 22 -38.14 -12.68 -21.52
C HIS C 22 -37.45 -13.86 -22.20
N PRO C 23 -37.20 -13.76 -23.51
CA PRO C 23 -36.65 -14.87 -24.29
C PRO C 23 -35.32 -15.41 -23.77
N LEU C 24 -34.45 -14.54 -23.23
CA LEU C 24 -33.20 -15.04 -22.68
C LEU C 24 -33.42 -15.93 -21.43
N ILE C 25 -34.45 -15.59 -20.63
CA ILE C 25 -34.79 -16.39 -19.49
C ILE C 25 -35.26 -17.76 -19.96
N ARG C 26 -36.12 -17.76 -20.97
CA ARG C 26 -36.63 -18.99 -21.54
C ARG C 26 -35.49 -19.83 -22.03
N GLN C 27 -34.59 -19.22 -22.77
CA GLN C 27 -33.51 -19.95 -23.35
C GLN C 27 -32.58 -20.52 -22.30
N LEU C 28 -32.29 -19.73 -21.28
CA LEU C 28 -31.41 -20.17 -20.22
C LEU C 28 -32.04 -21.26 -19.38
N ALA C 29 -33.31 -21.13 -19.04
CA ALA C 29 -34.02 -22.23 -18.37
C ALA C 29 -33.93 -23.53 -19.16
N ASP C 30 -34.30 -23.49 -20.44
CA ASP C 30 -34.24 -24.69 -21.30
C ASP C 30 -32.84 -25.23 -21.36
N CYS C 31 -31.87 -24.34 -21.44
CA CYS C 31 -30.51 -24.75 -21.63
C CYS C 31 -29.96 -25.43 -20.38
N ILE C 32 -30.18 -24.80 -19.21
CA ILE C 32 -29.76 -25.40 -17.93
C ILE C 32 -30.33 -26.80 -17.79
N GLU C 33 -31.62 -26.96 -18.02
CA GLU C 33 -32.27 -28.27 -17.85
C GLU C 33 -31.76 -29.32 -18.86
N GLU C 34 -31.50 -28.84 -20.06
CA GLU C 34 -30.98 -29.63 -21.13
C GLU C 34 -29.65 -30.25 -20.70
N VAL C 35 -28.75 -29.43 -20.21
CA VAL C 35 -27.43 -29.91 -19.78
C VAL C 35 -27.54 -30.83 -18.58
N TRP C 36 -28.34 -30.45 -17.59
CA TRP C 36 -28.58 -31.37 -16.47
C TRP C 36 -28.99 -32.76 -16.90
N HIS C 37 -29.97 -32.84 -17.78
CA HIS C 37 -30.49 -34.12 -18.25
C HIS C 37 -29.52 -34.91 -19.06
N GLN C 38 -28.71 -34.20 -19.83
CA GLN C 38 -27.76 -34.81 -20.75
C GLN C 38 -26.60 -35.46 -19.98
N HIS C 39 -26.11 -34.80 -18.93
CA HIS C 39 -24.90 -35.30 -18.24
C HIS C 39 -25.15 -36.04 -16.91
N LEU C 40 -26.23 -35.71 -16.22
CA LEU C 40 -26.38 -36.16 -14.86
C LEU C 40 -27.54 -37.13 -14.74
N ASP C 41 -27.57 -37.84 -13.62
CA ASP C 41 -28.63 -38.77 -13.33
C ASP C 41 -29.66 -38.22 -12.36
N LEU C 42 -30.70 -37.66 -12.91
CA LEU C 42 -31.63 -36.84 -12.15
C LEU C 42 -32.72 -37.62 -11.46
N SER C 43 -32.96 -37.27 -10.20
CA SER C 43 -34.15 -37.70 -9.48
C SER C 43 -34.85 -36.45 -8.99
N PRO C 44 -36.15 -36.55 -8.74
CA PRO C 44 -36.89 -35.42 -8.20
C PRO C 44 -36.48 -35.06 -6.77
N TYR C 45 -36.68 -33.80 -6.45
CA TYR C 45 -36.48 -33.30 -5.09
C TYR C 45 -37.74 -32.48 -4.79
N HIS C 46 -38.48 -32.86 -3.75
CA HIS C 46 -39.76 -32.18 -3.48
C HIS C 46 -39.59 -31.02 -2.52
N LEU C 47 -40.12 -29.88 -2.93
CA LEU C 47 -40.29 -28.82 -1.98
C LEU C 47 -41.62 -29.17 -1.34
N PRO C 48 -41.89 -28.65 -0.14
CA PRO C 48 -43.27 -28.63 0.38
C PRO C 48 -44.29 -28.39 -0.72
N ALA C 49 -45.46 -29.01 -0.57
CA ALA C 49 -46.49 -28.97 -1.60
C ALA C 49 -46.65 -27.56 -2.13
N GLU C 50 -46.85 -26.63 -1.20
CA GLU C 50 -47.34 -25.29 -1.49
C GLU C 50 -46.35 -24.49 -2.29
N LEU C 51 -45.09 -24.92 -2.27
CA LEU C 51 -43.96 -24.08 -2.74
C LEU C 51 -43.43 -24.39 -4.14
N GLY C 52 -43.92 -25.45 -4.77
CA GLY C 52 -43.55 -25.75 -6.16
C GLY C 52 -44.12 -24.75 -7.16
N TYR C 53 -45.26 -24.17 -6.80
CA TYR C 53 -45.94 -23.22 -7.65
C TYR C 53 -46.66 -22.24 -6.75
N VAL C 54 -46.29 -20.97 -6.83
CA VAL C 54 -46.79 -19.97 -5.90
C VAL C 54 -47.44 -18.83 -6.64
N GLU C 55 -48.63 -18.48 -6.21
CA GLU C 55 -49.34 -17.35 -6.79
C GLU C 55 -49.66 -16.29 -5.75
N GLY C 56 -49.51 -15.04 -6.14
CA GLY C 56 -49.80 -13.92 -5.28
C GLY C 56 -50.08 -12.66 -6.08
N ARG C 57 -50.00 -11.52 -5.42
CA ARG C 57 -50.35 -10.25 -6.00
C ARG C 57 -49.45 -9.20 -5.44
N LEU C 58 -49.07 -8.26 -6.29
CA LEU C 58 -48.18 -7.19 -5.90
C LEU C 58 -48.52 -5.98 -6.74
N GLU C 59 -48.99 -4.92 -6.07
CA GLU C 59 -49.42 -3.68 -6.74
C GLU C 59 -50.48 -3.99 -7.78
N GLY C 60 -51.35 -4.93 -7.47
CA GLY C 60 -52.38 -5.33 -8.41
C GLY C 60 -51.90 -6.34 -9.44
N GLU C 61 -50.59 -6.44 -9.62
CA GLU C 61 -50.02 -7.35 -10.62
C GLU C 61 -49.98 -8.78 -10.10
N LYS C 62 -50.18 -9.74 -10.99
CA LYS C 62 -50.03 -11.15 -10.65
C LYS C 62 -48.57 -11.57 -10.42
N LEU C 63 -48.34 -12.22 -9.30
CA LEU C 63 -47.02 -12.77 -9.00
C LEU C 63 -47.06 -14.28 -9.18
N THR C 64 -46.10 -14.81 -9.92
CA THR C 64 -46.04 -16.26 -10.09
C THR C 64 -44.63 -16.72 -9.86
N ILE C 65 -44.48 -17.78 -9.07
CA ILE C 65 -43.17 -18.39 -8.88
C ILE C 65 -43.28 -19.87 -9.22
N GLU C 66 -42.39 -20.32 -10.08
CA GLU C 66 -42.37 -21.72 -10.43
C GLU C 66 -41.02 -22.26 -10.01
N ASN C 67 -41.04 -23.31 -9.20
CA ASN C 67 -39.86 -23.92 -8.64
C ASN C 67 -39.71 -25.32 -9.13
N ARG C 68 -38.50 -25.71 -9.49
CA ARG C 68 -38.22 -27.03 -10.00
C ARG C 68 -36.89 -27.51 -9.44
N CYS C 69 -36.94 -28.66 -8.79
CA CYS C 69 -35.78 -29.16 -8.09
C CYS C 69 -35.45 -30.59 -8.40
N TYR C 70 -34.15 -30.87 -8.51
CA TYR C 70 -33.71 -32.25 -8.67
C TYR C 70 -32.58 -32.51 -7.70
N GLN C 71 -32.19 -33.79 -7.64
CA GLN C 71 -30.99 -34.21 -6.98
C GLN C 71 -30.31 -35.34 -7.76
N THR C 72 -29.04 -35.57 -7.47
CA THR C 72 -28.25 -36.62 -8.09
C THR C 72 -27.33 -37.17 -7.00
N PRO C 73 -26.59 -38.21 -7.33
CA PRO C 73 -25.65 -38.68 -6.30
C PRO C 73 -24.64 -37.62 -5.81
N GLN C 74 -24.33 -36.62 -6.65
CA GLN C 74 -23.36 -35.57 -6.32
C GLN C 74 -24.03 -34.32 -5.80
N PHE C 75 -25.26 -34.08 -6.21
CA PHE C 75 -25.93 -32.83 -5.85
C PHE C 75 -27.10 -33.03 -4.94
N ARG C 76 -27.03 -32.42 -3.77
CA ARG C 76 -28.07 -32.45 -2.76
C ARG C 76 -29.32 -31.83 -3.36
N LYS C 77 -29.12 -30.77 -4.12
CA LYS C 77 -30.23 -30.02 -4.63
C LYS C 77 -29.82 -29.21 -5.83
N MET C 78 -30.63 -29.30 -6.87
CA MET C 78 -30.49 -28.54 -8.10
C MET C 78 -31.78 -27.81 -8.33
N HIS C 79 -31.73 -26.49 -8.15
CA HIS C 79 -32.92 -25.69 -8.07
C HIS C 79 -32.96 -24.68 -9.22
N LEU C 80 -34.08 -24.71 -9.95
CA LEU C 80 -34.38 -23.74 -10.94
C LEU C 80 -35.67 -23.03 -10.52
N GLU C 81 -35.58 -21.71 -10.37
CA GLU C 81 -36.71 -20.93 -9.96
C GLU C 81 -36.96 -19.94 -11.05
N LEU C 82 -38.22 -19.84 -11.45
CA LEU C 82 -38.68 -18.79 -12.38
C LEU C 82 -39.70 -17.94 -11.73
N ALA C 83 -39.60 -16.64 -11.88
CA ALA C 83 -40.60 -15.79 -11.28
C ALA C 83 -40.99 -14.61 -12.16
N LYS C 84 -42.24 -14.18 -12.00
CA LYS C 84 -42.83 -13.15 -12.81
C LYS C 84 -43.78 -12.31 -11.96
N VAL C 85 -43.65 -11.00 -12.07
CA VAL C 85 -44.58 -10.05 -11.49
C VAL C 85 -45.13 -9.20 -12.65
N GLY C 86 -46.39 -9.44 -13.01
CA GLY C 86 -47.01 -8.83 -14.19
C GLY C 86 -46.01 -8.70 -15.32
N ASN C 87 -45.85 -7.47 -15.83
CA ASN C 87 -44.84 -7.15 -16.83
C ASN C 87 -43.69 -6.30 -16.26
N MET C 88 -43.68 -6.13 -14.95
CA MET C 88 -42.67 -5.35 -14.25
C MET C 88 -41.34 -6.09 -14.02
N LEU C 89 -41.42 -7.40 -13.84
CA LEU C 89 -40.30 -8.12 -13.25
C LEU C 89 -40.27 -9.58 -13.69
N ASP C 90 -39.14 -10.00 -14.24
CA ASP C 90 -38.90 -11.39 -14.63
C ASP C 90 -37.64 -11.84 -13.94
N ILE C 91 -37.66 -13.03 -13.36
CA ILE C 91 -36.51 -13.54 -12.65
C ILE C 91 -36.24 -14.98 -12.98
N LEU C 92 -34.98 -15.30 -13.25
CA LEU C 92 -34.52 -16.69 -13.22
C LEU C 92 -33.43 -16.79 -12.19
N HIS C 93 -33.53 -17.81 -11.36
CA HIS C 93 -32.52 -18.06 -10.37
C HIS C 93 -32.19 -19.52 -10.40
N CYS C 94 -30.90 -19.85 -10.39
CA CYS C 94 -30.50 -21.26 -10.44
C CYS C 94 -29.36 -21.49 -9.51
N VAL C 95 -29.45 -22.53 -8.69
CA VAL C 95 -28.34 -22.94 -7.84
C VAL C 95 -28.23 -24.46 -7.80
N MET C 96 -26.99 -24.93 -7.80
CA MET C 96 -26.73 -26.35 -7.59
C MET C 96 -25.90 -26.49 -6.31
N PHE C 97 -26.42 -27.25 -5.34
CA PHE C 97 -25.75 -27.49 -4.08
C PHE C 97 -25.20 -28.89 -4.10
N PRO C 98 -23.87 -29.03 -4.09
CA PRO C 98 -23.29 -30.37 -4.03
C PRO C 98 -23.48 -31.00 -2.68
N ARG C 99 -23.56 -32.34 -2.64
CA ARG C 99 -23.46 -33.04 -1.37
C ARG C 99 -22.09 -32.76 -0.76
N PRO C 100 -22.04 -32.53 0.54
CA PRO C 100 -20.76 -32.06 1.11
C PRO C 100 -19.64 -33.12 1.12
N GLU C 101 -19.96 -34.34 0.71
CA GLU C 101 -18.90 -35.35 0.50
C GLU C 101 -18.05 -35.08 -0.74
N TYR C 102 -18.50 -34.16 -1.59
CA TYR C 102 -17.78 -33.87 -2.84
C TYR C 102 -17.17 -32.48 -2.88
N ASP C 103 -15.95 -32.42 -3.38
CA ASP C 103 -15.22 -31.18 -3.50
C ASP C 103 -15.61 -30.40 -4.77
N LEU C 104 -16.81 -29.84 -4.78
CA LEU C 104 -17.36 -29.21 -5.93
C LEU C 104 -17.83 -27.82 -5.55
N PRO C 105 -17.56 -26.85 -6.42
CA PRO C 105 -17.99 -25.51 -6.16
C PRO C 105 -19.52 -25.42 -6.37
N MET C 106 -20.07 -24.24 -6.08
CA MET C 106 -21.50 -23.98 -6.17
C MET C 106 -21.72 -23.30 -7.48
N PHE C 107 -22.46 -23.95 -8.37
CA PHE C 107 -22.94 -23.23 -9.53
C PHE C 107 -24.15 -22.35 -9.18
N GLY C 108 -24.10 -21.09 -9.59
CA GLY C 108 -25.27 -20.23 -9.50
C GLY C 108 -25.41 -19.31 -10.70
N CYS C 109 -26.64 -19.08 -11.13
CA CYS C 109 -26.88 -17.97 -12.02
C CYS C 109 -28.20 -17.31 -11.80
N ASP C 110 -28.22 -16.01 -12.09
CA ASP C 110 -29.39 -15.19 -11.88
C ASP C 110 -29.57 -14.26 -13.04
N LEU C 111 -30.83 -14.11 -13.42
CA LEU C 111 -31.22 -13.18 -14.46
C LEU C 111 -32.35 -12.35 -13.87
N VAL C 112 -32.28 -11.05 -14.03
CA VAL C 112 -33.33 -10.14 -13.58
C VAL C 112 -33.66 -9.20 -14.73
N GLY C 113 -34.95 -9.12 -15.03
CA GLY C 113 -35.41 -8.30 -16.11
C GLY C 113 -36.75 -7.71 -15.79
N GLY C 114 -37.39 -7.21 -16.83
CA GLY C 114 -38.64 -6.49 -16.69
C GLY C 114 -38.77 -5.67 -17.94
N ARG C 115 -39.98 -5.74 -18.53
CA ARG C 115 -40.38 -4.94 -19.69
C ARG C 115 -39.37 -4.99 -20.85
N GLY C 116 -39.12 -6.20 -21.34
CA GLY C 116 -38.32 -6.41 -22.54
C GLY C 116 -36.84 -6.11 -22.38
N GLN C 117 -36.36 -6.09 -21.12
CA GLN C 117 -34.95 -5.84 -20.87
C GLN C 117 -34.35 -6.73 -19.81
N ILE C 118 -33.05 -6.92 -19.91
CA ILE C 118 -32.37 -7.56 -18.83
C ILE C 118 -31.45 -6.61 -18.13
N SER C 119 -31.77 -6.29 -16.88
CA SER C 119 -30.95 -5.36 -16.13
C SER C 119 -29.72 -6.00 -15.46
N ALA C 120 -29.78 -7.28 -15.15
CA ALA C 120 -28.68 -7.96 -14.46
C ALA C 120 -28.59 -9.44 -14.81
N ALA C 121 -27.37 -9.86 -15.11
CA ALA C 121 -27.10 -11.28 -15.35
C ALA C 121 -25.82 -11.66 -14.61
N ILE C 122 -25.90 -12.71 -13.79
CA ILE C 122 -24.72 -13.15 -13.08
C ILE C 122 -24.60 -14.65 -13.13
N ALA C 123 -23.38 -15.14 -13.22
CA ALA C 123 -23.15 -16.55 -13.23
C ALA C 123 -21.77 -16.89 -12.64
N ASP C 124 -21.73 -17.95 -11.86
CA ASP C 124 -20.50 -18.28 -11.20
C ASP C 124 -20.41 -19.73 -10.79
N LEU C 125 -19.17 -20.17 -10.66
CA LEU C 125 -18.86 -21.38 -9.95
C LEU C 125 -18.12 -20.90 -8.70
N SER C 126 -18.85 -20.75 -7.60
CA SER C 126 -18.31 -20.13 -6.38
C SER C 126 -17.61 -21.14 -5.50
N PRO C 127 -16.45 -20.79 -4.98
CA PRO C 127 -15.61 -21.76 -4.29
C PRO C 127 -16.19 -22.28 -2.98
N VAL C 128 -15.95 -23.55 -2.64
CA VAL C 128 -16.27 -24.04 -1.31
C VAL C 128 -15.03 -24.16 -0.43
N HIS C 129 -13.84 -24.09 -1.02
CA HIS C 129 -12.65 -24.04 -0.20
C HIS C 129 -12.64 -22.62 0.42
N LEU C 130 -12.18 -22.52 1.67
CA LEU C 130 -12.23 -21.24 2.37
C LEU C 130 -11.18 -20.26 1.86
N ASP C 131 -10.16 -20.79 1.18
CA ASP C 131 -9.10 -19.97 0.57
C ASP C 131 -9.54 -19.43 -0.80
N ARG C 132 -10.78 -19.72 -1.19
CA ARG C 132 -11.39 -19.14 -2.38
C ARG C 132 -10.97 -19.79 -3.69
N THR C 133 -10.20 -20.85 -3.62
CA THR C 133 -9.80 -21.51 -4.86
C THR C 133 -10.80 -22.59 -5.25
N LEU C 134 -10.90 -22.76 -6.56
CA LEU C 134 -11.55 -23.88 -7.15
C LEU C 134 -10.55 -25.02 -7.24
N PRO C 135 -11.05 -26.24 -7.40
CA PRO C 135 -10.13 -27.37 -7.74
C PRO C 135 -9.36 -27.11 -9.05
N GLU C 136 -8.23 -27.76 -9.22
CA GLU C 136 -7.36 -27.47 -10.34
C GLU C 136 -7.95 -27.80 -11.70
N SER C 137 -8.66 -28.92 -11.82
CA SER C 137 -9.32 -29.21 -13.08
C SER C 137 -10.28 -28.06 -13.49
N TYR C 138 -10.91 -27.39 -12.52
CA TYR C 138 -11.77 -26.24 -12.85
C TYR C 138 -10.94 -25.06 -13.35
N ASN C 139 -9.85 -24.76 -12.63
CA ASN C 139 -8.95 -23.72 -13.05
C ASN C 139 -8.44 -23.89 -14.48
N SER C 140 -7.98 -25.07 -14.85
CA SER C 140 -7.49 -25.23 -16.21
C SER C 140 -8.58 -25.01 -17.21
N ALA C 141 -9.73 -25.64 -16.96
CA ALA C 141 -10.83 -25.58 -17.91
C ALA C 141 -11.32 -24.16 -18.07
N LEU C 142 -11.41 -23.43 -16.97
CA LEU C 142 -11.98 -22.10 -17.03
C LEU C 142 -11.02 -21.07 -17.60
N THR C 143 -9.72 -21.25 -17.35
CA THR C 143 -8.75 -20.33 -17.94
C THR C 143 -8.63 -20.61 -19.47
N SER C 144 -9.03 -21.82 -19.90
CA SER C 144 -9.11 -22.17 -21.33
C SER C 144 -10.13 -21.35 -22.16
N LEU C 145 -11.20 -20.89 -21.52
CA LEU C 145 -12.29 -20.26 -22.27
C LEU C 145 -11.92 -18.84 -22.78
N ASN C 146 -12.48 -18.47 -23.93
CA ASN C 146 -12.21 -17.17 -24.55
C ASN C 146 -12.54 -16.01 -23.62
N THR C 147 -11.70 -14.98 -23.64
CA THR C 147 -12.01 -13.80 -22.88
C THR C 147 -13.23 -13.10 -23.52
N LEU C 148 -14.26 -12.92 -22.72
CA LEU C 148 -15.50 -12.31 -23.18
C LEU C 148 -15.48 -10.81 -22.91
N ASN C 149 -15.94 -10.03 -23.89
CA ASN C 149 -15.87 -8.60 -23.83
C ASN C 149 -17.22 -7.89 -23.67
N PHE C 150 -17.72 -7.81 -22.45
CA PHE C 150 -18.99 -7.11 -22.20
C PHE C 150 -18.80 -5.61 -22.07
N SER C 151 -19.80 -4.86 -22.53
CA SER C 151 -19.78 -3.39 -22.53
C SER C 151 -20.19 -2.74 -21.21
N GLN C 152 -21.12 -3.36 -20.50
CA GLN C 152 -21.52 -2.95 -19.14
C GLN C 152 -21.25 -4.07 -18.12
N PRO C 153 -19.97 -4.33 -17.79
CA PRO C 153 -19.78 -5.17 -16.61
C PRO C 153 -20.28 -4.45 -15.36
N ARG C 154 -20.52 -5.21 -14.31
CA ARG C 154 -21.00 -4.63 -13.07
C ARG C 154 -20.10 -5.00 -11.93
N GLU C 155 -20.04 -4.15 -10.92
CA GLU C 155 -19.15 -4.38 -9.81
C GLU C 155 -19.86 -5.24 -8.77
N LEU C 156 -19.15 -6.26 -8.30
CA LEU C 156 -19.68 -7.13 -7.27
C LEU C 156 -19.82 -6.36 -5.97
N PRO C 157 -20.96 -6.58 -5.25
CA PRO C 157 -21.23 -6.08 -3.89
C PRO C 157 -20.13 -6.43 -2.88
N GLU C 158 -20.07 -5.72 -1.74
CA GLU C 158 -19.01 -6.05 -0.77
C GLU C 158 -19.16 -7.42 -0.04
N TRP C 159 -20.32 -8.08 -0.15
CA TRP C 159 -20.49 -9.47 0.33
C TRP C 159 -20.16 -10.53 -0.73
N GLY C 160 -19.74 -10.06 -1.91
CA GLY C 160 -19.33 -10.93 -2.99
C GLY C 160 -17.87 -11.43 -3.06
N ASN C 161 -17.14 -11.47 -1.94
CA ASN C 161 -15.95 -12.33 -1.90
C ASN C 161 -16.29 -13.83 -1.98
N ILE C 162 -17.58 -14.18 -1.94
CA ILE C 162 -18.03 -15.56 -2.08
C ILE C 162 -17.94 -16.04 -3.53
N PHE C 163 -17.82 -15.08 -4.44
CA PHE C 163 -17.70 -15.38 -5.85
C PHE C 163 -16.28 -15.61 -6.27
N SER C 164 -16.09 -16.49 -7.26
CA SER C 164 -14.77 -16.78 -7.79
C SER C 164 -14.30 -15.68 -8.72
N ASP C 165 -13.03 -15.77 -9.12
CA ASP C 165 -12.44 -14.87 -10.10
C ASP C 165 -13.00 -15.03 -11.51
N PHE C 166 -13.71 -16.12 -11.76
CA PHE C 166 -14.36 -16.35 -13.05
C PHE C 166 -15.79 -15.80 -13.14
N CYS C 167 -16.28 -15.27 -12.00
CA CYS C 167 -17.62 -14.76 -11.95
C CYS C 167 -17.94 -13.76 -13.06
N ILE C 168 -19.11 -13.90 -13.64
CA ILE C 168 -19.56 -12.95 -14.64
C ILE C 168 -20.78 -12.17 -14.14
N PHE C 169 -20.64 -10.85 -14.13
CA PHE C 169 -21.71 -9.98 -13.68
C PHE C 169 -21.89 -8.79 -14.59
N VAL C 170 -22.92 -8.82 -15.41
CA VAL C 170 -23.08 -7.82 -16.47
C VAL C 170 -24.52 -7.38 -16.60
N ARG C 171 -24.70 -6.27 -17.31
CA ARG C 171 -25.96 -5.85 -17.85
C ARG C 171 -25.82 -5.97 -19.38
N PRO C 172 -26.41 -7.03 -19.99
CA PRO C 172 -26.31 -7.25 -21.44
C PRO C 172 -26.99 -6.12 -22.22
N SER C 173 -26.25 -5.50 -23.14
CA SER C 173 -26.76 -4.35 -23.89
C SER C 173 -27.37 -4.74 -25.21
N SER C 174 -26.83 -5.77 -25.83
CA SER C 174 -27.32 -6.28 -27.10
C SER C 174 -27.77 -7.73 -26.94
N PRO C 175 -28.51 -8.26 -27.94
CA PRO C 175 -28.77 -9.68 -28.02
C PRO C 175 -27.51 -10.50 -28.28
N GLU C 176 -26.47 -9.88 -28.84
CA GLU C 176 -25.17 -10.55 -29.00
C GLU C 176 -24.60 -10.84 -27.62
N GLU C 177 -24.71 -9.86 -26.72
CA GLU C 177 -24.23 -10.04 -25.34
C GLU C 177 -25.05 -11.06 -24.59
N GLU C 178 -26.35 -11.05 -24.83
CA GLU C 178 -27.24 -12.05 -24.27
C GLU C 178 -26.81 -13.45 -24.65
N ALA C 179 -26.45 -13.64 -25.90
CA ALA C 179 -26.00 -14.93 -26.36
C ALA C 179 -24.64 -15.27 -25.80
N MET C 180 -23.76 -14.29 -25.68
CA MET C 180 -22.44 -14.50 -25.10
C MET C 180 -22.57 -15.01 -23.69
N PHE C 181 -23.49 -14.41 -22.96
CA PHE C 181 -23.77 -14.77 -21.60
C PHE C 181 -24.34 -16.18 -21.50
N LEU C 182 -25.38 -16.46 -22.28
CA LEU C 182 -25.88 -17.82 -22.34
C LEU C 182 -24.82 -18.87 -22.73
N GLY C 183 -23.97 -18.55 -23.68
CA GLY C 183 -22.89 -19.46 -24.06
C GLY C 183 -21.93 -19.75 -22.92
N ARG C 184 -21.64 -18.72 -22.12
CA ARG C 184 -20.67 -18.88 -21.06
C ARG C 184 -21.25 -19.66 -19.90
N VAL C 185 -22.51 -19.40 -19.56
CA VAL C 185 -23.22 -20.21 -18.58
C VAL C 185 -23.15 -21.69 -18.95
N ARG C 186 -23.46 -21.99 -20.21
CA ARG C 186 -23.43 -23.35 -20.73
C ARG C 186 -22.04 -23.98 -20.59
N GLU C 187 -20.98 -23.22 -20.90
CA GLU C 187 -19.62 -23.71 -20.66
C GLU C 187 -19.34 -24.00 -19.18
N PHE C 188 -19.84 -23.16 -18.28
CA PHE C 188 -19.67 -23.39 -16.85
C PHE C 188 -20.32 -24.72 -16.50
N LEU C 189 -21.52 -24.91 -17.02
CA LEU C 189 -22.28 -26.08 -16.68
C LEU C 189 -21.62 -27.35 -17.17
N GLN C 190 -21.03 -27.28 -18.36
CA GLN C 190 -20.38 -28.48 -18.89
C GLN C 190 -19.14 -28.84 -18.11
N VAL C 191 -18.38 -27.82 -17.73
CA VAL C 191 -17.21 -28.04 -16.96
C VAL C 191 -17.65 -28.63 -15.62
N HIS C 192 -18.69 -28.02 -15.02
CA HIS C 192 -19.16 -28.44 -13.72
C HIS C 192 -19.73 -29.87 -13.75
N CYS C 193 -20.44 -30.21 -14.80
CA CYS C 193 -20.96 -31.57 -14.89
C CYS C 193 -19.89 -32.63 -15.04
N GLN C 194 -18.82 -32.30 -15.76
CA GLN C 194 -17.66 -33.18 -15.89
C GLN C 194 -16.97 -33.30 -14.54
N GLY C 195 -16.85 -32.18 -13.84
CA GLY C 195 -16.26 -32.16 -12.51
C GLY C 195 -17.05 -33.10 -11.64
N ALA C 196 -18.38 -33.01 -11.70
CA ALA C 196 -19.25 -33.79 -10.82
C ALA C 196 -19.10 -35.28 -11.04
N ILE C 197 -19.07 -35.67 -12.31
CA ILE C 197 -18.99 -37.07 -12.68
C ILE C 197 -17.65 -37.68 -12.28
N ALA C 198 -16.57 -36.90 -12.41
CA ALA C 198 -15.21 -37.28 -12.00
C ALA C 198 -14.91 -37.33 -10.48
N ALA C 199 -15.80 -36.77 -9.66
CA ALA C 199 -15.49 -36.52 -8.26
C ALA C 199 -15.63 -37.74 -7.38
N SER C 200 -14.70 -37.89 -6.45
CA SER C 200 -14.81 -38.97 -5.47
C SER C 200 -15.10 -38.39 -4.13
N PRO C 201 -15.80 -39.18 -3.32
CA PRO C 201 -16.04 -38.83 -1.92
C PRO C 201 -14.75 -38.34 -1.25
N VAL C 202 -14.85 -37.37 -0.35
CA VAL C 202 -13.64 -36.91 0.34
C VAL C 202 -13.50 -37.42 1.78
N SER C 203 -12.31 -37.24 2.36
CA SER C 203 -12.03 -37.56 3.78
C SER C 203 -12.93 -36.74 4.72
N ALA C 204 -13.03 -37.18 5.97
CA ALA C 204 -13.83 -36.48 6.99
C ALA C 204 -13.34 -35.05 7.25
N GLU C 205 -12.03 -34.83 7.08
CA GLU C 205 -11.37 -33.54 7.32
C GLU C 205 -11.65 -32.54 6.18
N GLN C 206 -11.59 -33.01 4.95
CA GLN C 206 -11.94 -32.21 3.79
C GLN C 206 -13.42 -31.82 3.86
N LYS C 207 -14.24 -32.68 4.42
CA LYS C 207 -15.68 -32.42 4.49
C LYS C 207 -16.05 -31.22 5.38
N GLN C 208 -15.47 -31.09 6.58
CA GLN C 208 -15.71 -29.90 7.41
C GLN C 208 -15.41 -28.63 6.66
N GLN C 209 -14.33 -28.63 5.86
CA GLN C 209 -13.89 -27.45 5.10
C GLN C 209 -14.94 -27.10 4.09
N ILE C 210 -15.52 -28.14 3.50
CA ILE C 210 -16.51 -28.03 2.43
C ILE C 210 -17.82 -27.58 3.00
N LEU C 211 -18.23 -28.22 4.06
CA LEU C 211 -19.42 -27.83 4.78
C LEU C 211 -19.32 -26.35 5.19
N ALA C 212 -18.17 -25.96 5.72
CA ALA C 212 -18.02 -24.59 6.14
C ALA C 212 -18.15 -23.62 4.94
N GLY C 213 -17.53 -23.99 3.81
CA GLY C 213 -17.58 -23.21 2.58
C GLY C 213 -19.00 -23.01 2.06
N GLN C 214 -19.80 -24.09 2.04
CA GLN C 214 -21.22 -23.94 1.70
C GLN C 214 -22.00 -23.11 2.70
N HIS C 215 -21.74 -23.34 3.98
CA HIS C 215 -22.40 -22.58 5.03
C HIS C 215 -22.22 -21.11 4.78
N ASN C 216 -20.97 -20.74 4.51
CA ASN C 216 -20.62 -19.36 4.29
C ASN C 216 -21.33 -18.81 3.07
N TYR C 217 -21.30 -19.57 2.00
CA TYR C 217 -21.99 -19.17 0.78
C TYR C 217 -23.51 -18.97 0.94
N CYS C 218 -24.17 -19.86 1.64
CA CYS C 218 -25.59 -19.74 1.84
C CYS C 218 -25.96 -18.63 2.83
N SER C 219 -25.17 -18.42 3.90
CA SER C 219 -25.55 -17.36 4.82
C SER C 219 -25.40 -16.00 4.15
N LYS C 220 -24.33 -15.81 3.38
CA LYS C 220 -24.13 -14.52 2.68
C LYS C 220 -25.24 -14.25 1.71
N GLN C 221 -25.61 -15.26 0.95
CA GLN C 221 -26.72 -15.17 0.01
C GLN C 221 -28.07 -14.89 0.71
N GLN C 222 -28.34 -15.52 1.84
CA GLN C 222 -29.55 -15.23 2.58
C GLN C 222 -29.54 -13.76 3.01
N GLN C 223 -28.43 -13.33 3.61
CA GLN C 223 -28.32 -11.98 4.15
C GLN C 223 -28.50 -10.93 3.08
N ASN C 224 -28.28 -11.29 1.83
CA ASN C 224 -28.03 -10.26 0.84
C ASN C 224 -28.84 -10.35 -0.46
N ASP C 225 -29.37 -11.52 -0.79
CA ASP C 225 -30.14 -11.64 -2.03
C ASP C 225 -31.31 -10.67 -1.99
N LYS C 226 -31.51 -9.98 -3.12
CA LYS C 226 -32.54 -8.92 -3.25
C LYS C 226 -33.97 -9.39 -3.54
N THR C 227 -34.12 -10.67 -3.87
CA THR C 227 -35.46 -11.17 -4.12
C THR C 227 -36.30 -11.12 -2.83
N ARG C 228 -35.61 -11.11 -1.68
CA ARG C 228 -36.22 -10.94 -0.37
C ARG C 228 -37.29 -9.82 -0.34
N ARG C 229 -36.88 -8.64 -0.79
CA ARG C 229 -37.69 -7.46 -0.70
C ARG C 229 -38.97 -7.65 -1.51
N VAL C 230 -38.84 -8.23 -2.70
CA VAL C 230 -39.98 -8.64 -3.53
C VAL C 230 -40.89 -9.62 -2.78
N LEU C 231 -40.30 -10.63 -2.16
CA LEU C 231 -41.09 -11.60 -1.40
C LEU C 231 -41.79 -11.01 -0.19
N GLU C 232 -41.12 -10.10 0.53
CA GLU C 232 -41.71 -9.45 1.70
C GLU C 232 -42.96 -8.71 1.29
N LYS C 233 -42.86 -7.97 0.18
CA LYS C 233 -43.96 -7.14 -0.30
C LYS C 233 -45.11 -7.98 -0.79
N ALA C 234 -44.79 -9.15 -1.31
CA ALA C 234 -45.79 -10.11 -1.74
C ALA C 234 -46.49 -10.88 -0.62
N PHE C 235 -45.74 -11.30 0.41
CA PHE C 235 -46.30 -12.24 1.40
C PHE C 235 -45.99 -11.93 2.85
N GLY C 236 -45.24 -10.88 3.11
CA GLY C 236 -44.90 -10.54 4.50
C GLY C 236 -43.49 -11.01 4.81
N VAL C 237 -42.96 -10.45 5.88
CA VAL C 237 -41.58 -10.65 6.30
C VAL C 237 -41.23 -12.12 6.65
N ASP C 238 -42.10 -12.78 7.40
CA ASP C 238 -41.79 -14.15 7.85
C ASP C 238 -41.83 -15.17 6.74
N TRP C 239 -42.82 -15.04 5.88
CA TRP C 239 -42.94 -15.88 4.71
C TRP C 239 -41.64 -15.77 3.87
N ALA C 240 -41.27 -14.54 3.55
CA ALA C 240 -40.02 -14.26 2.88
C ALA C 240 -38.78 -14.84 3.60
N GLU C 241 -38.72 -14.70 4.93
CA GLU C 241 -37.60 -15.23 5.68
C GLU C 241 -37.54 -16.74 5.51
N ASN C 242 -38.68 -17.40 5.67
CA ASN C 242 -38.78 -18.83 5.56
C ASN C 242 -38.41 -19.35 4.17
N TYR C 243 -38.71 -18.55 3.17
CA TYR C 243 -38.47 -18.94 1.80
C TYR C 243 -36.96 -18.86 1.50
N MET C 244 -36.34 -17.77 1.96
CA MET C 244 -34.89 -17.62 1.85
C MET C 244 -34.09 -18.73 2.51
N THR C 245 -34.54 -19.19 3.66
CA THR C 245 -33.74 -20.10 4.44
C THR C 245 -34.08 -21.56 4.18
N THR C 246 -35.23 -21.85 3.58
CA THR C 246 -35.60 -23.24 3.38
C THR C 246 -35.76 -23.59 1.94
N VAL C 247 -35.88 -22.60 1.04
CA VAL C 247 -36.04 -22.89 -0.39
C VAL C 247 -34.85 -22.47 -1.23
N LEU C 248 -34.43 -21.22 -1.09
CA LEU C 248 -33.40 -20.66 -1.92
C LEU C 248 -31.98 -20.99 -1.41
N PHE C 249 -31.70 -20.77 -0.16
CA PHE C 249 -30.35 -20.97 0.28
C PHE C 249 -30.33 -21.72 1.60
N ASP C 250 -30.87 -22.93 1.61
CA ASP C 250 -30.95 -23.70 2.83
C ASP C 250 -29.55 -24.19 3.21
N LEU C 251 -29.23 -24.10 4.50
CA LEU C 251 -27.97 -24.60 5.03
C LEU C 251 -27.81 -26.12 4.82
N PRO C 252 -26.59 -26.52 4.39
CA PRO C 252 -26.24 -27.90 3.96
C PRO C 252 -26.77 -29.04 4.83
N GLU C 253 -26.56 -28.94 6.15
CA GLU C 253 -27.02 -29.97 7.08
C GLU C 253 -27.86 -29.31 8.16
N PRO D 6 8.01 15.00 12.86
CA PRO D 6 8.01 15.52 14.21
C PRO D 6 8.09 17.07 14.17
N GLU D 7 7.19 17.71 14.92
CA GLU D 7 7.11 19.16 15.12
C GLU D 7 6.24 19.37 16.35
N PHE D 8 6.69 20.20 17.27
CA PHE D 8 6.31 20.04 18.67
C PHE D 8 4.84 20.34 18.98
N ILE D 9 4.17 19.40 19.66
CA ILE D 9 2.75 19.52 20.07
C ILE D 9 2.56 19.31 21.55
N SER D 10 1.85 20.28 22.13
CA SER D 10 1.84 20.56 23.56
C SER D 10 0.45 20.90 23.98
N LEU D 11 -0.29 19.92 24.47
CA LEU D 11 -1.64 20.25 24.93
C LEU D 11 -1.67 20.39 26.45
N THR D 12 -2.54 21.28 26.95
CA THR D 12 -2.65 21.44 28.36
C THR D 12 -3.74 20.49 28.78
N SER D 13 -3.43 19.73 29.80
CA SER D 13 -4.41 18.83 30.31
C SER D 13 -4.83 19.37 31.67
N ILE D 14 -6.13 19.47 31.86
CA ILE D 14 -6.73 19.91 33.12
C ILE D 14 -7.74 18.85 33.54
N PRO D 15 -8.11 18.85 34.83
CA PRO D 15 -9.13 17.89 35.20
C PRO D 15 -10.48 18.12 34.51
N SER D 16 -11.17 17.04 34.31
CA SER D 16 -12.46 17.06 33.76
C SER D 16 -13.45 17.74 34.66
N LEU D 17 -14.35 18.46 34.00
CA LEU D 17 -15.45 19.12 34.65
C LEU D 17 -16.23 18.18 35.57
N ARG D 18 -16.27 16.89 35.22
CA ARG D 18 -17.04 15.90 35.95
C ARG D 18 -16.66 15.78 37.44
N GLU D 19 -15.46 16.22 37.82
CA GLU D 19 -15.08 16.21 39.22
C GLU D 19 -15.85 17.26 40.01
N GLN D 20 -16.37 18.30 39.35
CA GLN D 20 -17.11 19.36 40.04
C GLN D 20 -18.59 19.09 39.99
N GLN D 21 -18.99 17.95 39.45
CA GLN D 21 -20.40 17.75 39.18
C GLN D 21 -21.07 16.74 40.11
N HIS D 22 -22.40 16.73 40.11
CA HIS D 22 -23.18 15.74 40.87
C HIS D 22 -22.53 14.35 40.67
N PRO D 23 -22.43 13.57 41.73
CA PRO D 23 -21.78 12.26 41.71
C PRO D 23 -22.35 11.29 40.73
N LEU D 24 -23.65 11.35 40.49
CA LEU D 24 -24.25 10.44 39.52
C LEU D 24 -23.82 10.79 38.11
N ILE D 25 -23.66 12.08 37.84
CA ILE D 25 -23.10 12.53 36.56
C ILE D 25 -21.67 12.01 36.34
N ARG D 26 -20.83 12.19 37.35
CA ARG D 26 -19.49 11.66 37.34
C ARG D 26 -19.48 10.14 37.09
N GLN D 27 -20.33 9.41 37.79
CA GLN D 27 -20.34 7.97 37.67
C GLN D 27 -20.84 7.55 36.30
N LEU D 28 -21.87 8.21 35.83
CA LEU D 28 -22.33 7.95 34.49
C LEU D 28 -21.34 8.26 33.37
N ALA D 29 -20.67 9.41 33.44
CA ALA D 29 -19.66 9.73 32.43
C ALA D 29 -18.57 8.64 32.43
N ASP D 30 -18.04 8.29 33.60
CA ASP D 30 -16.95 7.34 33.68
C ASP D 30 -17.37 6.00 33.16
N CYS D 31 -18.62 5.64 33.46
CA CYS D 31 -19.16 4.39 33.06
C CYS D 31 -19.41 4.28 31.57
N ILE D 32 -20.02 5.29 30.96
CA ILE D 32 -20.15 5.36 29.49
C ILE D 32 -18.78 5.22 28.77
N GLU D 33 -17.79 5.96 29.25
CA GLU D 33 -16.49 5.95 28.59
C GLU D 33 -15.82 4.62 28.80
N GLU D 34 -16.00 4.04 29.98
CA GLU D 34 -15.36 2.78 30.25
C GLU D 34 -15.93 1.71 29.31
N VAL D 35 -17.23 1.68 29.10
CA VAL D 35 -17.82 0.66 28.22
C VAL D 35 -17.39 0.89 26.79
N TRP D 36 -17.36 2.14 26.35
CA TRP D 36 -16.90 2.45 25.00
C TRP D 36 -15.54 1.89 24.78
N HIS D 37 -14.66 2.11 25.73
CA HIS D 37 -13.27 1.70 25.57
C HIS D 37 -13.07 0.21 25.64
N GLN D 38 -13.92 -0.42 26.42
CA GLN D 38 -13.82 -1.84 26.62
C GLN D 38 -14.26 -2.63 25.39
N HIS D 39 -15.28 -2.15 24.68
CA HIS D 39 -15.85 -2.96 23.61
C HIS D 39 -15.58 -2.44 22.23
N LEU D 40 -15.31 -1.15 22.10
CA LEU D 40 -15.27 -0.56 20.80
C LEU D 40 -13.86 -0.12 20.43
N ASP D 41 -13.62 0.08 19.13
CA ASP D 41 -12.36 0.57 18.64
C ASP D 41 -12.38 2.08 18.39
N LEU D 42 -12.00 2.84 19.39
CA LEU D 42 -12.18 4.30 19.43
C LEU D 42 -11.14 5.15 18.74
N SER D 43 -11.57 6.08 17.90
CA SER D 43 -10.68 7.11 17.38
C SER D 43 -11.30 8.45 17.72
N PRO D 44 -10.46 9.46 17.78
CA PRO D 44 -10.97 10.79 18.06
C PRO D 44 -11.87 11.32 16.93
N TYR D 45 -12.82 12.15 17.35
CA TYR D 45 -13.66 12.88 16.45
C TYR D 45 -13.48 14.35 16.80
N HIS D 46 -13.10 15.14 15.82
CA HIS D 46 -12.77 16.51 16.14
C HIS D 46 -13.86 17.51 15.77
N LEU D 47 -14.14 18.34 16.77
CA LEU D 47 -14.99 19.48 16.63
C LEU D 47 -14.04 20.63 16.45
N PRO D 48 -14.53 21.75 15.91
CA PRO D 48 -13.78 23.03 16.03
C PRO D 48 -13.24 23.22 17.47
N ALA D 49 -11.95 23.54 17.61
CA ALA D 49 -11.30 23.62 18.94
C ALA D 49 -12.07 24.58 19.84
N GLU D 50 -12.72 25.55 19.20
CA GLU D 50 -13.54 26.51 19.89
C GLU D 50 -14.70 25.82 20.61
N LEU D 51 -14.95 24.55 20.29
CA LEU D 51 -16.16 23.88 20.81
C LEU D 51 -15.92 22.69 21.72
N GLY D 52 -14.67 22.26 21.82
CA GLY D 52 -14.28 21.18 22.72
C GLY D 52 -14.39 21.55 24.18
N TYR D 53 -14.14 22.83 24.45
CA TYR D 53 -14.21 23.36 25.80
C TYR D 53 -14.76 24.80 25.74
N VAL D 54 -15.92 25.02 26.34
CA VAL D 54 -16.59 26.32 26.19
C VAL D 54 -16.81 26.99 27.53
N GLU D 55 -16.46 28.27 27.61
CA GLU D 55 -16.64 29.04 28.84
C GLU D 55 -17.48 30.26 28.57
N GLY D 56 -18.44 30.50 29.44
CA GLY D 56 -19.25 31.71 29.39
C GLY D 56 -19.79 32.09 30.77
N ARG D 57 -20.79 32.96 30.75
CA ARG D 57 -21.35 33.52 31.96
C ARG D 57 -22.85 33.61 31.84
N LEU D 58 -23.54 33.32 32.92
CA LEU D 58 -24.99 33.36 32.91
C LEU D 58 -25.43 33.78 34.31
N GLU D 59 -26.08 34.96 34.40
CA GLU D 59 -26.52 35.51 35.69
C GLU D 59 -25.36 35.65 36.67
N GLY D 60 -24.20 36.07 36.17
CA GLY D 60 -22.99 36.11 36.98
C GLY D 60 -22.30 34.76 37.17
N GLU D 61 -23.02 33.66 36.93
CA GLU D 61 -22.46 32.32 37.21
C GLU D 61 -21.59 31.86 36.06
N LYS D 62 -20.54 31.09 36.36
CA LYS D 62 -19.69 30.50 35.31
C LYS D 62 -20.38 29.37 34.55
N LEU D 63 -20.32 29.43 33.23
CA LEU D 63 -20.84 28.36 32.41
C LEU D 63 -19.68 27.63 31.76
N THR D 64 -19.69 26.30 31.86
CA THR D 64 -18.62 25.49 31.30
C THR D 64 -19.27 24.33 30.57
N ILE D 65 -18.80 24.07 29.35
CA ILE D 65 -19.21 22.93 28.61
C ILE D 65 -17.97 22.22 28.12
N GLU D 66 -17.93 20.93 28.39
CA GLU D 66 -16.81 20.07 28.02
C GLU D 66 -17.41 19.02 27.09
N ASN D 67 -16.84 18.94 25.89
CA ASN D 67 -17.33 18.06 24.83
C ASN D 67 -16.27 17.03 24.49
N ARG D 68 -16.69 15.79 24.45
CA ARG D 68 -15.77 14.74 24.13
C ARG D 68 -16.43 13.83 23.05
N CYS D 69 -15.75 13.65 21.93
CA CYS D 69 -16.30 12.85 20.80
C CYS D 69 -15.37 11.83 20.27
N TYR D 70 -15.94 10.70 19.84
CA TYR D 70 -15.19 9.64 19.23
C TYR D 70 -15.91 9.16 18.00
N GLN D 71 -15.22 8.31 17.23
CA GLN D 71 -15.86 7.54 16.18
C GLN D 71 -15.26 6.16 16.11
N THR D 72 -15.98 5.23 15.46
CA THR D 72 -15.56 3.88 15.32
C THR D 72 -16.00 3.50 13.94
N PRO D 73 -15.67 2.27 13.47
CA PRO D 73 -16.19 1.82 12.19
C PRO D 73 -17.73 1.82 12.09
N GLN D 74 -18.45 1.64 13.21
CA GLN D 74 -19.91 1.62 13.19
C GLN D 74 -20.53 2.94 13.57
N PHE D 75 -19.82 3.76 14.33
CA PHE D 75 -20.41 5.00 14.82
C PHE D 75 -19.76 6.23 14.24
N ARG D 76 -20.57 7.03 13.60
CA ARG D 76 -20.12 8.23 12.96
C ARG D 76 -19.60 9.15 14.06
N LYS D 77 -20.23 9.10 15.22
CA LYS D 77 -20.01 10.09 16.23
C LYS D 77 -20.53 9.61 17.55
N MET D 78 -19.68 9.66 18.57
CA MET D 78 -20.03 9.29 19.95
C MET D 78 -19.74 10.46 20.82
N HIS D 79 -20.78 11.08 21.32
CA HIS D 79 -20.62 12.39 21.90
C HIS D 79 -21.02 12.36 23.36
N LEU D 80 -20.05 12.70 24.23
CA LEU D 80 -20.32 12.95 25.63
C LEU D 80 -20.11 14.44 25.97
N GLU D 81 -21.19 15.06 26.42
CA GLU D 81 -21.21 16.47 26.78
C GLU D 81 -21.45 16.61 28.28
N LEU D 82 -20.61 17.40 28.92
CA LEU D 82 -20.79 17.72 30.35
C LEU D 82 -20.94 19.19 30.48
N ALA D 83 -21.94 19.67 31.20
CA ALA D 83 -22.10 21.14 31.34
C ALA D 83 -22.47 21.52 32.76
N LYS D 84 -21.97 22.68 33.12
CA LYS D 84 -22.19 23.21 34.45
C LYS D 84 -22.47 24.73 34.33
N VAL D 85 -23.45 25.20 35.11
CA VAL D 85 -23.68 26.62 35.32
C VAL D 85 -23.68 26.89 36.83
N GLY D 86 -22.63 27.56 37.32
CA GLY D 86 -22.40 27.70 38.75
C GLY D 86 -22.82 26.44 39.49
N ASN D 87 -23.62 26.62 40.55
CA ASN D 87 -24.19 25.52 41.30
C ASN D 87 -25.68 25.36 41.02
N MET D 88 -26.16 26.03 39.95
CA MET D 88 -27.57 26.00 39.56
C MET D 88 -27.93 24.85 38.61
N LEU D 89 -26.97 24.36 37.83
CA LEU D 89 -27.31 23.49 36.72
C LEU D 89 -26.16 22.57 36.39
N ASP D 90 -26.40 21.26 36.43
CA ASP D 90 -25.46 20.25 35.96
C ASP D 90 -26.15 19.43 34.85
N ILE D 91 -25.44 19.22 33.76
CA ILE D 91 -25.97 18.45 32.64
C ILE D 91 -25.00 17.42 32.15
N LEU D 92 -25.54 16.22 31.91
CA LEU D 92 -24.84 15.20 31.15
C LEU D 92 -25.66 14.89 29.92
N HIS D 93 -25.04 14.95 28.77
CA HIS D 93 -25.74 14.55 27.58
C HIS D 93 -24.87 13.59 26.81
N CYS D 94 -25.43 12.47 26.36
CA CYS D 94 -24.67 11.49 25.57
C CYS D 94 -25.48 10.96 24.41
N VAL D 95 -24.92 10.97 23.23
CA VAL D 95 -25.60 10.35 22.07
C VAL D 95 -24.57 9.58 21.26
N MET D 96 -24.97 8.42 20.75
CA MET D 96 -24.17 7.71 19.75
C MET D 96 -24.91 7.70 18.41
N PHE D 97 -24.28 8.19 17.35
CA PHE D 97 -24.87 8.18 16.05
C PHE D 97 -24.19 7.10 15.24
N PRO D 98 -24.93 6.06 14.84
CA PRO D 98 -24.33 5.06 13.96
C PRO D 98 -24.11 5.60 12.54
N ARG D 99 -23.14 5.04 11.84
CA ARG D 99 -23.03 5.29 10.41
C ARG D 99 -24.28 4.68 9.74
N PRO D 100 -24.87 5.41 8.80
CA PRO D 100 -26.14 4.94 8.26
C PRO D 100 -26.09 3.62 7.47
N GLU D 101 -24.90 3.09 7.19
CA GLU D 101 -24.79 1.75 6.62
C GLU D 101 -25.19 0.64 7.64
N TYR D 102 -25.29 1.00 8.90
CA TYR D 102 -25.59 0.00 9.91
C TYR D 102 -26.97 0.19 10.52
N ASP D 103 -27.68 -0.91 10.64
CA ASP D 103 -29.01 -0.96 11.23
C ASP D 103 -28.97 -0.95 12.76
N LEU D 104 -28.63 0.20 13.33
CA LEU D 104 -28.40 0.33 14.74
C LEU D 104 -29.23 1.49 15.25
N PRO D 105 -29.87 1.29 16.38
CA PRO D 105 -30.63 2.37 16.97
C PRO D 105 -29.71 3.49 17.52
N MET D 106 -30.30 4.62 17.93
CA MET D 106 -29.53 5.69 18.48
C MET D 106 -29.49 5.53 19.99
N PHE D 107 -28.32 5.36 20.59
CA PHE D 107 -28.26 5.42 22.02
C PHE D 107 -28.25 6.88 22.44
N GLY D 108 -29.04 7.21 23.47
CA GLY D 108 -29.01 8.54 24.09
C GLY D 108 -29.25 8.45 25.58
N CYS D 109 -28.57 9.29 26.36
CA CYS D 109 -28.97 9.50 27.71
C CYS D 109 -28.64 10.92 28.15
N ASP D 110 -29.44 11.40 29.10
CA ASP D 110 -29.39 12.76 29.59
C ASP D 110 -29.61 12.74 31.09
N LEU D 111 -28.89 13.61 31.76
CA LEU D 111 -29.02 13.81 33.18
C LEU D 111 -29.01 15.29 33.40
N VAL D 112 -30.03 15.78 34.09
CA VAL D 112 -30.16 17.19 34.42
C VAL D 112 -30.34 17.29 35.90
N GLY D 113 -29.57 18.20 36.51
CA GLY D 113 -29.58 18.41 37.94
C GLY D 113 -29.25 19.85 38.28
N GLY D 114 -29.09 20.12 39.57
CA GLY D 114 -29.01 21.48 40.08
C GLY D 114 -29.02 21.26 41.57
N ARG D 115 -28.03 21.85 42.27
CA ARG D 115 -27.78 21.62 43.69
C ARG D 115 -27.90 20.15 44.05
N GLY D 116 -26.80 19.41 44.10
CA GLY D 116 -26.87 17.98 44.44
C GLY D 116 -28.23 17.26 44.32
N GLN D 117 -29.12 17.79 43.46
CA GLN D 117 -30.38 17.12 43.08
C GLN D 117 -30.51 16.77 41.59
N ILE D 118 -30.98 15.55 41.29
CA ILE D 118 -31.25 15.20 39.89
C ILE D 118 -32.71 15.31 39.58
N SER D 119 -33.05 16.23 38.69
CA SER D 119 -34.45 16.44 38.35
C SER D 119 -34.96 15.58 37.20
N ALA D 120 -34.08 15.16 36.30
CA ALA D 120 -34.46 14.36 35.17
C ALA D 120 -33.33 13.43 34.72
N ALA D 121 -33.70 12.20 34.40
CA ALA D 121 -32.78 11.21 33.88
C ALA D 121 -33.51 10.41 32.80
N ILE D 122 -32.91 10.40 31.61
CA ILE D 122 -33.49 9.70 30.51
C ILE D 122 -32.44 8.85 29.82
N ALA D 123 -32.84 7.68 29.32
CA ALA D 123 -31.97 6.85 28.57
C ALA D 123 -32.75 6.00 27.60
N ASP D 124 -32.25 5.86 26.38
CA ASP D 124 -32.96 5.07 25.38
C ASP D 124 -32.05 4.53 24.33
N LEU D 125 -32.54 3.50 23.68
CA LEU D 125 -32.08 3.07 22.39
C LEU D 125 -33.23 3.38 21.43
N SER D 126 -33.16 4.54 20.78
CA SER D 126 -34.25 5.03 19.97
C SER D 126 -34.19 4.46 18.58
N PRO D 127 -35.32 4.06 18.04
CA PRO D 127 -35.34 3.33 16.77
C PRO D 127 -34.92 4.17 15.55
N VAL D 128 -34.28 3.53 14.58
CA VAL D 128 -34.09 4.19 13.29
C VAL D 128 -35.10 3.68 12.30
N HIS D 129 -35.90 2.69 12.69
CA HIS D 129 -37.01 2.26 11.82
C HIS D 129 -38.16 3.25 12.01
N LEU D 130 -38.81 3.58 10.92
CA LEU D 130 -39.80 4.62 11.00
C LEU D 130 -41.04 4.11 11.71
N ASP D 131 -41.27 2.79 11.53
CA ASP D 131 -42.25 2.02 12.29
C ASP D 131 -41.89 1.77 13.79
N ARG D 132 -40.78 2.37 14.27
CA ARG D 132 -40.52 2.43 15.70
C ARG D 132 -40.08 1.10 16.34
N THR D 133 -39.62 0.16 15.52
CA THR D 133 -39.10 -1.08 16.06
C THR D 133 -37.60 -1.01 16.17
N LEU D 134 -37.09 -1.82 17.08
CA LEU D 134 -35.70 -2.13 17.18
C LEU D 134 -35.44 -3.48 16.49
N PRO D 135 -34.19 -3.72 16.07
CA PRO D 135 -33.90 -5.08 15.50
C PRO D 135 -34.18 -6.15 16.55
N GLU D 136 -34.44 -7.38 16.07
CA GLU D 136 -34.72 -8.55 16.91
C GLU D 136 -33.79 -8.77 18.09
N SER D 137 -32.50 -8.78 17.80
CA SER D 137 -31.54 -9.08 18.85
C SER D 137 -31.62 -8.03 19.99
N TYR D 138 -31.99 -6.79 19.67
CA TYR D 138 -32.26 -5.80 20.68
C TYR D 138 -33.52 -6.12 21.43
N ASN D 139 -34.60 -6.41 20.74
CA ASN D 139 -35.83 -6.77 21.44
C ASN D 139 -35.65 -7.90 22.43
N SER D 140 -34.99 -8.99 22.02
CA SER D 140 -34.83 -10.14 22.94
C SER D 140 -34.07 -9.68 24.12
N ALA D 141 -32.96 -8.98 23.90
CA ALA D 141 -32.08 -8.65 25.02
C ALA D 141 -32.78 -7.70 26.01
N LEU D 142 -33.50 -6.72 25.48
CA LEU D 142 -34.10 -5.71 26.32
C LEU D 142 -35.36 -6.16 27.02
N THR D 143 -36.20 -6.96 26.35
CA THR D 143 -37.37 -7.51 27.00
C THR D 143 -36.92 -8.50 28.07
N SER D 144 -35.69 -8.97 27.96
CA SER D 144 -35.17 -9.86 29.00
C SER D 144 -34.78 -9.16 30.31
N LEU D 145 -34.53 -7.84 30.23
CA LEU D 145 -34.14 -7.10 31.45
C LEU D 145 -35.22 -7.13 32.56
N ASN D 146 -34.75 -7.26 33.79
CA ASN D 146 -35.58 -7.11 34.95
C ASN D 146 -36.47 -5.90 34.81
N THR D 147 -37.72 -6.05 35.23
CA THR D 147 -38.58 -4.91 35.43
C THR D 147 -38.01 -4.04 36.53
N LEU D 148 -37.98 -2.73 36.27
CA LEU D 148 -37.48 -1.77 37.25
C LEU D 148 -38.60 -0.85 37.70
N ASN D 149 -38.76 -0.72 39.02
CA ASN D 149 -39.84 0.06 39.62
C ASN D 149 -39.27 1.34 40.19
N PHE D 150 -39.38 2.41 39.43
CA PHE D 150 -38.99 3.74 39.87
C PHE D 150 -40.20 4.39 40.44
N SER D 151 -40.04 5.04 41.58
CA SER D 151 -41.17 5.66 42.25
C SER D 151 -41.73 6.86 41.47
N GLN D 152 -40.90 7.54 40.68
CA GLN D 152 -41.25 8.81 40.01
C GLN D 152 -40.96 8.79 38.52
N PRO D 153 -41.73 7.98 37.77
CA PRO D 153 -41.55 8.03 36.34
C PRO D 153 -42.10 9.34 35.79
N ARG D 154 -41.67 9.72 34.60
CA ARG D 154 -42.15 10.93 33.98
C ARG D 154 -42.75 10.60 32.64
N GLU D 155 -43.63 11.48 32.20
CA GLU D 155 -44.34 11.25 30.96
C GLU D 155 -43.56 11.85 29.80
N LEU D 156 -43.40 11.09 28.73
CA LEU D 156 -42.74 11.61 27.56
C LEU D 156 -43.66 12.63 26.90
N PRO D 157 -43.10 13.72 26.35
CA PRO D 157 -43.86 14.66 25.51
C PRO D 157 -44.15 14.02 24.14
N GLU D 158 -45.05 14.59 23.34
CA GLU D 158 -45.49 13.92 22.09
C GLU D 158 -44.38 13.64 21.10
N TRP D 159 -43.54 14.65 20.87
CA TRP D 159 -42.41 14.43 20.01
C TRP D 159 -41.58 13.25 20.48
N GLY D 160 -41.82 12.83 21.72
CA GLY D 160 -41.20 11.64 22.29
C GLY D 160 -41.52 10.30 21.65
N ASN D 161 -42.35 10.28 20.61
CA ASN D 161 -42.51 9.05 19.80
C ASN D 161 -41.22 8.61 19.08
N ILE D 162 -40.22 9.47 19.08
CA ILE D 162 -38.90 9.05 18.61
C ILE D 162 -38.23 8.06 19.55
N PHE D 163 -38.79 7.91 20.75
CA PHE D 163 -38.23 7.00 21.74
C PHE D 163 -38.84 5.63 21.68
N SER D 164 -38.06 4.63 22.07
CA SER D 164 -38.55 3.24 21.99
C SER D 164 -39.46 2.89 23.17
N ASP D 165 -40.00 1.69 23.16
CA ASP D 165 -40.82 1.23 24.29
C ASP D 165 -39.99 0.94 25.53
N PHE D 166 -38.68 0.84 25.38
CA PHE D 166 -37.83 0.55 26.51
C PHE D 166 -37.25 1.82 27.14
N CYS D 167 -37.61 2.97 26.59
CA CYS D 167 -37.10 4.22 27.08
C CYS D 167 -37.34 4.34 28.58
N ILE D 168 -36.38 4.92 29.29
CA ILE D 168 -36.55 5.19 30.71
C ILE D 168 -36.45 6.67 31.00
N PHE D 169 -37.52 7.22 31.54
CA PHE D 169 -37.59 8.63 31.90
C PHE D 169 -38.10 8.80 33.32
N VAL D 170 -37.21 9.19 34.22
CA VAL D 170 -37.53 9.27 35.64
C VAL D 170 -36.91 10.46 36.30
N ARG D 171 -37.41 10.78 37.50
CA ARG D 171 -36.71 11.62 38.45
C ARG D 171 -36.36 10.68 39.59
N PRO D 172 -35.07 10.35 39.72
CA PRO D 172 -34.60 9.46 40.80
C PRO D 172 -34.76 10.14 42.16
N SER D 173 -35.49 9.47 43.05
CA SER D 173 -35.80 10.02 44.38
C SER D 173 -34.74 9.63 45.43
N SER D 174 -34.16 8.44 45.28
CA SER D 174 -33.19 7.93 46.22
C SER D 174 -31.90 7.58 45.48
N PRO D 175 -30.78 7.43 46.23
CA PRO D 175 -29.54 6.91 45.63
C PRO D 175 -29.66 5.47 45.18
N GLU D 176 -30.66 4.74 45.68
CA GLU D 176 -30.91 3.39 45.14
C GLU D 176 -31.44 3.50 43.71
N GLU D 177 -32.29 4.49 43.47
CA GLU D 177 -32.84 4.70 42.14
C GLU D 177 -31.78 5.20 41.19
N GLU D 178 -30.89 6.05 41.70
CA GLU D 178 -29.76 6.55 40.93
C GLU D 178 -28.91 5.36 40.45
N ALA D 179 -28.70 4.41 41.34
CA ALA D 179 -27.93 3.23 40.98
C ALA D 179 -28.66 2.29 40.03
N MET D 180 -29.98 2.19 40.18
CA MET D 180 -30.81 1.43 39.25
C MET D 180 -30.68 2.04 37.85
N PHE D 181 -30.72 3.37 37.80
CA PHE D 181 -30.67 4.07 36.55
C PHE D 181 -29.32 3.86 35.88
N LEU D 182 -28.28 4.06 36.63
CA LEU D 182 -26.94 3.83 36.14
C LEU D 182 -26.76 2.37 35.67
N GLY D 183 -27.33 1.41 36.39
CA GLY D 183 -27.20 0.01 36.01
C GLY D 183 -27.93 -0.29 34.69
N ARG D 184 -29.07 0.34 34.48
CA ARG D 184 -29.82 0.16 33.23
C ARG D 184 -29.14 0.78 32.05
N VAL D 185 -28.64 2.00 32.20
CA VAL D 185 -27.87 2.61 31.14
C VAL D 185 -26.71 1.69 30.71
N ARG D 186 -26.01 1.15 31.69
CA ARG D 186 -24.90 0.29 31.39
C ARG D 186 -25.41 -0.93 30.60
N GLU D 187 -26.57 -1.47 30.99
CA GLU D 187 -27.11 -2.66 30.27
C GLU D 187 -27.47 -2.31 28.82
N PHE D 188 -27.99 -1.09 28.62
CA PHE D 188 -28.28 -0.56 27.31
C PHE D 188 -27.04 -0.50 26.49
N LEU D 189 -26.00 0.03 27.10
CA LEU D 189 -24.73 0.17 26.38
C LEU D 189 -24.11 -1.16 25.99
N GLN D 190 -24.22 -2.17 26.85
CA GLN D 190 -23.60 -3.44 26.53
C GLN D 190 -24.32 -4.10 25.38
N VAL D 191 -25.65 -4.00 25.40
CA VAL D 191 -26.46 -4.60 24.34
C VAL D 191 -26.11 -3.90 23.06
N HIS D 192 -25.99 -2.59 23.16
CA HIS D 192 -25.76 -1.79 21.97
C HIS D 192 -24.36 -2.04 21.41
N CYS D 193 -23.36 -2.19 22.28
CA CYS D 193 -22.01 -2.53 21.77
C CYS D 193 -21.95 -3.90 21.10
N GLN D 194 -22.65 -4.90 21.64
CA GLN D 194 -22.74 -6.20 21.03
C GLN D 194 -23.43 -6.10 19.64
N GLY D 195 -24.45 -5.27 19.57
CA GLY D 195 -25.19 -5.10 18.34
C GLY D 195 -24.26 -4.46 17.34
N ALA D 196 -23.46 -3.51 17.79
CA ALA D 196 -22.54 -2.82 16.85
C ALA D 196 -21.47 -3.73 16.29
N ILE D 197 -20.90 -4.59 17.12
CA ILE D 197 -19.85 -5.49 16.74
C ILE D 197 -20.36 -6.61 15.81
N ALA D 198 -21.60 -7.05 16.01
CA ALA D 198 -22.24 -8.04 15.13
C ALA D 198 -22.77 -7.46 13.77
N ALA D 199 -22.90 -6.16 13.63
CA ALA D 199 -23.63 -5.61 12.48
C ALA D 199 -22.87 -5.70 11.16
N SER D 200 -23.59 -5.98 10.06
CA SER D 200 -23.00 -5.89 8.76
C SER D 200 -23.70 -4.75 8.07
N PRO D 201 -23.08 -4.15 7.04
CA PRO D 201 -23.74 -3.00 6.43
C PRO D 201 -24.90 -3.48 5.57
N VAL D 202 -25.96 -2.68 5.48
CA VAL D 202 -27.24 -3.09 4.90
C VAL D 202 -27.28 -2.68 3.43
N SER D 203 -28.36 -3.02 2.73
CA SER D 203 -28.56 -2.57 1.34
C SER D 203 -28.84 -1.06 1.16
N ALA D 204 -28.71 -0.63 -0.09
CA ALA D 204 -29.01 0.72 -0.55
C ALA D 204 -30.40 1.23 -0.10
N GLU D 205 -31.44 0.41 -0.29
CA GLU D 205 -32.82 0.73 0.10
C GLU D 205 -32.95 0.86 1.63
N GLN D 206 -32.53 -0.17 2.36
CA GLN D 206 -32.49 -0.16 3.83
C GLN D 206 -31.73 1.09 4.36
N LYS D 207 -30.61 1.45 3.74
CA LYS D 207 -29.87 2.63 4.18
C LYS D 207 -30.68 3.97 4.12
N GLN D 208 -31.48 4.15 3.08
CA GLN D 208 -32.32 5.32 3.00
C GLN D 208 -33.31 5.40 4.18
N GLN D 209 -33.81 4.24 4.61
CA GLN D 209 -34.74 4.13 5.72
C GLN D 209 -34.08 4.42 7.08
N ILE D 210 -32.86 3.88 7.26
CA ILE D 210 -32.04 4.28 8.39
C ILE D 210 -31.75 5.76 8.29
N LEU D 211 -31.37 6.26 7.12
CA LEU D 211 -31.04 7.70 7.03
C LEU D 211 -32.27 8.46 7.49
N ALA D 212 -33.42 8.07 6.96
CA ALA D 212 -34.64 8.79 7.30
C ALA D 212 -34.95 8.77 8.80
N GLY D 213 -34.72 7.63 9.44
CA GLY D 213 -34.91 7.48 10.86
C GLY D 213 -33.98 8.31 11.73
N GLN D 214 -32.68 8.36 11.39
CA GLN D 214 -31.81 9.33 12.03
C GLN D 214 -32.28 10.76 11.78
N HIS D 215 -32.66 11.07 10.56
CA HIS D 215 -33.01 12.42 10.22
C HIS D 215 -34.14 12.88 11.14
N ASN D 216 -35.16 12.05 11.22
CA ASN D 216 -36.31 12.35 12.03
C ASN D 216 -35.95 12.53 13.48
N TYR D 217 -35.12 11.63 13.99
CA TYR D 217 -34.64 11.73 15.37
C TYR D 217 -33.88 13.01 15.65
N CYS D 218 -32.98 13.41 14.75
CA CYS D 218 -32.20 14.61 14.97
C CYS D 218 -33.05 15.87 14.82
N SER D 219 -34.00 15.89 13.89
CA SER D 219 -34.79 17.12 13.74
C SER D 219 -35.70 17.30 14.93
N LYS D 220 -36.32 16.21 15.39
CA LYS D 220 -37.18 16.34 16.57
C LYS D 220 -36.42 16.80 17.80
N GLN D 221 -35.21 16.26 17.99
CA GLN D 221 -34.34 16.69 19.07
C GLN D 221 -33.88 18.15 18.92
N GLN D 222 -33.51 18.59 17.73
CA GLN D 222 -33.16 19.99 17.54
C GLN D 222 -34.35 20.87 17.88
N GLN D 223 -35.53 20.51 17.38
CA GLN D 223 -36.74 21.30 17.61
C GLN D 223 -37.13 21.41 19.08
N ASN D 224 -36.71 20.46 19.89
CA ASN D 224 -37.31 20.32 21.19
C ASN D 224 -36.38 20.25 22.38
N ASP D 225 -35.10 19.92 22.18
CA ASP D 225 -34.17 19.86 23.31
C ASP D 225 -34.13 21.20 24.03
N LYS D 226 -34.18 21.12 25.37
CA LYS D 226 -34.30 22.30 26.25
C LYS D 226 -32.98 23.00 26.53
N THR D 227 -31.88 22.37 26.18
CA THR D 227 -30.55 22.98 26.44
C THR D 227 -30.44 24.28 25.62
N ARG D 228 -31.18 24.30 24.53
CA ARG D 228 -31.23 25.44 23.68
C ARG D 228 -31.41 26.78 24.44
N ARG D 229 -32.41 26.85 25.33
CA ARG D 229 -32.73 28.10 26.01
C ARG D 229 -31.58 28.51 26.91
N VAL D 230 -30.94 27.53 27.54
CA VAL D 230 -29.73 27.79 28.31
C VAL D 230 -28.70 28.46 27.42
N LEU D 231 -28.48 27.86 26.24
CA LEU D 231 -27.43 28.31 25.34
C LEU D 231 -27.74 29.68 24.74
N GLU D 232 -29.01 29.94 24.42
CA GLU D 232 -29.40 31.27 23.97
C GLU D 232 -29.08 32.35 25.00
N LYS D 233 -29.45 32.11 26.27
CA LYS D 233 -29.19 33.07 27.36
C LYS D 233 -27.69 33.26 27.55
N ALA D 234 -26.89 32.25 27.19
CA ALA D 234 -25.46 32.33 27.40
C ALA D 234 -24.76 33.04 26.26
N PHE D 235 -25.13 32.72 25.03
CA PHE D 235 -24.40 33.19 23.85
C PHE D 235 -25.21 33.85 22.72
N GLY D 236 -26.53 33.97 22.91
CA GLY D 236 -27.37 34.51 21.83
C GLY D 236 -27.95 33.39 20.97
N VAL D 237 -29.00 33.74 20.23
CA VAL D 237 -29.85 32.82 19.50
C VAL D 237 -29.11 32.03 18.39
N ASP D 238 -28.30 32.73 17.60
CA ASP D 238 -27.62 32.11 16.49
C ASP D 238 -26.53 31.14 16.90
N TRP D 239 -25.78 31.47 17.94
CA TRP D 239 -24.76 30.58 18.47
C TRP D 239 -25.43 29.28 18.93
N ALA D 240 -26.56 29.43 19.64
CA ALA D 240 -27.31 28.31 20.15
C ALA D 240 -27.83 27.46 19.02
N GLU D 241 -28.31 28.09 17.95
CA GLU D 241 -28.87 27.40 16.80
C GLU D 241 -27.80 26.58 16.09
N ASN D 242 -26.64 27.19 15.91
CA ASN D 242 -25.48 26.55 15.36
C ASN D 242 -25.01 25.37 16.20
N TYR D 243 -25.09 25.50 17.51
CA TYR D 243 -24.56 24.45 18.36
C TYR D 243 -25.51 23.25 18.31
N MET D 244 -26.81 23.52 18.32
CA MET D 244 -27.85 22.48 18.18
C MET D 244 -27.75 21.68 16.88
N THR D 245 -27.47 22.36 15.77
CA THR D 245 -27.49 21.69 14.48
C THR D 245 -26.14 21.15 14.06
N THR D 246 -25.06 21.63 14.65
CA THR D 246 -23.76 21.11 14.25
C THR D 246 -23.02 20.32 15.29
N VAL D 247 -23.40 20.42 16.56
CA VAL D 247 -22.67 19.72 17.63
C VAL D 247 -23.54 18.67 18.31
N LEU D 248 -24.76 19.03 18.71
CA LEU D 248 -25.57 18.11 19.46
C LEU D 248 -26.32 17.15 18.56
N PHE D 249 -26.95 17.66 17.51
CA PHE D 249 -27.86 16.84 16.73
C PHE D 249 -27.67 17.08 15.23
N ASP D 250 -26.44 16.99 14.78
CA ASP D 250 -26.16 17.21 13.38
C ASP D 250 -26.78 16.10 12.50
N LEU D 251 -27.32 16.52 11.35
CA LEU D 251 -28.00 15.62 10.44
C LEU D 251 -27.01 14.65 9.86
N PRO D 252 -27.51 13.42 9.62
CA PRO D 252 -26.70 12.21 9.32
C PRO D 252 -25.71 12.40 8.18
N GLU D 253 -26.20 12.87 7.02
CA GLU D 253 -25.24 13.31 6.03
C GLU D 253 -25.14 14.83 6.20
N ILE E 9 -9.60 9.99 38.08
CA ILE E 9 -9.50 11.35 37.47
C ILE E 9 -9.32 11.32 35.94
N SER E 10 -10.40 11.70 35.24
CA SER E 10 -10.32 11.95 33.81
C SER E 10 -9.84 13.39 33.57
N LEU E 11 -9.27 13.61 32.39
CA LEU E 11 -8.64 14.89 32.05
C LEU E 11 -9.14 15.31 30.70
N THR E 12 -8.95 16.57 30.38
CA THR E 12 -9.37 17.14 29.11
C THR E 12 -8.24 18.00 28.64
N SER E 13 -8.10 18.08 27.33
CA SER E 13 -7.02 18.84 26.70
C SER E 13 -7.59 20.16 26.30
N ILE E 14 -6.97 21.24 26.72
CA ILE E 14 -7.26 22.53 26.13
C ILE E 14 -5.99 23.03 25.44
N PRO E 15 -6.12 24.03 24.56
CA PRO E 15 -4.92 24.76 24.06
C PRO E 15 -3.94 25.23 25.12
N SER E 16 -2.68 25.35 24.76
CA SER E 16 -1.70 25.92 25.62
C SER E 16 -1.77 27.42 25.58
N LEU E 17 -1.52 28.03 26.73
CA LEU E 17 -1.47 29.46 26.91
C LEU E 17 -0.47 30.10 25.96
N ARG E 18 0.55 29.33 25.58
CA ARG E 18 1.64 29.87 24.78
C ARG E 18 1.21 30.43 23.44
N GLU E 19 0.04 30.00 22.96
CA GLU E 19 -0.50 30.53 21.70
C GLU E 19 -0.91 31.98 21.80
N GLN E 20 -1.24 32.41 23.01
CA GLN E 20 -1.69 33.76 23.26
C GLN E 20 -0.53 34.68 23.63
N GLN E 21 0.68 34.12 23.67
CA GLN E 21 1.80 34.86 24.25
C GLN E 21 2.76 35.42 23.23
N HIS E 22 3.60 36.34 23.66
CA HIS E 22 4.68 36.88 22.82
C HIS E 22 5.41 35.75 22.10
N PRO E 23 5.70 35.93 20.79
CA PRO E 23 6.26 34.88 19.95
C PRO E 23 7.57 34.33 20.42
N LEU E 24 8.40 35.13 21.10
CA LEU E 24 9.61 34.59 21.64
C LEU E 24 9.34 33.63 22.81
N ILE E 25 8.35 33.96 23.62
CA ILE E 25 7.98 33.08 24.70
C ILE E 25 7.44 31.75 24.13
N ARG E 26 6.61 31.81 23.09
CA ARG E 26 6.08 30.62 22.45
C ARG E 26 7.20 29.77 21.87
N GLN E 27 8.14 30.42 21.19
CA GLN E 27 9.23 29.71 20.57
C GLN E 27 10.10 29.07 21.65
N LEU E 28 10.41 29.81 22.70
CA LEU E 28 11.25 29.28 23.80
C LEU E 28 10.60 28.09 24.50
N ALA E 29 9.30 28.20 24.76
CA ALA E 29 8.60 27.13 25.41
C ALA E 29 8.68 25.87 24.55
N ASP E 30 8.33 25.99 23.26
CA ASP E 30 8.40 24.84 22.32
C ASP E 30 9.80 24.27 22.29
N CYS E 31 10.79 25.15 22.27
CA CYS E 31 12.17 24.73 22.10
C CYS E 31 12.70 23.97 23.34
N ILE E 32 12.42 24.45 24.53
CA ILE E 32 12.81 23.77 25.75
C ILE E 32 12.17 22.41 25.85
N GLU E 33 10.88 22.34 25.62
CA GLU E 33 10.22 21.04 25.65
C GLU E 33 10.65 20.08 24.55
N GLU E 34 10.98 20.61 23.37
CA GLU E 34 11.49 19.80 22.27
C GLU E 34 12.81 19.20 22.72
N VAL E 35 13.74 19.99 23.26
CA VAL E 35 15.06 19.46 23.65
C VAL E 35 14.89 18.39 24.76
N TRP E 36 14.08 18.69 25.77
CA TRP E 36 13.82 17.73 26.82
C TRP E 36 13.33 16.37 26.29
N HIS E 37 12.42 16.44 25.34
CA HIS E 37 11.89 15.26 24.72
C HIS E 37 12.81 14.51 23.79
N GLN E 38 13.76 15.22 23.18
CA GLN E 38 14.71 14.59 22.29
C GLN E 38 15.87 13.95 23.02
N HIS E 39 16.24 14.44 24.19
CA HIS E 39 17.48 14.02 24.81
C HIS E 39 17.29 13.20 26.07
N LEU E 40 16.16 13.39 26.74
CA LEU E 40 16.00 12.88 28.09
C LEU E 40 14.91 11.83 28.15
N ASP E 41 14.92 11.04 29.20
CA ASP E 41 13.83 10.10 29.39
C ASP E 41 12.77 10.61 30.38
N LEU E 42 11.68 11.18 29.86
CA LEU E 42 10.76 11.97 30.66
C LEU E 42 9.72 11.10 31.35
N SER E 43 9.44 11.39 32.60
CA SER E 43 8.18 10.99 33.23
C SER E 43 7.45 12.22 33.74
N PRO E 44 6.14 12.08 33.99
CA PRO E 44 5.40 13.19 34.56
C PRO E 44 5.77 13.40 36.00
N TYR E 45 5.49 14.57 36.50
CA TYR E 45 5.79 14.98 37.84
C TYR E 45 4.56 15.78 38.07
N HIS E 46 3.72 15.35 39.01
CA HIS E 46 2.49 16.14 39.29
C HIS E 46 2.66 17.12 40.41
N LEU E 47 2.18 18.33 40.15
CA LEU E 47 1.95 19.30 41.18
C LEU E 47 0.58 18.95 41.78
N PRO E 48 0.26 19.48 42.96
CA PRO E 48 -1.19 19.53 43.33
C PRO E 48 -2.07 20.04 42.17
N ALA E 49 -3.22 19.39 41.94
CA ALA E 49 -4.02 19.62 40.71
C ALA E 49 -4.58 21.02 40.59
N GLU E 50 -4.71 21.71 41.72
CA GLU E 50 -5.19 23.10 41.67
C GLU E 50 -4.05 24.00 41.17
N LEU E 51 -2.85 23.42 41.00
CA LEU E 51 -1.69 24.24 40.63
C LEU E 51 -1.15 24.05 39.23
N GLY E 52 -1.66 23.06 38.51
CA GLY E 52 -1.24 22.84 37.13
C GLY E 52 -1.75 23.94 36.22
N TYR E 53 -2.94 24.46 36.54
CA TYR E 53 -3.57 25.49 35.74
C TYR E 53 -4.30 26.45 36.68
N VAL E 54 -3.89 27.70 36.72
CA VAL E 54 -4.42 28.62 37.69
C VAL E 54 -5.04 29.82 37.02
N GLU E 55 -6.24 30.18 37.44
CA GLU E 55 -6.91 31.36 36.92
C GLU E 55 -7.23 32.33 38.04
N GLY E 56 -7.07 33.61 37.77
CA GLY E 56 -7.33 34.65 38.72
C GLY E 56 -7.57 35.95 38.00
N ARG E 57 -7.58 37.05 38.75
CA ARG E 57 -7.91 38.37 38.25
C ARG E 57 -6.97 39.35 38.89
N LEU E 58 -6.58 40.36 38.13
CA LEU E 58 -5.72 41.42 38.59
C LEU E 58 -6.05 42.71 37.85
N GLU E 59 -6.49 43.73 38.58
CA GLU E 59 -6.93 45.02 38.01
C GLU E 59 -7.98 44.82 36.91
N GLY E 60 -8.89 43.86 37.10
CA GLY E 60 -9.84 43.51 36.06
C GLY E 60 -9.31 42.57 34.96
N GLU E 61 -7.99 42.47 34.80
CA GLU E 61 -7.42 41.62 33.76
C GLU E 61 -7.39 40.16 34.19
N LYS E 62 -7.59 39.25 33.24
CA LYS E 62 -7.48 37.82 33.51
C LYS E 62 -6.03 37.39 33.74
N LEU E 63 -5.81 36.62 34.82
CA LEU E 63 -4.48 36.06 35.12
C LEU E 63 -4.56 34.58 34.84
N THR E 64 -3.62 34.04 34.07
CA THR E 64 -3.55 32.61 33.79
C THR E 64 -2.14 32.13 34.04
N ILE E 65 -2.00 30.97 34.68
CA ILE E 65 -0.70 30.37 34.90
C ILE E 65 -0.82 28.93 34.47
N GLU E 66 0.11 28.49 33.65
CA GLU E 66 0.10 27.10 33.14
C GLU E 66 1.41 26.51 33.56
N ASN E 67 1.35 25.40 34.28
CA ASN E 67 2.54 24.80 34.80
C ASN E 67 2.71 23.41 34.24
N ARG E 68 3.92 23.11 33.80
CA ARG E 68 4.21 21.80 33.24
C ARG E 68 5.53 21.27 33.84
N CYS E 69 5.49 20.07 34.39
CA CYS E 69 6.61 19.49 35.04
C CYS E 69 6.89 18.09 34.61
N TYR E 70 8.16 17.72 34.61
CA TYR E 70 8.58 16.37 34.35
C TYR E 70 9.72 16.04 35.29
N GLN E 71 10.20 14.80 35.16
CA GLN E 71 11.31 14.30 35.95
C GLN E 71 11.97 13.20 35.16
N THR E 72 13.23 12.94 35.48
CA THR E 72 14.00 11.95 34.76
C THR E 72 14.91 11.31 35.83
N PRO E 73 15.67 10.29 35.45
CA PRO E 73 16.60 9.73 36.43
C PRO E 73 17.58 10.74 36.98
N GLN E 74 17.92 11.78 36.25
CA GLN E 74 18.85 12.81 36.75
C GLN E 74 18.19 14.06 37.31
N PHE E 75 16.93 14.32 36.95
CA PHE E 75 16.30 15.57 37.33
C PHE E 75 15.11 15.31 38.23
N ARG E 76 15.14 15.91 39.41
CA ARG E 76 14.06 15.78 40.35
C ARG E 76 12.77 16.37 39.72
N LYS E 77 12.95 17.43 38.94
CA LYS E 77 11.85 18.26 38.56
C LYS E 77 12.33 19.18 37.47
N MET E 78 11.58 19.18 36.38
CA MET E 78 11.82 20.06 35.28
C MET E 78 10.53 20.79 35.07
N HIS E 79 10.56 22.09 35.31
CA HIS E 79 9.41 22.89 35.45
C HIS E 79 9.40 23.98 34.37
N LEU E 80 8.38 23.95 33.54
CA LEU E 80 8.08 25.07 32.68
C LEU E 80 6.75 25.79 33.12
N GLU E 81 6.86 27.09 33.40
CA GLU E 81 5.76 27.89 33.80
C GLU E 81 5.58 29.03 32.79
N LEU E 82 4.35 29.23 32.37
CA LEU E 82 3.92 30.28 31.45
C LEU E 82 2.83 31.05 32.14
N ALA E 83 2.94 32.37 32.09
CA ALA E 83 1.91 33.15 32.74
C ALA E 83 1.54 34.37 31.93
N LYS E 84 0.30 34.78 32.09
CA LYS E 84 -0.23 35.89 31.37
C LYS E 84 -1.15 36.69 32.28
N VAL E 85 -0.98 38.01 32.26
CA VAL E 85 -1.95 38.92 32.87
C VAL E 85 -2.47 39.83 31.76
N GLY E 86 -3.73 39.62 31.37
CA GLY E 86 -4.31 40.33 30.21
C GLY E 86 -3.29 40.55 29.11
N ASN E 87 -3.09 41.81 28.73
CA ASN E 87 -2.09 42.18 27.74
C ASN E 87 -0.99 43.01 28.38
N MET E 88 -0.97 43.05 29.71
CA MET E 88 0.06 43.78 30.46
C MET E 88 1.36 42.99 30.70
N LEU E 89 1.26 41.66 30.82
CA LEU E 89 2.39 40.89 31.33
C LEU E 89 2.40 39.48 30.75
N ASP E 90 3.52 39.11 30.15
CA ASP E 90 3.78 37.75 29.73
C ASP E 90 5.02 37.21 30.48
N ILE E 91 4.95 35.98 30.94
CA ILE E 91 6.08 35.43 31.66
C ILE E 91 6.36 34.02 31.26
N LEU E 92 7.64 33.72 31.06
CA LEU E 92 8.08 32.33 30.95
C LEU E 92 9.12 32.13 32.01
N HIS E 93 9.00 31.04 32.72
CA HIS E 93 9.98 30.68 33.71
C HIS E 93 10.30 29.19 33.56
N CYS E 94 11.57 28.84 33.57
CA CYS E 94 11.95 27.43 33.47
C CYS E 94 13.09 27.15 34.40
N VAL E 95 12.94 26.11 35.21
CA VAL E 95 14.03 25.62 35.99
C VAL E 95 14.14 24.08 35.89
N MET E 96 15.36 23.56 35.84
CA MET E 96 15.61 22.12 36.01
C MET E 96 16.36 21.88 37.31
N PHE E 97 15.79 21.09 38.22
CA PHE E 97 16.43 20.76 39.50
C PHE E 97 17.00 19.39 39.39
N PRO E 98 18.32 19.27 39.43
CA PRO E 98 18.89 17.91 39.37
C PRO E 98 18.61 17.15 40.65
N ARG E 99 18.55 15.83 40.59
CA ARG E 99 18.56 15.05 41.86
C ARG E 99 19.93 15.32 42.49
N PRO E 100 19.97 15.45 43.82
CA PRO E 100 21.24 15.82 44.46
C PRO E 100 22.33 14.75 44.43
N GLU E 101 22.03 13.58 43.91
CA GLU E 101 23.09 12.60 43.70
C GLU E 101 23.97 12.89 42.50
N TYR E 102 23.60 13.86 41.69
CA TYR E 102 24.32 14.14 40.47
C TYR E 102 24.94 15.50 40.52
N ASP E 103 26.17 15.60 40.03
CA ASP E 103 26.94 16.84 40.02
C ASP E 103 26.59 17.74 38.84
N LEU E 104 25.40 18.33 38.88
CA LEU E 104 24.89 19.05 37.73
C LEU E 104 24.48 20.43 38.22
N PRO E 105 24.77 21.45 37.42
CA PRO E 105 24.30 22.78 37.71
C PRO E 105 22.77 22.87 37.49
N MET E 106 22.20 24.01 37.89
CA MET E 106 20.80 24.30 37.78
C MET E 106 20.64 25.09 36.48
N PHE E 107 19.85 24.57 35.56
CA PHE E 107 19.46 25.35 34.39
C PHE E 107 18.25 26.20 34.75
N GLY E 108 18.28 27.46 34.35
CA GLY E 108 17.20 28.40 34.61
C GLY E 108 17.13 29.41 33.47
N CYS E 109 15.90 29.71 33.07
CA CYS E 109 15.69 30.85 32.21
C CYS E 109 14.32 31.49 32.46
N ASP E 110 14.31 32.81 32.27
CA ASP E 110 13.16 33.61 32.49
C ASP E 110 13.00 34.63 31.38
N LEU E 111 11.74 34.83 30.99
CA LEU E 111 11.42 35.82 30.01
C LEU E 111 10.29 36.62 30.62
N VAL E 112 10.44 37.95 30.63
CA VAL E 112 9.37 38.83 31.08
C VAL E 112 9.06 39.85 29.99
N GLY E 113 7.78 39.98 29.70
CA GLY E 113 7.35 40.78 28.60
C GLY E 113 6.04 41.45 28.86
N GLY E 114 5.60 42.14 27.84
CA GLY E 114 4.64 43.23 27.98
C GLY E 114 4.29 43.63 26.57
N ARG E 115 3.01 43.51 26.25
CA ARG E 115 2.44 44.03 25.03
C ARG E 115 3.52 44.19 23.97
N GLY E 116 3.92 43.06 23.39
CA GLY E 116 4.84 43.05 22.25
C GLY E 116 6.33 43.27 22.49
N GLN E 117 6.70 43.73 23.70
CA GLN E 117 8.11 43.93 24.04
C GLN E 117 8.57 42.94 25.14
N ILE E 118 9.82 42.56 25.03
CA ILE E 118 10.45 41.78 26.06
C ILE E 118 11.39 42.67 26.81
N SER E 119 11.06 42.89 28.07
CA SER E 119 11.86 43.78 28.92
C SER E 119 13.04 43.08 29.57
N ALA E 120 12.95 41.76 29.76
CA ALA E 120 14.02 41.03 30.44
C ALA E 120 14.12 39.58 30.02
N ALA E 121 15.34 39.16 29.69
CA ALA E 121 15.59 37.79 29.32
C ALA E 121 16.83 37.32 30.07
N ILE E 122 16.68 36.24 30.81
CA ILE E 122 17.81 35.69 31.55
C ILE E 122 17.93 34.20 31.35
N ALA E 123 19.17 33.72 31.20
CA ALA E 123 19.43 32.28 31.15
C ALA E 123 20.76 31.92 31.78
N ASP E 124 20.78 30.80 32.51
CA ASP E 124 22.00 30.38 33.16
C ASP E 124 22.08 28.89 33.43
N LEU E 125 23.31 28.43 33.55
CA LEU E 125 23.60 27.17 34.24
C LEU E 125 24.29 27.57 35.53
N SER E 126 23.53 27.66 36.61
CA SER E 126 24.03 28.15 37.88
C SER E 126 24.72 27.04 38.69
N PRO E 127 25.87 27.35 39.27
CA PRO E 127 26.68 26.33 39.95
C PRO E 127 26.06 25.79 41.23
N VAL E 128 26.29 24.51 41.51
CA VAL E 128 25.88 23.94 42.79
C VAL E 128 27.08 23.77 43.75
N HIS E 129 28.29 24.01 43.28
CA HIS E 129 29.48 23.84 44.09
C HIS E 129 29.59 24.99 45.05
N LEU E 130 30.08 24.73 46.23
CA LEU E 130 30.21 25.76 47.22
C LEU E 130 31.11 26.95 46.73
N ASP E 131 32.14 26.64 45.92
CA ASP E 131 33.09 27.65 45.38
C ASP E 131 32.68 28.34 44.07
N ARG E 132 31.39 28.22 43.73
CA ARG E 132 30.75 28.83 42.53
C ARG E 132 31.19 28.26 41.17
N THR E 133 31.92 27.16 41.16
CA THR E 133 32.39 26.63 39.90
C THR E 133 31.41 25.61 39.31
N LEU E 134 31.50 25.43 37.99
CA LEU E 134 30.75 24.46 37.23
C LEU E 134 31.67 23.28 37.11
N PRO E 135 31.18 22.10 36.70
CA PRO E 135 32.11 21.01 36.32
C PRO E 135 32.90 21.32 35.07
N GLU E 136 34.04 20.68 34.93
CA GLU E 136 35.01 20.95 33.88
C GLU E 136 34.47 20.76 32.46
N SER E 137 33.67 19.72 32.25
CA SER E 137 33.09 19.46 30.92
C SER E 137 32.13 20.60 30.53
N TYR E 138 31.47 21.20 31.53
CA TYR E 138 30.67 22.41 31.29
C TYR E 138 31.52 23.62 30.91
N ASN E 139 32.61 23.84 31.65
CA ASN E 139 33.50 24.94 31.32
C ASN E 139 34.05 24.90 29.90
N SER E 140 34.61 23.76 29.47
CA SER E 140 35.13 23.68 28.09
C SER E 140 34.04 23.96 27.09
N ALA E 141 32.88 23.33 27.29
CA ALA E 141 31.84 23.45 26.32
C ALA E 141 31.37 24.90 26.23
N LEU E 142 31.25 25.56 27.37
CA LEU E 142 30.68 26.91 27.38
C LEU E 142 31.65 27.99 26.97
N THR E 143 32.93 27.85 27.35
CA THR E 143 33.89 28.90 26.99
C THR E 143 34.22 28.78 25.52
N SER E 144 33.97 27.60 24.97
CA SER E 144 34.14 27.37 23.54
C SER E 144 33.04 28.04 22.68
N LEU E 145 31.93 28.42 23.29
CA LEU E 145 30.89 29.17 22.58
C LEU E 145 31.29 30.62 22.33
N ASN E 146 30.76 31.19 21.25
CA ASN E 146 31.10 32.54 20.79
C ASN E 146 30.69 33.68 21.73
N THR E 147 31.37 34.82 21.59
CA THR E 147 31.03 36.02 22.33
C THR E 147 29.81 36.63 21.66
N LEU E 148 28.74 36.81 22.42
CA LEU E 148 27.57 37.50 21.88
C LEU E 148 27.52 38.99 22.23
N ASN E 149 27.41 39.84 21.22
CA ASN E 149 27.24 41.27 21.46
C ASN E 149 25.78 41.66 21.58
N PHE E 150 25.29 41.70 22.81
CA PHE E 150 23.99 42.31 23.07
C PHE E 150 24.17 43.80 23.33
N SER E 151 23.27 44.59 22.78
CA SER E 151 23.28 46.05 22.93
C SER E 151 22.83 46.50 24.32
N GLN E 152 21.85 45.81 24.88
CA GLN E 152 21.33 46.16 26.21
C GLN E 152 21.56 45.05 27.24
N PRO E 153 22.83 44.79 27.61
CA PRO E 153 23.00 43.86 28.72
C PRO E 153 22.49 44.49 30.01
N ARG E 154 22.20 43.66 31.00
CA ARG E 154 21.72 44.16 32.27
C ARG E 154 22.61 43.69 33.38
N GLU E 155 22.66 44.47 34.45
CA GLU E 155 23.49 44.13 35.57
C GLU E 155 22.75 43.19 36.50
N LEU E 156 23.42 42.13 36.91
CA LEU E 156 22.87 41.21 37.87
C LEU E 156 22.75 41.89 39.21
N PRO E 157 21.63 41.60 39.90
CA PRO E 157 21.37 42.14 41.22
C PRO E 157 22.40 41.51 42.15
N GLU E 158 22.52 42.04 43.38
CA GLU E 158 23.64 41.69 44.25
C GLU E 158 23.50 40.31 44.82
N TRP E 159 22.26 39.80 44.77
CA TRP E 159 22.00 38.42 45.16
C TRP E 159 22.32 37.47 43.98
N GLY E 160 22.90 38.04 42.93
CA GLY E 160 23.19 37.33 41.68
C GLY E 160 24.54 36.65 41.63
N ASN E 161 25.12 36.37 42.79
CA ASN E 161 26.35 35.63 42.79
C ASN E 161 26.01 34.15 42.71
N ILE E 162 24.71 33.82 42.78
CA ILE E 162 24.26 32.46 42.53
C ILE E 162 24.37 32.06 41.06
N PHE E 163 24.62 33.03 40.19
CA PHE E 163 24.68 32.80 38.78
C PHE E 163 26.11 32.58 38.37
N SER E 164 26.32 31.81 37.31
CA SER E 164 27.66 31.55 36.83
C SER E 164 28.19 32.71 35.98
N ASP E 165 29.46 32.62 35.61
CA ASP E 165 30.06 33.58 34.70
C ASP E 165 29.53 33.55 33.30
N PHE E 166 28.73 32.54 32.96
CA PHE E 166 28.21 32.41 31.61
C PHE E 166 26.83 32.97 31.50
N CYS E 167 26.31 33.43 32.64
CA CYS E 167 24.96 33.89 32.73
C CYS E 167 24.69 34.98 31.70
N ILE E 168 23.51 34.94 31.09
CA ILE E 168 23.10 35.96 30.14
C ILE E 168 21.86 36.69 30.61
N PHE E 169 21.98 37.99 30.72
CA PHE E 169 20.91 38.83 31.23
C PHE E 169 20.82 40.07 30.36
N VAL E 170 19.79 40.14 29.54
CA VAL E 170 19.68 41.21 28.57
C VAL E 170 18.25 41.69 28.43
N ARG E 171 18.12 42.86 27.80
CA ARG E 171 16.86 43.35 27.26
C ARG E 171 17.01 43.32 25.74
N PRO E 172 16.39 42.33 25.06
CA PRO E 172 16.58 42.20 23.61
C PRO E 172 15.96 43.39 22.89
N SER E 173 16.74 44.05 22.04
CA SER E 173 16.25 45.24 21.38
C SER E 173 15.64 44.95 20.04
N SER E 174 16.21 43.98 19.33
CA SER E 174 15.72 43.58 18.02
C SER E 174 15.23 42.12 18.08
N PRO E 175 14.53 41.65 17.04
CA PRO E 175 14.28 40.22 16.85
C PRO E 175 15.57 39.45 16.50
N GLU E 176 16.64 40.13 16.05
CA GLU E 176 17.93 39.47 15.87
C GLU E 176 18.44 39.01 17.25
N GLU E 177 18.26 39.88 18.23
CA GLU E 177 18.76 39.63 19.56
C GLU E 177 17.91 38.58 20.24
N GLU E 178 16.61 38.62 19.96
CA GLU E 178 15.69 37.62 20.46
C GLU E 178 16.13 36.24 19.99
N ALA E 179 16.53 36.13 18.73
CA ALA E 179 16.99 34.85 18.15
C ALA E 179 18.35 34.46 18.71
N MET E 180 19.21 35.44 18.93
CA MET E 180 20.52 35.20 19.53
C MET E 180 20.35 34.60 20.93
N PHE E 181 19.41 35.18 21.68
CA PHE E 181 19.09 34.70 22.98
C PHE E 181 18.59 33.27 22.93
N LEU E 182 17.55 33.02 22.11
CA LEU E 182 16.99 31.69 21.93
C LEU E 182 18.08 30.68 21.54
N GLY E 183 18.95 31.09 20.64
CA GLY E 183 20.02 30.20 20.18
C GLY E 183 20.94 29.84 21.31
N ARG E 184 21.26 30.81 22.15
CA ARG E 184 22.11 30.54 23.29
C ARG E 184 21.48 29.66 24.39
N VAL E 185 20.19 29.86 24.66
CA VAL E 185 19.47 29.02 25.61
C VAL E 185 19.53 27.59 25.10
N ARG E 186 19.34 27.41 23.81
CA ARG E 186 19.33 26.09 23.22
C ARG E 186 20.72 25.40 23.36
N GLU E 187 21.79 26.16 23.18
CA GLU E 187 23.12 25.64 23.42
C GLU E 187 23.35 25.24 24.88
N PHE E 188 22.84 26.04 25.80
CA PHE E 188 22.97 25.69 27.21
C PHE E 188 22.29 24.36 27.43
N LEU E 189 21.06 24.22 26.89
CA LEU E 189 20.29 23.01 27.13
C LEU E 189 20.96 21.80 26.55
N GLN E 190 21.63 21.97 25.40
CA GLN E 190 22.26 20.80 24.79
C GLN E 190 23.49 20.34 25.55
N VAL E 191 24.27 21.30 26.03
CA VAL E 191 25.40 20.97 26.88
C VAL E 191 24.89 20.30 28.15
N HIS E 192 23.85 20.88 28.75
CA HIS E 192 23.27 20.38 29.99
C HIS E 192 22.69 18.95 29.84
N CYS E 193 21.98 18.69 28.75
CA CYS E 193 21.48 17.35 28.52
C CYS E 193 22.59 16.32 28.35
N GLN E 194 23.65 16.68 27.61
CA GLN E 194 24.81 15.81 27.51
C GLN E 194 25.46 15.59 28.86
N GLY E 195 25.59 16.67 29.65
CA GLY E 195 26.11 16.58 30.99
C GLY E 195 25.28 15.55 31.75
N ALA E 196 23.96 15.62 31.65
CA ALA E 196 23.11 14.80 32.50
C ALA E 196 23.20 13.33 32.14
N ILE E 197 23.33 13.07 30.85
CA ILE E 197 23.36 11.73 30.38
C ILE E 197 24.67 11.03 30.78
N ALA E 198 25.76 11.81 30.84
CA ALA E 198 27.08 11.34 31.20
C ALA E 198 27.28 11.24 32.71
N ALA E 199 26.38 11.79 33.50
CA ALA E 199 26.65 11.90 34.94
C ALA E 199 26.47 10.59 35.74
N SER E 200 27.37 10.33 36.66
CA SER E 200 27.25 9.16 37.57
C SER E 200 26.95 9.71 38.92
N PRO E 201 26.33 8.89 39.78
CA PRO E 201 26.09 9.34 41.16
C PRO E 201 27.39 9.66 41.88
N VAL E 202 27.34 10.68 42.73
CA VAL E 202 28.46 11.12 43.51
C VAL E 202 28.41 10.47 44.90
N SER E 203 29.41 10.80 45.71
CA SER E 203 29.56 10.27 47.05
C SER E 203 28.65 11.05 47.99
N ALA E 204 28.53 10.52 49.20
CA ALA E 204 27.69 11.12 50.21
C ALA E 204 28.20 12.51 50.62
N GLU E 205 29.51 12.68 50.65
CA GLU E 205 30.14 13.98 50.90
C GLU E 205 29.72 14.93 49.81
N GLN E 206 29.96 14.50 48.57
CA GLN E 206 29.71 15.41 47.48
C GLN E 206 28.24 15.79 47.42
N LYS E 207 27.38 14.83 47.66
CA LYS E 207 25.93 15.06 47.70
C LYS E 207 25.55 16.12 48.72
N GLN E 208 26.18 16.09 49.89
CA GLN E 208 25.88 17.07 50.88
C GLN E 208 26.24 18.48 50.40
N GLN E 209 27.31 18.61 49.63
CA GLN E 209 27.73 19.88 49.11
C GLN E 209 26.71 20.28 48.08
N ILE E 210 26.36 19.37 47.17
CA ILE E 210 25.49 19.73 46.06
C ILE E 210 24.12 20.20 46.55
N LEU E 211 23.55 19.44 47.47
CA LEU E 211 22.34 19.79 48.13
C LEU E 211 22.45 21.18 48.78
N ALA E 212 23.56 21.46 49.50
CA ALA E 212 23.73 22.80 50.08
C ALA E 212 23.69 23.85 48.92
N GLY E 213 24.29 23.52 47.78
CA GLY E 213 24.35 24.41 46.68
C GLY E 213 22.99 24.70 46.12
N GLN E 214 22.19 23.65 45.97
CA GLN E 214 20.82 23.86 45.53
C GLN E 214 20.03 24.63 46.53
N HIS E 215 20.21 24.30 47.80
CA HIS E 215 19.47 24.94 48.83
C HIS E 215 19.78 26.42 48.76
N ASN E 216 21.04 26.79 48.61
CA ASN E 216 21.38 28.21 48.56
C ASN E 216 20.74 28.89 47.36
N TYR E 217 20.73 28.20 46.23
CA TYR E 217 20.16 28.72 45.03
C TYR E 217 18.66 28.95 45.17
N CYS E 218 17.97 27.94 45.72
CA CYS E 218 16.51 28.05 45.94
C CYS E 218 16.14 29.13 46.98
N SER E 219 16.85 29.23 48.09
CA SER E 219 16.50 30.27 49.06
C SER E 219 16.70 31.64 48.50
N LYS E 220 17.80 31.89 47.81
CA LYS E 220 18.05 33.22 47.22
C LYS E 220 16.97 33.56 46.21
N GLN E 221 16.60 32.57 45.39
CA GLN E 221 15.53 32.77 44.43
C GLN E 221 14.17 33.02 45.08
N GLN E 222 13.82 32.26 46.11
CA GLN E 222 12.63 32.55 46.90
C GLN E 222 12.65 33.97 47.43
N GLN E 223 13.76 34.33 48.07
CA GLN E 223 13.88 35.66 48.69
C GLN E 223 13.69 36.81 47.71
N ASN E 224 14.00 36.57 46.45
CA ASN E 224 14.25 37.66 45.55
C ASN E 224 13.48 37.65 44.21
N ASP E 225 12.95 36.51 43.78
CA ASP E 225 12.17 36.47 42.54
C ASP E 225 11.01 37.43 42.60
N LYS E 226 10.79 38.16 41.51
CA LYS E 226 9.83 39.28 41.45
C LYS E 226 8.43 38.84 41.11
N THR E 227 8.24 37.58 40.72
CA THR E 227 6.90 37.13 40.39
C THR E 227 6.04 37.06 41.65
N ARG E 228 6.68 36.95 42.80
CA ARG E 228 6.01 37.07 44.08
C ARG E 228 5.00 38.24 44.16
N ARG E 229 5.45 39.43 43.79
CA ARG E 229 4.63 40.62 43.93
C ARG E 229 3.33 40.49 43.13
N VAL E 230 3.49 39.97 41.91
CA VAL E 230 2.38 39.71 41.01
C VAL E 230 1.43 38.69 41.64
N LEU E 231 1.99 37.63 42.23
CA LEU E 231 1.18 36.60 42.88
C LEU E 231 0.45 37.14 44.13
N GLU E 232 1.14 37.96 44.93
CA GLU E 232 0.53 38.56 46.11
C GLU E 232 -0.70 39.35 45.74
N LYS E 233 -0.56 40.13 44.67
CA LYS E 233 -1.63 41.01 44.21
C LYS E 233 -2.81 40.23 43.66
N ALA E 234 -2.54 39.03 43.17
CA ALA E 234 -3.56 38.19 42.59
C ALA E 234 -4.29 37.34 43.61
N PHE E 235 -3.56 36.85 44.63
CA PHE E 235 -4.13 35.84 45.50
C PHE E 235 -3.88 36.06 46.97
N GLY E 236 -3.10 37.09 47.33
CA GLY E 236 -2.76 37.30 48.77
C GLY E 236 -1.36 36.81 49.06
N VAL E 237 -0.85 37.21 50.22
CA VAL E 237 0.53 36.99 50.63
C VAL E 237 0.86 35.52 50.88
N ASP E 238 -0.04 34.79 51.55
CA ASP E 238 0.27 33.40 51.92
C ASP E 238 0.22 32.44 50.71
N TRP E 239 -0.75 32.63 49.85
CA TRP E 239 -0.83 31.86 48.60
C TRP E 239 0.46 32.07 47.80
N ALA E 240 0.89 33.32 47.68
CA ALA E 240 2.13 33.64 47.03
C ALA E 240 3.32 33.00 47.72
N GLU E 241 3.40 33.08 49.04
CA GLU E 241 4.48 32.43 49.80
C GLU E 241 4.52 30.93 49.56
N ASN E 242 3.36 30.30 49.58
CA ASN E 242 3.22 28.87 49.38
C ASN E 242 3.63 28.45 47.96
N TYR E 243 3.31 29.30 46.99
CA TYR E 243 3.64 29.04 45.60
C TYR E 243 5.15 29.13 45.34
N MET E 244 5.79 30.13 45.94
CA MET E 244 7.23 30.30 45.86
C MET E 244 7.99 29.11 46.46
N THR E 245 7.54 28.61 47.61
CA THR E 245 8.31 27.60 48.31
C THR E 245 7.94 26.16 47.89
N THR E 246 6.83 25.97 47.21
CA THR E 246 6.46 24.59 46.91
C THR E 246 6.31 24.35 45.43
N VAL E 247 6.18 25.40 44.63
CA VAL E 247 6.07 25.21 43.19
C VAL E 247 7.32 25.72 42.44
N LEU E 248 7.74 26.94 42.71
CA LEU E 248 8.79 27.53 41.93
C LEU E 248 10.18 27.18 42.43
N PHE E 249 10.43 27.29 43.72
CA PHE E 249 11.74 27.04 44.23
C PHE E 249 11.70 26.19 45.47
N ASP E 250 11.08 25.02 45.38
CA ASP E 250 11.03 24.07 46.52
C ASP E 250 12.41 23.47 46.93
N LEU E 251 12.65 23.42 48.23
CA LEU E 251 13.94 22.98 48.72
C LEU E 251 14.15 21.51 48.39
N PRO E 252 15.35 21.17 47.87
CA PRO E 252 15.75 19.83 47.37
C PRO E 252 15.35 18.62 48.25
N GLU E 253 15.48 18.72 49.57
CA GLU E 253 14.78 17.76 50.41
C GLU E 253 13.86 18.50 51.39
N ILE F 9 -44.12 -7.34 34.28
CA ILE F 9 -43.65 -8.74 34.52
C ILE F 9 -44.36 -9.28 35.77
N SER F 10 -44.99 -10.45 35.62
CA SER F 10 -45.63 -11.10 36.76
C SER F 10 -45.04 -12.49 36.93
N LEU F 11 -43.98 -12.57 37.73
CA LEU F 11 -43.32 -13.84 38.00
C LEU F 11 -43.26 -14.22 39.48
N THR F 12 -42.74 -15.42 39.73
CA THR F 12 -42.81 -16.01 41.05
C THR F 12 -41.50 -16.74 41.40
N SER F 13 -41.16 -16.73 42.69
CA SER F 13 -39.95 -17.36 43.18
C SER F 13 -40.37 -18.72 43.64
N ILE F 14 -39.84 -19.75 43.01
CA ILE F 14 -39.99 -21.08 43.56
C ILE F 14 -38.61 -21.74 43.77
N PRO F 15 -38.50 -22.66 44.74
CA PRO F 15 -37.22 -23.33 44.98
C PRO F 15 -36.75 -24.12 43.78
N SER F 16 -35.45 -24.11 43.58
CA SER F 16 -34.84 -24.78 42.46
C SER F 16 -34.98 -26.30 42.56
N LEU F 17 -35.23 -26.89 41.41
CA LEU F 17 -35.25 -28.32 41.22
C LEU F 17 -33.97 -28.99 41.76
N ARG F 18 -32.86 -28.26 41.76
CA ARG F 18 -31.58 -28.82 42.12
C ARG F 18 -31.57 -29.36 43.54
N GLU F 19 -32.49 -28.87 44.37
CA GLU F 19 -32.55 -29.35 45.76
C GLU F 19 -33.04 -30.79 45.82
N GLN F 20 -33.75 -31.21 44.79
CA GLN F 20 -34.31 -32.58 44.77
C GLN F 20 -33.39 -33.55 44.05
N GLN F 21 -32.26 -33.07 43.58
CA GLN F 21 -31.46 -33.88 42.65
C GLN F 21 -30.24 -34.48 43.30
N HIS F 22 -29.62 -35.44 42.61
CA HIS F 22 -28.33 -35.98 43.03
C HIS F 22 -27.40 -34.84 43.47
N PRO F 23 -26.66 -35.04 44.57
CA PRO F 23 -25.81 -34.01 45.13
C PRO F 23 -24.76 -33.47 44.17
N LEU F 24 -24.23 -34.31 43.28
CA LEU F 24 -23.20 -33.84 42.39
C LEU F 24 -23.83 -32.85 41.38
N ILE F 25 -25.08 -33.11 41.02
CA ILE F 25 -25.78 -32.23 40.11
C ILE F 25 -26.02 -30.86 40.77
N ARG F 26 -26.52 -30.88 42.01
CA ARG F 26 -26.63 -29.63 42.80
C ARG F 26 -25.32 -28.88 42.88
N GLN F 27 -24.25 -29.57 43.22
CA GLN F 27 -22.99 -28.93 43.41
C GLN F 27 -22.46 -28.40 42.10
N LEU F 28 -22.60 -29.15 41.01
CA LEU F 28 -22.17 -28.65 39.71
C LEU F 28 -22.96 -27.42 39.24
N ALA F 29 -24.26 -27.44 39.43
CA ALA F 29 -25.07 -26.30 39.05
C ALA F 29 -24.67 -25.08 39.85
N ASP F 30 -24.49 -25.21 41.16
CA ASP F 30 -24.13 -24.05 41.98
C ASP F 30 -22.75 -23.54 41.52
N CYS F 31 -21.86 -24.48 41.24
CA CYS F 31 -20.52 -24.15 40.89
C CYS F 31 -20.42 -23.44 39.54
N ILE F 32 -21.11 -23.94 38.51
CA ILE F 32 -21.20 -23.24 37.23
C ILE F 32 -21.71 -21.79 37.40
N GLU F 33 -22.81 -21.61 38.10
CA GLU F 33 -23.39 -20.29 38.28
C GLU F 33 -22.46 -19.41 39.11
N GLU F 34 -21.77 -20.01 40.07
CA GLU F 34 -20.86 -19.20 40.90
C GLU F 34 -19.76 -18.64 40.03
N VAL F 35 -19.18 -19.48 39.19
CA VAL F 35 -18.09 -19.00 38.29
C VAL F 35 -18.55 -17.97 37.27
N TRP F 36 -19.71 -18.20 36.66
CA TRP F 36 -20.30 -17.23 35.75
C TRP F 36 -20.40 -15.86 36.40
N HIS F 37 -20.99 -15.81 37.59
CA HIS F 37 -21.22 -14.53 38.31
C HIS F 37 -19.98 -13.88 38.73
N GLN F 38 -19.01 -14.70 39.07
CA GLN F 38 -17.74 -14.20 39.55
C GLN F 38 -16.90 -13.58 38.44
N HIS F 39 -16.89 -14.17 37.26
CA HIS F 39 -16.02 -13.69 36.18
C HIS F 39 -16.69 -12.84 35.09
N LEU F 40 -18.00 -13.00 34.90
CA LEU F 40 -18.62 -12.41 33.71
C LEU F 40 -19.64 -11.37 34.11
N ASP F 41 -20.03 -10.56 33.11
CA ASP F 41 -21.07 -9.59 33.30
C ASP F 41 -22.39 -10.08 32.75
N LEU F 42 -23.22 -10.65 33.61
CA LEU F 42 -24.42 -11.41 33.16
C LEU F 42 -25.63 -10.55 32.96
N SER F 43 -26.42 -10.89 31.95
CA SER F 43 -27.75 -10.36 31.76
C SER F 43 -28.66 -11.54 31.48
N PRO F 44 -29.95 -11.36 31.74
CA PRO F 44 -30.87 -12.43 31.47
C PRO F 44 -31.01 -12.69 29.96
N TYR F 45 -31.33 -13.92 29.64
CA TYR F 45 -31.66 -14.31 28.31
C TYR F 45 -32.94 -15.10 28.55
N HIS F 46 -34.06 -14.71 27.95
CA HIS F 46 -35.28 -15.52 28.15
C HIS F 46 -35.54 -16.47 27.03
N LEU F 47 -35.91 -17.68 27.40
CA LEU F 47 -36.41 -18.64 26.43
C LEU F 47 -37.83 -18.24 26.05
N PRO F 48 -38.38 -18.85 24.99
CA PRO F 48 -39.84 -18.74 24.74
C PRO F 48 -40.58 -19.14 26.01
N ALA F 49 -41.73 -18.52 26.26
CA ALA F 49 -42.25 -18.37 27.63
C ALA F 49 -42.70 -19.66 28.33
N GLU F 50 -43.28 -20.58 27.59
CA GLU F 50 -43.75 -21.81 28.21
C GLU F 50 -42.56 -22.74 28.54
N LEU F 51 -41.31 -22.27 28.36
CA LEU F 51 -40.12 -23.16 28.36
C LEU F 51 -39.08 -22.98 29.45
N GLY F 52 -39.22 -21.95 30.27
CA GLY F 52 -38.35 -21.79 31.42
C GLY F 52 -38.52 -22.90 32.45
N TYR F 53 -39.75 -23.36 32.60
CA TYR F 53 -40.10 -24.33 33.60
C TYR F 53 -41.14 -25.21 32.94
N VAL F 54 -40.83 -26.49 32.81
CA VAL F 54 -41.70 -27.39 32.12
C VAL F 54 -42.10 -28.57 32.99
N GLU F 55 -43.40 -28.84 33.05
CA GLU F 55 -43.90 -29.99 33.79
C GLU F 55 -44.60 -30.98 32.88
N GLY F 56 -44.32 -32.25 33.08
CA GLY F 56 -45.01 -33.29 32.34
C GLY F 56 -45.05 -34.58 33.13
N ARG F 57 -45.35 -35.65 32.42
CA ARG F 57 -45.54 -36.98 33.01
C ARG F 57 -44.90 -38.01 32.11
N LEU F 58 -44.26 -39.01 32.71
CA LEU F 58 -43.65 -40.08 31.98
C LEU F 58 -43.68 -41.35 32.83
N GLU F 59 -44.42 -42.37 32.37
CA GLU F 59 -44.65 -43.60 33.12
C GLU F 59 -45.20 -43.31 34.50
N GLY F 60 -46.15 -42.38 34.62
CA GLY F 60 -46.73 -42.06 35.89
C GLY F 60 -45.84 -41.14 36.71
N GLU F 61 -44.56 -41.07 36.38
CA GLU F 61 -43.61 -40.21 37.10
C GLU F 61 -43.65 -38.73 36.66
N LYS F 62 -43.43 -37.84 37.61
CA LYS F 62 -43.40 -36.41 37.32
C LYS F 62 -42.14 -36.04 36.57
N LEU F 63 -42.30 -35.31 35.47
CA LEU F 63 -41.18 -34.77 34.73
C LEU F 63 -41.11 -33.28 34.95
N THR F 64 -39.93 -32.81 35.35
CA THR F 64 -39.70 -31.39 35.56
C THR F 64 -38.43 -31.00 34.85
N ILE F 65 -38.51 -29.88 34.13
CA ILE F 65 -37.35 -29.29 33.49
C ILE F 65 -37.28 -27.82 33.91
N GLU F 66 -36.12 -27.44 34.39
CA GLU F 66 -35.92 -26.09 34.82
C GLU F 66 -34.76 -25.57 33.99
N ASN F 67 -34.99 -24.44 33.33
CA ASN F 67 -34.05 -23.83 32.41
C ASN F 67 -33.68 -22.45 32.91
N ARG F 68 -32.40 -22.14 32.78
CA ARG F 68 -31.89 -20.85 33.20
C ARG F 68 -30.86 -20.39 32.18
N CYS F 69 -31.03 -19.17 31.66
CA CYS F 69 -30.16 -18.64 30.61
C CYS F 69 -29.67 -17.26 30.88
N TYR F 70 -28.44 -16.99 30.46
CA TYR F 70 -27.91 -15.67 30.52
C TYR F 70 -27.17 -15.39 29.24
N GLN F 71 -26.73 -14.12 29.12
CA GLN F 71 -25.87 -13.67 28.04
C GLN F 71 -24.87 -12.64 28.55
N THR F 72 -23.79 -12.49 27.81
CA THR F 72 -22.82 -11.50 28.13
C THR F 72 -22.36 -10.88 26.83
N PRO F 73 -21.48 -9.88 26.89
CA PRO F 73 -20.94 -9.36 25.64
C PRO F 73 -20.27 -10.42 24.76
N GLN F 74 -19.73 -11.48 25.35
CA GLN F 74 -19.03 -12.54 24.57
C GLN F 74 -19.86 -13.75 24.30
N PHE F 75 -20.87 -14.00 25.13
CA PHE F 75 -21.71 -15.18 24.96
C PHE F 75 -23.14 -14.85 24.56
N ARG F 76 -23.55 -15.37 23.43
CA ARG F 76 -24.91 -15.20 22.97
C ARG F 76 -25.87 -15.85 23.96
N LYS F 77 -25.45 -16.96 24.59
CA LYS F 77 -26.36 -17.71 25.40
C LYS F 77 -25.60 -18.65 26.32
N MET F 78 -25.96 -18.62 27.60
CA MET F 78 -25.39 -19.49 28.58
C MET F 78 -26.51 -20.23 29.21
N HIS F 79 -26.60 -21.50 28.92
CA HIS F 79 -27.75 -22.26 29.28
C HIS F 79 -27.47 -23.34 30.33
N LEU F 80 -28.15 -23.25 31.46
CA LEU F 80 -28.16 -24.31 32.44
C LEU F 80 -29.55 -24.96 32.54
N GLU F 81 -29.60 -26.25 32.26
CA GLU F 81 -30.83 -27.03 32.26
C GLU F 81 -30.72 -28.12 33.29
N LEU F 82 -31.73 -28.18 34.15
CA LEU F 82 -31.87 -29.28 35.09
C LEU F 82 -33.13 -30.05 34.82
N ALA F 83 -33.05 -31.36 34.86
CA ALA F 83 -34.26 -32.13 34.65
C ALA F 83 -34.34 -33.35 35.54
N LYS F 84 -35.57 -33.69 35.88
CA LYS F 84 -35.84 -34.78 36.76
C LYS F 84 -37.07 -35.55 36.26
N VAL F 85 -36.95 -36.87 36.21
CA VAL F 85 -38.08 -37.77 36.00
C VAL F 85 -38.26 -38.66 37.24
N GLY F 86 -39.27 -38.37 38.07
CA GLY F 86 -39.43 -39.07 39.36
C GLY F 86 -38.08 -39.32 40.03
N ASN F 87 -37.83 -40.57 40.43
CA ASN F 87 -36.51 -40.96 40.91
C ASN F 87 -35.74 -41.81 39.90
N MET F 88 -36.23 -41.85 38.66
CA MET F 88 -35.64 -42.64 37.59
C MET F 88 -34.44 -41.94 36.91
N LEU F 89 -34.49 -40.61 36.84
CA LEU F 89 -33.56 -39.90 35.97
C LEU F 89 -33.33 -38.47 36.45
N ASP F 90 -32.06 -38.10 36.56
CA ASP F 90 -31.62 -36.75 36.89
C ASP F 90 -30.67 -36.31 35.80
N ILE F 91 -30.83 -35.08 35.33
CA ILE F 91 -30.02 -34.58 34.24
C ILE F 91 -29.55 -33.18 34.52
N LEU F 92 -28.28 -32.93 34.29
CA LEU F 92 -27.78 -31.59 34.18
C LEU F 92 -27.18 -31.41 32.80
N HIS F 93 -27.51 -30.30 32.16
CA HIS F 93 -26.95 -29.98 30.88
C HIS F 93 -26.57 -28.51 30.84
N CYS F 94 -25.35 -28.22 30.43
CA CYS F 94 -24.91 -26.85 30.37
C CYS F 94 -24.13 -26.59 29.10
N VAL F 95 -24.48 -25.52 28.37
CA VAL F 95 -23.72 -25.13 27.20
C VAL F 95 -23.58 -23.63 27.16
N MET F 96 -22.38 -23.13 26.80
CA MET F 96 -22.13 -21.70 26.52
C MET F 96 -21.86 -21.49 25.04
N PHE F 97 -22.67 -20.65 24.40
CA PHE F 97 -22.58 -20.37 23.00
C PHE F 97 -21.97 -19.00 22.82
N PRO F 98 -20.73 -18.94 22.29
CA PRO F 98 -20.10 -17.62 22.12
C PRO F 98 -20.77 -16.87 20.99
N ARG F 99 -20.77 -15.56 21.06
CA ARG F 99 -21.13 -14.77 19.91
C ARG F 99 -20.07 -15.06 18.85
N PRO F 100 -20.52 -15.23 17.60
CA PRO F 100 -19.56 -15.64 16.58
C PRO F 100 -18.45 -14.62 16.24
N GLU F 101 -18.55 -13.39 16.77
CA GLU F 101 -17.47 -12.43 16.59
C GLU F 101 -16.22 -12.78 17.41
N TYR F 102 -16.34 -13.73 18.31
CA TYR F 102 -15.26 -14.07 19.20
C TYR F 102 -14.73 -15.46 18.99
N ASP F 103 -13.42 -15.56 19.00
CA ASP F 103 -12.75 -16.83 18.78
C ASP F 103 -12.73 -17.70 20.04
N LEU F 104 -13.87 -18.29 20.40
CA LEU F 104 -14.02 -18.98 21.66
C LEU F 104 -14.60 -20.33 21.38
N PRO F 105 -14.08 -21.37 22.03
CA PRO F 105 -14.69 -22.69 21.90
C PRO F 105 -16.06 -22.76 22.64
N MET F 106 -16.72 -23.90 22.48
CA MET F 106 -17.99 -24.13 23.11
C MET F 106 -17.76 -24.86 24.40
N PHE F 107 -18.15 -24.29 25.51
CA PHE F 107 -18.17 -25.07 26.75
C PHE F 107 -19.45 -25.93 26.83
N GLY F 108 -19.32 -27.20 27.14
CA GLY F 108 -20.49 -28.04 27.44
C GLY F 108 -20.21 -29.04 28.54
N CYS F 109 -21.17 -29.25 29.41
CA CYS F 109 -21.09 -30.40 30.30
C CYS F 109 -22.46 -30.97 30.57
N ASP F 110 -22.46 -32.28 30.80
CA ASP F 110 -23.66 -33.02 30.98
C ASP F 110 -23.46 -34.02 32.09
N LEU F 111 -24.50 -34.23 32.85
CA LEU F 111 -24.49 -35.17 33.94
C LEU F 111 -25.80 -35.94 33.82
N VAL F 112 -25.70 -37.25 33.76
CA VAL F 112 -26.87 -38.09 33.74
C VAL F 112 -26.79 -39.08 34.89
N GLY F 113 -27.88 -39.16 35.64
CA GLY F 113 -27.98 -40.11 36.73
C GLY F 113 -29.39 -40.58 36.99
N GLY F 114 -29.63 -40.93 38.26
CA GLY F 114 -30.87 -41.57 38.69
C GLY F 114 -30.52 -42.64 39.69
N ARG F 115 -31.30 -42.70 40.78
CA ARG F 115 -31.19 -43.74 41.83
C ARG F 115 -29.92 -43.51 42.67
N GLY F 116 -29.68 -42.24 42.97
CA GLY F 116 -28.52 -41.82 43.76
C GLY F 116 -27.25 -42.36 43.14
N GLN F 117 -27.21 -42.40 41.81
CA GLN F 117 -26.00 -42.73 41.05
C GLN F 117 -25.78 -41.83 39.83
N ILE F 118 -24.54 -41.77 39.35
CA ILE F 118 -24.25 -41.07 38.12
C ILE F 118 -23.68 -42.01 37.09
N SER F 119 -24.44 -42.22 36.02
CA SER F 119 -24.01 -43.13 34.96
C SER F 119 -23.07 -42.50 33.95
N ALA F 120 -23.19 -41.18 33.76
CA ALA F 120 -22.42 -40.46 32.73
C ALA F 120 -22.10 -39.00 33.12
N ALA F 121 -20.84 -38.64 32.99
CA ALA F 121 -20.43 -37.27 33.19
C ALA F 121 -19.50 -36.87 32.05
N ILE F 122 -19.85 -35.80 31.35
CA ILE F 122 -18.98 -35.33 30.28
C ILE F 122 -18.78 -33.80 30.41
N ALA F 123 -17.57 -33.33 30.08
CA ALA F 123 -17.29 -31.92 30.01
C ALA F 123 -16.24 -31.67 28.94
N ASP F 124 -16.43 -30.58 28.18
CA ASP F 124 -15.48 -30.22 27.15
C ASP F 124 -15.48 -28.75 26.82
N LEU F 125 -14.37 -28.32 26.25
CA LEU F 125 -14.27 -27.06 25.56
C LEU F 125 -14.12 -27.48 24.09
N SER F 126 -15.22 -27.49 23.35
CA SER F 126 -15.22 -28.04 21.98
C SER F 126 -14.82 -26.98 20.92
N PRO F 127 -13.96 -27.36 19.98
CA PRO F 127 -13.37 -26.37 19.08
C PRO F 127 -14.35 -25.73 18.10
N VAL F 128 -14.12 -24.48 17.70
CA VAL F 128 -14.94 -23.89 16.62
C VAL F 128 -14.10 -23.75 15.36
N HIS F 129 -12.80 -23.98 15.46
CA HIS F 129 -11.91 -23.97 14.31
C HIS F 129 -12.18 -25.19 13.47
N LEU F 130 -11.95 -25.07 12.17
CA LEU F 130 -12.26 -26.14 11.25
C LEU F 130 -11.37 -27.36 11.40
N ASP F 131 -10.09 -27.13 11.74
CA ASP F 131 -9.09 -28.15 11.94
C ASP F 131 -9.09 -28.75 13.35
N ARG F 132 -10.06 -28.36 14.19
CA ARG F 132 -10.29 -29.03 15.50
C ARG F 132 -9.42 -28.59 16.70
N THR F 133 -8.62 -27.56 16.51
CA THR F 133 -7.81 -27.07 17.59
C THR F 133 -8.53 -26.00 18.43
N LEU F 134 -8.00 -25.81 19.63
CA LEU F 134 -8.39 -24.73 20.51
C LEU F 134 -7.38 -23.62 20.28
N PRO F 135 -7.72 -22.35 20.60
CA PRO F 135 -6.70 -21.26 20.56
C PRO F 135 -5.53 -21.60 21.46
N GLU F 136 -4.38 -20.97 21.22
CA GLU F 136 -3.16 -21.35 21.95
C GLU F 136 -3.20 -21.14 23.45
N SER F 137 -3.82 -20.05 23.89
CA SER F 137 -3.93 -19.80 25.32
C SER F 137 -4.70 -20.94 25.98
N TYR F 138 -5.70 -21.48 25.30
CA TYR F 138 -6.39 -22.64 25.85
C TYR F 138 -5.51 -23.88 25.92
N ASN F 139 -4.79 -24.18 24.84
CA ASN F 139 -3.85 -25.26 24.85
C ASN F 139 -2.86 -25.21 26.01
N SER F 140 -2.21 -24.07 26.24
CA SER F 140 -1.20 -24.02 27.30
C SER F 140 -1.88 -24.26 28.62
N ALA F 141 -2.98 -23.57 28.85
CA ALA F 141 -3.65 -23.70 30.14
C ALA F 141 -4.10 -25.12 30.42
N LEU F 142 -4.65 -25.79 29.41
CA LEU F 142 -5.23 -27.08 29.62
C LEU F 142 -4.20 -28.21 29.74
N THR F 143 -3.02 -28.09 29.11
CA THR F 143 -2.02 -29.15 29.22
C THR F 143 -1.27 -29.09 30.56
N SER F 144 -1.38 -27.97 31.26
CA SER F 144 -0.73 -27.81 32.55
C SER F 144 -1.65 -28.10 33.73
N LEU F 145 -2.87 -28.55 33.46
CA LEU F 145 -3.67 -29.11 34.54
C LEU F 145 -3.12 -30.49 34.88
N ASN F 146 -3.46 -31.01 36.06
CA ASN F 146 -3.02 -32.36 36.44
C ASN F 146 -3.77 -33.42 35.67
N THR F 147 -3.09 -34.53 35.40
CA THR F 147 -3.74 -35.70 34.81
C THR F 147 -4.66 -36.36 35.84
N LEU F 148 -5.91 -36.53 35.44
CA LEU F 148 -6.86 -37.10 36.35
C LEU F 148 -7.09 -38.55 35.96
N ASN F 149 -6.79 -39.44 36.92
CA ASN F 149 -6.95 -40.87 36.74
C ASN F 149 -8.32 -41.34 37.18
N PHE F 150 -9.24 -41.45 36.23
CA PHE F 150 -10.57 -42.03 36.48
C PHE F 150 -10.56 -43.54 36.15
N SER F 151 -11.27 -44.33 36.97
CA SER F 151 -11.25 -45.78 36.82
C SER F 151 -12.21 -46.30 35.74
N GLN F 152 -13.19 -45.48 35.35
CA GLN F 152 -14.11 -45.88 34.28
C GLN F 152 -14.31 -44.81 33.21
N PRO F 153 -13.28 -44.58 32.38
CA PRO F 153 -13.49 -43.68 31.24
C PRO F 153 -14.44 -44.32 30.23
N ARG F 154 -15.01 -43.48 29.37
CA ARG F 154 -15.94 -43.96 28.36
C ARG F 154 -15.46 -43.52 27.01
N GLU F 155 -15.83 -44.26 25.99
CA GLU F 155 -15.42 -43.98 24.65
C GLU F 155 -16.44 -43.04 24.03
N LEU F 156 -15.93 -42.00 23.36
CA LEU F 156 -16.78 -41.10 22.61
C LEU F 156 -17.27 -41.86 21.35
N PRO F 157 -18.49 -41.60 20.87
CA PRO F 157 -18.76 -42.17 19.53
C PRO F 157 -18.10 -41.27 18.47
N GLU F 158 -18.15 -41.67 17.19
CA GLU F 158 -17.54 -40.87 16.13
C GLU F 158 -18.14 -39.48 15.85
N TRP F 159 -19.44 -39.29 16.07
CA TRP F 159 -20.00 -37.94 16.00
C TRP F 159 -19.33 -37.07 17.10
N GLY F 160 -18.61 -37.75 17.99
CA GLY F 160 -17.85 -37.14 19.06
C GLY F 160 -16.55 -36.49 18.63
N ASN F 161 -16.26 -36.46 17.31
CA ASN F 161 -15.10 -35.66 16.84
C ASN F 161 -15.35 -34.15 16.87
N ILE F 162 -16.50 -33.75 17.39
CA ILE F 162 -16.74 -32.35 17.63
C ILE F 162 -16.09 -31.97 18.94
N PHE F 163 -15.67 -32.97 19.72
CA PHE F 163 -15.04 -32.73 21.02
C PHE F 163 -13.54 -32.57 20.87
N SER F 164 -12.94 -31.78 21.75
CA SER F 164 -11.51 -31.58 21.78
C SER F 164 -10.81 -32.74 22.42
N ASP F 165 -9.48 -32.71 22.36
CA ASP F 165 -8.62 -33.72 22.96
C ASP F 165 -8.61 -33.68 24.47
N PHE F 166 -9.14 -32.62 25.05
CA PHE F 166 -9.22 -32.48 26.50
C PHE F 166 -10.53 -32.98 27.06
N CYS F 167 -11.43 -33.39 26.19
CA CYS F 167 -12.73 -33.82 26.61
C CYS F 167 -12.67 -34.92 27.67
N ILE F 168 -13.56 -34.85 28.64
CA ILE F 168 -13.60 -35.82 29.71
C ILE F 168 -14.97 -36.48 29.73
N PHE F 169 -14.96 -37.79 29.64
CA PHE F 169 -16.17 -38.57 29.54
C PHE F 169 -16.02 -39.82 30.39
N VAL F 170 -16.67 -39.81 31.54
CA VAL F 170 -16.47 -40.88 32.50
C VAL F 170 -17.76 -41.32 33.13
N ARG F 171 -17.71 -42.47 33.81
CA ARG F 171 -18.71 -42.86 34.80
C ARG F 171 -18.01 -42.84 36.14
N PRO F 172 -18.32 -41.84 36.99
CA PRO F 172 -17.64 -41.71 38.27
C PRO F 172 -18.04 -42.85 39.19
N SER F 173 -17.05 -43.58 39.69
CA SER F 173 -17.30 -44.76 40.52
C SER F 173 -17.38 -44.44 42.00
N SER F 174 -16.59 -43.46 42.44
CA SER F 174 -16.55 -43.05 43.84
C SER F 174 -16.90 -41.57 43.95
N PRO F 175 -17.20 -41.11 45.18
CA PRO F 175 -17.34 -39.68 45.43
C PRO F 175 -16.06 -38.88 45.24
N GLU F 176 -14.91 -39.54 45.30
CA GLU F 176 -13.67 -38.84 45.02
C GLU F 176 -13.58 -38.55 43.52
N GLU F 177 -14.07 -39.46 42.69
CA GLU F 177 -14.11 -39.22 41.25
C GLU F 177 -15.11 -38.12 40.90
N GLU F 178 -16.23 -38.10 41.62
CA GLU F 178 -17.22 -37.07 41.45
C GLU F 178 -16.64 -35.69 41.74
N ALA F 179 -15.81 -35.59 42.76
CA ALA F 179 -15.15 -34.34 43.08
C ALA F 179 -14.03 -34.02 42.09
N MET F 180 -13.34 -35.05 41.60
CA MET F 180 -12.32 -34.85 40.57
C MET F 180 -12.97 -34.22 39.36
N PHE F 181 -14.12 -34.77 38.98
CA PHE F 181 -14.83 -34.30 37.84
C PHE F 181 -15.29 -32.84 38.03
N LEU F 182 -15.89 -32.57 39.17
CA LEU F 182 -16.36 -31.24 39.46
C LEU F 182 -15.21 -30.23 39.48
N GLY F 183 -14.05 -30.61 40.00
CA GLY F 183 -12.88 -29.73 40.03
C GLY F 183 -12.36 -29.42 38.66
N ARG F 184 -12.41 -30.40 37.76
CA ARG F 184 -11.95 -30.23 36.40
C ARG F 184 -12.88 -29.31 35.61
N VAL F 185 -14.19 -29.50 35.79
CA VAL F 185 -15.16 -28.64 35.13
C VAL F 185 -14.88 -27.21 35.57
N ARG F 186 -14.67 -27.04 36.86
CA ARG F 186 -14.37 -25.73 37.36
C ARG F 186 -13.12 -25.11 36.69
N GLU F 187 -12.06 -25.91 36.53
CA GLU F 187 -10.86 -25.43 35.87
C GLU F 187 -11.14 -25.03 34.39
N PHE F 188 -11.95 -25.84 33.71
CA PHE F 188 -12.33 -25.51 32.35
C PHE F 188 -13.05 -24.17 32.33
N LEU F 189 -13.97 -23.97 33.26
CA LEU F 189 -14.71 -22.74 33.28
C LEU F 189 -13.85 -21.53 33.58
N GLN F 190 -12.87 -21.69 34.44
CA GLN F 190 -12.00 -20.56 34.77
C GLN F 190 -11.14 -20.18 33.60
N VAL F 191 -10.62 -21.17 32.88
CA VAL F 191 -9.80 -20.91 31.70
C VAL F 191 -10.68 -20.22 30.70
N HIS F 192 -11.90 -20.74 30.54
CA HIS F 192 -12.80 -20.30 29.50
C HIS F 192 -13.23 -18.87 29.77
N CYS F 193 -13.48 -18.55 31.03
CA CYS F 193 -13.91 -17.18 31.36
C CYS F 193 -12.78 -16.16 31.19
N GLN F 194 -11.55 -16.57 31.48
CA GLN F 194 -10.36 -15.79 31.20
C GLN F 194 -10.24 -15.59 29.69
N GLY F 195 -10.41 -16.68 28.94
CA GLY F 195 -10.41 -16.62 27.46
C GLY F 195 -11.37 -15.55 26.96
N ALA F 196 -12.59 -15.55 27.49
CA ALA F 196 -13.67 -14.69 27.03
C ALA F 196 -13.40 -13.24 27.34
N ILE F 197 -12.90 -12.98 28.54
CA ILE F 197 -12.58 -11.61 28.95
C ILE F 197 -11.42 -11.02 28.11
N ALA F 198 -10.51 -11.89 27.63
CA ALA F 198 -9.32 -11.49 26.84
C ALA F 198 -9.64 -11.29 25.36
N ALA F 199 -10.79 -11.76 24.92
CA ALA F 199 -11.05 -11.91 23.49
C ALA F 199 -11.47 -10.60 22.82
N SER F 200 -10.93 -10.36 21.63
CA SER F 200 -11.35 -9.27 20.80
C SER F 200 -12.06 -9.82 19.57
N PRO F 201 -12.88 -9.01 18.93
CA PRO F 201 -13.55 -9.39 17.69
C PRO F 201 -12.57 -9.78 16.58
N VAL F 202 -12.89 -10.84 15.89
CA VAL F 202 -12.07 -11.36 14.83
C VAL F 202 -12.46 -10.73 13.50
N SER F 203 -11.64 -10.94 12.49
CA SER F 203 -11.92 -10.50 11.11
C SER F 203 -13.10 -11.27 10.53
N ALA F 204 -13.65 -10.73 9.44
CA ALA F 204 -14.79 -11.30 8.71
C ALA F 204 -14.47 -12.75 8.28
N GLU F 205 -13.28 -12.92 7.71
CA GLU F 205 -12.70 -14.21 7.30
C GLU F 205 -12.79 -15.21 8.47
N GLN F 206 -12.32 -14.82 9.63
CA GLN F 206 -12.35 -15.69 10.79
C GLN F 206 -13.76 -15.94 11.31
N LYS F 207 -14.60 -14.89 11.31
CA LYS F 207 -16.00 -15.01 11.69
C LYS F 207 -16.68 -16.14 10.89
N GLN F 208 -16.47 -16.16 9.57
CA GLN F 208 -17.08 -17.17 8.69
C GLN F 208 -16.75 -18.56 9.13
N GLN F 209 -15.48 -18.82 9.45
CA GLN F 209 -15.06 -20.16 9.91
C GLN F 209 -15.65 -20.58 11.25
N ILE F 210 -15.53 -19.69 12.22
CA ILE F 210 -16.04 -19.84 13.56
C ILE F 210 -17.52 -20.14 13.54
N LEU F 211 -18.26 -19.40 12.75
CA LEU F 211 -19.67 -19.50 12.65
C LEU F 211 -20.03 -20.86 12.06
N ALA F 212 -19.26 -21.30 11.06
CA ALA F 212 -19.43 -22.66 10.52
C ALA F 212 -19.13 -23.74 11.55
N GLY F 213 -18.12 -23.48 12.40
CA GLY F 213 -17.73 -24.36 13.48
C GLY F 213 -18.84 -24.56 14.47
N GLN F 214 -19.44 -23.46 14.94
CA GLN F 214 -20.61 -23.57 15.81
C GLN F 214 -21.77 -24.32 15.13
N HIS F 215 -22.04 -23.95 13.90
CA HIS F 215 -23.11 -24.60 13.17
C HIS F 215 -22.90 -26.13 13.11
N ASN F 216 -21.68 -26.57 12.77
CA ASN F 216 -21.37 -27.99 12.83
C ASN F 216 -21.61 -28.61 14.20
N TYR F 217 -21.10 -27.95 15.23
CA TYR F 217 -21.27 -28.42 16.60
C TYR F 217 -22.74 -28.59 16.97
N CYS F 218 -23.56 -27.58 16.70
CA CYS F 218 -24.99 -27.64 17.04
C CYS F 218 -25.79 -28.66 16.21
N SER F 219 -25.46 -28.84 14.93
CA SER F 219 -26.18 -29.87 14.15
C SER F 219 -25.87 -31.25 14.61
N LYS F 220 -24.59 -31.55 14.87
CA LYS F 220 -24.22 -32.88 15.39
C LYS F 220 -24.88 -33.16 16.73
N GLN F 221 -24.90 -32.18 17.63
CA GLN F 221 -25.59 -32.32 18.91
C GLN F 221 -27.11 -32.54 18.74
N GLN F 222 -27.75 -31.76 17.90
CA GLN F 222 -29.16 -32.00 17.60
C GLN F 222 -29.40 -33.42 17.10
N GLN F 223 -28.60 -33.84 16.12
CA GLN F 223 -28.75 -35.18 15.55
C GLN F 223 -28.56 -36.29 16.56
N ASN F 224 -27.84 -36.03 17.63
CA ASN F 224 -27.33 -37.13 18.40
C ASN F 224 -27.56 -37.11 19.89
N ASP F 225 -27.84 -35.96 20.48
CA ASP F 225 -28.12 -35.88 21.92
C ASP F 225 -29.28 -36.82 22.27
N LYS F 226 -29.13 -37.54 23.39
CA LYS F 226 -30.06 -38.61 23.79
C LYS F 226 -31.25 -38.12 24.59
N THR F 227 -31.23 -36.85 24.99
CA THR F 227 -32.35 -36.31 25.77
C THR F 227 -33.61 -36.24 24.90
N ARG F 228 -33.38 -36.18 23.59
CA ARG F 228 -34.45 -36.26 22.61
C ARG F 228 -35.49 -37.36 22.89
N ARG F 229 -35.00 -38.57 23.08
CA ARG F 229 -35.78 -39.75 23.32
C ARG F 229 -36.72 -39.55 24.53
N VAL F 230 -36.16 -39.02 25.61
CA VAL F 230 -36.88 -38.69 26.81
C VAL F 230 -37.97 -37.68 26.50
N LEU F 231 -37.63 -36.68 25.72
CA LEU F 231 -38.55 -35.59 25.42
C LEU F 231 -39.71 -36.04 24.51
N GLU F 232 -39.38 -36.89 23.54
CA GLU F 232 -40.41 -37.49 22.67
C GLU F 232 -41.43 -38.26 23.49
N LYS F 233 -40.95 -39.09 24.41
CA LYS F 233 -41.81 -39.89 25.25
C LYS F 233 -42.65 -39.06 26.19
N ALA F 234 -42.13 -37.87 26.57
CA ALA F 234 -42.90 -36.97 27.42
C ALA F 234 -43.94 -36.15 26.69
N PHE F 235 -43.58 -35.63 25.53
CA PHE F 235 -44.40 -34.64 24.83
C PHE F 235 -44.72 -34.89 23.33
N GLY F 236 -44.18 -35.96 22.76
CA GLY F 236 -44.31 -36.20 21.32
C GLY F 236 -43.10 -35.69 20.52
N VAL F 237 -43.06 -36.09 19.27
CA VAL F 237 -41.91 -35.92 18.42
C VAL F 237 -41.63 -34.48 18.03
N ASP F 238 -42.68 -33.73 17.72
CA ASP F 238 -42.55 -32.36 17.25
C ASP F 238 -42.15 -31.39 18.37
N TRP F 239 -42.73 -31.58 19.54
CA TRP F 239 -42.35 -30.82 20.71
C TRP F 239 -40.85 -31.05 20.96
N ALA F 240 -40.41 -32.31 20.94
CA ALA F 240 -39.02 -32.62 21.19
C ALA F 240 -38.11 -32.03 20.11
N GLU F 241 -38.53 -32.09 18.86
CA GLU F 241 -37.75 -31.51 17.77
C GLU F 241 -37.59 -30.00 17.93
N ASN F 242 -38.69 -29.35 18.25
CA ASN F 242 -38.71 -27.94 18.52
C ASN F 242 -37.82 -27.54 19.70
N TYR F 243 -37.76 -28.41 20.69
CA TYR F 243 -36.98 -28.13 21.90
C TYR F 243 -35.50 -28.23 21.61
N MET F 244 -35.10 -29.25 20.86
CA MET F 244 -33.70 -29.47 20.44
C MET F 244 -33.19 -28.33 19.60
N THR F 245 -34.02 -27.83 18.68
CA THR F 245 -33.54 -26.86 17.73
C THR F 245 -33.74 -25.43 18.21
N THR F 246 -34.59 -25.20 19.18
CA THR F 246 -34.71 -23.83 19.62
C THR F 246 -34.27 -23.59 21.04
N VAL F 247 -34.12 -24.63 21.85
CA VAL F 247 -33.72 -24.41 23.24
C VAL F 247 -32.34 -24.96 23.53
N LEU F 248 -32.10 -26.22 23.19
CA LEU F 248 -30.84 -26.85 23.51
C LEU F 248 -29.68 -26.52 22.57
N PHE F 249 -29.91 -26.66 21.27
CA PHE F 249 -28.84 -26.47 20.34
C PHE F 249 -29.29 -25.62 19.19
N ASP F 250 -29.68 -24.38 19.47
CA ASP F 250 -30.13 -23.49 18.41
C ASP F 250 -28.94 -23.00 17.57
N LEU F 251 -29.15 -22.97 16.25
CA LEU F 251 -28.16 -22.55 15.28
C LEU F 251 -27.78 -21.12 15.49
N PRO F 252 -26.46 -20.87 15.35
CA PRO F 252 -25.71 -19.66 15.68
C PRO F 252 -26.21 -18.35 15.09
N GLU F 253 -27.01 -18.39 14.04
CA GLU F 253 -27.81 -17.20 13.78
C GLU F 253 -29.30 -17.54 13.43
N PRO G 6 25.04 41.28 -24.26
CA PRO G 6 24.72 42.68 -23.79
C PRO G 6 25.28 42.95 -22.39
N GLU G 7 26.46 43.55 -22.35
CA GLU G 7 27.33 43.44 -21.19
C GLU G 7 27.11 44.60 -20.20
N PHE G 8 27.64 44.50 -19.00
CA PHE G 8 27.62 45.61 -18.04
C PHE G 8 28.38 46.80 -18.59
N ILE G 9 27.82 47.99 -18.39
CA ILE G 9 28.32 49.22 -18.98
C ILE G 9 29.83 49.52 -18.71
N SER G 10 30.41 48.88 -17.68
CA SER G 10 31.72 49.22 -17.11
C SER G 10 32.79 48.40 -17.76
N LEU G 11 32.35 47.41 -18.51
CA LEU G 11 33.24 46.50 -19.16
C LEU G 11 33.51 47.00 -20.57
N THR G 12 34.53 46.43 -21.22
CA THR G 12 34.78 46.70 -22.64
C THR G 12 34.65 45.43 -23.46
N SER G 13 33.93 45.51 -24.55
CA SER G 13 33.71 44.38 -25.44
C SER G 13 34.69 44.37 -26.59
N ILE G 14 35.36 43.24 -26.80
CA ILE G 14 36.32 43.14 -27.88
C ILE G 14 36.06 41.86 -28.67
N PRO G 15 36.55 41.77 -29.92
CA PRO G 15 36.34 40.48 -30.62
C PRO G 15 36.68 39.23 -29.79
N SER G 16 35.81 38.21 -29.74
CA SER G 16 36.24 36.91 -29.28
C SER G 16 37.53 36.55 -30.03
N LEU G 17 38.42 35.89 -29.31
CA LEU G 17 39.64 35.36 -29.86
C LEU G 17 39.41 34.44 -31.06
N ARG G 18 38.23 33.84 -31.12
CA ARG G 18 37.93 32.86 -32.15
C ARG G 18 37.95 33.49 -33.55
N GLU G 19 37.78 34.81 -33.63
CA GLU G 19 37.87 35.52 -34.90
C GLU G 19 39.27 35.52 -35.48
N GLN G 20 40.27 35.41 -34.64
CA GLN G 20 41.66 35.38 -35.10
C GLN G 20 42.18 33.95 -35.31
N GLN G 21 41.34 32.96 -35.07
CA GLN G 21 41.79 31.58 -35.07
C GLN G 21 41.48 30.80 -36.36
N HIS G 22 42.12 29.64 -36.50
CA HIS G 22 41.83 28.71 -37.59
C HIS G 22 40.32 28.53 -37.74
N PRO G 23 39.82 28.59 -38.97
CA PRO G 23 38.38 28.54 -39.22
C PRO G 23 37.64 27.37 -38.61
N LEU G 24 38.28 26.20 -38.55
CA LEU G 24 37.64 25.04 -37.95
C LEU G 24 37.44 25.23 -36.46
N ILE G 25 38.38 25.92 -35.81
CA ILE G 25 38.27 26.23 -34.39
C ILE G 25 37.10 27.20 -34.18
N ARG G 26 37.03 28.22 -35.00
CA ARG G 26 35.96 29.19 -35.00
C ARG G 26 34.62 28.47 -35.13
N GLN G 27 34.53 27.57 -36.09
CA GLN G 27 33.31 26.85 -36.39
C GLN G 27 32.94 25.94 -35.24
N LEU G 28 33.92 25.27 -34.70
CA LEU G 28 33.64 24.34 -33.62
C LEU G 28 33.19 25.09 -32.37
N ALA G 29 33.84 26.21 -32.09
CA ALA G 29 33.45 26.99 -30.95
C ALA G 29 31.98 27.46 -31.07
N ASP G 30 31.64 28.06 -32.20
CA ASP G 30 30.27 28.51 -32.43
C ASP G 30 29.29 27.35 -32.32
N CYS G 31 29.67 26.21 -32.86
CA CYS G 31 28.77 25.08 -32.93
C CYS G 31 28.51 24.50 -31.54
N ILE G 32 29.57 24.36 -30.75
CA ILE G 32 29.41 23.87 -29.40
C ILE G 32 28.48 24.78 -28.58
N GLU G 33 28.71 26.08 -28.64
CA GLU G 33 27.90 27.00 -27.90
C GLU G 33 26.47 27.03 -28.39
N GLU G 34 26.30 26.91 -29.71
CA GLU G 34 24.98 26.89 -30.28
C GLU G 34 24.16 25.69 -29.77
N VAL G 35 24.75 24.51 -29.77
CA VAL G 35 24.05 23.31 -29.28
C VAL G 35 23.75 23.48 -27.76
N TRP G 36 24.72 23.98 -27.01
CA TRP G 36 24.47 24.12 -25.59
C TRP G 36 23.24 24.97 -25.33
N HIS G 37 23.20 26.13 -25.99
CA HIS G 37 22.09 27.05 -25.87
C HIS G 37 20.79 26.53 -26.35
N GLN G 38 20.79 25.72 -27.40
CA GLN G 38 19.57 25.20 -27.98
C GLN G 38 18.94 24.12 -27.09
N HIS G 39 19.76 23.28 -26.47
CA HIS G 39 19.27 22.12 -25.76
C HIS G 39 19.25 22.23 -24.25
N LEU G 40 20.09 23.10 -23.69
CA LEU G 40 20.25 23.09 -22.27
C LEU G 40 19.81 24.41 -21.65
N ASP G 41 19.63 24.38 -20.34
CA ASP G 41 19.30 25.57 -19.58
C ASP G 41 20.56 26.14 -18.92
N LEU G 42 21.17 27.12 -19.56
CA LEU G 42 22.51 27.59 -19.15
C LEU G 42 22.50 28.67 -18.11
N SER G 43 23.37 28.53 -17.12
CA SER G 43 23.70 29.62 -16.23
C SER G 43 25.19 29.83 -16.24
N PRO G 44 25.63 31.04 -15.87
CA PRO G 44 27.07 31.27 -15.83
C PRO G 44 27.73 30.42 -14.74
N TYR G 45 28.97 30.03 -14.95
CA TYR G 45 29.71 29.28 -13.92
C TYR G 45 30.83 30.22 -13.54
N HIS G 46 30.97 30.58 -12.28
CA HIS G 46 31.96 31.64 -12.10
C HIS G 46 33.35 31.21 -11.70
N LEU G 47 34.31 31.75 -12.45
CA LEU G 47 35.68 31.62 -12.03
C LEU G 47 36.31 33.01 -11.89
N PRO G 48 37.48 33.08 -11.24
CA PRO G 48 38.21 34.33 -11.14
C PRO G 48 38.12 35.16 -12.45
N ALA G 49 37.85 36.44 -12.28
CA ALA G 49 37.94 37.39 -13.39
C ALA G 49 39.26 37.23 -14.12
N GLU G 50 40.35 37.29 -13.37
CA GLU G 50 41.69 37.08 -13.90
C GLU G 50 41.80 35.87 -14.85
N LEU G 51 41.12 34.77 -14.56
CA LEU G 51 41.26 33.55 -15.39
C LEU G 51 40.33 33.48 -16.59
N GLY G 52 39.38 34.40 -16.67
CA GLY G 52 38.44 34.42 -17.79
C GLY G 52 39.10 34.85 -19.09
N TYR G 53 40.10 35.73 -18.95
CA TYR G 53 40.85 36.24 -20.08
C TYR G 53 42.31 36.45 -19.70
N VAL G 54 43.22 35.71 -20.33
CA VAL G 54 44.60 35.67 -19.87
C VAL G 54 45.52 36.07 -20.99
N GLU G 55 46.39 37.01 -20.68
CA GLU G 55 47.39 37.48 -21.63
C GLU G 55 48.80 37.25 -21.11
N GLY G 56 49.69 36.86 -22.00
CA GLY G 56 51.06 36.54 -21.65
C GLY G 56 51.93 36.61 -22.87
N ARG G 57 53.15 36.12 -22.75
CA ARG G 57 54.13 36.21 -23.82
C ARG G 57 54.88 34.92 -23.88
N LEU G 58 55.26 34.50 -25.08
CA LEU G 58 56.01 33.28 -25.26
C LEU G 58 56.87 33.37 -26.51
N GLU G 59 58.19 33.41 -26.33
CA GLU G 59 59.14 33.63 -27.43
C GLU G 59 58.82 34.89 -28.18
N GLY G 60 58.47 35.95 -27.46
CA GLY G 60 58.12 37.20 -28.11
C GLY G 60 56.68 37.25 -28.62
N GLU G 61 56.07 36.10 -28.83
CA GLU G 61 54.70 36.05 -29.34
C GLU G 61 53.67 36.29 -28.25
N LYS G 62 52.56 36.92 -28.61
CA LYS G 62 51.46 37.13 -27.68
C LYS G 62 50.74 35.82 -27.38
N LEU G 63 50.51 35.55 -26.10
CA LEU G 63 49.69 34.44 -25.70
C LEU G 63 48.36 35.00 -25.21
N THR G 64 47.27 34.45 -25.74
CA THR G 64 45.95 34.78 -25.23
C THR G 64 45.15 33.53 -24.93
N ILE G 65 44.48 33.51 -23.79
CA ILE G 65 43.56 32.45 -23.42
C ILE G 65 42.24 33.02 -23.03
N GLU G 66 41.19 32.51 -23.65
CA GLU G 66 39.86 32.97 -23.40
C GLU G 66 39.07 31.78 -22.83
N ASN G 67 38.49 31.97 -21.66
CA ASN G 67 37.76 30.91 -21.01
C ASN G 67 36.31 31.26 -20.87
N ARG G 68 35.43 30.32 -21.16
CA ARG G 68 34.00 30.54 -21.05
C ARG G 68 33.38 29.31 -20.38
N CYS G 69 32.63 29.54 -19.31
CA CYS G 69 32.06 28.46 -18.52
C CYS G 69 30.60 28.61 -18.16
N TYR G 70 29.90 27.50 -18.19
CA TYR G 70 28.52 27.50 -17.83
C TYR G 70 28.26 26.33 -16.91
N GLN G 71 27.02 26.29 -16.42
CA GLN G 71 26.54 25.16 -15.67
C GLN G 71 25.05 25.01 -15.93
N THR G 72 24.53 23.81 -15.70
CA THR G 72 23.12 23.52 -15.85
C THR G 72 22.72 22.60 -14.70
N PRO G 73 21.43 22.31 -14.56
CA PRO G 73 21.07 21.31 -13.55
C PRO G 73 21.81 19.97 -13.66
N GLN G 74 22.18 19.53 -14.85
CA GLN G 74 22.92 18.29 -15.00
C GLN G 74 24.41 18.46 -15.03
N PHE G 75 24.90 19.64 -15.40
CA PHE G 75 26.36 19.80 -15.58
C PHE G 75 26.96 20.77 -14.60
N ARG G 76 27.91 20.27 -13.84
CA ARG G 76 28.60 21.09 -12.86
C ARG G 76 29.31 22.22 -13.57
N LYS G 77 29.78 21.92 -14.78
CA LYS G 77 30.72 22.82 -15.42
C LYS G 77 30.82 22.48 -16.86
N MET G 78 30.65 23.52 -17.68
CA MET G 78 30.75 23.41 -19.13
C MET G 78 31.76 24.41 -19.56
N HIS G 79 32.91 23.94 -20.02
CA HIS G 79 34.03 24.81 -20.21
C HIS G 79 34.47 24.80 -21.65
N LEU G 80 34.51 26.00 -22.24
CA LEU G 80 35.11 26.23 -23.55
C LEU G 80 36.29 27.14 -23.39
N GLU G 81 37.46 26.61 -23.77
CA GLU G 81 38.74 27.31 -23.76
C GLU G 81 39.25 27.51 -25.19
N LEU G 82 39.64 28.74 -25.50
CA LEU G 82 40.30 29.06 -26.77
C LEU G 82 41.65 29.68 -26.45
N ALA G 83 42.71 29.23 -27.12
CA ALA G 83 44.01 29.81 -26.89
C ALA G 83 44.80 30.02 -28.16
N LYS G 84 45.67 31.01 -28.11
CA LYS G 84 46.43 31.43 -29.27
C LYS G 84 47.80 31.93 -28.80
N VAL G 85 48.82 31.45 -29.49
CA VAL G 85 50.17 31.92 -29.30
C VAL G 85 50.65 32.42 -30.65
N GLY G 86 50.70 33.73 -30.79
CA GLY G 86 50.99 34.36 -32.08
C GLY G 86 50.34 33.59 -33.22
N ASN G 87 51.16 33.25 -34.21
CA ASN G 87 50.74 32.42 -35.33
C ASN G 87 51.26 30.99 -35.22
N MET G 88 51.85 30.66 -34.10
CA MET G 88 52.46 29.35 -33.88
C MET G 88 51.46 28.28 -33.41
N LEU G 89 50.46 28.70 -32.65
CA LEU G 89 49.63 27.73 -31.96
C LEU G 89 48.22 28.25 -31.77
N ASP G 90 47.27 27.42 -32.17
CA ASP G 90 45.85 27.63 -31.91
C ASP G 90 45.31 26.40 -31.16
N ILE G 91 44.49 26.64 -30.14
CA ILE G 91 43.96 25.55 -29.35
C ILE G 91 42.52 25.81 -29.06
N LEU G 92 41.70 24.78 -29.24
CA LEU G 92 40.37 24.69 -28.63
C LEU G 92 40.29 23.47 -27.72
N HIS G 93 39.73 23.72 -26.56
CA HIS G 93 39.56 22.68 -25.59
C HIS G 93 38.17 22.84 -24.98
N CYS G 94 37.44 21.74 -24.86
CA CYS G 94 36.08 21.76 -24.35
C CYS G 94 35.86 20.52 -23.49
N VAL G 95 35.32 20.74 -22.31
CA VAL G 95 34.91 19.60 -21.48
C VAL G 95 33.57 19.93 -20.80
N MET G 96 32.71 18.93 -20.70
CA MET G 96 31.50 19.03 -19.88
C MET G 96 31.60 18.04 -18.71
N PHE G 97 31.49 18.53 -17.49
CA PHE G 97 31.58 17.73 -16.28
C PHE G 97 30.19 17.59 -15.67
N PRO G 98 29.60 16.40 -15.76
CA PRO G 98 28.27 16.25 -15.18
C PRO G 98 28.30 16.35 -13.65
N ARG G 99 27.18 16.72 -13.06
CA ARG G 99 27.07 16.64 -11.61
C ARG G 99 27.01 15.16 -11.25
N PRO G 100 27.76 14.76 -10.22
CA PRO G 100 27.94 13.34 -10.00
C PRO G 100 26.67 12.57 -9.65
N GLU G 101 25.57 13.29 -9.38
CA GLU G 101 24.25 12.64 -9.26
C GLU G 101 23.70 12.05 -10.56
N TYR G 102 24.27 12.42 -11.69
CA TYR G 102 23.78 11.94 -12.98
C TYR G 102 24.76 11.02 -13.67
N ASP G 103 24.22 9.92 -14.18
CA ASP G 103 24.99 8.88 -14.87
C ASP G 103 25.28 9.30 -16.30
N LEU G 104 26.15 10.28 -16.46
CA LEU G 104 26.46 10.80 -17.76
C LEU G 104 27.97 10.65 -18.00
N PRO G 105 28.37 10.32 -19.22
CA PRO G 105 29.79 10.35 -19.59
C PRO G 105 30.34 11.78 -19.68
N MET G 106 31.64 11.91 -19.91
CA MET G 106 32.30 13.21 -19.98
C MET G 106 32.48 13.52 -21.41
N PHE G 107 31.88 14.58 -21.89
CA PHE G 107 32.15 15.03 -23.23
C PHE G 107 33.45 15.83 -23.20
N GLY G 108 34.36 15.55 -24.13
CA GLY G 108 35.55 16.37 -24.34
C GLY G 108 35.87 16.48 -25.82
N CYS G 109 36.31 17.65 -26.27
CA CYS G 109 36.98 17.69 -27.56
C CYS G 109 38.10 18.71 -27.55
N ASP G 110 39.12 18.45 -28.37
CA ASP G 110 40.30 19.27 -28.42
C ASP G 110 40.69 19.46 -29.86
N LEU G 111 41.21 20.65 -30.14
CA LEU G 111 41.69 20.97 -31.45
C LEU G 111 43.00 21.68 -31.24
N VAL G 112 44.04 21.20 -31.91
CA VAL G 112 45.36 21.82 -31.85
C VAL G 112 45.82 22.12 -33.27
N GLY G 113 46.24 23.35 -33.48
CA GLY G 113 46.69 23.76 -34.78
C GLY G 113 47.82 24.76 -34.72
N GLY G 114 48.17 25.27 -35.89
CA GLY G 114 49.29 26.16 -36.03
C GLY G 114 49.31 26.57 -37.46
N ARG G 115 49.43 27.89 -37.69
CA ARG G 115 49.69 28.47 -39.01
C ARG G 115 48.86 27.85 -40.14
N GLY G 116 47.53 27.91 -40.01
CA GLY G 116 46.64 27.41 -41.05
C GLY G 116 46.44 25.90 -41.13
N GLN G 117 47.13 25.14 -40.27
CA GLN G 117 46.99 23.66 -40.24
C GLN G 117 46.46 23.09 -38.91
N ILE G 118 45.71 21.99 -38.97
CA ILE G 118 45.28 21.32 -37.76
C ILE G 118 46.05 20.04 -37.60
N SER G 119 46.87 19.96 -36.56
CA SER G 119 47.67 18.76 -36.34
C SER G 119 46.95 17.67 -35.57
N ALA G 120 46.00 18.06 -34.71
CA ALA G 120 45.32 17.09 -33.86
C ALA G 120 43.88 17.49 -33.59
N ALA G 121 42.97 16.54 -33.74
CA ALA G 121 41.58 16.73 -33.41
C ALA G 121 41.07 15.50 -32.66
N ILE G 122 40.51 15.72 -31.46
CA ILE G 122 40.00 14.62 -30.69
C ILE G 122 38.64 14.94 -30.16
N ALA G 123 37.76 13.95 -30.12
CA ALA G 123 36.46 14.11 -29.46
C ALA G 123 36.00 12.78 -28.87
N ASP G 124 35.39 12.85 -27.69
CA ASP G 124 34.89 11.64 -27.02
C ASP G 124 33.79 11.93 -26.04
N LEU G 125 33.07 10.86 -25.75
CA LEU G 125 32.15 10.79 -24.64
C LEU G 125 32.81 9.73 -23.79
N SER G 126 33.63 10.16 -22.84
CA SER G 126 34.42 9.23 -22.05
C SER G 126 33.60 8.64 -20.89
N PRO G 127 33.73 7.35 -20.62
CA PRO G 127 32.87 6.70 -19.63
C PRO G 127 33.13 7.13 -18.20
N VAL G 128 32.08 7.18 -17.38
CA VAL G 128 32.29 7.34 -15.94
C VAL G 128 32.09 6.05 -15.17
N HIS G 129 31.60 5.00 -15.82
CA HIS G 129 31.61 3.66 -15.22
C HIS G 129 33.06 3.15 -15.25
N LEU G 130 33.50 2.48 -14.19
CA LEU G 130 34.90 2.07 -14.13
C LEU G 130 35.13 0.84 -15.03
N ASP G 131 34.06 0.04 -15.17
CA ASP G 131 33.98 -0.99 -16.23
C ASP G 131 34.02 -0.39 -17.65
N ARG G 132 34.11 0.94 -17.76
CA ARG G 132 34.45 1.60 -19.03
C ARG G 132 33.33 1.60 -20.07
N THR G 133 32.09 1.35 -19.63
CA THR G 133 30.95 1.32 -20.53
C THR G 133 30.24 2.65 -20.51
N LEU G 134 29.48 2.89 -21.57
CA LEU G 134 28.55 3.99 -21.66
C LEU G 134 27.14 3.49 -21.39
N PRO G 135 26.24 4.37 -20.92
CA PRO G 135 24.82 3.91 -20.76
C PRO G 135 24.22 3.43 -22.09
N GLU G 136 23.24 2.51 -22.01
CA GLU G 136 22.62 1.90 -23.18
C GLU G 136 22.13 2.87 -24.26
N SER G 137 21.39 3.89 -23.85
CA SER G 137 20.95 4.85 -24.81
C SER G 137 22.11 5.44 -25.62
N TYR G 138 23.24 5.72 -24.97
CA TYR G 138 24.41 6.20 -25.70
C TYR G 138 24.95 5.13 -26.70
N ASN G 139 25.13 3.90 -26.23
CA ASN G 139 25.55 2.83 -27.13
C ASN G 139 24.69 2.69 -28.39
N SER G 140 23.37 2.62 -28.23
CA SER G 140 22.53 2.51 -29.41
C SER G 140 22.75 3.71 -30.34
N ALA G 141 22.71 4.91 -29.79
CA ALA G 141 22.77 6.09 -30.64
C ALA G 141 24.12 6.16 -31.36
N LEU G 142 25.19 5.82 -30.69
CA LEU G 142 26.51 5.98 -31.26
C LEU G 142 26.92 4.89 -32.25
N THR G 143 26.65 3.62 -31.94
CA THR G 143 26.98 2.55 -32.87
C THR G 143 26.31 2.78 -34.25
N SER G 144 25.17 3.48 -34.27
CA SER G 144 24.43 3.69 -35.53
C SER G 144 24.99 4.89 -36.29
N LEU G 145 26.03 5.50 -35.77
CA LEU G 145 26.67 6.54 -36.54
C LEU G 145 27.44 5.91 -37.69
N ASN G 146 27.38 6.58 -38.83
CA ASN G 146 28.09 6.16 -40.04
C ASN G 146 29.57 6.10 -39.73
N THR G 147 30.20 4.99 -40.12
CA THR G 147 31.64 4.85 -39.86
C THR G 147 32.39 5.91 -40.63
N LEU G 148 33.13 6.76 -39.94
CA LEU G 148 33.82 7.80 -40.67
C LEU G 148 35.22 7.35 -40.99
N ASN G 149 35.66 7.73 -42.18
CA ASN G 149 36.93 7.27 -42.73
C ASN G 149 37.86 8.46 -42.92
N PHE G 150 38.68 8.69 -41.90
CA PHE G 150 39.73 9.68 -41.96
C PHE G 150 41.04 9.04 -42.42
N SER G 151 41.71 9.70 -43.36
CA SER G 151 42.95 9.20 -43.94
C SER G 151 44.04 9.09 -42.88
N GLN G 152 43.96 9.95 -41.87
CA GLN G 152 45.00 10.06 -40.86
C GLN G 152 44.50 9.82 -39.43
N PRO G 153 44.11 8.57 -39.08
CA PRO G 153 43.79 8.37 -37.67
C PRO G 153 45.06 8.37 -36.81
N ARG G 154 44.92 8.60 -35.53
CA ARG G 154 46.04 8.61 -34.62
C ARG G 154 45.83 7.62 -33.48
N GLU G 155 46.93 7.12 -32.94
CA GLU G 155 46.85 6.14 -31.88
C GLU G 155 46.78 6.85 -30.54
N LEU G 156 45.81 6.43 -29.72
CA LEU G 156 45.69 6.92 -28.35
C LEU G 156 46.90 6.39 -27.55
N PRO G 157 47.46 7.21 -26.64
CA PRO G 157 48.47 6.66 -25.72
C PRO G 157 47.78 5.85 -24.60
N GLU G 158 48.54 5.08 -23.82
CA GLU G 158 47.93 4.19 -22.81
C GLU G 158 47.04 4.89 -21.76
N TRP G 159 47.44 6.06 -21.29
CA TRP G 159 46.58 6.82 -20.39
C TRP G 159 45.22 7.09 -21.04
N GLY G 160 45.16 6.82 -22.35
CA GLY G 160 43.96 6.98 -23.12
C GLY G 160 42.89 5.93 -22.88
N ASN G 161 43.14 5.00 -21.95
CA ASN G 161 42.10 4.03 -21.60
C ASN G 161 40.91 4.68 -20.90
N ILE G 162 40.99 5.99 -20.71
CA ILE G 162 39.88 6.75 -20.16
C ILE G 162 38.88 7.11 -21.27
N PHE G 163 39.28 6.89 -22.52
CA PHE G 163 38.42 7.18 -23.64
C PHE G 163 37.56 5.98 -24.01
N SER G 164 36.39 6.26 -24.56
CA SER G 164 35.47 5.21 -24.98
C SER G 164 35.90 4.62 -26.31
N ASP G 165 35.23 3.54 -26.71
CA ASP G 165 35.42 2.94 -28.02
C ASP G 165 34.98 3.83 -29.21
N PHE G 166 34.26 4.92 -28.93
CA PHE G 166 33.76 5.78 -30.00
C PHE G 166 34.65 7.00 -30.21
N CYS G 167 35.67 7.11 -29.38
CA CYS G 167 36.59 8.23 -29.44
C CYS G 167 37.14 8.44 -30.82
N ILE G 168 37.21 9.69 -31.24
CA ILE G 168 37.79 10.02 -32.53
C ILE G 168 39.06 10.83 -32.36
N PHE G 169 40.15 10.35 -32.94
CA PHE G 169 41.43 10.99 -32.81
C PHE G 169 42.13 10.99 -34.15
N VAL G 170 42.17 12.15 -34.79
CA VAL G 170 42.69 12.22 -36.14
C VAL G 170 43.49 13.47 -36.39
N ARG G 171 44.23 13.46 -37.49
CA ARG G 171 44.76 14.68 -38.09
C ARG G 171 44.03 14.86 -39.41
N PRO G 172 43.14 15.86 -39.47
CA PRO G 172 42.34 16.10 -40.68
C PRO G 172 43.22 16.59 -41.81
N SER G 173 43.21 15.85 -42.92
CA SER G 173 44.08 16.15 -44.06
C SER G 173 43.45 17.15 -45.02
N SER G 174 42.14 17.03 -45.23
CA SER G 174 41.40 17.90 -46.12
C SER G 174 40.35 18.69 -45.35
N PRO G 175 39.79 19.73 -45.98
CA PRO G 175 38.61 20.40 -45.41
C PRO G 175 37.34 19.53 -45.42
N GLU G 176 37.33 18.45 -46.19
CA GLU G 176 36.23 17.49 -46.08
C GLU G 176 36.32 16.79 -44.73
N GLU G 177 37.54 16.47 -44.32
CA GLU G 177 37.76 15.75 -43.09
C GLU G 177 37.43 16.66 -41.92
N GLU G 178 37.80 17.92 -42.07
CA GLU G 178 37.47 18.94 -41.08
C GLU G 178 35.95 19.02 -40.87
N ALA G 179 35.21 18.93 -41.95
CA ALA G 179 33.78 18.98 -41.86
C ALA G 179 33.20 17.70 -41.30
N MET G 180 33.79 16.55 -41.67
CA MET G 180 33.43 15.26 -41.11
C MET G 180 33.56 15.29 -39.58
N PHE G 181 34.68 15.85 -39.10
CA PHE G 181 34.97 15.85 -37.71
C PHE G 181 33.98 16.75 -36.98
N LEU G 182 33.77 17.95 -37.52
CA LEU G 182 32.81 18.88 -36.95
C LEU G 182 31.38 18.25 -36.89
N GLY G 183 30.99 17.59 -37.97
CA GLY G 183 29.71 16.90 -38.01
C GLY G 183 29.61 15.86 -36.90
N ARG G 184 30.68 15.11 -36.67
CA ARG G 184 30.62 14.07 -35.66
C ARG G 184 30.59 14.60 -34.21
N VAL G 185 31.42 15.60 -33.90
CA VAL G 185 31.33 16.29 -32.65
C VAL G 185 29.90 16.79 -32.39
N ARG G 186 29.26 17.37 -33.40
CA ARG G 186 27.92 17.86 -33.24
C ARG G 186 26.95 16.71 -32.88
N GLU G 187 27.13 15.54 -33.53
CA GLU G 187 26.31 14.39 -33.25
C GLU G 187 26.51 13.94 -31.80
N PHE G 188 27.76 13.90 -31.35
CA PHE G 188 28.08 13.54 -29.97
C PHE G 188 27.34 14.46 -29.01
N LEU G 189 27.40 15.76 -29.29
CA LEU G 189 26.74 16.72 -28.47
C LEU G 189 25.23 16.52 -28.44
N GLN G 190 24.63 16.18 -29.57
CA GLN G 190 23.17 16.03 -29.58
C GLN G 190 22.75 14.85 -28.76
N VAL G 191 23.49 13.75 -28.89
CA VAL G 191 23.21 12.53 -28.18
C VAL G 191 23.41 12.80 -26.71
N HIS G 192 24.49 13.51 -26.37
CA HIS G 192 24.80 13.83 -25.00
C HIS G 192 23.72 14.72 -24.38
N CYS G 193 23.26 15.71 -25.09
CA CYS G 193 22.20 16.62 -24.56
C CYS G 193 20.89 15.88 -24.31
N GLN G 194 20.54 15.01 -25.23
CA GLN G 194 19.36 14.17 -25.04
C GLN G 194 19.52 13.22 -23.86
N GLY G 195 20.73 12.70 -23.68
CA GLY G 195 21.05 11.92 -22.50
C GLY G 195 20.89 12.74 -21.24
N ALA G 196 21.35 13.98 -21.24
CA ALA G 196 21.29 14.82 -20.05
C ALA G 196 19.83 15.12 -19.65
N ILE G 197 19.01 15.38 -20.65
CA ILE G 197 17.67 15.87 -20.42
C ILE G 197 16.80 14.74 -19.91
N ALA G 198 17.14 13.53 -20.32
CA ALA G 198 16.41 12.33 -19.90
C ALA G 198 16.91 11.75 -18.55
N ALA G 199 18.02 12.27 -18.03
CA ALA G 199 18.65 11.66 -16.87
C ALA G 199 17.95 12.01 -15.55
N SER G 200 17.80 11.01 -14.68
CA SER G 200 17.33 11.24 -13.32
C SER G 200 18.50 11.03 -12.39
N PRO G 201 18.51 11.77 -11.25
CA PRO G 201 19.51 11.55 -10.19
C PRO G 201 19.50 10.09 -9.80
N VAL G 202 20.68 9.53 -9.63
CA VAL G 202 20.80 8.13 -9.25
C VAL G 202 20.76 8.02 -7.72
N SER G 203 20.84 6.81 -7.21
CA SER G 203 20.95 6.60 -5.77
C SER G 203 22.32 7.04 -5.23
N ALA G 204 22.53 6.91 -3.93
CA ALA G 204 23.82 7.27 -3.33
C ALA G 204 24.95 6.27 -3.63
N GLU G 205 24.63 4.99 -3.79
CA GLU G 205 25.64 3.97 -4.09
C GLU G 205 26.20 4.15 -5.50
N GLN G 206 25.31 4.39 -6.47
CA GLN G 206 25.71 4.72 -7.83
C GLN G 206 26.55 5.99 -7.89
N LYS G 207 26.16 7.00 -7.12
CA LYS G 207 26.90 8.28 -7.10
C LYS G 207 28.42 8.16 -6.80
N GLN G 208 28.77 7.25 -5.90
CA GLN G 208 30.17 7.01 -5.57
C GLN G 208 30.87 6.39 -6.75
N GLN G 209 30.21 5.44 -7.42
CA GLN G 209 30.82 4.91 -8.61
C GLN G 209 31.12 6.05 -9.61
N ILE G 210 30.14 6.91 -9.85
CA ILE G 210 30.27 7.98 -10.81
C ILE G 210 31.39 8.91 -10.38
N LEU G 211 31.40 9.23 -9.11
CA LEU G 211 32.41 10.08 -8.56
C LEU G 211 33.82 9.55 -8.81
N ALA G 212 33.98 8.26 -8.64
CA ALA G 212 35.28 7.63 -8.85
C ALA G 212 35.70 7.70 -10.30
N GLY G 213 34.75 7.44 -11.19
CA GLY G 213 34.95 7.60 -12.63
C GLY G 213 35.43 8.96 -13.10
N GLN G 214 34.77 10.02 -12.67
CA GLN G 214 35.22 11.41 -12.95
C GLN G 214 36.58 11.69 -12.32
N HIS G 215 36.77 11.27 -11.08
CA HIS G 215 38.04 11.40 -10.42
C HIS G 215 39.12 10.84 -11.29
N ASN G 216 38.87 9.65 -11.85
CA ASN G 216 39.91 8.96 -12.58
C ASN G 216 40.19 9.71 -13.83
N TYR G 217 39.14 10.13 -14.51
CA TYR G 217 39.28 10.88 -15.75
C TYR G 217 40.05 12.21 -15.56
N CYS G 218 39.69 12.94 -14.52
CA CYS G 218 40.38 14.20 -14.23
C CYS G 218 41.86 14.05 -13.85
N SER G 219 42.19 13.04 -13.01
CA SER G 219 43.61 12.86 -12.70
C SER G 219 44.45 12.43 -13.90
N LYS G 220 43.93 11.53 -14.72
CA LYS G 220 44.69 11.12 -15.90
C LYS G 220 44.92 12.30 -16.81
N GLN G 221 43.87 13.10 -17.03
CA GLN G 221 44.01 14.28 -17.86
C GLN G 221 45.01 15.29 -17.29
N GLN G 222 44.97 15.54 -16.00
CA GLN G 222 45.95 16.43 -15.36
C GLN G 222 47.37 15.92 -15.59
N GLN G 223 47.57 14.64 -15.31
CA GLN G 223 48.87 14.03 -15.44
C GLN G 223 49.43 14.13 -16.84
N ASN G 224 48.57 14.28 -17.84
CA ASN G 224 48.99 13.95 -19.18
C ASN G 224 48.68 15.00 -20.26
N ASP G 225 47.73 15.88 -20.03
CA ASP G 225 47.40 16.89 -21.04
C ASP G 225 48.64 17.73 -21.34
N LYS G 226 48.86 17.99 -22.64
CA LYS G 226 50.10 18.64 -23.14
C LYS G 226 50.08 20.15 -23.09
N THR G 227 48.93 20.73 -22.78
CA THR G 227 48.87 22.17 -22.72
C THR G 227 49.69 22.67 -21.54
N ARG G 228 49.88 21.78 -20.57
CA ARG G 228 50.75 22.01 -19.44
C ARG G 228 52.08 22.67 -19.81
N ARG G 229 52.80 22.08 -20.77
CA ARG G 229 54.12 22.51 -21.17
C ARG G 229 54.09 23.94 -21.72
N VAL G 230 53.07 24.24 -22.51
CA VAL G 230 52.83 25.57 -23.03
C VAL G 230 52.61 26.54 -21.88
N LEU G 231 51.84 26.13 -20.90
CA LEU G 231 51.53 27.04 -19.80
C LEU G 231 52.71 27.25 -18.87
N GLU G 232 53.54 26.23 -18.68
CA GLU G 232 54.75 26.34 -17.88
C GLU G 232 55.69 27.35 -18.49
N LYS G 233 55.83 27.27 -19.80
CA LYS G 233 56.71 28.14 -20.56
C LYS G 233 56.22 29.58 -20.56
N ALA G 234 54.91 29.75 -20.40
CA ALA G 234 54.32 31.09 -20.38
C ALA G 234 54.33 31.72 -19.02
N PHE G 235 54.11 30.92 -17.98
CA PHE G 235 53.88 31.45 -16.65
C PHE G 235 54.62 30.82 -15.49
N GLY G 236 55.38 29.78 -15.75
CA GLY G 236 56.01 29.04 -14.67
C GLY G 236 55.24 27.78 -14.31
N VAL G 237 55.92 26.91 -13.58
CA VAL G 237 55.45 25.62 -13.18
C VAL G 237 54.23 25.64 -12.28
N ASP G 238 54.23 26.53 -11.28
CA ASP G 238 53.18 26.52 -10.29
C ASP G 238 51.88 27.04 -10.85
N TRP G 239 51.99 28.12 -11.61
CA TRP G 239 50.86 28.71 -12.27
C TRP G 239 50.20 27.65 -13.17
N ALA G 240 51.00 26.93 -13.93
CA ALA G 240 50.48 25.88 -14.80
C ALA G 240 49.85 24.76 -13.98
N GLU G 241 50.47 24.38 -12.86
CA GLU G 241 49.91 23.35 -12.01
C GLU G 241 48.55 23.76 -11.50
N ASN G 242 48.46 24.99 -11.04
CA ASN G 242 47.23 25.53 -10.52
C ASN G 242 46.14 25.63 -11.59
N TYR G 243 46.52 25.94 -12.80
CA TYR G 243 45.54 26.04 -13.86
C TYR G 243 44.99 24.67 -14.26
N MET G 244 45.87 23.69 -14.38
CA MET G 244 45.48 22.29 -14.64
C MET G 244 44.50 21.73 -13.63
N THR G 245 44.73 22.02 -12.34
CA THR G 245 43.95 21.40 -11.29
C THR G 245 42.73 22.21 -10.87
N THR G 246 42.68 23.49 -11.18
CA THR G 246 41.49 24.23 -10.79
C THR G 246 40.68 24.77 -11.97
N VAL G 247 41.28 24.92 -13.14
CA VAL G 247 40.52 25.38 -14.29
C VAL G 247 40.17 24.27 -15.30
N LEU G 248 41.15 23.48 -15.72
CA LEU G 248 40.94 22.53 -16.79
C LEU G 248 40.31 21.25 -16.29
N PHE G 249 40.88 20.67 -15.25
CA PHE G 249 40.44 19.34 -14.87
C PHE G 249 40.29 19.24 -13.39
N ASP G 250 39.47 20.12 -12.82
CA ASP G 250 39.24 20.14 -11.39
C ASP G 250 38.47 18.90 -10.89
N LEU G 251 38.88 18.38 -9.75
CA LEU G 251 38.26 17.18 -9.19
C LEU G 251 36.80 17.45 -8.78
N PRO G 252 35.90 16.45 -8.98
CA PRO G 252 34.40 16.49 -8.94
C PRO G 252 33.70 16.98 -7.66
N GLU G 253 34.34 16.78 -6.52
CA GLU G 253 33.90 17.37 -5.25
C GLU G 253 35.14 17.84 -4.51
N ILE H 9 -37.85 50.53 -0.87
CA ILE H 9 -36.60 50.17 -1.62
C ILE H 9 -36.77 50.30 -3.18
N SER H 10 -35.77 50.88 -3.87
CA SER H 10 -35.97 51.53 -5.19
C SER H 10 -35.39 50.75 -6.40
N LEU H 11 -36.20 50.47 -7.42
CA LEU H 11 -35.82 49.42 -8.43
C LEU H 11 -35.77 49.84 -9.93
N THR H 12 -34.91 49.18 -10.70
CA THR H 12 -34.83 49.36 -12.14
C THR H 12 -35.05 48.10 -12.95
N SER H 13 -35.80 48.26 -14.02
CA SER H 13 -36.09 47.18 -14.94
C SER H 13 -35.01 47.11 -16.00
N ILE H 14 -34.34 45.96 -16.07
CA ILE H 14 -33.54 45.61 -17.24
C ILE H 14 -34.06 44.36 -17.99
N PRO H 15 -33.72 44.22 -19.29
CA PRO H 15 -34.03 42.92 -19.89
C PRO H 15 -33.42 41.78 -19.06
N SER H 16 -34.11 40.65 -19.02
CA SER H 16 -33.59 39.42 -18.46
C SER H 16 -32.35 38.95 -19.21
N LEU H 17 -31.44 38.36 -18.44
CA LEU H 17 -30.26 37.71 -18.94
C LEU H 17 -30.61 36.71 -20.05
N ARG H 18 -31.83 36.19 -20.04
CA ARG H 18 -32.16 35.10 -20.93
C ARG H 18 -32.10 35.50 -22.40
N GLU H 19 -32.16 36.81 -22.65
CA GLU H 19 -32.10 37.34 -24.00
C GLU H 19 -30.71 37.21 -24.58
N GLN H 20 -29.69 37.18 -23.74
CA GLN H 20 -28.32 36.99 -24.20
C GLN H 20 -27.90 35.51 -24.26
N GLN H 21 -28.80 34.59 -23.91
CA GLN H 21 -28.38 33.22 -23.74
C GLN H 21 -28.74 32.35 -24.93
N HIS H 22 -28.22 31.13 -24.95
CA HIS H 22 -28.57 30.11 -25.93
C HIS H 22 -30.08 30.05 -26.01
N PRO H 23 -30.62 30.01 -27.24
CA PRO H 23 -32.08 30.00 -27.47
C PRO H 23 -32.83 28.91 -26.71
N LEU H 24 -32.27 27.72 -26.53
CA LEU H 24 -32.99 26.67 -25.84
C LEU H 24 -33.16 27.08 -24.37
N ILE H 25 -32.16 27.79 -23.84
CA ILE H 25 -32.21 28.20 -22.45
C ILE H 25 -33.31 29.24 -22.28
N ARG H 26 -33.35 30.18 -23.21
CA ARG H 26 -34.40 31.14 -23.26
C ARG H 26 -35.78 30.51 -23.34
N GLN H 27 -35.95 29.60 -24.29
CA GLN H 27 -37.21 28.95 -24.50
C GLN H 27 -37.64 28.16 -23.26
N LEU H 28 -36.70 27.49 -22.61
CA LEU H 28 -36.98 26.69 -21.42
C LEU H 28 -37.31 27.52 -20.22
N ALA H 29 -36.64 28.65 -20.07
CA ALA H 29 -36.98 29.58 -19.01
C ALA H 29 -38.40 30.11 -19.24
N ASP H 30 -38.71 30.55 -20.46
CA ASP H 30 -40.02 31.13 -20.68
C ASP H 30 -41.07 30.06 -20.40
N CYS H 31 -40.76 28.85 -20.82
CA CYS H 31 -41.72 27.79 -20.77
C CYS H 31 -41.99 27.32 -19.34
N ILE H 32 -40.95 27.24 -18.51
CA ILE H 32 -41.14 26.93 -17.10
C ILE H 32 -41.98 27.98 -16.34
N GLU H 33 -41.63 29.24 -16.48
CA GLU H 33 -42.43 30.31 -15.90
C GLU H 33 -43.84 30.29 -16.41
N GLU H 34 -44.03 30.03 -17.70
CA GLU H 34 -45.39 30.12 -18.26
C GLU H 34 -46.29 29.06 -17.60
N VAL H 35 -45.78 27.85 -17.52
CA VAL H 35 -46.52 26.76 -16.86
C VAL H 35 -46.77 27.06 -15.39
N TRP H 36 -45.77 27.57 -14.70
CA TRP H 36 -46.00 28.01 -13.32
C TRP H 36 -47.13 29.01 -13.15
N HIS H 37 -47.15 30.01 -14.02
CA HIS H 37 -48.14 31.02 -13.98
C HIS H 37 -49.48 30.63 -14.41
N GLN H 38 -49.55 29.65 -15.28
CA GLN H 38 -50.84 29.18 -15.76
C GLN H 38 -51.52 28.33 -14.72
N HIS H 39 -50.74 27.50 -14.02
CA HIS H 39 -51.37 26.48 -13.19
C HIS H 39 -51.35 26.76 -11.71
N LEU H 40 -50.41 27.55 -11.24
CA LEU H 40 -50.25 27.63 -9.80
C LEU H 40 -50.57 29.01 -9.31
N ASP H 41 -50.72 29.15 -8.01
CA ASP H 41 -50.98 30.46 -7.44
C ASP H 41 -49.69 31.01 -6.82
N LEU H 42 -48.99 31.85 -7.58
CA LEU H 42 -47.63 32.28 -7.23
C LEU H 42 -47.60 33.46 -6.28
N SER H 43 -46.71 33.42 -5.32
CA SER H 43 -46.32 34.61 -4.58
C SER H 43 -44.84 34.70 -4.62
N PRO H 44 -44.29 35.90 -4.41
CA PRO H 44 -42.85 36.04 -4.45
C PRO H 44 -42.23 35.34 -3.28
N TYR H 45 -41.09 34.74 -3.51
CA TYR H 45 -40.27 34.25 -2.44
C TYR H 45 -39.08 35.17 -2.56
N HIS H 46 -38.78 35.90 -1.47
CA HIS H 46 -37.70 36.88 -1.49
C HIS H 46 -36.36 36.34 -1.10
N LEU H 47 -35.37 36.59 -1.94
CA LEU H 47 -33.99 36.41 -1.49
C LEU H 47 -33.38 37.80 -1.28
N PRO H 48 -32.28 37.88 -0.51
CA PRO H 48 -31.58 39.16 -0.51
C PRO H 48 -31.47 39.78 -1.94
N ALA H 49 -31.51 41.11 -2.01
CA ALA H 49 -31.38 41.82 -3.28
C ALA H 49 -29.96 41.62 -3.85
N GLU H 50 -28.98 41.55 -2.93
CA GLU H 50 -27.64 41.01 -3.16
C GLU H 50 -27.64 39.74 -4.03
N LEU H 51 -28.48 38.74 -3.69
CA LEU H 51 -28.44 37.43 -4.39
C LEU H 51 -29.42 37.25 -5.55
N GLY H 52 -30.32 38.20 -5.74
CA GLY H 52 -31.27 38.16 -6.86
C GLY H 52 -30.63 38.39 -8.21
N TYR H 53 -29.56 39.18 -8.18
CA TYR H 53 -28.80 39.52 -9.38
C TYR H 53 -27.34 39.69 -8.99
N VAL H 54 -26.48 38.83 -9.55
CA VAL H 54 -25.11 38.77 -9.10
C VAL H 54 -24.20 39.02 -10.26
N GLU H 55 -23.26 39.93 -10.06
CA GLU H 55 -22.25 40.21 -11.05
C GLU H 55 -20.84 39.92 -10.55
N GLY H 56 -20.03 39.35 -11.43
CA GLY H 56 -18.62 39.10 -11.11
C GLY H 56 -17.79 38.92 -12.34
N ARG H 57 -16.60 38.36 -12.17
CA ARG H 57 -15.63 38.25 -13.24
C ARG H 57 -14.96 36.89 -13.14
N LEU H 58 -14.62 36.33 -14.29
CA LEU H 58 -13.97 35.05 -14.33
C LEU H 58 -13.15 34.95 -15.61
N GLU H 59 -11.82 34.91 -15.45
CA GLU H 59 -10.87 34.92 -16.56
C GLU H 59 -11.11 36.13 -17.43
N GLY H 60 -11.37 37.27 -16.81
CA GLY H 60 -11.66 38.50 -17.58
C GLY H 60 -13.11 38.61 -18.10
N GLU H 61 -13.80 37.47 -18.18
CA GLU H 61 -15.15 37.47 -18.70
C GLU H 61 -16.13 37.90 -17.62
N LYS H 62 -17.19 38.60 -18.04
CA LYS H 62 -18.29 38.94 -17.15
C LYS H 62 -19.12 37.73 -16.72
N LEU H 63 -19.35 37.61 -15.40
CA LEU H 63 -20.21 36.56 -14.89
C LEU H 63 -21.48 37.25 -14.45
N THR H 64 -22.63 36.71 -14.83
CA THR H 64 -23.92 37.21 -14.38
C THR H 64 -24.83 36.05 -13.92
N ILE H 65 -25.52 36.24 -12.82
CA ILE H 65 -26.44 35.26 -12.30
C ILE H 65 -27.73 35.97 -11.99
N GLU H 66 -28.80 35.47 -12.57
CA GLU H 66 -30.09 36.04 -12.33
C GLU H 66 -30.94 34.96 -11.63
N ASN H 67 -31.45 35.30 -10.45
CA ASN H 67 -32.27 34.40 -9.66
C ASN H 67 -33.70 34.86 -9.55
N ARG H 68 -34.64 33.93 -9.70
CA ARG H 68 -36.05 34.22 -9.60
C ARG H 68 -36.73 33.13 -8.79
N CYS H 69 -37.46 33.53 -7.74
CA CYS H 69 -38.11 32.59 -6.84
C CYS H 69 -39.54 32.89 -6.55
N TYR H 70 -40.31 31.83 -6.37
CA TYR H 70 -41.72 31.95 -6.03
C TYR H 70 -42.05 30.91 -5.00
N GLN H 71 -43.25 31.04 -4.43
CA GLN H 71 -43.77 30.03 -3.55
C GLN H 71 -45.26 29.91 -3.77
N THR H 72 -45.83 28.76 -3.44
CA THR H 72 -47.24 28.59 -3.51
C THR H 72 -47.67 27.86 -2.26
N PRO H 73 -48.98 27.66 -2.09
CA PRO H 73 -49.38 26.85 -0.93
C PRO H 73 -48.79 25.42 -0.90
N GLN H 74 -48.36 24.86 -2.03
CA GLN H 74 -47.75 23.53 -2.02
C GLN H 74 -46.25 23.53 -2.14
N PHE H 75 -45.68 24.64 -2.63
CA PHE H 75 -44.24 24.70 -2.86
C PHE H 75 -43.57 25.75 -1.99
N ARG H 76 -42.67 25.26 -1.15
CA ARG H 76 -41.85 26.12 -0.30
C ARG H 76 -41.08 27.12 -1.15
N LYS H 77 -40.57 26.66 -2.28
CA LYS H 77 -39.65 27.46 -3.07
C LYS H 77 -39.60 26.95 -4.50
N MET H 78 -39.79 27.86 -5.46
CA MET H 78 -39.65 27.52 -6.86
C MET H 78 -38.61 28.47 -7.37
N HIS H 79 -37.47 27.92 -7.75
CA HIS H 79 -36.32 28.69 -8.09
C HIS H 79 -35.92 28.44 -9.54
N LEU H 80 -35.74 29.54 -10.27
CA LEU H 80 -35.20 29.56 -11.58
C LEU H 80 -33.93 30.41 -11.55
N GLU H 81 -32.82 29.77 -11.92
CA GLU H 81 -31.54 30.42 -11.99
C GLU H 81 -31.02 30.40 -13.42
N LEU H 82 -30.57 31.57 -13.89
CA LEU H 82 -29.90 31.74 -15.19
C LEU H 82 -28.54 32.32 -14.96
N ALA H 83 -27.52 31.77 -15.63
CA ALA H 83 -26.15 32.25 -15.45
C ALA H 83 -25.38 32.29 -16.75
N LYS H 84 -24.47 33.23 -16.81
CA LYS H 84 -23.69 33.43 -18.00
C LYS H 84 -22.32 33.87 -17.62
N VAL H 85 -21.34 33.25 -18.24
CA VAL H 85 -19.94 33.63 -18.14
C VAL H 85 -19.47 33.95 -19.56
N GLY H 86 -19.33 35.25 -19.86
CA GLY H 86 -18.98 35.72 -21.20
C GLY H 86 -19.72 34.92 -22.25
N ASN H 87 -18.95 34.37 -23.21
CA ASN H 87 -19.50 33.40 -24.16
C ASN H 87 -19.00 31.97 -23.95
N MET H 88 -18.41 31.71 -22.79
CA MET H 88 -17.89 30.41 -22.46
C MET H 88 -18.95 29.46 -21.88
N LEU H 89 -19.93 30.03 -21.17
CA LEU H 89 -20.77 29.24 -20.30
C LEU H 89 -22.14 29.85 -20.14
N ASP H 90 -23.15 29.04 -20.45
CA ASP H 90 -24.56 29.38 -20.22
C ASP H 90 -25.18 28.31 -19.33
N ILE H 91 -25.96 28.72 -18.34
CA ILE H 91 -26.55 27.77 -17.42
C ILE H 91 -28.00 28.13 -17.13
N LEU H 92 -28.88 27.13 -17.19
CA LEU H 92 -30.20 27.23 -16.59
C LEU H 92 -30.29 26.14 -15.54
N HIS H 93 -30.72 26.54 -14.34
CA HIS H 93 -31.00 25.62 -13.27
C HIS H 93 -32.35 25.91 -12.71
N CYS H 94 -33.18 24.89 -12.52
CA CYS H 94 -34.50 25.07 -11.94
C CYS H 94 -34.84 23.95 -10.96
N VAL H 95 -35.31 24.32 -9.76
CA VAL H 95 -35.76 23.34 -8.80
C VAL H 95 -37.04 23.81 -8.15
N MET H 96 -37.96 22.88 -7.89
CA MET H 96 -39.15 23.18 -7.09
C MET H 96 -39.11 22.33 -5.84
N PHE H 97 -39.16 22.99 -4.67
CA PHE H 97 -39.12 22.33 -3.37
C PHE H 97 -40.50 22.32 -2.73
N PRO H 98 -41.13 21.15 -2.63
CA PRO H 98 -42.47 21.13 -2.07
C PRO H 98 -42.45 21.44 -0.59
N ARG H 99 -43.57 21.92 -0.04
CA ARG H 99 -43.67 22.01 1.40
C ARG H 99 -43.74 20.57 1.88
N PRO H 100 -43.02 20.25 2.94
CA PRO H 100 -42.96 18.83 3.34
C PRO H 100 -44.32 18.23 3.79
N GLU H 101 -45.35 19.04 4.02
CA GLU H 101 -46.72 18.52 4.24
C GLU H 101 -47.35 17.80 3.01
N TYR H 102 -46.76 17.94 1.85
CA TYR H 102 -47.33 17.37 0.64
C TYR H 102 -46.44 16.29 0.07
N ASP H 103 -47.09 15.24 -0.41
CA ASP H 103 -46.39 14.11 -0.96
C ASP H 103 -46.10 14.35 -2.43
N LEU H 104 -45.11 15.21 -2.67
CA LEU H 104 -44.74 15.63 -4.01
C LEU H 104 -43.28 15.37 -4.25
N PRO H 105 -42.94 14.92 -5.44
CA PRO H 105 -41.53 14.75 -5.77
C PRO H 105 -40.83 16.12 -6.02
N MET H 106 -39.53 16.08 -6.24
CA MET H 106 -38.78 17.27 -6.51
C MET H 106 -38.68 17.43 -7.99
N PHE H 107 -39.13 18.54 -8.54
CA PHE H 107 -38.85 18.82 -9.96
C PHE H 107 -37.48 19.48 -10.06
N GLY H 108 -36.68 19.08 -11.04
CA GLY H 108 -35.40 19.71 -11.29
C GLY H 108 -35.08 19.62 -12.76
N CYS H 109 -34.54 20.71 -13.33
CA CYS H 109 -33.91 20.57 -14.59
C CYS H 109 -32.72 21.51 -14.70
N ASP H 110 -31.77 21.13 -15.54
CA ASP H 110 -30.54 21.87 -15.68
C ASP H 110 -30.15 21.82 -17.13
N LEU H 111 -29.64 22.94 -17.61
CA LEU H 111 -29.15 23.06 -18.95
C LEU H 111 -27.78 23.72 -18.87
N VAL H 112 -26.79 23.11 -19.49
CA VAL H 112 -25.44 23.66 -19.50
C VAL H 112 -24.98 23.77 -20.93
N GLY H 113 -24.52 24.96 -21.27
CA GLY H 113 -24.06 25.21 -22.61
C GLY H 113 -22.91 26.18 -22.70
N GLY H 114 -22.67 26.64 -23.91
CA GLY H 114 -21.42 27.29 -24.25
C GLY H 114 -21.22 27.35 -25.75
N ARG H 115 -21.16 28.59 -26.26
CA ARG H 115 -20.84 28.94 -27.66
C ARG H 115 -21.57 28.17 -28.76
N GLY H 116 -22.89 28.34 -28.78
CA GLY H 116 -23.75 27.82 -29.84
C GLY H 116 -24.27 26.43 -29.55
N GLN H 117 -23.94 25.89 -28.39
CA GLN H 117 -24.11 24.45 -28.12
C GLN H 117 -24.56 24.11 -26.71
N ILE H 118 -25.30 23.01 -26.60
CA ILE H 118 -25.67 22.49 -25.31
C ILE H 118 -24.95 21.17 -25.04
N SER H 119 -24.07 21.17 -24.04
CA SER H 119 -23.37 19.96 -23.66
C SER H 119 -24.14 19.02 -22.76
N ALA H 120 -25.09 19.52 -21.96
CA ALA H 120 -25.81 18.69 -21.01
C ALA H 120 -27.21 19.22 -20.73
N ALA H 121 -28.20 18.32 -20.74
CA ALA H 121 -29.57 18.67 -20.40
C ALA H 121 -30.12 17.56 -19.51
N ILE H 122 -30.67 17.94 -18.35
CA ILE H 122 -31.20 16.97 -17.43
C ILE H 122 -32.55 17.43 -16.89
N ALA H 123 -33.49 16.52 -16.73
CA ALA H 123 -34.74 16.84 -16.12
C ALA H 123 -35.23 15.63 -15.36
N ASP H 124 -35.83 15.86 -14.21
CA ASP H 124 -36.43 14.78 -13.46
C ASP H 124 -37.51 15.27 -12.51
N LEU H 125 -38.36 14.33 -12.14
CA LEU H 125 -39.16 14.42 -10.98
C LEU H 125 -38.55 13.41 -9.97
N SER H 126 -37.72 13.88 -9.06
CA SER H 126 -36.97 12.97 -8.17
C SER H 126 -37.80 12.61 -6.96
N PRO H 127 -37.76 11.34 -6.58
CA PRO H 127 -38.65 10.87 -5.51
C PRO H 127 -38.33 11.42 -4.12
N VAL H 128 -39.35 11.59 -3.27
CA VAL H 128 -39.08 11.96 -1.88
C VAL H 128 -39.45 10.75 -1.02
N HIS H 129 -40.15 9.80 -1.62
CA HIS H 129 -40.32 8.45 -1.06
C HIS H 129 -39.02 7.73 -0.88
N LEU H 130 -39.02 6.91 0.18
CA LEU H 130 -37.84 6.25 0.62
C LEU H 130 -37.42 5.11 -0.30
N ASP H 131 -38.40 4.38 -0.82
CA ASP H 131 -38.10 3.33 -1.81
C ASP H 131 -37.96 3.86 -3.25
N ARG H 132 -37.71 5.15 -3.41
CA ARG H 132 -37.51 5.78 -4.72
C ARG H 132 -38.74 5.87 -5.60
N THR H 133 -39.92 5.49 -5.13
CA THR H 133 -41.11 5.58 -5.96
C THR H 133 -41.71 7.00 -6.05
N LEU H 134 -42.43 7.22 -7.16
CA LEU H 134 -43.23 8.41 -7.32
C LEU H 134 -44.65 7.96 -6.93
N PRO H 135 -45.50 8.88 -6.48
CA PRO H 135 -46.90 8.52 -6.19
C PRO H 135 -47.56 7.90 -7.44
N GLU H 136 -48.61 7.13 -7.21
CA GLU H 136 -49.31 6.40 -8.26
C GLU H 136 -49.72 7.25 -9.47
N SER H 137 -50.33 8.38 -9.20
CA SER H 137 -50.79 9.24 -10.26
C SER H 137 -49.63 9.76 -11.14
N TYR H 138 -48.46 10.01 -10.55
CA TYR H 138 -47.32 10.33 -11.37
C TYR H 138 -46.92 9.15 -12.22
N ASN H 139 -46.87 7.94 -11.65
CA ASN H 139 -46.47 6.76 -12.41
C ASN H 139 -47.32 6.60 -13.66
N SER H 140 -48.64 6.64 -13.50
CA SER H 140 -49.53 6.39 -14.63
C SER H 140 -49.29 7.42 -15.70
N ALA H 141 -49.21 8.68 -15.27
CA ALA H 141 -49.08 9.79 -16.24
C ALA H 141 -47.74 9.76 -16.97
N LEU H 142 -46.65 9.45 -16.26
CA LEU H 142 -45.35 9.42 -16.89
C LEU H 142 -45.13 8.23 -17.80
N THR H 143 -45.76 7.10 -17.53
CA THR H 143 -45.50 5.94 -18.39
C THR H 143 -46.29 6.09 -19.69
N SER H 144 -47.43 6.79 -19.62
CA SER H 144 -48.28 7.15 -20.78
C SER H 144 -47.57 7.95 -21.85
N LEU H 145 -46.52 8.68 -21.47
CA LEU H 145 -45.83 9.54 -22.42
C LEU H 145 -45.00 8.67 -23.41
N ASN H 146 -44.80 9.20 -24.62
CA ASN H 146 -43.95 8.58 -25.64
C ASN H 146 -42.56 8.32 -25.14
N THR H 147 -42.02 7.15 -25.49
CA THR H 147 -40.59 6.97 -25.29
C THR H 147 -39.87 7.98 -26.17
N LEU H 148 -38.84 8.64 -25.65
CA LEU H 148 -38.02 9.44 -26.57
C LEU H 148 -36.70 8.75 -26.86
N ASN H 149 -36.29 8.81 -28.13
CA ASN H 149 -35.04 8.23 -28.55
C ASN H 149 -33.95 9.26 -28.80
N PHE H 150 -33.30 9.71 -27.73
CA PHE H 150 -32.18 10.63 -27.88
C PHE H 150 -30.93 9.89 -28.33
N SER H 151 -30.22 10.42 -29.31
CA SER H 151 -29.04 9.75 -29.81
C SER H 151 -27.85 9.79 -28.84
N GLN H 152 -27.85 10.72 -27.90
CA GLN H 152 -26.72 10.90 -27.00
C GLN H 152 -27.09 10.86 -25.52
N PRO H 153 -27.64 9.74 -25.06
CA PRO H 153 -27.99 9.74 -23.64
C PRO H 153 -26.71 9.75 -22.81
N ARG H 154 -26.82 10.12 -21.55
CA ARG H 154 -25.66 10.17 -20.70
C ARG H 154 -25.94 9.36 -19.47
N GLU H 155 -24.88 8.83 -18.88
CA GLU H 155 -24.99 7.98 -17.71
C GLU H 155 -25.03 8.84 -16.46
N LEU H 156 -25.95 8.52 -15.56
CA LEU H 156 -26.02 9.19 -14.28
C LEU H 156 -24.86 8.71 -13.41
N PRO H 157 -24.29 9.59 -12.55
CA PRO H 157 -23.21 9.13 -11.63
C PRO H 157 -23.78 8.31 -10.46
N GLU H 158 -22.95 7.69 -9.62
CA GLU H 158 -23.48 6.79 -8.57
C GLU H 158 -24.17 7.46 -7.38
N TRP H 159 -23.90 8.77 -7.19
CA TRP H 159 -24.73 9.58 -6.29
C TRP H 159 -26.09 9.85 -6.90
N GLY H 160 -26.28 9.42 -8.15
CA GLY H 160 -27.51 9.66 -8.92
C GLY H 160 -28.68 8.73 -8.66
N ASN H 161 -28.57 7.88 -7.63
CA ASN H 161 -29.73 7.14 -7.17
C ASN H 161 -30.84 8.06 -6.62
N ILE H 162 -30.59 9.38 -6.55
CA ILE H 162 -31.63 10.33 -6.11
C ILE H 162 -32.63 10.64 -7.18
N PHE H 163 -32.30 10.24 -8.40
CA PHE H 163 -33.15 10.49 -9.53
C PHE H 163 -34.11 9.33 -9.75
N SER H 164 -35.25 9.62 -10.36
CA SER H 164 -36.24 8.61 -10.66
C SER H 164 -35.88 7.86 -11.94
N ASP H 165 -36.64 6.81 -12.21
CA ASP H 165 -36.53 6.03 -13.43
C ASP H 165 -36.98 6.81 -14.69
N PHE H 166 -37.64 7.95 -14.49
CA PHE H 166 -38.09 8.80 -15.60
C PHE H 166 -37.07 9.84 -15.98
N CYS H 167 -36.00 9.92 -15.21
CA CYS H 167 -34.99 10.98 -15.38
C CYS H 167 -34.41 10.95 -16.78
N ILE H 168 -34.29 12.13 -17.37
CA ILE H 168 -33.76 12.31 -18.70
C ILE H 168 -32.45 13.09 -18.62
N PHE H 169 -31.40 12.47 -19.14
CA PHE H 169 -30.07 13.03 -19.13
C PHE H 169 -29.37 12.82 -20.46
N VAL H 170 -29.27 13.88 -21.25
CA VAL H 170 -28.79 13.78 -22.60
C VAL H 170 -27.87 14.93 -22.94
N ARG H 171 -27.15 14.75 -24.05
CA ARG H 171 -26.56 15.83 -24.81
C ARG H 171 -27.33 15.91 -26.13
N PRO H 172 -28.14 16.99 -26.32
CA PRO H 172 -28.94 17.16 -27.54
C PRO H 172 -28.02 17.42 -28.72
N SER H 173 -28.16 16.61 -29.76
CA SER H 173 -27.29 16.71 -30.95
C SER H 173 -27.86 17.61 -32.03
N SER H 174 -29.19 17.65 -32.14
CA SER H 174 -29.87 18.45 -33.15
C SER H 174 -30.88 19.36 -32.45
N PRO H 175 -31.39 20.36 -33.17
CA PRO H 175 -32.52 21.14 -32.72
C PRO H 175 -33.80 20.33 -32.59
N GLU H 176 -33.92 19.21 -33.29
CA GLU H 176 -35.06 18.33 -33.06
C GLU H 176 -35.01 17.78 -31.63
N GLU H 177 -33.82 17.40 -31.17
CA GLU H 177 -33.64 16.82 -29.87
C GLU H 177 -33.86 17.88 -28.80
N GLU H 178 -33.41 19.08 -29.09
CA GLU H 178 -33.62 20.22 -28.21
C GLU H 178 -35.09 20.45 -27.96
N ALA H 179 -35.88 20.38 -29.03
CA ALA H 179 -37.31 20.52 -28.94
C ALA H 179 -37.95 19.33 -28.21
N MET H 180 -37.44 18.12 -28.45
CA MET H 180 -37.93 16.93 -27.76
C MET H 180 -37.73 17.12 -26.28
N PHE H 181 -36.57 17.66 -25.90
CA PHE H 181 -36.22 17.78 -24.51
C PHE H 181 -37.10 18.80 -23.83
N LEU H 182 -37.25 19.97 -24.46
CA LEU H 182 -38.15 20.98 -23.99
C LEU H 182 -39.61 20.48 -23.88
N GLY H 183 -40.09 19.69 -24.85
CA GLY H 183 -41.45 19.15 -24.80
C GLY H 183 -41.61 18.26 -23.58
N ARG H 184 -40.60 17.47 -23.28
CA ARG H 184 -40.70 16.53 -22.19
C ARG H 184 -40.69 17.27 -20.84
N VAL H 185 -39.82 18.27 -20.71
CA VAL H 185 -39.77 19.07 -19.50
C VAL H 185 -41.15 19.67 -19.25
N ARG H 186 -41.77 20.19 -20.32
CA ARG H 186 -43.10 20.74 -20.22
C ARG H 186 -44.11 19.71 -19.70
N GLU H 187 -44.05 18.48 -20.21
CA GLU H 187 -44.96 17.39 -19.78
C GLU H 187 -44.75 17.05 -18.31
N PHE H 188 -43.50 17.00 -17.87
CA PHE H 188 -43.15 16.79 -16.47
C PHE H 188 -43.76 17.87 -15.60
N LEU H 189 -43.67 19.12 -16.05
CA LEU H 189 -44.26 20.21 -15.27
C LEU H 189 -45.77 20.14 -15.21
N GLN H 190 -46.39 19.70 -16.30
CA GLN H 190 -47.83 19.68 -16.31
C GLN H 190 -48.34 18.60 -15.35
N VAL H 191 -47.69 17.46 -15.36
CA VAL H 191 -48.08 16.35 -14.49
C VAL H 191 -47.86 16.82 -13.07
N HIS H 192 -46.72 17.45 -12.85
CA HIS H 192 -46.34 17.93 -11.54
C HIS H 192 -47.28 19.03 -10.98
N CYS H 193 -47.68 19.98 -11.81
CA CYS H 193 -48.68 20.96 -11.36
C CYS H 193 -50.06 20.34 -11.03
N GLN H 194 -50.50 19.36 -11.83
CA GLN H 194 -51.72 18.63 -11.55
C GLN H 194 -51.59 17.91 -10.23
N GLY H 195 -50.42 17.29 -10.02
CA GLY H 195 -50.15 16.59 -8.78
C GLY H 195 -50.27 17.55 -7.62
N ALA H 196 -49.64 18.72 -7.73
CA ALA H 196 -49.66 19.69 -6.67
C ALA H 196 -51.06 20.18 -6.31
N ILE H 197 -51.91 20.39 -7.31
CA ILE H 197 -53.22 20.95 -7.12
C ILE H 197 -54.19 19.94 -6.49
N ALA H 198 -53.98 18.67 -6.80
CA ALA H 198 -54.71 17.53 -6.25
C ALA H 198 -54.24 17.13 -4.86
N ALA H 199 -53.09 17.62 -4.40
CA ALA H 199 -52.51 17.10 -3.14
C ALA H 199 -53.20 17.60 -1.87
N SER H 200 -53.40 16.68 -0.91
CA SER H 200 -53.76 17.06 0.46
C SER H 200 -52.60 16.86 1.42
N PRO H 201 -52.64 17.55 2.59
CA PRO H 201 -51.59 17.37 3.61
C PRO H 201 -51.57 15.93 4.07
N VAL H 202 -50.38 15.36 4.24
CA VAL H 202 -50.25 13.97 4.60
C VAL H 202 -50.27 13.83 6.13
N SER H 203 -50.33 12.60 6.63
CA SER H 203 -50.21 12.40 8.10
C SER H 203 -48.78 12.70 8.56
N ALA H 204 -48.60 12.81 9.87
CA ALA H 204 -47.27 12.89 10.51
C ALA H 204 -46.34 11.81 10.02
N GLU H 205 -46.80 10.56 10.12
CA GLU H 205 -46.10 9.38 9.60
C GLU H 205 -45.45 9.62 8.25
N GLN H 206 -46.23 10.11 7.32
CA GLN H 206 -45.72 10.28 6.02
C GLN H 206 -44.82 11.51 5.95
N LYS H 207 -45.16 12.54 6.70
CA LYS H 207 -44.39 13.77 6.64
C LYS H 207 -42.92 13.50 7.01
N GLN H 208 -42.73 12.68 8.03
CA GLN H 208 -41.42 12.16 8.42
C GLN H 208 -40.63 11.58 7.25
N GLN H 209 -41.32 10.74 6.48
CA GLN H 209 -40.74 10.07 5.32
C GLN H 209 -40.31 11.07 4.24
N ILE H 210 -41.29 11.86 3.82
CA ILE H 210 -41.17 12.84 2.76
C ILE H 210 -40.06 13.82 3.15
N LEU H 211 -40.03 14.22 4.40
CA LEU H 211 -39.09 15.22 4.81
C LEU H 211 -37.63 14.72 4.68
N ALA H 212 -37.36 13.57 5.30
CA ALA H 212 -36.08 12.87 5.13
C ALA H 212 -35.65 12.74 3.66
N GLY H 213 -36.57 12.34 2.81
CA GLY H 213 -36.35 12.33 1.37
C GLY H 213 -35.87 13.61 0.70
N GLN H 214 -36.48 14.78 1.00
CA GLN H 214 -35.93 16.07 0.54
C GLN H 214 -34.57 16.33 1.10
N HIS H 215 -34.44 16.07 2.39
CA HIS H 215 -33.16 16.26 3.02
C HIS H 215 -32.07 15.50 2.27
N ASN H 216 -32.32 14.22 1.99
CA ASN H 216 -31.40 13.41 1.25
C ASN H 216 -31.07 13.99 -0.13
N TYR H 217 -32.09 14.34 -0.88
CA TYR H 217 -31.94 14.98 -2.17
C TYR H 217 -31.07 16.24 -2.11
N CYS H 218 -31.35 17.13 -1.17
CA CYS H 218 -30.59 18.40 -1.08
C CYS H 218 -29.12 18.20 -0.69
N SER H 219 -28.83 17.29 0.27
CA SER H 219 -27.45 17.05 0.63
C SER H 219 -26.66 16.43 -0.46
N LYS H 220 -27.22 15.45 -1.17
CA LYS H 220 -26.55 14.89 -2.33
C LYS H 220 -26.25 15.94 -3.34
N GLN H 221 -27.24 16.80 -3.63
CA GLN H 221 -27.07 17.86 -4.63
C GLN H 221 -26.00 18.84 -4.20
N GLN H 222 -26.01 19.24 -2.93
CA GLN H 222 -24.94 20.12 -2.42
C GLN H 222 -23.57 19.51 -2.59
N GLN H 223 -23.43 18.25 -2.17
CA GLN H 223 -22.17 17.54 -2.27
C GLN H 223 -21.63 17.45 -3.67
N ASN H 224 -22.48 17.45 -4.68
CA ASN H 224 -22.08 17.00 -5.99
C ASN H 224 -22.33 17.93 -7.18
N ASP H 225 -23.24 18.91 -7.04
CA ASP H 225 -23.54 19.83 -8.16
C ASP H 225 -22.28 20.57 -8.56
N LYS H 226 -22.05 20.62 -9.87
CA LYS H 226 -20.78 21.12 -10.47
C LYS H 226 -20.69 22.63 -10.57
N THR H 227 -21.80 23.32 -10.40
CA THR H 227 -21.78 24.78 -10.46
C THR H 227 -20.95 25.34 -9.31
N ARG H 228 -20.81 24.56 -8.25
CA ARG H 228 -19.89 24.88 -7.17
C ARG H 228 -18.50 25.37 -7.65
N ARG H 229 -17.88 24.59 -8.51
CA ARG H 229 -16.55 24.88 -9.06
C ARG H 229 -16.49 26.29 -9.70
N VAL H 230 -17.51 26.60 -10.48
CA VAL H 230 -17.65 27.87 -11.16
C VAL H 230 -17.78 28.98 -10.14
N LEU H 231 -18.53 28.72 -9.08
CA LEU H 231 -18.75 29.73 -8.07
C LEU H 231 -17.54 30.00 -7.24
N GLU H 232 -16.82 28.94 -6.89
CA GLU H 232 -15.55 29.06 -6.18
C GLU H 232 -14.60 29.97 -6.96
N LYS H 233 -14.47 29.68 -8.25
CA LYS H 233 -13.56 30.42 -9.11
C LYS H 233 -13.94 31.87 -9.29
N ALA H 234 -15.24 32.13 -9.16
CA ALA H 234 -15.75 33.49 -9.24
C ALA H 234 -15.59 34.28 -7.95
N PHE H 235 -15.85 33.65 -6.81
CA PHE H 235 -16.02 34.38 -5.57
C PHE H 235 -15.28 33.82 -4.34
N GLY H 236 -14.66 32.66 -4.49
CA GLY H 236 -14.02 32.00 -3.35
C GLY H 236 -14.87 30.86 -2.86
N VAL H 237 -14.24 30.00 -2.06
CA VAL H 237 -14.83 28.76 -1.53
C VAL H 237 -15.99 29.02 -0.58
N ASP H 238 -15.87 30.00 0.32
CA ASP H 238 -16.92 30.23 1.31
C ASP H 238 -18.19 30.81 0.73
N TRP H 239 -18.03 31.76 -0.18
CA TRP H 239 -19.12 32.33 -0.91
C TRP H 239 -19.89 31.24 -1.66
N ALA H 240 -19.16 30.38 -2.36
CA ALA H 240 -19.77 29.23 -3.04
C ALA H 240 -20.46 28.26 -2.09
N GLU H 241 -19.83 27.93 -0.98
CA GLU H 241 -20.46 27.07 0.00
C GLU H 241 -21.81 27.66 0.47
N ASN H 242 -21.78 28.95 0.76
CA ASN H 242 -22.94 29.62 1.28
C ASN H 242 -24.07 29.70 0.28
N TYR H 243 -23.71 29.83 -0.98
CA TYR H 243 -24.66 29.90 -2.06
C TYR H 243 -25.29 28.52 -2.28
N MET H 244 -24.48 27.46 -2.27
CA MET H 244 -25.00 26.09 -2.39
C MET H 244 -26.00 25.73 -1.29
N THR H 245 -25.70 26.10 -0.06
CA THR H 245 -26.54 25.67 1.06
C THR H 245 -27.67 26.60 1.41
N THR H 246 -27.65 27.84 0.93
CA THR H 246 -28.76 28.74 1.24
C THR H 246 -29.57 29.21 0.04
N VAL H 247 -29.06 29.08 -1.19
CA VAL H 247 -29.78 29.49 -2.40
C VAL H 247 -30.17 28.31 -3.30
N LEU H 248 -29.21 27.46 -3.65
CA LEU H 248 -29.51 26.38 -4.58
C LEU H 248 -30.17 25.18 -3.93
N PHE H 249 -29.61 24.67 -2.84
CA PHE H 249 -30.15 23.46 -2.25
C PHE H 249 -30.30 23.58 -0.75
N ASP H 250 -31.03 24.58 -0.30
CA ASP H 250 -31.26 24.76 1.12
C ASP H 250 -32.12 23.65 1.72
N LEU H 251 -31.77 23.25 2.93
CA LEU H 251 -32.39 22.13 3.61
C LEU H 251 -33.82 22.45 3.99
N PRO H 252 -34.72 21.45 3.86
CA PRO H 252 -36.21 21.45 3.99
C PRO H 252 -36.85 21.99 5.28
N GLU H 253 -36.08 22.13 6.37
CA GLU H 253 -36.55 23.01 7.45
C GLU H 253 -35.51 24.10 7.88
N SER I 16 57.41 14.38 25.94
CA SER I 16 56.19 14.37 25.14
C SER I 16 55.04 15.07 25.89
N LEU I 17 54.21 15.76 25.12
CA LEU I 17 53.01 16.38 25.62
C LEU I 17 52.09 15.40 26.36
N ARG I 18 52.17 14.13 25.98
CA ARG I 18 51.27 13.10 26.50
C ARG I 18 51.43 12.88 28.01
N GLU I 19 52.55 13.31 28.57
CA GLU I 19 52.69 13.23 30.00
C GLU I 19 51.70 14.16 30.68
N GLN I 20 51.45 15.32 30.08
CA GLN I 20 50.60 16.32 30.73
C GLN I 20 49.11 16.04 30.47
N GLN I 21 48.82 14.95 29.75
CA GLN I 21 47.44 14.76 29.28
C GLN I 21 46.66 13.74 30.07
N HIS I 22 45.35 13.71 29.86
CA HIS I 22 44.49 12.66 30.41
C HIS I 22 45.10 11.26 30.24
N PRO I 23 45.07 10.45 31.29
CA PRO I 23 45.76 9.14 31.30
C PRO I 23 45.33 8.20 30.16
N LEU I 24 44.09 8.27 29.71
CA LEU I 24 43.67 7.43 28.63
C LEU I 24 44.27 7.90 27.28
N ILE I 25 44.48 9.19 27.11
CA ILE I 25 45.20 9.71 25.95
C ILE I 25 46.66 9.20 25.96
N ARG I 26 47.29 9.27 27.12
CA ARG I 26 48.66 8.77 27.30
C ARG I 26 48.74 7.30 26.90
N GLN I 27 47.81 6.53 27.46
CA GLN I 27 47.79 5.11 27.26
C GLN I 27 47.56 4.76 25.83
N LEU I 28 46.63 5.44 25.20
CA LEU I 28 46.32 5.19 23.80
C LEU I 28 47.47 5.57 22.84
N ALA I 29 48.14 6.68 23.11
CA ALA I 29 49.24 7.11 22.28
C ALA I 29 50.36 6.08 22.39
N ASP I 30 50.69 5.66 23.61
CA ASP I 30 51.77 4.71 23.82
C ASP I 30 51.42 3.40 23.13
N CYS I 31 50.15 3.02 23.26
CA CYS I 31 49.65 1.78 22.70
C CYS I 31 49.68 1.74 21.16
N ILE I 32 49.20 2.81 20.52
CA ILE I 32 49.29 2.91 19.05
C ILE I 32 50.72 2.83 18.53
N GLU I 33 51.62 3.58 19.17
CA GLU I 33 53.00 3.56 18.75
C GLU I 33 53.65 2.21 19.02
N GLU I 34 53.30 1.56 20.14
CA GLU I 34 53.87 0.24 20.43
C GLU I 34 53.46 -0.78 19.34
N VAL I 35 52.20 -0.80 18.97
CA VAL I 35 51.73 -1.72 17.94
C VAL I 35 52.36 -1.40 16.58
N TRP I 36 52.45 -0.12 16.24
CA TRP I 36 53.12 0.23 14.98
C TRP I 36 54.54 -0.34 14.94
N HIS I 37 55.29 -0.14 16.01
CA HIS I 37 56.67 -0.56 16.07
C HIS I 37 56.84 -2.06 16.09
N GLN I 38 55.86 -2.75 16.66
CA GLN I 38 55.92 -4.19 16.82
C GLN I 38 55.70 -4.82 15.48
N HIS I 39 54.75 -4.31 14.71
CA HIS I 39 54.35 -5.08 13.52
C HIS I 39 54.71 -4.49 12.18
N LEU I 40 55.14 -3.25 12.15
CA LEU I 40 55.38 -2.60 10.87
C LEU I 40 56.80 -2.16 10.74
N ASP I 41 57.20 -1.83 9.52
CA ASP I 41 58.54 -1.36 9.28
C ASP I 41 58.56 0.14 9.07
N LEU I 42 58.85 0.87 10.14
CA LEU I 42 58.61 2.31 10.18
C LEU I 42 59.76 3.15 9.64
N SER I 43 59.44 4.15 8.85
CA SER I 43 60.38 5.19 8.52
C SER I 43 59.74 6.50 8.87
N PRO I 44 60.56 7.53 9.10
CA PRO I 44 60.02 8.84 9.38
C PRO I 44 59.30 9.40 8.17
N TYR I 45 58.34 10.26 8.45
CA TYR I 45 57.60 10.96 7.44
C TYR I 45 57.79 12.37 7.92
N HIS I 46 58.48 13.18 7.13
CA HIS I 46 58.82 14.50 7.59
C HIS I 46 57.77 15.57 7.21
N LEU I 47 57.14 16.16 8.20
CA LEU I 47 56.39 17.40 7.95
C LEU I 47 57.32 18.60 8.20
N PRO I 48 56.96 19.80 7.67
CA PRO I 48 57.64 21.06 8.03
C PRO I 48 57.95 21.20 9.53
N ALA I 49 59.23 21.33 9.86
CA ALA I 49 59.71 21.30 11.26
C ALA I 49 58.92 22.21 12.21
N GLU I 50 58.34 23.29 11.67
CA GLU I 50 57.45 24.12 12.46
C GLU I 50 56.05 23.48 12.69
N LEU I 51 55.61 22.56 11.82
CA LEU I 51 54.32 21.86 12.06
C LEU I 51 54.42 20.62 12.93
N GLY I 52 55.65 20.19 13.24
CA GLY I 52 55.87 19.02 14.10
C GLY I 52 55.57 19.33 15.56
N TYR I 53 55.80 20.58 15.93
CA TYR I 53 55.52 21.06 17.26
C TYR I 53 55.00 22.50 17.16
N VAL I 54 53.76 22.74 17.58
CA VAL I 54 53.12 24.03 17.38
C VAL I 54 52.66 24.57 18.70
N GLU I 55 52.97 25.84 18.94
CA GLU I 55 52.58 26.51 20.16
C GLU I 55 51.77 27.76 19.79
N GLY I 56 50.73 28.02 20.57
CA GLY I 56 49.91 29.18 20.39
C GLY I 56 49.21 29.53 21.68
N ARG I 57 48.24 30.42 21.56
CA ARG I 57 47.49 30.94 22.70
C ARG I 57 46.01 31.02 22.37
N LEU I 58 45.18 30.80 23.38
CA LEU I 58 43.75 30.78 23.18
C LEU I 58 43.10 31.15 24.51
N GLU I 59 42.44 32.31 24.55
CA GLU I 59 41.79 32.80 25.78
C GLU I 59 42.81 32.91 26.91
N GLY I 60 44.05 33.28 26.55
CA GLY I 60 45.14 33.27 27.53
C GLY I 60 45.79 31.90 27.79
N GLU I 61 45.11 30.81 27.46
CA GLU I 61 45.64 29.46 27.72
C GLU I 61 46.67 29.06 26.67
N LYS I 62 47.68 28.30 27.09
CA LYS I 62 48.66 27.78 26.14
C LYS I 62 48.05 26.69 25.25
N LEU I 63 48.26 26.81 23.95
CA LEU I 63 47.92 25.77 23.01
C LEU I 63 49.19 25.07 22.49
N THR I 64 49.19 23.73 22.53
CA THR I 64 50.34 22.93 22.12
C THR I 64 49.86 21.79 21.27
N ILE I 65 50.53 21.57 20.17
CA ILE I 65 50.19 20.50 19.28
C ILE I 65 51.48 19.75 18.95
N GLU I 66 51.46 18.45 19.17
CA GLU I 66 52.62 17.61 18.96
C GLU I 66 52.25 16.60 17.85
N ASN I 67 52.95 16.66 16.74
CA ASN I 67 52.64 15.81 15.59
C ASN I 67 53.76 14.82 15.37
N ARG I 68 53.36 13.60 15.08
CA ARG I 68 54.33 12.53 14.85
C ARG I 68 53.82 11.70 13.69
N CYS I 69 54.63 11.55 12.65
CA CYS I 69 54.27 10.80 11.47
C CYS I 69 55.30 9.78 11.07
N TYR I 70 54.80 8.67 10.51
CA TYR I 70 55.67 7.68 9.94
C TYR I 70 55.07 7.22 8.64
N GLN I 71 55.83 6.39 7.94
CA GLN I 71 55.36 5.75 6.75
C GLN I 71 55.94 4.33 6.68
N THR I 72 55.27 3.47 5.94
CA THR I 72 55.78 2.11 5.69
C THR I 72 55.55 1.77 4.23
N PRO I 73 56.04 0.62 3.79
CA PRO I 73 55.71 0.25 2.42
C PRO I 73 54.20 0.26 2.11
N GLN I 74 53.33 -0.03 3.07
CA GLN I 74 51.89 -0.05 2.86
C GLN I 74 51.17 1.25 3.25
N PHE I 75 51.78 2.07 4.09
CA PHE I 75 51.10 3.29 4.55
C PHE I 75 51.80 4.55 4.16
N ARG I 76 51.14 5.35 3.33
CA ARG I 76 51.71 6.63 2.91
C ARG I 76 52.03 7.47 4.13
N LYS I 77 51.22 7.36 5.16
CA LYS I 77 51.28 8.30 6.29
C LYS I 77 50.57 7.71 7.50
N MET I 78 51.26 7.73 8.62
CA MET I 78 50.72 7.28 9.88
C MET I 78 50.91 8.43 10.82
N HIS I 79 49.81 9.02 11.25
CA HIS I 79 49.88 10.29 11.91
C HIS I 79 49.26 10.20 13.28
N LEU I 80 50.07 10.49 14.28
CA LEU I 80 49.62 10.69 15.64
C LEU I 80 49.71 12.18 16.08
N GLU I 81 48.58 12.75 16.40
CA GLU I 81 48.50 14.15 16.84
C GLU I 81 48.05 14.25 18.31
N LEU I 82 48.80 15.01 19.10
CA LEU I 82 48.37 15.24 20.48
C LEU I 82 48.22 16.73 20.67
N ALA I 83 47.11 17.14 21.25
CA ALA I 83 46.93 18.57 21.43
C ALA I 83 46.39 18.90 22.80
N LYS I 84 46.81 20.04 23.32
CA LYS I 84 46.36 20.50 24.61
C LYS I 84 46.06 22.01 24.54
N VAL I 85 44.98 22.41 25.18
CA VAL I 85 44.66 23.80 25.42
C VAL I 85 44.49 24.01 26.92
N GLY I 86 45.46 24.65 27.56
CA GLY I 86 45.52 24.77 29.01
C GLY I 86 45.03 23.50 29.66
N ASN I 87 44.03 23.65 30.53
CA ASN I 87 43.39 22.53 31.18
C ASN I 87 41.93 22.38 30.71
N MET I 88 41.60 23.08 29.63
CA MET I 88 40.27 23.00 29.01
C MET I 88 40.08 21.84 28.04
N LEU I 89 41.14 21.40 27.38
CA LEU I 89 40.95 20.58 26.23
C LEU I 89 42.17 19.72 25.98
N ASP I 90 41.91 18.42 25.86
CA ASP I 90 42.92 17.45 25.47
C ASP I 90 42.44 16.72 24.22
N ILE I 91 43.32 16.53 23.26
CA ILE I 91 42.94 15.83 22.06
C ILE I 91 43.96 14.82 21.64
N LEU I 92 43.50 13.66 21.22
CA LEU I 92 44.32 12.69 20.51
C LEU I 92 43.63 12.46 19.19
N HIS I 93 44.41 12.53 18.12
CA HIS I 93 43.91 12.20 16.80
C HIS I 93 44.92 11.26 16.14
N CYS I 94 44.44 10.17 15.56
CA CYS I 94 45.35 9.29 14.85
C CYS I 94 44.68 8.89 13.58
N VAL I 95 45.41 8.94 12.46
CA VAL I 95 44.94 8.34 11.19
C VAL I 95 46.07 7.64 10.50
N MET I 96 45.79 6.46 9.90
CA MET I 96 46.74 5.81 9.00
C MET I 96 46.16 5.84 7.57
N PHE I 97 46.93 6.39 6.63
CA PHE I 97 46.54 6.48 5.21
C PHE I 97 47.30 5.43 4.44
N PRO I 98 46.60 4.43 3.93
CA PRO I 98 47.32 3.45 3.11
C PRO I 98 47.76 4.05 1.78
N ARG I 99 48.84 3.51 1.20
CA ARG I 99 49.19 3.81 -0.17
C ARG I 99 48.06 3.24 -1.03
N PRO I 100 47.61 4.01 -2.04
CA PRO I 100 46.46 3.58 -2.83
C PRO I 100 46.66 2.29 -3.64
N GLU I 101 47.89 1.79 -3.72
CA GLU I 101 48.13 0.47 -4.31
C GLU I 101 47.62 -0.68 -3.46
N TYR I 102 47.30 -0.42 -2.20
CA TYR I 102 46.84 -1.50 -1.32
C TYR I 102 45.41 -1.33 -0.93
N ASP I 103 44.69 -2.45 -0.93
CA ASP I 103 43.27 -2.50 -0.58
C ASP I 103 43.10 -2.55 0.91
N LEU I 104 43.32 -1.42 1.56
CA LEU I 104 43.29 -1.34 3.00
C LEU I 104 42.35 -0.22 3.44
N PRO I 105 41.54 -0.48 4.45
CA PRO I 105 40.71 0.59 4.99
C PRO I 105 41.52 1.68 5.71
N MET I 106 40.84 2.75 6.15
CA MET I 106 41.51 3.83 6.86
C MET I 106 41.32 3.59 8.35
N PHE I 107 42.38 3.39 9.10
CA PHE I 107 42.23 3.41 10.53
C PHE I 107 42.19 4.87 11.00
N GLY I 108 41.24 5.17 11.89
CA GLY I 108 41.22 6.46 12.59
C GLY I 108 40.73 6.28 14.01
N CYS I 109 41.36 6.99 14.95
CA CYS I 109 40.74 7.19 16.25
C CYS I 109 40.98 8.57 16.79
N ASP I 110 40.01 9.03 17.57
CA ASP I 110 40.02 10.36 18.16
C ASP I 110 39.54 10.29 19.61
N LEU I 111 40.13 11.12 20.45
CA LEU I 111 39.80 11.19 21.83
C LEU I 111 39.76 12.65 22.10
N VAL I 112 38.66 13.09 22.72
CA VAL I 112 38.50 14.48 23.11
C VAL I 112 38.13 14.50 24.60
N GLY I 113 38.78 15.37 25.36
CA GLY I 113 38.51 15.51 26.80
C GLY I 113 39.09 16.84 27.21
N GLY I 114 39.62 17.01 28.44
CA GLY I 114 39.36 16.17 29.59
C GLY I 114 40.54 15.97 30.54
N ARG I 115 40.51 16.56 31.72
CA ARG I 115 41.23 15.95 32.81
C ARG I 115 40.11 15.34 33.64
N GLY I 116 40.35 14.11 34.12
CA GLY I 116 39.36 13.42 34.93
C GLY I 116 38.18 12.95 34.11
N GLN I 117 38.12 13.36 32.83
CA GLN I 117 37.01 13.01 31.95
C GLN I 117 37.29 13.13 30.44
N ILE I 118 36.59 12.29 29.68
CA ILE I 118 36.65 12.20 28.24
C ILE I 118 35.25 12.29 27.68
N SER I 119 34.96 13.35 26.93
CA SER I 119 33.64 13.54 26.36
C SER I 119 33.34 12.70 25.10
N ALA I 120 34.37 12.35 24.34
CA ALA I 120 34.16 11.64 23.09
C ALA I 120 35.34 10.73 22.75
N ALA I 121 35.02 9.48 22.40
CA ALA I 121 36.01 8.51 21.93
C ALA I 121 35.48 7.78 20.69
N ILE I 122 36.22 7.85 19.60
CA ILE I 122 35.83 7.22 18.36
C ILE I 122 36.98 6.39 17.75
N ALA I 123 36.65 5.23 17.21
CA ALA I 123 37.64 4.43 16.50
C ALA I 123 36.99 3.66 15.38
N ASP I 124 37.69 3.60 14.24
CA ASP I 124 37.15 2.92 13.10
C ASP I 124 38.18 2.42 12.14
N LEU I 125 37.75 1.40 11.40
CA LEU I 125 38.42 1.00 10.17
C LEU I 125 37.46 1.37 9.01
N SER I 126 37.57 2.58 8.49
CA SER I 126 36.66 3.12 7.52
C SER I 126 36.94 2.62 6.11
N PRO I 127 35.89 2.24 5.39
CA PRO I 127 36.09 1.55 4.11
C PRO I 127 36.66 2.45 3.01
N VAL I 128 37.39 1.86 2.08
CA VAL I 128 37.81 2.61 0.87
C VAL I 128 37.08 2.05 -0.32
N HIS I 129 36.42 0.89 -0.21
CA HIS I 129 35.53 0.40 -1.27
C HIS I 129 34.36 1.34 -1.35
N LEU I 130 33.92 1.61 -2.56
CA LEU I 130 32.86 2.61 -2.77
C LEU I 130 31.50 2.11 -2.27
N ASP I 131 31.34 0.79 -2.13
CA ASP I 131 30.13 0.21 -1.56
C ASP I 131 30.17 0.05 -0.03
N ARG I 132 31.15 0.69 0.62
CA ARG I 132 31.28 0.72 2.09
C ARG I 132 31.70 -0.59 2.79
N THR I 133 32.01 -1.63 2.01
CA THR I 133 32.48 -2.89 2.61
C THR I 133 33.97 -2.85 3.03
N LEU I 134 34.33 -3.78 3.89
CA LEU I 134 35.74 -3.97 4.22
C LEU I 134 36.10 -5.27 3.58
N PRO I 135 37.40 -5.50 3.32
CA PRO I 135 37.81 -6.81 2.76
C PRO I 135 37.39 -7.97 3.68
N GLU I 136 37.28 -9.17 3.10
CA GLU I 136 36.75 -10.33 3.82
C GLU I 136 37.50 -10.65 5.10
N SER I 137 38.83 -10.66 5.03
CA SER I 137 39.64 -10.95 6.21
C SER I 137 39.35 -9.99 7.37
N TYR I 138 39.00 -8.74 7.04
CA TYR I 138 38.65 -7.80 8.07
C TYR I 138 37.31 -8.17 8.66
N ASN I 139 36.33 -8.47 7.80
CA ASN I 139 34.99 -8.83 8.29
C ASN I 139 35.04 -10.00 9.26
N SER I 140 35.73 -11.08 8.89
CA SER I 140 35.79 -12.25 9.77
C SER I 140 36.39 -11.86 11.10
N ALA I 141 37.51 -11.16 11.05
CA ALA I 141 38.25 -10.88 12.26
C ALA I 141 37.44 -9.97 13.17
N LEU I 142 36.79 -8.95 12.59
CA LEU I 142 36.04 -8.00 13.38
C LEU I 142 34.76 -8.57 13.95
N THR I 143 34.12 -9.48 13.23
CA THR I 143 32.91 -10.03 13.79
C THR I 143 33.25 -11.07 14.88
N SER I 144 34.51 -11.50 14.94
CA SER I 144 34.95 -12.43 16.01
C SER I 144 35.13 -11.71 17.34
N LEU I 145 35.32 -10.39 17.31
CA LEU I 145 35.54 -9.65 18.54
C LEU I 145 34.24 -9.61 19.36
N ASN I 146 34.38 -9.70 20.67
CA ASN I 146 33.24 -9.69 21.59
C ASN I 146 32.47 -8.38 21.50
N THR I 147 31.18 -8.46 21.85
CA THR I 147 30.36 -7.25 21.90
C THR I 147 30.64 -6.53 23.22
N LEU I 148 31.00 -5.26 23.11
CA LEU I 148 31.24 -4.47 24.32
C LEU I 148 29.98 -3.72 24.81
N ASN I 149 29.60 -4.02 26.05
CA ASN I 149 28.52 -3.34 26.72
C ASN I 149 28.87 -1.92 27.20
N PHE I 150 28.92 -0.96 26.27
CA PHE I 150 29.10 0.46 26.61
C PHE I 150 27.75 1.04 27.03
N SER I 151 27.75 1.79 28.14
CA SER I 151 26.56 2.43 28.67
C SER I 151 26.15 3.68 27.89
N GLN I 152 27.09 4.22 27.13
CA GLN I 152 26.95 5.55 26.62
C GLN I 152 27.42 5.73 25.15
N PRO I 153 26.74 5.04 24.22
CA PRO I 153 27.06 5.23 22.82
C PRO I 153 26.58 6.59 22.28
N ARG I 154 27.15 7.00 21.17
CA ARG I 154 26.77 8.23 20.55
C ARG I 154 26.38 8.00 19.10
N GLU I 155 25.53 8.86 18.58
CA GLU I 155 25.06 8.72 17.23
C GLU I 155 26.04 9.39 16.30
N LEU I 156 26.34 8.69 15.20
CA LEU I 156 27.16 9.24 14.15
C LEU I 156 26.41 10.32 13.38
N PRO I 157 27.17 11.30 12.82
CA PRO I 157 26.58 12.36 11.99
C PRO I 157 26.34 11.89 10.54
N GLU I 158 25.48 12.62 9.82
CA GLU I 158 25.01 12.30 8.46
C GLU I 158 26.13 12.00 7.47
N TRP I 159 27.24 12.71 7.65
CA TRP I 159 28.44 12.51 6.83
C TRP I 159 29.22 11.28 7.29
N GLY I 160 28.59 10.51 8.17
CA GLY I 160 29.23 9.39 8.85
C GLY I 160 29.01 8.08 8.14
N ASN I 161 28.47 8.16 6.92
CA ASN I 161 28.43 7.00 6.03
C ASN I 161 29.84 6.66 5.56
N ILE I 162 30.83 7.47 5.98
CA ILE I 162 32.22 7.15 5.71
C ILE I 162 32.77 6.12 6.67
N PHE I 163 32.07 5.92 7.79
CA PHE I 163 32.48 4.96 8.81
C PHE I 163 31.86 3.60 8.56
N SER I 164 32.60 2.55 8.94
CA SER I 164 32.13 1.18 8.82
C SER I 164 31.13 0.79 9.88
N ASP I 165 30.57 -0.39 9.73
CA ASP I 165 29.61 -0.91 10.66
C ASP I 165 30.24 -1.30 11.98
N PHE I 166 31.57 -1.39 12.02
CA PHE I 166 32.29 -1.72 13.25
C PHE I 166 32.72 -0.49 14.06
N CYS I 167 32.42 0.69 13.53
CA CYS I 167 32.80 1.94 14.17
C CYS I 167 32.32 2.02 15.59
N ILE I 168 33.18 2.55 16.45
CA ILE I 168 32.86 2.71 17.86
C ILE I 168 32.91 4.19 18.22
N PHE I 169 31.79 4.69 18.74
CA PHE I 169 31.65 6.08 19.08
C PHE I 169 30.93 6.13 20.41
N VAL I 170 31.67 6.48 21.46
CA VAL I 170 31.11 6.50 22.79
C VAL I 170 31.60 7.66 23.61
N ARG I 171 30.90 7.93 24.71
CA ARG I 171 31.45 8.72 25.80
C ARG I 171 31.66 7.76 26.97
N PRO I 172 32.92 7.43 27.28
CA PRO I 172 33.24 6.46 28.33
C PRO I 172 32.88 7.02 29.69
N SER I 173 32.03 6.30 30.43
CA SER I 173 31.52 6.79 31.72
C SER I 173 32.41 6.38 32.88
N SER I 174 32.96 5.18 32.81
CA SER I 174 33.85 4.67 33.85
C SER I 174 35.26 4.43 33.29
N PRO I 175 36.24 4.19 34.19
CA PRO I 175 37.54 3.69 33.76
C PRO I 175 37.51 2.25 33.22
N GLU I 176 36.46 1.49 33.54
CA GLU I 176 36.27 0.21 32.90
C GLU I 176 35.98 0.38 31.42
N GLU I 177 35.14 1.36 31.08
CA GLU I 177 34.81 1.65 29.69
C GLU I 177 36.03 2.18 28.96
N GLU I 178 36.82 3.01 29.64
CA GLU I 178 38.06 3.53 29.08
C GLU I 178 38.99 2.40 28.67
N ALA I 179 39.06 1.37 29.49
CA ALA I 179 39.90 0.23 29.21
C ALA I 179 39.27 -0.68 28.14
N MET I 180 37.94 -0.74 28.11
CA MET I 180 37.25 -1.44 27.03
C MET I 180 37.58 -0.81 25.70
N PHE I 181 37.51 0.52 25.67
CA PHE I 181 37.76 1.26 24.45
C PHE I 181 39.18 1.07 24.00
N LEU I 182 40.12 1.27 24.90
CA LEU I 182 41.54 1.06 24.60
C LEU I 182 41.83 -0.36 24.06
N GLY I 183 41.20 -1.35 24.67
CA GLY I 183 41.35 -2.73 24.25
C GLY I 183 40.83 -2.94 22.85
N ARG I 184 39.70 -2.30 22.52
CA ARG I 184 39.12 -2.47 21.19
C ARG I 184 39.96 -1.77 20.08
N VAL I 185 40.44 -0.56 20.38
CA VAL I 185 41.34 0.11 19.45
C VAL I 185 42.54 -0.80 19.15
N ARG I 186 43.07 -1.45 20.19
CA ARG I 186 44.24 -2.29 20.05
C ARG I 186 43.94 -3.49 19.16
N GLU I 187 42.75 -4.05 19.33
CA GLU I 187 42.30 -5.12 18.44
C GLU I 187 42.18 -4.64 16.98
N PHE I 188 41.70 -3.43 16.76
CA PHE I 188 41.53 -2.89 15.44
C PHE I 188 42.89 -2.76 14.80
N LEU I 189 43.85 -2.28 15.58
CA LEU I 189 45.18 -2.10 15.06
C LEU I 189 45.82 -3.44 14.71
N GLN I 190 45.63 -4.46 15.54
CA GLN I 190 46.27 -5.72 15.25
C GLN I 190 45.68 -6.31 13.98
N VAL I 191 44.37 -6.20 13.82
CA VAL I 191 43.76 -6.74 12.63
C VAL I 191 44.29 -5.99 11.40
N HIS I 192 44.36 -4.67 11.53
CA HIS I 192 44.86 -3.79 10.49
C HIS I 192 46.32 -3.99 10.12
N CYS I 193 47.17 -4.21 11.11
CA CYS I 193 48.56 -4.55 10.82
C CYS I 193 48.70 -5.88 10.08
N GLN I 194 47.96 -6.91 10.50
CA GLN I 194 47.95 -8.21 9.82
C GLN I 194 47.47 -8.02 8.38
N GLY I 195 46.40 -7.24 8.22
CA GLY I 195 45.86 -6.91 6.92
C GLY I 195 46.93 -6.29 6.03
N ALA I 196 47.69 -5.33 6.59
CA ALA I 196 48.73 -4.64 5.83
C ALA I 196 49.86 -5.57 5.40
N ILE I 197 50.27 -6.45 6.29
CA ILE I 197 51.39 -7.31 6.02
C ILE I 197 51.06 -8.37 4.95
N ALA I 198 49.81 -8.79 4.92
CA ALA I 198 49.29 -9.74 3.95
C ALA I 198 48.98 -9.12 2.60
N ALA I 199 48.88 -7.81 2.51
CA ALA I 199 48.33 -7.18 1.29
C ALA I 199 49.33 -7.21 0.11
N SER I 200 48.80 -7.47 -1.09
CA SER I 200 49.56 -7.29 -2.34
C SER I 200 48.99 -6.08 -3.09
N PRO I 201 49.82 -5.37 -3.88
CA PRO I 201 49.28 -4.30 -4.69
C PRO I 201 48.12 -4.76 -5.57
N VAL I 202 47.20 -3.85 -5.83
CA VAL I 202 46.04 -4.16 -6.65
C VAL I 202 46.31 -3.84 -8.12
N SER I 203 45.44 -4.32 -9.02
CA SER I 203 45.44 -3.88 -10.41
C SER I 203 45.17 -2.37 -10.50
N ALA I 204 45.46 -1.77 -11.66
CA ALA I 204 45.22 -0.35 -11.87
C ALA I 204 43.73 -0.04 -11.80
N GLU I 205 42.90 -1.03 -12.11
CA GLU I 205 41.44 -0.87 -11.97
C GLU I 205 41.03 -0.71 -10.49
N GLN I 206 41.34 -1.68 -9.63
CA GLN I 206 40.99 -1.55 -8.22
C GLN I 206 41.60 -0.26 -7.64
N LYS I 207 42.79 0.09 -8.12
CA LYS I 207 43.48 1.25 -7.58
C LYS I 207 42.68 2.57 -7.77
N GLN I 208 41.98 2.72 -8.90
CA GLN I 208 41.14 3.86 -9.16
C GLN I 208 40.10 4.07 -8.08
N GLN I 209 39.39 2.98 -7.75
CA GLN I 209 38.33 3.03 -6.76
C GLN I 209 38.84 3.31 -5.39
N ILE I 210 39.97 2.70 -5.07
CA ILE I 210 40.58 2.88 -3.80
C ILE I 210 40.96 4.31 -3.69
N LEU I 211 41.65 4.81 -4.70
CA LEU I 211 41.99 6.23 -4.75
C LEU I 211 40.74 7.16 -4.60
N ALA I 212 39.60 6.81 -5.18
CA ALA I 212 38.33 7.55 -4.97
C ALA I 212 37.80 7.44 -3.56
N GLY I 213 37.85 6.24 -2.97
CA GLY I 213 37.44 6.02 -1.57
C GLY I 213 38.18 6.88 -0.57
N GLN I 214 39.51 6.87 -0.64
CA GLN I 214 40.30 7.76 0.21
C GLN I 214 39.92 9.23 -0.01
N HIS I 215 39.85 9.61 -1.26
CA HIS I 215 39.47 10.98 -1.56
C HIS I 215 38.14 11.38 -0.93
N ASN I 216 37.12 10.53 -1.07
CA ASN I 216 35.86 10.77 -0.38
C ASN I 216 36.04 10.92 1.16
N TYR I 217 36.70 9.96 1.80
CA TYR I 217 36.98 9.96 3.23
C TYR I 217 37.65 11.25 3.74
N CYS I 218 38.65 11.70 3.00
CA CYS I 218 39.41 12.85 3.38
C CYS I 218 38.67 14.16 3.14
N SER I 219 37.88 14.26 2.07
CA SER I 219 37.07 15.49 1.90
C SER I 219 35.97 15.57 2.91
N LYS I 220 35.34 14.45 3.27
CA LYS I 220 34.30 14.52 4.30
C LYS I 220 34.89 14.91 5.64
N GLN I 221 36.05 14.37 5.98
CA GLN I 221 36.71 14.70 7.23
C GLN I 221 37.18 16.17 7.28
N GLN I 222 37.69 16.69 6.17
CA GLN I 222 38.03 18.09 6.10
C GLN I 222 36.83 18.97 6.33
N GLN I 223 35.74 18.66 5.63
CA GLN I 223 34.53 19.47 5.71
C GLN I 223 33.94 19.49 7.11
N ASN I 224 34.24 18.48 7.89
CA ASN I 224 33.43 18.23 9.08
C ASN I 224 34.15 18.12 10.42
N ASP I 225 35.45 17.79 10.42
CA ASP I 225 36.21 17.69 11.66
C ASP I 225 36.12 18.99 12.48
N LYS I 226 35.90 18.81 13.79
CA LYS I 226 35.62 19.92 14.69
C LYS I 226 36.87 20.63 15.22
N THR I 227 38.03 20.03 15.04
CA THR I 227 39.24 20.66 15.54
C THR I 227 39.50 21.98 14.76
N ARG I 228 38.89 22.10 13.59
CA ARG I 228 38.97 23.27 12.75
C ARG I 228 38.69 24.57 13.53
N ARG I 229 37.58 24.56 14.28
CA ARG I 229 37.12 25.72 15.02
C ARG I 229 38.20 26.15 16.02
N VAL I 230 38.73 25.18 16.74
CA VAL I 230 39.82 25.42 17.68
C VAL I 230 41.01 26.06 16.95
N LEU I 231 41.37 25.53 15.79
CA LEU I 231 42.50 26.06 15.09
C LEU I 231 42.26 27.47 14.51
N GLU I 232 41.04 27.72 14.04
CA GLU I 232 40.68 29.04 13.58
C GLU I 232 40.86 30.09 14.66
N LYS I 233 40.35 29.80 15.86
CA LYS I 233 40.45 30.72 16.99
C LYS I 233 41.90 30.91 17.42
N ALA I 234 42.76 29.91 17.25
CA ALA I 234 44.15 30.05 17.65
C ALA I 234 44.98 30.82 16.59
N PHE I 235 44.74 30.55 15.32
CA PHE I 235 45.67 31.01 14.31
C PHE I 235 45.04 31.68 13.12
N GLY I 236 43.72 31.76 13.07
CA GLY I 236 43.08 32.31 11.89
C GLY I 236 42.55 31.23 10.96
N VAL I 237 41.64 31.63 10.09
CA VAL I 237 40.90 30.78 9.17
C VAL I 237 41.79 30.08 8.12
N ASP I 238 42.72 30.81 7.52
CA ASP I 238 43.57 30.21 6.48
C ASP I 238 44.59 29.21 7.00
N TRP I 239 45.20 29.53 8.15
CA TRP I 239 46.14 28.64 8.80
C TRP I 239 45.38 27.32 9.12
N ALA I 240 44.18 27.45 9.67
CA ALA I 240 43.36 26.27 9.98
C ALA I 240 42.99 25.50 8.71
N GLU I 241 42.68 26.21 7.63
CA GLU I 241 42.35 25.57 6.37
C GLU I 241 43.53 24.76 5.84
N ASN I 242 44.69 25.36 5.89
CA ASN I 242 45.91 24.76 5.40
C ASN I 242 46.31 23.54 6.23
N TYR I 243 46.07 23.61 7.52
CA TYR I 243 46.37 22.50 8.41
C TYR I 243 45.43 21.34 8.16
N MET I 244 44.13 21.62 7.98
CA MET I 244 43.19 20.55 7.66
C MET I 244 43.51 19.81 6.34
N THR I 245 43.95 20.56 5.33
CA THR I 245 44.14 19.98 4.02
C THR I 245 45.55 19.45 3.78
N THR I 246 46.53 19.87 4.57
CA THR I 246 47.87 19.36 4.30
C THR I 246 48.46 18.53 5.46
N VAL I 247 47.89 18.62 6.65
CA VAL I 247 48.42 17.88 7.79
C VAL I 247 47.48 16.80 8.27
N LEU I 248 46.22 17.15 8.51
CA LEU I 248 45.29 16.16 9.02
C LEU I 248 44.67 15.23 7.98
N PHE I 249 44.15 15.79 6.88
CA PHE I 249 43.41 15.00 5.93
C PHE I 249 43.81 15.34 4.52
N ASP I 250 45.10 15.21 4.23
CA ASP I 250 45.61 15.52 2.90
C ASP I 250 45.14 14.48 1.86
N LEU I 251 44.78 14.97 0.70
CA LEU I 251 44.30 14.12 -0.39
C LEU I 251 45.42 13.22 -0.88
N PRO I 252 45.11 11.93 -1.16
CA PRO I 252 46.06 10.84 -1.43
C PRO I 252 47.13 11.15 -2.46
N GLU I 253 46.72 11.70 -3.60
CA GLU I 253 47.68 12.14 -4.59
C GLU I 253 48.35 13.48 -4.17
N SER J 16 2.87 -18.00 10.82
CA SER J 16 3.48 -16.81 10.21
C SER J 16 4.94 -16.64 10.66
N LEU J 17 5.73 -16.06 9.76
CA LEU J 17 7.09 -15.65 10.03
C LEU J 17 7.16 -14.74 11.25
N ARG J 18 6.10 -13.98 11.50
CA ARG J 18 6.13 -12.99 12.57
C ARG J 18 6.40 -13.61 13.96
N GLU J 19 6.11 -14.90 14.12
CA GLU J 19 6.38 -15.57 15.39
C GLU J 19 7.90 -15.65 15.67
N GLN J 20 8.71 -15.68 14.61
CA GLN J 20 10.15 -15.81 14.72
C GLN J 20 10.83 -14.43 14.85
N GLN J 21 10.04 -13.37 14.82
CA GLN J 21 10.59 -12.05 14.65
C GLN J 21 10.62 -11.23 15.94
N HIS J 22 11.37 -10.13 15.91
CA HIS J 22 11.40 -9.19 17.02
C HIS J 22 9.97 -8.86 17.48
N PRO J 23 9.72 -8.84 18.79
CA PRO J 23 8.38 -8.71 19.33
C PRO J 23 7.65 -7.44 18.88
N LEU J 24 8.38 -6.37 18.62
CA LEU J 24 7.75 -5.16 18.12
C LEU J 24 7.26 -5.32 16.68
N ILE J 25 8.00 -6.08 15.88
CA ILE J 25 7.54 -6.41 14.55
C ILE J 25 6.23 -7.23 14.60
N ARG J 26 6.23 -8.27 15.44
CA ARG J 26 5.03 -9.10 15.66
C ARG J 26 3.84 -8.22 16.06
N GLN J 27 4.05 -7.39 17.06
CA GLN J 27 3.06 -6.53 17.61
C GLN J 27 2.50 -5.58 16.56
N LEU J 28 3.40 -4.94 15.83
CA LEU J 28 3.00 -4.05 14.72
C LEU J 28 2.26 -4.78 13.59
N ALA J 29 2.72 -5.95 13.20
CA ALA J 29 2.03 -6.71 12.18
C ALA J 29 0.60 -7.05 12.62
N ASP J 30 0.45 -7.63 13.82
CA ASP J 30 -0.90 -7.93 14.32
C ASP J 30 -1.76 -6.67 14.42
N CYS J 31 -1.18 -5.59 14.86
CA CYS J 31 -1.94 -4.36 15.02
C CYS J 31 -2.42 -3.75 13.71
N ILE J 32 -1.57 -3.72 12.71
CA ILE J 32 -1.97 -3.21 11.40
C ILE J 32 -3.10 -4.05 10.80
N GLU J 33 -2.98 -5.36 10.91
CA GLU J 33 -4.01 -6.21 10.36
C GLU J 33 -5.31 -6.08 11.12
N GLU J 34 -5.23 -5.96 12.45
CA GLU J 34 -6.42 -5.80 13.28
C GLU J 34 -7.16 -4.54 12.91
N VAL J 35 -6.44 -3.43 12.79
CA VAL J 35 -7.10 -2.18 12.40
C VAL J 35 -7.75 -2.32 11.01
N TRP J 36 -7.01 -2.87 10.06
CA TRP J 36 -7.53 -3.09 8.72
C TRP J 36 -8.82 -3.87 8.71
N HIS J 37 -8.85 -4.99 9.41
CA HIS J 37 -10.03 -5.81 9.38
C HIS J 37 -11.24 -5.23 10.12
N GLN J 38 -10.98 -4.44 11.15
CA GLN J 38 -12.04 -3.80 11.88
C GLN J 38 -12.67 -2.62 11.13
N HIS J 39 -11.84 -1.80 10.51
CA HIS J 39 -12.32 -0.55 9.88
C HIS J 39 -12.70 -0.67 8.42
N LEU J 40 -12.13 -1.63 7.73
CA LEU J 40 -12.28 -1.65 6.29
C LEU J 40 -12.93 -2.90 5.79
N ASP J 41 -13.33 -2.85 4.53
CA ASP J 41 -13.93 -4.03 3.90
C ASP J 41 -12.95 -4.73 2.98
N LEU J 42 -12.26 -5.73 3.53
CA LEU J 42 -11.11 -6.32 2.88
C LEU J 42 -11.42 -7.42 1.88
N SER J 43 -10.79 -7.34 0.71
CA SER J 43 -10.75 -8.46 -0.21
C SER J 43 -9.30 -8.82 -0.46
N PRO J 44 -9.07 -10.05 -0.91
CA PRO J 44 -7.69 -10.42 -1.21
C PRO J 44 -7.19 -9.68 -2.47
N TYR J 45 -5.88 -9.49 -2.57
CA TYR J 45 -5.26 -8.92 -3.76
C TYR J 45 -4.12 -9.86 -4.11
N HIS J 46 -4.17 -10.44 -5.30
CA HIS J 46 -3.18 -11.47 -5.60
C HIS J 46 -1.83 -11.03 -6.18
N LEU J 47 -0.77 -11.56 -5.61
CA LEU J 47 0.56 -11.46 -6.22
C LEU J 47 0.80 -12.69 -7.09
N PRO J 48 1.83 -12.63 -7.96
CA PRO J 48 2.27 -13.93 -8.52
C PRO J 48 2.48 -14.89 -7.36
N ALA J 49 1.93 -16.09 -7.48
CA ALA J 49 1.98 -17.10 -6.41
C ALA J 49 3.40 -17.22 -5.85
N GLU J 50 4.39 -17.29 -6.73
CA GLU J 50 5.79 -17.37 -6.33
C GLU J 50 6.20 -16.28 -5.31
N LEU J 51 5.52 -15.13 -5.34
CA LEU J 51 5.94 -13.96 -4.55
C LEU J 51 5.27 -13.79 -3.20
N GLY J 52 4.23 -14.57 -2.93
CA GLY J 52 3.55 -14.53 -1.64
C GLY J 52 4.43 -15.01 -0.50
N TYR J 53 5.31 -15.95 -0.83
CA TYR J 53 6.21 -16.53 0.13
C TYR J 53 7.51 -16.85 -0.57
N VAL J 54 8.60 -16.25 -0.11
CA VAL J 54 9.86 -16.34 -0.85
C VAL J 54 10.96 -16.83 0.08
N GLU J 55 11.69 -17.84 -0.39
CA GLU J 55 12.79 -18.38 0.36
C GLU J 55 14.06 -18.25 -0.44
N GLY J 56 15.14 -17.85 0.22
CA GLY J 56 16.42 -17.76 -0.40
C GLY J 56 17.51 -17.89 0.64
N ARG J 57 18.72 -17.57 0.22
CA ARG J 57 19.89 -17.76 1.07
C ARG J 57 20.77 -16.53 0.93
N LEU J 58 21.44 -16.17 2.01
CA LEU J 58 22.33 -15.04 2.01
C LEU J 58 23.40 -15.25 3.07
N GLU J 59 24.66 -15.34 2.64
CA GLU J 59 25.78 -15.67 3.52
C GLU J 59 25.52 -16.94 4.33
N GLY J 60 24.91 -17.93 3.71
CA GLY J 60 24.56 -19.15 4.44
C GLY J 60 23.28 -19.05 5.24
N GLU J 61 22.84 -17.83 5.53
CA GLU J 61 21.63 -17.64 6.33
C GLU J 61 20.34 -17.76 5.50
N LYS J 62 19.30 -18.34 6.08
CA LYS J 62 18.01 -18.45 5.42
C LYS J 62 17.37 -17.05 5.30
N LEU J 63 16.90 -16.74 4.10
CA LEU J 63 16.11 -15.54 3.86
C LEU J 63 14.68 -15.96 3.61
N THR J 64 13.75 -15.30 4.31
CA THR J 64 12.32 -15.59 4.15
C THR J 64 11.60 -14.25 4.02
N ILE J 65 10.68 -14.19 3.06
CA ILE J 65 9.82 -13.07 2.86
C ILE J 65 8.39 -13.56 2.79
N GLU J 66 7.53 -12.88 3.55
CA GLU J 66 6.12 -13.23 3.65
C GLU J 66 5.34 -12.04 3.26
N ASN J 67 4.55 -12.15 2.19
CA ASN J 67 3.82 -11.02 1.67
C ASN J 67 2.36 -11.26 1.81
N ARG J 68 1.63 -10.21 2.15
CA ARG J 68 0.23 -10.31 2.39
C ARG J 68 -0.40 -9.01 1.86
N CYS J 69 -1.40 -9.15 1.00
CA CYS J 69 -2.04 -8.03 0.33
C CYS J 69 -3.52 -8.08 0.30
N TYR J 70 -4.12 -6.90 0.44
CA TYR J 70 -5.54 -6.79 0.34
C TYR J 70 -5.87 -5.61 -0.51
N GLN J 71 -7.16 -5.46 -0.79
CA GLN J 71 -7.72 -4.26 -1.39
C GLN J 71 -9.11 -3.98 -0.84
N THR J 72 -9.57 -2.76 -1.03
CA THR J 72 -10.88 -2.35 -0.57
C THR J 72 -11.38 -1.38 -1.63
N PRO J 73 -12.63 -0.94 -1.52
CA PRO J 73 -13.10 0.07 -2.48
C PRO J 73 -12.24 1.34 -2.52
N GLN J 74 -11.55 1.70 -1.42
CA GLN J 74 -10.73 2.90 -1.43
C GLN J 74 -9.28 2.63 -1.74
N PHE J 75 -8.82 1.41 -1.45
CA PHE J 75 -7.39 1.13 -1.54
C PHE J 75 -7.12 0.11 -2.63
N ARG J 76 -6.32 0.51 -3.61
CA ARG J 76 -5.86 -0.39 -4.67
C ARG J 76 -5.10 -1.56 -4.09
N LYS J 77 -4.35 -1.34 -3.02
CA LYS J 77 -3.44 -2.36 -2.54
C LYS J 77 -2.99 -2.01 -1.15
N MET J 78 -3.09 -3.00 -0.28
CA MET J 78 -2.63 -2.87 1.07
C MET J 78 -1.69 -4.01 1.30
N HIS J 79 -0.44 -3.65 1.51
CA HIS J 79 0.64 -4.60 1.49
C HIS J 79 1.38 -4.65 2.84
N LEU J 80 1.50 -5.85 3.37
CA LEU J 80 2.24 -6.08 4.56
C LEU J 80 3.30 -7.14 4.23
N GLU J 81 4.54 -6.74 4.43
CA GLU J 81 5.70 -7.54 4.11
C GLU J 81 6.46 -7.75 5.36
N LEU J 82 6.81 -9.00 5.62
CA LEU J 82 7.68 -9.36 6.72
C LEU J 82 8.84 -10.14 6.16
N ALA J 83 10.04 -9.81 6.61
CA ALA J 83 11.22 -10.48 6.09
C ALA J 83 12.24 -10.77 7.18
N LYS J 84 12.97 -11.85 6.99
CA LYS J 84 13.94 -12.30 7.96
C LYS J 84 15.15 -12.80 7.20
N VAL J 85 16.32 -12.41 7.67
CA VAL J 85 17.57 -13.06 7.26
C VAL J 85 18.29 -13.66 8.47
N GLY J 86 18.27 -14.99 8.61
CA GLY J 86 18.76 -15.66 9.81
C GLY J 86 18.40 -14.88 11.05
N ASN J 87 19.42 -14.58 11.86
CA ASN J 87 19.28 -13.74 13.06
C ASN J 87 19.88 -12.36 12.85
N MET J 88 20.24 -12.04 11.61
CA MET J 88 20.92 -10.78 11.31
C MET J 88 19.94 -9.65 11.01
N LEU J 89 18.79 -9.97 10.47
CA LEU J 89 17.94 -8.93 9.91
C LEU J 89 16.48 -9.31 10.02
N ASP J 90 15.70 -8.38 10.53
CA ASP J 90 14.22 -8.50 10.61
C ASP J 90 13.66 -7.26 9.98
N ILE J 91 12.65 -7.44 9.13
CA ILE J 91 12.04 -6.31 8.43
C ILE J 91 10.53 -6.41 8.43
N LEU J 92 9.88 -5.30 8.76
CA LEU J 92 8.47 -5.13 8.47
C LEU J 92 8.34 -3.93 7.54
N HIS J 93 7.56 -4.12 6.49
CA HIS J 93 7.27 -3.06 5.57
C HIS J 93 5.78 -3.02 5.29
N CYS J 94 5.17 -1.85 5.36
CA CYS J 94 3.73 -1.77 5.13
C CYS J 94 3.39 -0.54 4.32
N VAL J 95 2.67 -0.72 3.22
CA VAL J 95 2.20 0.44 2.47
C VAL J 95 0.72 0.29 2.08
N MET J 96 -0.02 1.39 2.10
CA MET J 96 -1.41 1.40 1.59
C MET J 96 -1.48 2.35 0.40
N PHE J 97 -1.91 1.84 -0.75
CA PHE J 97 -1.98 2.63 -1.94
C PHE J 97 -3.45 2.93 -2.21
N PRO J 98 -3.87 4.19 -2.07
CA PRO J 98 -5.28 4.49 -2.38
C PRO J 98 -5.57 4.39 -3.86
N ARG J 99 -6.81 4.07 -4.20
CA ARG J 99 -7.25 4.23 -5.58
C ARG J 99 -7.16 5.73 -5.93
N PRO J 100 -6.63 6.03 -7.12
CA PRO J 100 -6.39 7.43 -7.40
C PRO J 100 -7.64 8.29 -7.52
N GLU J 101 -8.83 7.69 -7.53
CA GLU J 101 -10.09 8.49 -7.43
C GLU J 101 -10.27 9.14 -6.06
N TYR J 102 -9.52 8.72 -5.05
CA TYR J 102 -9.77 9.25 -3.70
C TYR J 102 -8.58 10.06 -3.25
N ASP J 103 -8.86 11.19 -2.62
CA ASP J 103 -7.87 12.12 -2.16
C ASP J 103 -7.32 11.73 -0.80
N LEU J 104 -6.53 10.66 -0.79
CA LEU J 104 -6.03 10.07 0.43
C LEU J 104 -4.49 10.01 0.33
N PRO J 105 -3.81 10.31 1.44
CA PRO J 105 -2.36 10.17 1.49
C PRO J 105 -1.93 8.72 1.48
N MET J 106 -0.61 8.48 1.41
CA MET J 106 -0.06 7.14 1.41
C MET J 106 0.37 6.77 2.80
N PHE J 107 -0.22 5.72 3.40
CA PHE J 107 0.27 5.27 4.67
C PHE J 107 1.45 4.34 4.43
N GLY J 108 2.51 4.53 5.21
CA GLY J 108 3.65 3.62 5.12
C GLY J 108 4.31 3.51 6.47
N CYS J 109 4.75 2.31 6.82
CA CYS J 109 5.64 2.20 7.97
C CYS J 109 6.60 1.05 7.76
N ASP J 110 7.78 1.22 8.35
CA ASP J 110 8.89 0.29 8.15
C ASP J 110 9.57 0.09 9.49
N LEU J 111 10.01 -1.14 9.71
CA LEU J 111 10.74 -1.46 10.89
C LEU J 111 11.90 -2.33 10.44
N VAL J 112 13.09 -1.95 10.86
CA VAL J 112 14.29 -2.70 10.53
C VAL J 112 14.98 -3.01 11.84
N GLY J 113 15.36 -4.27 12.00
CA GLY J 113 16.02 -4.69 13.21
C GLY J 113 16.87 -5.91 12.99
N GLY J 114 17.08 -6.59 14.11
CA GLY J 114 17.93 -7.79 14.24
C GLY J 114 18.52 -7.94 15.65
N ARG J 115 18.66 -9.19 16.11
CA ARG J 115 19.33 -9.53 17.38
C ARG J 115 18.72 -8.83 18.62
N GLY J 116 17.39 -8.79 18.67
CA GLY J 116 16.69 -8.22 19.79
C GLY J 116 16.86 -6.72 19.92
N GLN J 117 17.15 -6.05 18.80
CA GLN J 117 17.14 -4.57 18.75
C GLN J 117 16.48 -4.01 17.47
N ILE J 118 16.00 -2.80 17.54
CA ILE J 118 15.45 -2.15 16.36
C ILE J 118 16.25 -0.94 16.03
N SER J 119 16.86 -0.94 14.86
CA SER J 119 17.74 0.14 14.47
C SER J 119 16.97 1.31 13.85
N ALA J 120 15.82 1.04 13.24
CA ALA J 120 15.06 2.04 12.49
C ALA J 120 13.55 1.77 12.48
N ALA J 121 12.78 2.80 12.82
CA ALA J 121 11.33 2.73 12.78
C ALA J 121 10.81 3.97 12.12
N ILE J 122 10.06 3.80 11.04
CA ILE J 122 9.51 4.96 10.36
C ILE J 122 7.99 4.78 10.16
N ALA J 123 7.24 5.88 10.28
CA ALA J 123 5.82 5.87 9.93
C ALA J 123 5.37 7.20 9.38
N ASP J 124 4.53 7.17 8.35
CA ASP J 124 4.03 8.40 7.78
C ASP J 124 2.71 8.26 7.06
N LEU J 125 2.03 9.38 6.94
CA LEU J 125 0.94 9.55 6.03
C LEU J 125 1.49 10.53 5.00
N SER J 126 2.04 10.02 3.92
CA SER J 126 2.77 10.85 2.93
C SER J 126 1.83 11.49 1.94
N PRO J 127 2.04 12.76 1.64
CA PRO J 127 1.03 13.50 0.87
C PRO J 127 0.93 13.04 -0.57
N VAL J 128 -0.25 13.11 -1.16
CA VAL J 128 -0.35 12.90 -2.62
C VAL J 128 -0.51 14.26 -3.31
N HIS J 129 -0.60 15.33 -2.54
CA HIS J 129 -0.64 16.68 -3.10
C HIS J 129 0.80 16.99 -3.39
N LEU J 130 1.07 17.63 -4.51
CA LEU J 130 2.47 17.93 -4.79
C LEU J 130 3.04 19.11 -3.98
N ASP J 131 2.20 20.07 -3.58
CA ASP J 131 2.64 21.03 -2.56
C ASP J 131 2.99 20.35 -1.24
N ARG J 132 2.81 19.02 -1.18
CA ARG J 132 3.18 18.23 -0.02
C ARG J 132 2.25 18.35 1.19
N THR J 133 0.98 18.69 0.98
CA THR J 133 0.05 18.87 2.09
C THR J 133 -0.90 17.70 2.23
N LEU J 134 -1.48 17.53 3.42
CA LEU J 134 -2.50 16.50 3.70
C LEU J 134 -3.82 17.22 3.76
N PRO J 135 -4.96 16.52 3.46
CA PRO J 135 -6.30 17.12 3.52
C PRO J 135 -6.56 17.66 4.92
N GLU J 136 -7.51 18.60 5.03
CA GLU J 136 -7.84 19.27 6.30
C GLU J 136 -8.17 18.36 7.48
N SER J 137 -9.04 17.40 7.26
CA SER J 137 -9.41 16.49 8.34
C SER J 137 -8.18 15.76 8.90
N TYR J 138 -7.20 15.46 8.06
CA TYR J 138 -5.97 14.82 8.54
C TYR J 138 -5.15 15.80 9.39
N ASN J 139 -5.00 17.04 8.90
CA ASN J 139 -4.30 18.07 9.67
C ASN J 139 -4.87 18.29 11.06
N SER J 140 -6.19 18.41 11.18
CA SER J 140 -6.78 18.63 12.50
C SER J 140 -6.49 17.46 13.40
N ALA J 141 -6.68 16.23 12.90
CA ALA J 141 -6.57 15.06 13.72
C ALA J 141 -5.11 14.85 14.16
N LEU J 142 -4.19 15.08 13.25
CA LEU J 142 -2.81 14.82 13.55
C LEU J 142 -2.19 15.90 14.47
N THR J 143 -2.76 17.13 14.48
CA THR J 143 -2.24 18.18 15.39
C THR J 143 -2.74 18.10 16.83
N SER J 144 -3.71 17.22 17.07
CA SER J 144 -4.27 16.94 18.40
C SER J 144 -3.54 15.82 19.15
N LEU J 145 -2.49 15.27 18.53
CA LEU J 145 -1.75 14.15 19.10
C LEU J 145 -0.45 14.62 19.70
N ASN J 146 -0.28 14.41 21.00
CA ASN J 146 0.93 14.88 21.68
C ASN J 146 2.24 14.37 21.11
N THR J 147 3.27 15.18 21.16
CA THR J 147 4.58 14.74 20.74
C THR J 147 5.02 13.67 21.72
N LEU J 148 5.60 12.61 21.19
CA LEU J 148 6.16 11.59 22.05
C LEU J 148 7.62 11.81 22.39
N ASN J 149 8.01 11.22 23.51
CA ASN J 149 9.37 11.28 24.03
C ASN J 149 10.33 10.24 23.37
N PHE J 150 10.73 10.52 22.15
CA PHE J 150 11.72 9.68 21.49
C PHE J 150 13.11 10.24 21.63
N SER J 151 13.92 9.57 22.44
CA SER J 151 15.24 10.04 22.81
C SER J 151 16.23 9.99 21.67
N GLN J 152 15.83 9.42 20.55
CA GLN J 152 16.75 9.17 19.46
C GLN J 152 16.13 9.33 18.09
N PRO J 153 15.76 10.56 17.68
CA PRO J 153 15.20 10.79 16.33
C PRO J 153 16.25 10.63 15.24
N ARG J 154 15.79 10.45 14.00
CA ARG J 154 16.69 10.35 12.87
C ARG J 154 16.32 11.33 11.79
N GLU J 155 17.33 11.75 11.01
CA GLU J 155 17.13 12.76 10.01
C GLU J 155 16.69 12.05 8.75
N LEU J 156 15.67 12.59 8.11
CA LEU J 156 15.24 12.11 6.81
C LEU J 156 16.36 12.43 5.81
N PRO J 157 16.69 11.44 4.96
CA PRO J 157 17.58 11.65 3.82
C PRO J 157 16.98 12.65 2.83
N GLU J 158 17.77 13.11 1.87
CA GLU J 158 17.29 14.16 0.97
C GLU J 158 16.18 13.72 0.03
N TRP J 159 16.16 12.45 -0.38
CA TRP J 159 15.04 11.98 -1.20
C TRP J 159 13.79 11.95 -0.35
N GLY J 160 13.96 12.30 0.93
CA GLY J 160 12.93 12.23 1.93
C GLY J 160 11.83 13.27 1.90
N ASN J 161 11.81 14.14 0.89
CA ASN J 161 10.80 15.21 0.78
C ASN J 161 9.40 14.71 0.42
N ILE J 162 9.28 13.40 0.27
CA ILE J 162 7.99 12.80 -0.02
C ILE J 162 7.19 12.56 1.24
N PHE J 163 7.82 12.79 2.38
CA PHE J 163 7.18 12.55 3.66
C PHE J 163 6.55 13.80 4.19
N SER J 164 5.48 13.64 4.97
CA SER J 164 4.75 14.76 5.56
C SER J 164 5.46 15.31 6.78
N ASP J 165 4.97 16.44 7.25
CA ASP J 165 5.47 17.06 8.48
C ASP J 165 5.21 16.25 9.73
N PHE J 166 4.36 15.22 9.65
CA PHE J 166 4.03 14.38 10.79
C PHE J 166 4.84 13.11 10.88
N CYS J 167 5.68 12.89 9.86
CA CYS J 167 6.46 11.67 9.71
C CYS J 167 7.30 11.40 10.95
N ILE J 168 7.32 10.15 11.37
CA ILE J 168 8.12 9.80 12.53
C ILE J 168 9.24 8.85 12.12
N PHE J 169 10.45 9.18 12.52
CA PHE J 169 11.63 8.44 12.12
C PHE J 169 12.58 8.40 13.27
N VAL J 170 12.63 7.27 13.94
CA VAL J 170 13.41 7.15 15.15
C VAL J 170 14.12 5.83 15.24
N ARG J 171 15.11 5.77 16.13
CA ARG J 171 15.67 4.54 16.65
C ARG J 171 15.19 4.36 18.10
N PRO J 172 14.24 3.45 18.33
CA PRO J 172 13.70 3.26 19.69
C PRO J 172 14.75 2.70 20.65
N SER J 173 15.01 3.42 21.72
CA SER J 173 16.08 3.05 22.64
C SER J 173 15.58 2.15 23.75
N SER J 174 14.33 2.33 24.16
CA SER J 174 13.72 1.53 25.21
C SER J 174 12.43 0.86 24.70
N PRO J 175 11.91 -0.10 25.46
CA PRO J 175 10.60 -0.65 25.18
C PRO J 175 9.44 0.31 25.42
N GLU J 176 9.68 1.41 26.14
CA GLU J 176 8.65 2.44 26.26
C GLU J 176 8.55 3.18 24.95
N GLU J 177 9.71 3.44 24.32
CA GLU J 177 9.71 4.10 23.01
C GLU J 177 9.04 3.20 21.95
N GLU J 178 9.33 1.89 22.00
CA GLU J 178 8.73 0.92 21.10
C GLU J 178 7.19 0.95 21.20
N ALA J 179 6.70 1.10 22.42
CA ALA J 179 5.28 1.16 22.66
C ALA J 179 4.72 2.50 22.26
N MET J 180 5.52 3.56 22.39
CA MET J 180 5.10 4.87 21.94
C MET J 180 4.91 4.78 20.43
N PHE J 181 5.87 4.16 19.74
CA PHE J 181 5.88 4.16 18.33
C PHE J 181 4.64 3.37 17.84
N LEU J 182 4.43 2.20 18.41
CA LEU J 182 3.35 1.37 18.02
C LEU J 182 2.00 2.07 18.28
N GLY J 183 1.89 2.79 19.40
CA GLY J 183 0.69 3.57 19.68
C GLY J 183 0.42 4.64 18.62
N ARG J 184 1.48 5.32 18.16
CA ARG J 184 1.33 6.40 17.19
C ARG J 184 0.97 5.85 15.81
N VAL J 185 1.59 4.74 15.41
CA VAL J 185 1.26 4.11 14.15
C VAL J 185 -0.24 3.76 14.17
N ARG J 186 -0.71 3.20 15.27
CA ARG J 186 -2.10 2.86 15.42
C ARG J 186 -3.03 4.11 15.25
N GLU J 187 -2.67 5.23 15.88
CA GLU J 187 -3.38 6.46 15.69
C GLU J 187 -3.41 6.87 14.21
N PHE J 188 -2.25 6.80 13.55
CA PHE J 188 -2.18 7.18 12.14
C PHE J 188 -3.17 6.33 11.36
N LEU J 189 -3.16 5.04 11.64
CA LEU J 189 -4.06 4.12 10.91
C LEU J 189 -5.52 4.40 11.16
N GLN J 190 -5.91 4.70 12.37
CA GLN J 190 -7.31 4.98 12.65
C GLN J 190 -7.70 6.23 11.90
N VAL J 191 -6.85 7.24 11.88
CA VAL J 191 -7.21 8.51 11.27
C VAL J 191 -7.40 8.23 9.79
N HIS J 192 -6.50 7.44 9.29
CA HIS J 192 -6.44 7.13 7.90
C HIS J 192 -7.63 6.32 7.45
N CYS J 193 -7.98 5.31 8.25
CA CYS J 193 -9.20 4.55 7.99
C CYS J 193 -10.47 5.38 8.00
N GLN J 194 -10.61 6.33 8.94
CA GLN J 194 -11.77 7.25 8.99
C GLN J 194 -11.75 8.11 7.74
N GLY J 195 -10.57 8.59 7.37
CA GLY J 195 -10.40 9.38 6.15
C GLY J 195 -10.98 8.61 4.97
N ALA J 196 -10.60 7.33 4.88
CA ALA J 196 -10.97 6.53 3.76
C ALA J 196 -12.48 6.33 3.68
N ILE J 197 -13.09 6.04 4.81
CA ILE J 197 -14.50 5.75 4.88
C ILE J 197 -15.34 6.98 4.49
N ALA J 198 -14.84 8.17 4.87
CA ALA J 198 -15.48 9.43 4.58
C ALA J 198 -15.24 9.95 3.17
N ALA J 199 -14.33 9.35 2.41
CA ALA J 199 -13.91 9.92 1.14
C ALA J 199 -14.90 9.69 -0.03
N SER J 200 -15.05 10.69 -0.89
CA SER J 200 -15.82 10.56 -2.10
C SER J 200 -14.88 10.74 -3.27
N PRO J 201 -15.27 10.25 -4.47
CA PRO J 201 -14.43 10.47 -5.64
C PRO J 201 -14.25 11.96 -5.98
N VAL J 202 -13.06 12.27 -6.51
CA VAL J 202 -12.71 13.64 -6.89
C VAL J 202 -12.89 13.89 -8.38
N SER J 203 -12.81 15.16 -8.80
CA SER J 203 -12.91 15.53 -10.23
C SER J 203 -11.69 15.06 -11.05
N ALA J 204 -11.78 15.10 -12.37
CA ALA J 204 -10.64 14.71 -13.25
C ALA J 204 -9.30 15.45 -12.92
N GLU J 205 -9.40 16.76 -12.70
CA GLU J 205 -8.26 17.65 -12.44
C GLU J 205 -7.57 17.27 -11.15
N GLN J 206 -8.34 17.02 -10.11
CA GLN J 206 -7.83 16.50 -8.84
C GLN J 206 -7.16 15.13 -9.01
N LYS J 207 -7.82 14.22 -9.71
CA LYS J 207 -7.33 12.87 -9.93
C LYS J 207 -5.91 12.93 -10.51
N GLN J 208 -5.71 13.82 -11.48
CA GLN J 208 -4.42 14.03 -12.13
C GLN J 208 -3.33 14.39 -11.13
N GLN J 209 -3.60 15.42 -10.32
CA GLN J 209 -2.74 15.82 -9.18
C GLN J 209 -2.45 14.62 -8.28
N ILE J 210 -3.49 13.84 -7.95
CA ILE J 210 -3.33 12.72 -7.03
C ILE J 210 -2.45 11.64 -7.65
N LEU J 211 -2.68 11.33 -8.92
CA LEU J 211 -1.96 10.29 -9.63
C LEU J 211 -0.49 10.71 -9.70
N ALA J 212 -0.28 11.95 -10.05
CA ALA J 212 1.08 12.44 -10.15
C ALA J 212 1.79 12.30 -8.79
N GLY J 213 1.08 12.65 -7.72
CA GLY J 213 1.59 12.47 -6.36
C GLY J 213 1.95 11.04 -5.97
N GLN J 214 1.08 10.09 -6.27
CA GLN J 214 1.45 8.68 -6.10
C GLN J 214 2.65 8.29 -6.96
N HIS J 215 2.61 8.65 -8.23
CA HIS J 215 3.73 8.36 -9.10
C HIS J 215 5.05 8.85 -8.50
N ASN J 216 5.06 10.11 -8.04
CA ASN J 216 6.25 10.69 -7.47
C ASN J 216 6.72 9.90 -6.27
N TYR J 217 5.80 9.54 -5.39
CA TYR J 217 6.09 8.79 -4.17
C TYR J 217 6.69 7.42 -4.52
N CYS J 218 6.08 6.73 -5.48
CA CYS J 218 6.55 5.40 -5.84
C CYS J 218 7.91 5.42 -6.51
N SER J 219 8.16 6.39 -7.39
CA SER J 219 9.47 6.45 -8.01
C SER J 219 10.56 6.79 -7.05
N LYS J 220 10.31 7.74 -6.14
CA LYS J 220 11.35 8.06 -5.13
C LYS J 220 11.66 6.83 -4.26
N GLN J 221 10.63 6.08 -3.87
CA GLN J 221 10.80 4.90 -3.05
C GLN J 221 11.57 3.80 -3.82
N GLN J 222 11.20 3.58 -5.08
CA GLN J 222 11.95 2.64 -5.89
C GLN J 222 13.43 3.00 -5.98
N GLN J 223 13.70 4.27 -6.28
CA GLN J 223 15.05 4.75 -6.43
C GLN J 223 15.88 4.60 -5.17
N ASN J 224 15.24 4.59 -4.03
CA ASN J 224 15.96 4.83 -2.81
C ASN J 224 15.80 3.81 -1.69
N ASP J 225 14.72 3.04 -1.67
CA ASP J 225 14.53 2.05 -0.60
C ASP J 225 15.74 1.11 -0.53
N LYS J 226 16.18 0.84 0.70
CA LYS J 226 17.42 0.10 0.95
C LYS J 226 17.26 -1.42 0.91
N THR J 227 16.01 -1.91 0.93
CA THR J 227 15.79 -3.36 0.87
C THR J 227 16.26 -3.92 -0.46
N ARG J 228 16.28 -3.05 -1.47
CA ARG J 228 16.92 -3.37 -2.74
C ARG J 228 18.27 -4.14 -2.65
N ARG J 229 19.20 -3.63 -1.85
CA ARG J 229 20.54 -4.18 -1.77
C ARG J 229 20.47 -5.59 -1.22
N VAL J 230 19.67 -5.77 -0.18
CA VAL J 230 19.41 -7.09 0.40
C VAL J 230 18.90 -8.03 -0.68
N LEU J 231 17.94 -7.56 -1.48
CA LEU J 231 17.34 -8.39 -2.52
C LEU J 231 18.29 -8.74 -3.66
N GLU J 232 19.15 -7.79 -4.04
CA GLU J 232 20.16 -8.01 -5.06
C GLU J 232 21.09 -9.11 -4.64
N LYS J 233 21.57 -9.03 -3.40
CA LYS J 233 22.49 -10.01 -2.82
C LYS J 233 21.89 -11.41 -2.70
N ALA J 234 20.58 -11.47 -2.47
CA ALA J 234 19.87 -12.74 -2.42
C ALA J 234 19.60 -13.34 -3.79
N PHE J 235 19.18 -12.51 -4.75
CA PHE J 235 18.61 -13.04 -5.97
C PHE J 235 19.10 -12.42 -7.25
N GLY J 236 19.97 -11.42 -7.14
CA GLY J 236 20.44 -10.76 -8.36
C GLY J 236 19.70 -9.46 -8.66
N VAL J 237 20.32 -8.66 -9.51
CA VAL J 237 19.88 -7.30 -9.79
C VAL J 237 18.50 -7.23 -10.44
N ASP J 238 18.22 -8.09 -11.40
CA ASP J 238 16.94 -7.99 -12.10
C ASP J 238 15.73 -8.48 -11.32
N TRP J 239 15.96 -9.53 -10.52
CA TRP J 239 14.94 -10.00 -9.63
C TRP J 239 14.58 -8.87 -8.63
N ALA J 240 15.60 -8.23 -8.06
CA ALA J 240 15.37 -7.15 -7.14
C ALA J 240 14.64 -6.00 -7.84
N GLU J 241 15.00 -5.74 -9.09
CA GLU J 241 14.43 -4.59 -9.80
C GLU J 241 12.94 -4.83 -10.02
N ASN J 242 12.65 -6.03 -10.49
CA ASN J 242 11.31 -6.47 -10.68
C ASN J 242 10.46 -6.49 -9.42
N TYR J 243 11.08 -6.83 -8.28
CA TYR J 243 10.37 -6.88 -7.04
C TYR J 243 10.05 -5.46 -6.58
N MET J 244 11.01 -4.56 -6.72
CA MET J 244 10.79 -3.14 -6.34
C MET J 244 9.65 -2.52 -7.14
N THR J 245 9.58 -2.82 -8.43
CA THR J 245 8.68 -2.10 -9.32
C THR J 245 7.36 -2.80 -9.47
N THR J 246 7.27 -4.07 -9.12
CA THR J 246 5.96 -4.71 -9.23
C THR J 246 5.35 -5.19 -7.90
N VAL J 247 6.13 -5.30 -6.84
CA VAL J 247 5.57 -5.75 -5.56
C VAL J 247 5.55 -4.60 -4.52
N LEU J 248 6.69 -3.95 -4.30
CA LEU J 248 6.79 -2.96 -3.25
C LEU J 248 6.21 -1.60 -3.66
N PHE J 249 6.65 -1.06 -4.78
CA PHE J 249 6.26 0.29 -5.14
C PHE J 249 5.76 0.40 -6.58
N ASP J 250 4.76 -0.41 -6.92
CA ASP J 250 4.24 -0.42 -8.27
C ASP J 250 3.51 0.89 -8.60
N LEU J 251 3.75 1.39 -9.80
CA LEU J 251 3.13 2.63 -10.26
C LEU J 251 1.62 2.50 -10.42
N PRO J 252 0.92 3.65 -10.29
CA PRO J 252 -0.52 3.74 -10.03
C PRO J 252 -1.50 3.32 -11.13
N GLU J 253 -1.10 3.35 -12.41
CA GLU J 253 -2.01 2.85 -13.47
C GLU J 253 -1.58 1.56 -14.18
N SER K 16 0.79 45.22 13.92
CA SER K 16 1.38 44.18 12.97
C SER K 16 0.98 42.74 13.09
N LEU K 17 0.51 42.21 11.97
CA LEU K 17 0.21 40.81 11.82
C LEU K 17 1.38 39.92 12.24
N ARG K 18 2.59 40.45 12.09
CA ARG K 18 3.80 39.70 12.37
C ARG K 18 3.89 39.20 13.83
N GLU K 19 3.18 39.87 14.74
CA GLU K 19 3.14 39.45 16.16
C GLU K 19 2.38 38.14 16.34
N GLN K 20 1.48 37.82 15.42
CA GLN K 20 0.71 36.58 15.51
C GLN K 20 1.34 35.45 14.70
N GLN K 21 2.48 35.71 14.06
CA GLN K 21 3.05 34.74 13.13
C GLN K 21 4.22 33.95 13.70
N HIS K 22 4.64 32.93 12.95
CA HIS K 22 5.81 32.14 13.30
C HIS K 22 6.97 33.07 13.59
N PRO K 23 7.75 32.79 14.65
CA PRO K 23 8.81 33.67 15.08
C PRO K 23 9.85 33.99 14.00
N LEU K 24 10.15 33.02 13.13
CA LEU K 24 11.12 33.28 12.10
C LEU K 24 10.59 34.29 11.07
N ILE K 25 9.29 34.28 10.82
CA ILE K 25 8.69 35.25 9.95
C ILE K 25 8.77 36.64 10.56
N ARG K 26 8.46 36.76 11.85
CA ARG K 26 8.58 38.05 12.51
C ARG K 26 10.04 38.54 12.51
N GLN K 27 10.98 37.64 12.76
CA GLN K 27 12.39 38.01 12.80
C GLN K 27 12.82 38.50 11.44
N LEU K 28 12.41 37.78 10.41
CA LEU K 28 12.78 38.14 9.06
C LEU K 28 12.17 39.46 8.59
N ALA K 29 10.89 39.68 8.90
CA ALA K 29 10.25 40.94 8.58
C ALA K 29 10.99 42.10 9.27
N ASP K 30 11.21 41.99 10.59
CA ASP K 30 11.89 43.07 11.31
C ASP K 30 13.30 43.30 10.73
N CYS K 31 13.98 42.21 10.41
CA CYS K 31 15.32 42.29 9.89
C CYS K 31 15.42 42.91 8.48
N ILE K 32 14.50 42.56 7.60
CA ILE K 32 14.43 43.18 6.28
C ILE K 32 14.20 44.69 6.40
N GLU K 33 13.18 45.07 7.15
CA GLU K 33 12.88 46.48 7.36
C GLU K 33 14.04 47.22 7.99
N GLU K 34 14.65 46.59 9.01
CA GLU K 34 15.82 47.21 9.71
C GLU K 34 16.95 47.56 8.73
N VAL K 35 17.28 46.62 7.85
CA VAL K 35 18.36 46.85 6.88
C VAL K 35 17.97 47.93 5.88
N TRP K 36 16.76 47.86 5.33
CA TRP K 36 16.24 48.90 4.44
C TRP K 36 16.43 50.29 5.03
N HIS K 37 15.97 50.45 6.27
CA HIS K 37 16.04 51.76 6.93
C HIS K 37 17.43 52.26 7.19
N GLN K 38 18.31 51.32 7.48
CA GLN K 38 19.67 51.62 7.87
C GLN K 38 20.47 52.06 6.68
N HIS K 39 20.28 51.40 5.53
CA HIS K 39 21.13 51.77 4.40
C HIS K 39 20.50 52.61 3.30
N LEU K 40 19.19 52.60 3.18
CA LEU K 40 18.56 53.23 2.03
C LEU K 40 17.78 54.47 2.43
N ASP K 41 17.43 55.28 1.43
CA ASP K 41 16.58 56.44 1.65
C ASP K 41 15.12 56.16 1.27
N LEU K 42 14.31 55.80 2.26
CA LEU K 42 12.97 55.27 2.03
C LEU K 42 11.88 56.32 1.88
N SER K 43 10.98 56.11 0.94
CA SER K 43 9.76 56.90 0.82
C SER K 43 8.65 55.90 0.70
N PRO K 44 7.43 56.29 1.08
CA PRO K 44 6.32 55.38 0.97
C PRO K 44 6.01 55.11 -0.47
N TYR K 45 5.59 53.89 -0.70
CA TYR K 45 5.00 53.52 -1.96
C TYR K 45 3.60 53.02 -1.60
N HIS K 46 2.59 53.57 -2.24
CA HIS K 46 1.22 53.26 -1.89
C HIS K 46 0.54 52.47 -3.03
N LEU K 47 0.08 51.26 -2.69
CA LEU K 47 -0.87 50.53 -3.53
C LEU K 47 -2.29 51.15 -3.33
N PRO K 48 -3.29 50.70 -4.13
CA PRO K 48 -4.69 51.15 -3.84
C PRO K 48 -5.14 50.74 -2.44
N ALA K 49 -5.75 51.67 -1.70
CA ALA K 49 -5.99 51.49 -0.24
C ALA K 49 -6.63 50.16 0.14
N GLU K 50 -7.49 49.65 -0.75
CA GLU K 50 -8.16 48.39 -0.48
C GLU K 50 -7.17 47.24 -0.30
N LEU K 51 -5.92 47.48 -0.71
CA LEU K 51 -4.90 46.43 -0.79
C LEU K 51 -3.78 46.46 0.24
N GLY K 52 -3.68 47.53 1.03
CA GLY K 52 -2.67 47.62 2.08
C GLY K 52 -2.93 46.62 3.19
N TYR K 53 -4.22 46.41 3.46
CA TYR K 53 -4.67 45.51 4.50
C TYR K 53 -5.89 44.78 4.01
N VAL K 54 -5.83 43.46 3.92
CA VAL K 54 -6.92 42.70 3.30
C VAL K 54 -7.39 41.63 4.26
N GLU K 55 -8.70 41.53 4.42
CA GLU K 55 -9.30 40.52 5.27
C GLU K 55 -10.25 39.67 4.45
N GLY K 56 -10.23 38.38 4.69
CA GLY K 56 -11.14 37.48 4.05
C GLY K 56 -11.33 36.25 4.90
N ARG K 57 -11.91 35.21 4.28
CA ARG K 57 -12.28 33.99 4.97
C ARG K 57 -11.96 32.81 4.08
N LEU K 58 -11.49 31.72 4.68
CA LEU K 58 -11.15 30.52 3.94
C LEU K 58 -11.36 29.31 4.84
N GLU K 59 -12.32 28.45 4.46
CA GLU K 59 -12.70 27.27 5.26
C GLU K 59 -13.06 27.69 6.67
N GLY K 60 -13.75 28.82 6.81
CA GLY K 60 -14.06 29.36 8.12
C GLY K 60 -12.94 30.13 8.81
N GLU K 61 -11.69 29.90 8.40
CA GLU K 61 -10.54 30.57 9.03
C GLU K 61 -10.40 32.00 8.55
N LYS K 62 -9.90 32.88 9.41
CA LYS K 62 -9.64 34.26 9.02
C LYS K 62 -8.40 34.37 8.12
N LEU K 63 -8.55 35.10 7.03
CA LEU K 63 -7.41 35.40 6.19
C LEU K 63 -7.03 36.85 6.33
N THR K 64 -5.75 37.12 6.54
CA THR K 64 -5.30 38.48 6.69
C THR K 64 -4.05 38.65 5.87
N ILE K 65 -3.98 39.76 5.15
CA ILE K 65 -2.82 40.11 4.38
C ILE K 65 -2.42 41.55 4.70
N GLU K 66 -1.15 41.73 5.02
CA GLU K 66 -0.68 43.03 5.34
C GLU K 66 0.46 43.32 4.39
N ASN K 67 0.30 44.41 3.65
CA ASN K 67 1.26 44.80 2.63
C ASN K 67 1.93 46.09 3.01
N ARG K 68 3.24 46.13 2.81
CA ARG K 68 3.98 47.31 3.13
C ARG K 68 4.97 47.59 2.00
N CYS K 69 4.95 48.81 1.48
CA CYS K 69 5.77 49.15 0.33
C CYS K 69 6.56 50.43 0.50
N TYR K 70 7.75 50.42 -0.05
CA TYR K 70 8.54 51.62 -0.12
C TYR K 70 9.21 51.73 -1.48
N GLN K 71 9.83 52.88 -1.68
CA GLN K 71 10.62 53.15 -2.87
C GLN K 71 11.84 54.05 -2.47
N THR K 72 12.86 54.03 -3.32
CA THR K 72 14.06 54.80 -3.13
C THR K 72 14.49 55.23 -4.50
N PRO K 73 15.54 56.04 -4.58
CA PRO K 73 16.01 56.43 -5.92
C PRO K 73 16.40 55.24 -6.81
N GLN K 74 16.87 54.15 -6.22
CA GLN K 74 17.26 52.98 -6.98
C GLN K 74 16.14 51.96 -7.10
N PHE K 75 15.20 51.94 -6.15
CA PHE K 75 14.15 50.89 -6.15
C PHE K 75 12.76 51.44 -6.44
N ARG K 76 12.15 50.90 -7.48
CA ARG K 76 10.82 51.32 -7.85
C ARG K 76 9.86 50.93 -6.74
N LYS K 77 10.11 49.80 -6.10
CA LYS K 77 9.15 49.20 -5.23
C LYS K 77 9.84 48.16 -4.38
N MET K 78 9.63 48.32 -3.07
CA MET K 78 10.16 47.41 -2.07
C MET K 78 8.99 46.91 -1.26
N HIS K 79 8.68 45.64 -1.43
CA HIS K 79 7.38 45.17 -1.00
C HIS K 79 7.58 44.06 0.00
N LEU K 80 7.00 44.27 1.16
CA LEU K 80 6.91 43.25 2.20
C LEU K 80 5.48 42.84 2.43
N GLU K 81 5.19 41.58 2.18
CA GLU K 81 3.86 41.03 2.37
C GLU K 81 3.84 39.97 3.47
N LEU K 82 2.93 40.14 4.42
CA LEU K 82 2.72 39.16 5.47
C LEU K 82 1.32 38.63 5.36
N ALA K 83 1.14 37.32 5.39
CA ALA K 83 -0.18 36.74 5.32
C ALA K 83 -0.39 35.61 6.31
N LYS K 84 -1.64 35.48 6.75
CA LYS K 84 -2.00 34.47 7.70
C LYS K 84 -3.39 33.96 7.33
N VAL K 85 -3.56 32.64 7.42
CA VAL K 85 -4.85 31.98 7.33
C VAL K 85 -5.02 31.12 8.59
N GLY K 86 -5.92 31.56 9.49
CA GLY K 86 -6.05 30.97 10.84
C GLY K 86 -4.70 30.53 11.37
N ASN K 87 -4.61 29.28 11.79
CA ASN K 87 -3.33 28.69 12.22
C ASN K 87 -2.81 27.66 11.21
N MET K 88 -3.41 27.65 10.02
CA MET K 88 -3.03 26.74 8.93
C MET K 88 -1.84 27.24 8.09
N LEU K 89 -1.72 28.54 7.92
CA LEU K 89 -0.78 29.07 6.94
C LEU K 89 -0.25 30.41 7.38
N ASP K 90 1.07 30.53 7.33
CA ASP K 90 1.78 31.80 7.55
C ASP K 90 2.63 32.01 6.32
N ILE K 91 2.68 33.25 5.84
CA ILE K 91 3.45 33.57 4.65
C ILE K 91 4.18 34.91 4.79
N LEU K 92 5.46 34.92 4.43
CA LEU K 92 6.19 36.14 4.24
C LEU K 92 6.64 36.16 2.80
N HIS K 93 6.44 37.29 2.16
CA HIS K 93 6.90 37.48 0.81
C HIS K 93 7.54 38.85 0.72
N CYS K 94 8.76 38.88 0.16
CA CYS K 94 9.48 40.14 0.00
C CYS K 94 10.12 40.20 -1.37
N VAL K 95 9.89 41.30 -2.08
CA VAL K 95 10.59 41.52 -3.36
C VAL K 95 11.04 42.97 -3.46
N MET K 96 12.25 43.20 -3.95
CA MET K 96 12.73 44.55 -4.30
C MET K 96 12.91 44.70 -5.82
N PHE K 97 12.15 45.59 -6.43
CA PHE K 97 12.21 45.82 -7.88
C PHE K 97 13.03 47.06 -8.11
N PRO K 98 14.23 46.90 -8.69
CA PRO K 98 15.00 48.11 -8.99
C PRO K 98 14.30 48.92 -10.08
N ARG K 99 14.48 50.23 -10.08
CA ARG K 99 14.17 50.99 -11.31
C ARG K 99 15.05 50.46 -12.43
N PRO K 100 14.48 50.33 -13.64
CA PRO K 100 15.26 49.75 -14.79
C PRO K 100 16.44 50.57 -15.31
N GLU K 101 16.66 51.77 -14.79
CA GLU K 101 17.88 52.46 -15.11
C GLU K 101 19.06 51.84 -14.41
N TYR K 102 18.77 51.03 -13.41
CA TYR K 102 19.76 50.54 -12.49
C TYR K 102 19.96 49.06 -12.73
N ASP K 103 21.19 48.70 -13.08
CA ASP K 103 21.58 47.33 -13.32
C ASP K 103 21.79 46.53 -12.05
N LEU K 104 20.67 46.11 -11.47
CA LEU K 104 20.65 45.53 -10.14
C LEU K 104 19.81 44.29 -10.20
N PRO K 105 20.25 43.23 -9.56
CA PRO K 105 19.44 42.03 -9.53
C PRO K 105 18.19 42.23 -8.66
N MET K 106 17.28 41.27 -8.68
CA MET K 106 16.03 41.32 -7.94
C MET K 106 16.26 40.57 -6.65
N PHE K 107 16.21 41.25 -5.52
CA PHE K 107 16.13 40.53 -4.28
C PHE K 107 14.71 39.97 -4.05
N GLY K 108 14.60 38.68 -3.69
CA GLY K 108 13.35 38.09 -3.24
C GLY K 108 13.56 37.12 -2.10
N CYS K 109 12.63 37.09 -1.17
CA CYS K 109 12.59 35.95 -0.25
C CYS K 109 11.18 35.64 0.16
N ASP K 110 10.97 34.37 0.50
CA ASP K 110 9.65 33.85 0.79
C ASP K 110 9.80 32.86 1.89
N LEU K 111 8.80 32.89 2.78
CA LEU K 111 8.74 31.98 3.89
C LEU K 111 7.30 31.48 3.94
N VAL K 112 7.14 30.16 3.98
CA VAL K 112 5.84 29.53 4.07
C VAL K 112 5.86 28.55 5.22
N GLY K 113 4.86 28.70 6.09
CA GLY K 113 4.77 27.90 7.29
C GLY K 113 3.34 27.59 7.62
N GLY K 114 3.16 26.98 8.78
CA GLY K 114 1.84 26.58 9.22
C GLY K 114 2.03 25.91 10.54
N ARG K 115 1.25 26.32 11.53
CA ARG K 115 1.35 25.73 12.87
C ARG K 115 2.80 25.41 13.27
N GLY K 116 3.61 26.47 13.39
CA GLY K 116 4.93 26.37 14.00
C GLY K 116 6.02 25.62 13.25
N GLN K 117 5.72 25.14 12.03
CA GLN K 117 6.74 24.56 11.14
C GLN K 117 6.89 25.40 9.89
N ILE K 118 8.13 25.65 9.52
CA ILE K 118 8.40 26.29 8.27
C ILE K 118 8.68 25.27 7.20
N SER K 119 7.81 25.19 6.22
CA SER K 119 7.93 24.13 5.22
C SER K 119 8.85 24.54 4.06
N ALA K 120 8.93 25.85 3.79
CA ALA K 120 9.75 26.36 2.71
C ALA K 120 10.33 27.75 2.98
N ALA K 121 11.65 27.88 2.74
CA ALA K 121 12.33 29.13 2.86
C ALA K 121 13.20 29.32 1.64
N ILE K 122 13.01 30.44 0.95
CA ILE K 122 13.78 30.70 -0.26
C ILE K 122 14.28 32.15 -0.23
N ALA K 123 15.53 32.34 -0.65
CA ALA K 123 16.05 33.69 -0.82
C ALA K 123 17.00 33.73 -1.98
N ASP K 124 16.90 34.83 -2.75
CA ASP K 124 17.79 35.00 -3.88
C ASP K 124 18.06 36.45 -4.31
N LEU K 125 19.16 36.60 -5.01
CA LEU K 125 19.40 37.80 -5.78
C LEU K 125 19.34 37.35 -7.23
N SER K 126 18.17 37.43 -7.85
CA SER K 126 17.95 36.85 -9.17
C SER K 126 18.46 37.80 -10.25
N PRO K 127 19.13 37.26 -11.26
CA PRO K 127 19.78 38.12 -12.26
C PRO K 127 18.76 38.82 -13.18
N VAL K 128 19.08 40.05 -13.61
CA VAL K 128 18.34 40.70 -14.66
C VAL K 128 19.02 40.62 -16.04
N HIS K 129 20.31 40.29 -16.09
CA HIS K 129 20.95 40.03 -17.39
C HIS K 129 20.32 38.77 -18.02
N LEU K 130 20.14 38.84 -19.33
CA LEU K 130 19.59 37.73 -20.05
C LEU K 130 20.49 36.48 -20.00
N ASP K 131 21.81 36.68 -19.99
CA ASP K 131 22.73 35.55 -19.79
C ASP K 131 22.78 35.08 -18.33
N ARG K 132 21.93 35.66 -17.50
CA ARG K 132 21.84 35.35 -16.06
C ARG K 132 23.07 35.66 -15.22
N THR K 133 23.91 36.58 -15.68
CA THR K 133 25.03 36.97 -14.86
C THR K 133 24.63 38.09 -13.91
N LEU K 134 25.22 38.01 -12.74
CA LEU K 134 25.25 39.08 -11.78
C LEU K 134 26.43 39.99 -12.06
N PRO K 135 26.29 41.23 -11.61
CA PRO K 135 27.43 42.10 -11.72
C PRO K 135 28.59 41.58 -10.89
N GLU K 136 29.80 41.94 -11.30
CA GLU K 136 30.99 41.33 -10.70
C GLU K 136 31.17 41.63 -9.19
N SER K 137 30.82 42.83 -8.74
CA SER K 137 30.83 43.11 -7.31
C SER K 137 29.95 42.11 -6.53
N TYR K 138 28.79 41.75 -7.08
CA TYR K 138 27.97 40.77 -6.40
C TYR K 138 28.64 39.38 -6.37
N ASN K 139 29.18 38.95 -7.49
CA ASN K 139 29.87 37.68 -7.53
C ASN K 139 30.98 37.54 -6.50
N SER K 140 31.86 38.53 -6.39
CA SER K 140 32.93 38.46 -5.41
C SER K 140 32.36 38.39 -4.00
N ALA K 141 31.42 39.28 -3.69
CA ALA K 141 30.87 39.33 -2.35
C ALA K 141 30.21 37.99 -2.02
N LEU K 142 29.49 37.41 -2.97
CA LEU K 142 28.66 36.27 -2.65
C LEU K 142 29.42 34.97 -2.61
N THR K 143 30.42 34.78 -3.47
CA THR K 143 31.17 33.53 -3.37
C THR K 143 32.07 33.53 -2.13
N SER K 144 32.44 34.73 -1.67
CA SER K 144 33.19 34.90 -0.42
C SER K 144 32.47 34.26 0.76
N LEU K 145 31.15 34.21 0.65
CA LEU K 145 30.32 33.75 1.73
C LEU K 145 30.61 32.30 1.98
N ASN K 146 30.39 31.90 3.23
CA ASN K 146 30.56 30.52 3.68
C ASN K 146 29.52 29.56 3.07
N THR K 147 29.95 28.31 2.83
CA THR K 147 29.04 27.23 2.44
C THR K 147 28.19 26.83 3.64
N LEU K 148 26.88 26.88 3.49
CA LEU K 148 26.00 26.55 4.60
C LEU K 148 25.46 25.14 4.42
N ASN K 149 25.60 24.33 5.47
CA ASN K 149 25.14 22.96 5.45
C ASN K 149 23.72 22.79 5.94
N PHE K 150 22.77 22.86 5.03
CA PHE K 150 21.39 22.53 5.35
C PHE K 150 21.24 21.04 5.14
N SER K 151 20.30 20.45 5.87
CA SER K 151 20.10 19.01 5.81
C SER K 151 18.91 18.59 4.96
N GLN K 152 18.09 19.58 4.64
CA GLN K 152 16.96 19.44 3.71
C GLN K 152 16.95 20.60 2.70
N PRO K 153 17.93 20.62 1.76
CA PRO K 153 17.78 21.54 0.64
C PRO K 153 16.65 21.06 -0.26
N ARG K 154 16.16 21.96 -1.10
CA ARG K 154 15.06 21.64 -2.00
C ARG K 154 15.52 21.84 -3.42
N GLU K 155 14.87 21.15 -4.35
CA GLU K 155 15.18 21.34 -5.75
C GLU K 155 14.33 22.46 -6.31
N LEU K 156 14.97 23.35 -7.06
CA LEU K 156 14.27 24.39 -7.79
C LEU K 156 13.61 23.83 -9.02
N PRO K 157 12.75 24.63 -9.66
CA PRO K 157 12.15 24.08 -10.85
C PRO K 157 12.89 24.60 -12.09
N GLU K 158 12.54 24.06 -13.26
CA GLU K 158 13.15 24.44 -14.55
C GLU K 158 12.95 25.91 -14.95
N TRP K 159 12.05 26.60 -14.21
CA TRP K 159 11.96 28.08 -14.22
C TRP K 159 12.92 28.70 -13.20
N GLY K 160 13.50 27.84 -12.33
CA GLY K 160 14.68 28.18 -11.52
C GLY K 160 15.77 28.65 -12.46
N ASN K 161 15.36 28.79 -13.72
CA ASN K 161 16.06 29.57 -14.73
C ASN K 161 16.01 31.07 -14.44
N ILE K 162 15.23 31.44 -13.45
CA ILE K 162 15.23 32.85 -13.07
C ILE K 162 16.06 33.13 -11.84
N PHE K 163 16.35 32.09 -11.06
CA PHE K 163 17.17 32.23 -9.87
C PHE K 163 18.64 32.06 -10.17
N SER K 164 19.47 32.79 -9.43
CA SER K 164 20.92 32.73 -9.57
C SER K 164 21.50 31.47 -8.93
N ASP K 165 22.81 31.28 -9.09
CA ASP K 165 23.53 30.16 -8.50
C ASP K 165 23.72 30.27 -6.99
N PHE K 166 23.45 31.43 -6.43
CA PHE K 166 23.53 31.56 -4.97
C PHE K 166 22.22 31.33 -4.26
N CYS K 167 21.17 31.00 -5.02
CA CYS K 167 19.84 30.91 -4.46
C CYS K 167 19.80 29.89 -3.34
N ILE K 168 19.06 30.21 -2.29
CA ILE K 168 18.91 29.29 -1.21
C ILE K 168 17.48 28.85 -1.02
N PHE K 169 17.26 27.54 -1.10
CA PHE K 169 15.92 26.98 -1.05
C PHE K 169 15.96 25.76 -0.17
N VAL K 170 15.42 25.91 1.03
CA VAL K 170 15.50 24.85 2.00
C VAL K 170 14.21 24.71 2.79
N ARG K 171 14.08 23.57 3.47
CA ARG K 171 13.13 23.37 4.57
C ARG K 171 13.95 23.29 5.86
N PRO K 172 13.90 24.35 6.69
CA PRO K 172 14.72 24.41 7.89
C PRO K 172 14.24 23.40 8.90
N SER K 173 15.13 22.53 9.33
CA SER K 173 14.77 21.43 10.25
C SER K 173 14.90 21.85 11.73
N SER K 174 15.91 22.66 12.04
CA SER K 174 16.17 23.11 13.40
C SER K 174 16.08 24.62 13.46
N PRO K 175 16.00 25.17 14.68
CA PRO K 175 16.17 26.61 14.88
C PRO K 175 17.56 27.13 14.58
N GLU K 176 18.56 26.24 14.54
CA GLU K 176 19.89 26.62 14.09
C GLU K 176 19.83 26.93 12.60
N GLU K 177 19.09 26.11 11.87
CA GLU K 177 18.97 26.30 10.42
C GLU K 177 18.18 27.57 10.11
N GLU K 178 17.15 27.83 10.91
CA GLU K 178 16.35 29.05 10.81
C GLU K 178 17.23 30.27 10.99
N ALA K 179 18.13 30.20 11.94
CA ALA K 179 19.08 31.29 12.17
C ALA K 179 20.12 31.39 11.06
N MET K 180 20.53 30.26 10.50
CA MET K 180 21.47 30.26 9.38
C MET K 180 20.80 30.95 8.18
N PHE K 181 19.55 30.59 7.94
CA PHE K 181 18.83 31.16 6.85
C PHE K 181 18.67 32.68 7.00
N LEU K 182 18.21 33.11 8.18
CA LEU K 182 18.04 34.53 8.47
C LEU K 182 19.37 35.28 8.29
N GLY K 183 20.47 34.69 8.76
CA GLY K 183 21.78 35.30 8.64
C GLY K 183 22.17 35.48 7.18
N ARG K 184 21.84 34.49 6.37
CA ARG K 184 22.20 34.56 4.97
C ARG K 184 21.36 35.58 4.19
N VAL K 185 20.08 35.69 4.50
CA VAL K 185 19.26 36.70 3.88
C VAL K 185 19.84 38.07 4.21
N ARG K 186 20.24 38.25 5.45
CA ARG K 186 20.76 39.54 5.90
C ARG K 186 22.02 39.87 5.11
N GLU K 187 22.89 38.88 4.92
CA GLU K 187 24.07 39.06 4.09
C GLU K 187 23.75 39.44 2.64
N PHE K 188 22.72 38.81 2.07
CA PHE K 188 22.25 39.18 0.75
C PHE K 188 21.81 40.64 0.74
N LEU K 189 21.02 41.04 1.71
CA LEU K 189 20.52 42.39 1.75
C LEU K 189 21.66 43.42 1.87
N GLN K 190 22.67 43.11 2.69
CA GLN K 190 23.75 44.09 2.85
C GLN K 190 24.53 44.27 1.57
N VAL K 191 24.81 43.16 0.90
CA VAL K 191 25.51 43.21 -0.36
C VAL K 191 24.68 43.97 -1.38
N HIS K 192 23.38 43.72 -1.39
CA HIS K 192 22.48 44.32 -2.33
C HIS K 192 22.34 45.81 -2.09
N CYS K 193 22.29 46.24 -0.84
CA CYS K 193 22.15 47.66 -0.52
C CYS K 193 23.44 48.42 -0.88
N GLN K 194 24.59 47.79 -0.66
CA GLN K 194 25.86 48.33 -1.10
C GLN K 194 25.91 48.45 -2.62
N GLY K 195 25.46 47.39 -3.30
CA GLY K 195 25.29 47.39 -4.75
C GLY K 195 24.41 48.54 -5.21
N ALA K 196 23.31 48.77 -4.52
CA ALA K 196 22.38 49.82 -4.88
C ALA K 196 23.00 51.19 -4.75
N ILE K 197 23.72 51.41 -3.66
CA ILE K 197 24.22 52.73 -3.33
C ILE K 197 25.36 53.12 -4.30
N ALA K 198 26.08 52.12 -4.77
CA ALA K 198 27.19 52.31 -5.69
C ALA K 198 26.74 52.39 -7.16
N ALA K 199 25.47 52.10 -7.45
CA ALA K 199 25.05 52.00 -8.84
C ALA K 199 24.79 53.36 -9.51
N SER K 200 25.18 53.46 -10.78
CA SER K 200 24.88 54.64 -11.60
C SER K 200 23.83 54.16 -12.59
N PRO K 201 22.80 54.97 -12.87
CA PRO K 201 21.75 54.54 -13.79
C PRO K 201 22.27 54.33 -15.23
N VAL K 202 21.50 53.64 -16.07
CA VAL K 202 21.91 53.40 -17.47
C VAL K 202 20.78 53.64 -18.47
N SER K 203 21.14 53.89 -19.72
CA SER K 203 20.15 54.05 -20.81
C SER K 203 20.45 52.94 -21.80
N ALA K 204 20.08 53.17 -23.07
CA ALA K 204 20.53 52.34 -24.20
C ALA K 204 20.17 50.85 -24.07
N GLU K 205 21.10 50.00 -24.48
CA GLU K 205 20.79 48.60 -24.59
C GLU K 205 20.80 47.91 -23.22
N GLN K 206 21.52 48.50 -22.27
CA GLN K 206 21.59 47.93 -20.95
C GLN K 206 20.26 48.05 -20.23
N LYS K 207 19.58 49.19 -20.42
CA LYS K 207 18.27 49.40 -19.82
C LYS K 207 17.18 48.53 -20.43
N GLN K 208 17.23 48.43 -21.76
CA GLN K 208 16.40 47.51 -22.47
C GLN K 208 16.58 46.15 -21.88
N GLN K 209 17.82 45.77 -21.62
CA GLN K 209 18.06 44.44 -21.05
C GLN K 209 17.40 44.29 -19.69
N ILE K 210 17.47 45.33 -18.89
CA ILE K 210 16.90 45.26 -17.54
C ILE K 210 15.41 45.06 -17.62
N LEU K 211 14.79 45.74 -18.57
CA LEU K 211 13.37 45.66 -18.78
C LEU K 211 13.06 44.25 -19.12
N ALA K 212 13.90 43.70 -19.99
CA ALA K 212 13.63 42.40 -20.50
C ALA K 212 13.81 41.41 -19.32
N GLY K 213 14.88 41.61 -18.53
CA GLY K 213 15.17 40.69 -17.48
C GLY K 213 14.12 40.76 -16.40
N GLN K 214 13.73 41.96 -16.01
CA GLN K 214 12.66 42.08 -15.00
C GLN K 214 11.34 41.54 -15.55
N HIS K 215 11.09 41.75 -16.83
CA HIS K 215 9.85 41.25 -17.36
C HIS K 215 9.86 39.73 -17.30
N ASN K 216 10.99 39.12 -17.64
CA ASN K 216 11.03 37.70 -17.62
C ASN K 216 10.84 37.18 -16.18
N TYR K 217 11.45 37.84 -15.23
CA TYR K 217 11.36 37.40 -13.87
C TYR K 217 9.92 37.51 -13.36
N CYS K 218 9.26 38.65 -13.63
CA CYS K 218 7.87 38.83 -13.19
C CYS K 218 6.90 37.88 -13.87
N SER K 219 7.03 37.67 -15.18
CA SER K 219 6.06 36.77 -15.81
C SER K 219 6.24 35.35 -15.32
N LYS K 220 7.48 34.91 -15.12
CA LYS K 220 7.66 33.55 -14.60
C LYS K 220 7.11 33.40 -13.19
N GLN K 221 7.35 34.42 -12.36
CA GLN K 221 6.79 34.44 -11.01
C GLN K 221 5.24 34.49 -11.01
N GLN K 222 4.64 35.32 -11.88
CA GLN K 222 3.15 35.32 -12.03
C GLN K 222 2.65 33.94 -12.38
N GLN K 223 3.28 33.34 -13.39
CA GLN K 223 2.82 32.08 -13.95
C GLN K 223 2.89 30.98 -12.92
N ASN K 224 3.77 31.15 -11.94
CA ASN K 224 4.15 30.02 -11.12
C ASN K 224 4.07 30.15 -9.63
N ASP K 225 4.03 31.37 -9.09
CA ASP K 225 3.88 31.54 -7.64
C ASP K 225 2.61 30.85 -7.12
N LYS K 226 2.77 30.14 -6.00
CA LYS K 226 1.73 29.26 -5.45
C LYS K 226 0.72 29.96 -4.55
N THR K 227 1.04 31.16 -4.10
CA THR K 227 0.07 31.96 -3.33
C THR K 227 -1.22 32.25 -4.14
N ARG K 228 -1.12 32.24 -5.47
CA ARG K 228 -2.28 32.30 -6.35
C ARG K 228 -3.46 31.42 -5.86
N ARG K 229 -3.16 30.13 -5.68
CA ARG K 229 -4.15 29.12 -5.32
C ARG K 229 -4.92 29.52 -4.05
N VAL K 230 -4.16 29.97 -3.06
CA VAL K 230 -4.70 30.50 -1.83
C VAL K 230 -5.60 31.70 -2.08
N LEU K 231 -5.16 32.61 -2.93
CA LEU K 231 -5.95 33.80 -3.18
C LEU K 231 -7.25 33.49 -3.95
N GLU K 232 -7.16 32.57 -4.90
CA GLU K 232 -8.33 32.17 -5.69
C GLU K 232 -9.41 31.62 -4.77
N LYS K 233 -8.97 30.79 -3.81
CA LYS K 233 -9.88 30.17 -2.88
C LYS K 233 -10.54 31.18 -1.95
N ALA K 234 -9.81 32.27 -1.67
CA ALA K 234 -10.33 33.32 -0.80
C ALA K 234 -11.27 34.28 -1.52
N PHE K 235 -10.96 34.63 -2.76
CA PHE K 235 -11.60 35.79 -3.39
C PHE K 235 -12.03 35.57 -4.83
N GLY K 236 -11.74 34.38 -5.36
CA GLY K 236 -12.03 34.12 -6.77
C GLY K 236 -10.79 34.29 -7.66
N VAL K 237 -10.92 33.76 -8.85
CA VAL K 237 -9.87 33.76 -9.86
C VAL K 237 -9.44 35.12 -10.36
N ASP K 238 -10.38 36.03 -10.64
CA ASP K 238 -9.99 37.33 -11.17
C ASP K 238 -9.32 38.24 -10.16
N TRP K 239 -9.86 38.25 -8.93
CA TRP K 239 -9.26 38.99 -7.84
C TRP K 239 -7.80 38.52 -7.67
N ALA K 240 -7.59 37.21 -7.68
CA ALA K 240 -6.26 36.64 -7.57
C ALA K 240 -5.36 37.00 -8.73
N GLU K 241 -5.90 36.98 -9.94
CA GLU K 241 -5.13 37.38 -11.12
C GLU K 241 -4.71 38.83 -11.04
N ASN K 242 -5.65 39.69 -10.66
CA ASN K 242 -5.37 41.09 -10.50
C ASN K 242 -4.33 41.38 -9.44
N TYR K 243 -4.35 40.60 -8.36
CA TYR K 243 -3.42 40.76 -7.28
C TYR K 243 -2.00 40.34 -7.70
N MET K 244 -1.88 39.23 -8.44
CA MET K 244 -0.60 38.75 -8.94
C MET K 244 0.05 39.76 -9.87
N THR K 245 -0.75 40.37 -10.74
CA THR K 245 -0.22 41.23 -11.78
C THR K 245 -0.08 42.65 -11.37
N THR K 246 -0.77 43.08 -10.32
CA THR K 246 -0.64 44.49 -9.95
C THR K 246 -0.05 44.72 -8.57
N VAL K 247 0.00 43.70 -7.72
CA VAL K 247 0.59 43.86 -6.39
C VAL K 247 1.89 43.10 -6.20
N LEU K 248 1.89 41.82 -6.51
CA LEU K 248 3.06 40.99 -6.25
C LEU K 248 4.10 41.09 -7.34
N PHE K 249 3.71 40.93 -8.60
CA PHE K 249 4.71 40.87 -9.64
C PHE K 249 4.33 41.73 -10.81
N ASP K 250 4.21 43.03 -10.58
CA ASP K 250 3.78 43.95 -11.61
C ASP K 250 4.90 44.25 -12.61
N LEU K 251 4.58 44.27 -13.89
CA LEU K 251 5.61 44.53 -14.92
C LEU K 251 6.13 46.00 -14.76
N PRO K 252 7.45 46.28 -14.90
CA PRO K 252 7.90 47.65 -14.50
C PRO K 252 7.19 48.81 -15.25
N GLU K 253 6.65 48.50 -16.42
CA GLU K 253 5.68 49.34 -17.11
C GLU K 253 4.41 48.49 -17.36
N SER L 16 4.79 -33.14 -1.97
CA SER L 16 5.30 -34.37 -1.40
C SER L 16 6.52 -34.91 -2.14
N LEU L 17 7.44 -35.47 -1.35
CA LEU L 17 8.61 -36.13 -1.87
C LEU L 17 8.26 -37.15 -2.94
N ARG L 18 7.07 -37.72 -2.85
CA ARG L 18 6.69 -38.84 -3.68
C ARG L 18 6.65 -38.49 -5.15
N GLU L 19 6.55 -37.19 -5.46
CA GLU L 19 6.58 -36.74 -6.85
C GLU L 19 7.96 -36.95 -7.46
N GLN L 20 9.02 -36.99 -6.64
CA GLN L 20 10.38 -37.13 -7.15
C GLN L 20 10.80 -38.60 -7.17
N GLN L 21 9.92 -39.49 -6.77
CA GLN L 21 10.31 -40.86 -6.54
C GLN L 21 9.88 -41.81 -7.65
N HIS L 22 10.43 -43.02 -7.61
CA HIS L 22 10.02 -44.09 -8.51
C HIS L 22 8.49 -44.20 -8.57
N PRO L 23 7.94 -44.33 -9.78
CA PRO L 23 6.49 -44.33 -9.98
C PRO L 23 5.73 -45.33 -9.13
N LEU L 24 6.31 -46.49 -8.88
CA LEU L 24 5.62 -47.49 -8.08
C LEU L 24 5.55 -47.09 -6.61
N ILE L 25 6.58 -46.42 -6.12
CA ILE L 25 6.53 -45.81 -4.79
C ILE L 25 5.41 -44.77 -4.71
N ARG L 26 5.31 -43.90 -5.71
CA ARG L 26 4.31 -42.86 -5.67
C ARG L 26 2.93 -43.49 -5.72
N GLN L 27 2.78 -44.51 -6.56
CA GLN L 27 1.51 -45.22 -6.72
C GLN L 27 1.09 -45.87 -5.41
N LEU L 28 2.03 -46.54 -4.78
CA LEU L 28 1.77 -47.23 -3.54
C LEU L 28 1.47 -46.27 -2.40
N ALA L 29 2.18 -45.14 -2.32
CA ALA L 29 1.89 -44.20 -1.28
C ALA L 29 0.47 -43.68 -1.44
N ASP L 30 0.10 -43.27 -2.66
CA ASP L 30 -1.23 -42.71 -2.89
C ASP L 30 -2.28 -43.75 -2.57
N CYS L 31 -2.01 -44.98 -2.97
CA CYS L 31 -2.95 -46.03 -2.80
C CYS L 31 -3.16 -46.38 -1.32
N ILE L 32 -2.08 -46.42 -0.53
CA ILE L 32 -2.19 -46.70 0.91
C ILE L 32 -3.01 -45.65 1.63
N GLU L 33 -2.74 -44.39 1.33
CA GLU L 33 -3.49 -43.30 1.92
C GLU L 33 -4.94 -43.30 1.47
N GLU L 34 -5.17 -43.61 0.20
CA GLU L 34 -6.51 -43.63 -0.35
C GLU L 34 -7.36 -44.64 0.43
N VAL L 35 -6.84 -45.84 0.60
CA VAL L 35 -7.56 -46.90 1.32
C VAL L 35 -7.80 -46.51 2.78
N TRP L 36 -6.78 -45.97 3.44
CA TRP L 36 -6.95 -45.52 4.81
C TRP L 36 -8.07 -44.52 4.97
N HIS L 37 -8.14 -43.54 4.07
CA HIS L 37 -9.15 -42.50 4.12
C HIS L 37 -10.56 -42.98 3.80
N GLN L 38 -10.63 -43.95 2.91
CA GLN L 38 -11.88 -44.53 2.48
C GLN L 38 -12.51 -45.34 3.58
N HIS L 39 -11.70 -46.12 4.27
CA HIS L 39 -12.18 -47.15 5.19
C HIS L 39 -12.20 -46.74 6.66
N LEU L 40 -11.28 -45.89 7.04
CA LEU L 40 -11.03 -45.67 8.46
C LEU L 40 -11.33 -44.25 8.86
N ASP L 41 -11.45 -44.06 10.16
CA ASP L 41 -11.66 -42.75 10.73
C ASP L 41 -10.35 -42.16 11.26
N LEU L 42 -9.70 -41.35 10.42
CA LEU L 42 -8.33 -40.92 10.68
C LEU L 42 -8.23 -39.68 11.54
N SER L 43 -7.33 -39.72 12.50
CA SER L 43 -6.87 -38.53 13.21
C SER L 43 -5.36 -38.42 13.08
N PRO L 44 -4.83 -37.19 13.21
CA PRO L 44 -3.38 -37.05 13.13
C PRO L 44 -2.68 -37.68 14.32
N TYR L 45 -1.43 -38.11 14.11
CA TYR L 45 -0.58 -38.56 15.20
C TYR L 45 0.66 -37.68 15.17
N HIS L 46 0.96 -37.02 16.29
CA HIS L 46 2.07 -36.05 16.33
C HIS L 46 3.41 -36.63 16.79
N LEU L 47 4.39 -36.64 15.89
CA LEU L 47 5.77 -36.94 16.24
C LEU L 47 6.47 -35.62 16.51
N PRO L 48 7.61 -35.64 17.24
CA PRO L 48 8.42 -34.42 17.29
C PRO L 48 8.52 -33.81 15.90
N ALA L 49 8.07 -32.56 15.77
CA ALA L 49 7.95 -31.89 14.47
C ALA L 49 9.27 -31.89 13.68
N GLU L 50 10.39 -31.97 14.41
CA GLU L 50 11.72 -32.10 13.81
C GLU L 50 11.88 -33.42 13.03
N LEU L 51 10.98 -34.39 13.27
CA LEU L 51 11.01 -35.72 12.63
C LEU L 51 9.98 -35.97 11.53
N GLY L 52 9.05 -35.03 11.34
CA GLY L 52 8.05 -35.11 10.27
C GLY L 52 8.67 -34.92 8.88
N TYR L 53 9.72 -34.11 8.83
CA TYR L 53 10.45 -33.83 7.61
C TYR L 53 11.93 -33.66 7.93
N VAL L 54 12.76 -34.55 7.37
CA VAL L 54 14.17 -34.61 7.75
C VAL L 54 15.06 -34.42 6.55
N GLU L 55 16.04 -33.54 6.69
CA GLU L 55 16.97 -33.29 5.62
C GLU L 55 18.38 -33.52 6.10
N GLY L 56 19.18 -34.19 5.27
CA GLY L 56 20.56 -34.44 5.58
C GLY L 56 21.36 -34.60 4.30
N ARG L 57 22.56 -35.14 4.45
CA ARG L 57 23.51 -35.30 3.35
C ARG L 57 24.23 -36.62 3.49
N LEU L 58 24.50 -37.25 2.36
CA LEU L 58 25.16 -38.54 2.35
C LEU L 58 25.94 -38.63 1.04
N GLU L 59 27.26 -38.70 1.15
CA GLU L 59 28.18 -38.78 0.00
C GLU L 59 27.96 -37.58 -0.93
N GLY L 60 27.66 -36.43 -0.34
CA GLY L 60 27.31 -35.25 -1.12
C GLY L 60 25.85 -35.19 -1.57
N GLU L 61 25.16 -36.32 -1.60
CA GLU L 61 23.77 -36.38 -2.10
C GLU L 61 22.81 -35.88 -1.02
N LYS L 62 21.72 -35.26 -1.44
CA LYS L 62 20.65 -34.85 -0.51
C LYS L 62 19.86 -36.04 0.01
N LEU L 63 19.66 -36.09 1.32
CA LEU L 63 18.80 -37.08 1.94
C LEU L 63 17.53 -36.38 2.41
N THR L 64 16.39 -36.92 2.01
CA THR L 64 15.13 -36.39 2.48
C THR L 64 14.29 -37.52 3.05
N ILE L 65 13.65 -37.28 4.19
CA ILE L 65 12.72 -38.21 4.76
C ILE L 65 11.41 -37.47 5.07
N GLU L 66 10.32 -38.00 4.55
CA GLU L 66 9.01 -37.46 4.77
C GLU L 66 8.19 -38.49 5.56
N ASN L 67 7.70 -38.07 6.72
CA ASN L 67 6.97 -38.97 7.61
C ASN L 67 5.53 -38.52 7.80
N ARG L 68 4.63 -39.48 7.73
CA ARG L 68 3.23 -39.16 7.83
C ARG L 68 2.58 -40.21 8.73
N CYS L 69 1.87 -39.75 9.76
CA CYS L 69 1.28 -40.66 10.74
C CYS L 69 -0.16 -40.33 11.09
N TYR L 70 -0.95 -41.39 11.26
CA TYR L 70 -2.30 -41.22 11.69
C TYR L 70 -2.59 -42.19 12.80
N GLN L 71 -3.76 -42.04 13.38
CA GLN L 71 -4.30 -43.00 14.34
C GLN L 71 -5.80 -43.09 14.19
N THR L 72 -6.37 -44.20 14.65
CA THR L 72 -7.81 -44.41 14.60
C THR L 72 -8.17 -45.11 15.89
N PRO L 73 -9.47 -45.33 16.14
CA PRO L 73 -9.81 -46.09 17.32
C PRO L 73 -9.13 -47.47 17.40
N GLN L 74 -8.84 -48.11 16.27
CA GLN L 74 -8.22 -49.43 16.26
C GLN L 74 -6.72 -49.40 16.17
N PHE L 75 -6.18 -48.34 15.56
CA PHE L 75 -4.74 -48.29 15.31
C PHE L 75 -4.04 -47.22 16.12
N ARG L 76 -3.10 -47.66 16.94
CA ARG L 76 -2.28 -46.73 17.70
C ARG L 76 -1.48 -45.80 16.79
N LYS L 77 -1.04 -46.31 15.63
CA LYS L 77 -0.16 -45.57 14.78
C LYS L 77 -0.16 -46.15 13.38
N MET L 78 -0.34 -45.26 12.40
CA MET L 78 -0.30 -45.65 11.03
C MET L 78 0.73 -44.77 10.39
N HIS L 79 1.83 -45.38 9.98
CA HIS L 79 2.99 -44.62 9.59
C HIS L 79 3.33 -44.89 8.13
N LEU L 80 3.38 -43.80 7.37
CA LEU L 80 3.94 -43.84 6.02
C LEU L 80 5.22 -43.02 5.97
N GLU L 81 6.30 -43.67 5.57
CA GLU L 81 7.62 -43.05 5.46
C GLU L 81 8.10 -43.12 4.02
N LEU L 82 8.54 -41.98 3.52
CA LEU L 82 9.12 -41.91 2.19
C LEU L 82 10.48 -41.33 2.30
N ALA L 83 11.46 -41.93 1.63
CA ALA L 83 12.84 -41.43 1.74
C ALA L 83 13.58 -41.48 0.43
N LYS L 84 14.48 -40.52 0.26
CA LYS L 84 15.24 -40.37 -0.94
C LYS L 84 16.64 -39.95 -0.58
N VAL L 85 17.60 -40.59 -1.25
CA VAL L 85 18.99 -40.17 -1.21
C VAL L 85 19.46 -39.91 -2.65
N GLY L 86 19.58 -38.63 -3.01
CA GLY L 86 19.86 -38.24 -4.38
C GLY L 86 19.08 -39.09 -5.36
N ASN L 87 19.80 -39.73 -6.28
CA ASN L 87 19.21 -40.65 -7.24
C ASN L 87 19.67 -42.08 -6.98
N MET L 88 20.32 -42.30 -5.83
CA MET L 88 20.86 -43.61 -5.49
C MET L 88 19.84 -44.50 -4.80
N LEU L 89 18.91 -43.90 -4.06
CA LEU L 89 18.08 -44.66 -3.13
C LEU L 89 16.70 -44.05 -2.96
N ASP L 90 15.68 -44.88 -3.17
CA ASP L 90 14.28 -44.51 -2.93
C ASP L 90 13.71 -45.54 -1.97
N ILE L 91 12.97 -45.08 -0.96
CA ILE L 91 12.41 -45.97 0.02
C ILE L 91 10.96 -45.63 0.34
N LEU L 92 10.12 -46.66 0.38
CA LEU L 92 8.79 -46.52 0.99
C LEU L 92 8.68 -47.51 2.12
N HIS L 93 8.26 -47.03 3.27
CA HIS L 93 8.07 -47.89 4.42
C HIS L 93 6.71 -47.58 5.03
N CYS L 94 5.92 -48.63 5.27
CA CYS L 94 4.60 -48.43 5.87
C CYS L 94 4.32 -49.49 6.91
N VAL L 95 3.94 -49.05 8.11
CA VAL L 95 3.49 -49.98 9.12
C VAL L 95 2.22 -49.46 9.81
N MET L 96 1.31 -50.36 10.12
CA MET L 96 0.14 -50.06 10.94
C MET L 96 0.22 -50.85 12.24
N PHE L 97 0.23 -50.13 13.36
CA PHE L 97 0.31 -50.72 14.68
C PHE L 97 -1.07 -50.71 15.35
N PRO L 98 -1.69 -51.88 15.52
CA PRO L 98 -3.00 -51.86 16.16
C PRO L 98 -2.87 -51.50 17.64
N ARG L 99 -3.91 -50.93 18.23
CA ARG L 99 -3.98 -50.81 19.67
C ARG L 99 -4.07 -52.24 20.20
N PRO L 100 -3.33 -52.53 21.29
CA PRO L 100 -3.25 -53.91 21.75
C PRO L 100 -4.54 -54.50 22.30
N GLU L 101 -5.58 -53.68 22.43
CA GLU L 101 -6.92 -54.18 22.77
C GLU L 101 -7.56 -54.94 21.61
N TYR L 102 -7.01 -54.82 20.42
CA TYR L 102 -7.63 -55.46 19.25
C TYR L 102 -6.77 -56.56 18.70
N ASP L 103 -7.42 -57.67 18.36
CA ASP L 103 -6.76 -58.83 17.79
C ASP L 103 -6.53 -58.66 16.29
N LEU L 104 -5.60 -57.78 15.97
CA LEU L 104 -5.30 -57.48 14.59
C LEU L 104 -3.84 -57.72 14.31
N PRO L 105 -3.53 -58.28 13.14
CA PRO L 105 -2.16 -58.42 12.73
C PRO L 105 -1.51 -57.06 12.42
N MET L 106 -0.19 -57.08 12.15
CA MET L 106 0.58 -55.90 11.78
C MET L 106 0.66 -55.81 10.28
N PHE L 107 0.08 -54.79 9.68
CA PHE L 107 0.32 -54.56 8.27
C PHE L 107 1.65 -53.85 8.08
N GLY L 108 2.44 -54.34 7.12
CA GLY L 108 3.68 -53.69 6.78
C GLY L 108 4.01 -53.88 5.32
N CYS L 109 4.53 -52.84 4.69
CA CYS L 109 5.13 -52.99 3.38
C CYS L 109 6.29 -52.04 3.21
N ASP L 110 7.24 -52.48 2.39
CA ASP L 110 8.48 -51.76 2.14
C ASP L 110 8.83 -51.88 0.68
N LEU L 111 9.33 -50.78 0.14
CA LEU L 111 9.77 -50.73 -1.21
C LEU L 111 11.16 -50.09 -1.17
N VAL L 112 12.12 -50.75 -1.81
CA VAL L 112 13.45 -50.21 -1.93
C VAL L 112 13.85 -50.17 -3.39
N GLY L 113 14.35 -49.01 -3.81
CA GLY L 113 14.78 -48.83 -5.18
C GLY L 113 15.93 -47.85 -5.28
N GLY L 114 16.16 -47.35 -6.48
CA GLY L 114 17.30 -46.50 -6.75
C GLY L 114 17.62 -46.66 -8.21
N ARG L 115 17.63 -45.52 -8.92
CA ARG L 115 17.88 -45.46 -10.36
C ARG L 115 16.95 -46.32 -11.20
N GLY L 116 15.67 -45.96 -11.24
CA GLY L 116 14.68 -46.61 -12.13
C GLY L 116 14.48 -48.12 -11.96
N GLN L 117 14.99 -48.66 -10.86
CA GLN L 117 14.89 -50.09 -10.54
C GLN L 117 14.36 -50.28 -9.13
N ILE L 118 13.40 -51.19 -8.96
CA ILE L 118 13.01 -51.61 -7.63
C ILE L 118 13.70 -52.92 -7.31
N SER L 119 14.57 -52.89 -6.33
CA SER L 119 15.34 -54.07 -5.95
C SER L 119 14.61 -54.99 -4.98
N ALA L 120 13.70 -54.42 -4.18
CA ALA L 120 13.01 -55.19 -3.14
C ALA L 120 11.61 -54.65 -2.83
N ALA L 121 10.65 -55.56 -2.80
CA ALA L 121 9.26 -55.24 -2.47
C ALA L 121 8.73 -56.30 -1.49
N ILE L 122 8.28 -55.86 -0.33
CA ILE L 122 7.74 -56.77 0.65
C ILE L 122 6.42 -56.25 1.20
N ALA L 123 5.49 -57.15 1.44
CA ALA L 123 4.21 -56.80 2.05
C ALA L 123 3.69 -57.97 2.86
N ASP L 124 3.19 -57.67 4.05
CA ASP L 124 2.65 -58.70 4.90
C ASP L 124 1.61 -58.20 5.87
N LEU L 125 0.82 -59.14 6.34
CA LEU L 125 0.02 -58.99 7.51
C LEU L 125 0.63 -59.95 8.51
N SER L 126 1.52 -59.44 9.35
CA SER L 126 2.30 -60.29 10.25
C SER L 126 1.52 -60.61 11.52
N PRO L 127 1.55 -61.87 11.98
CA PRO L 127 0.72 -62.27 13.12
C PRO L 127 1.12 -61.62 14.44
N VAL L 128 0.14 -61.43 15.32
CA VAL L 128 0.43 -61.01 16.70
C VAL L 128 0.19 -62.17 17.66
N HIS L 129 -0.35 -63.29 17.15
CA HIS L 129 -0.39 -64.55 17.91
C HIS L 129 1.03 -65.11 17.89
N LEU L 130 1.50 -65.60 19.05
CA LEU L 130 2.84 -66.19 19.12
C LEU L 130 2.91 -67.47 18.27
N ASP L 131 1.75 -68.17 18.24
CA ASP L 131 1.59 -69.36 17.40
C ASP L 131 1.53 -69.06 15.88
N ARG L 132 1.74 -67.78 15.50
CA ARG L 132 1.88 -67.36 14.10
C ARG L 132 0.62 -67.39 13.25
N THR L 133 -0.52 -67.76 13.83
CA THR L 133 -1.78 -67.79 13.09
C THR L 133 -2.27 -66.39 12.83
N LEU L 134 -3.08 -66.25 11.78
CA LEU L 134 -3.88 -65.05 11.62
C LEU L 134 -5.27 -65.37 12.18
N PRO L 135 -6.07 -64.34 12.54
CA PRO L 135 -7.46 -64.67 12.86
C PRO L 135 -8.14 -65.31 11.65
N GLU L 136 -9.22 -66.06 11.91
CA GLU L 136 -9.85 -66.90 10.90
C GLU L 136 -10.43 -66.14 9.71
N SER L 137 -11.04 -64.99 9.97
CA SER L 137 -11.55 -64.14 8.89
C SER L 137 -10.41 -63.72 7.92
N TYR L 138 -9.22 -63.47 8.44
CA TYR L 138 -8.07 -63.16 7.60
C TYR L 138 -7.68 -64.36 6.76
N ASN L 139 -7.59 -65.54 7.40
CA ASN L 139 -7.24 -66.77 6.69
C ASN L 139 -8.16 -67.04 5.50
N SER L 140 -9.47 -66.99 5.72
CA SER L 140 -10.40 -67.25 4.62
C SER L 140 -10.18 -66.26 3.50
N ALA L 141 -10.11 -64.98 3.85
CA ALA L 141 -10.04 -63.93 2.86
C ALA L 141 -8.76 -64.07 2.05
N LEU L 142 -7.64 -64.34 2.75
CA LEU L 142 -6.35 -64.38 2.09
C LEU L 142 -6.16 -65.62 1.21
N THR L 143 -6.78 -66.77 1.56
CA THR L 143 -6.65 -67.99 0.74
C THR L 143 -7.39 -67.89 -0.60
N SER L 144 -8.49 -67.12 -0.59
CA SER L 144 -9.34 -66.95 -1.77
C SER L 144 -8.63 -66.18 -2.87
N LEU L 145 -7.62 -65.40 -2.49
CA LEU L 145 -6.92 -64.52 -3.40
C LEU L 145 -6.12 -65.29 -4.43
N ASN L 146 -6.59 -65.16 -5.67
CA ASN L 146 -5.86 -65.54 -6.89
C ASN L 146 -4.34 -65.62 -6.72
N THR L 147 -3.79 -66.82 -6.96
CA THR L 147 -2.37 -67.09 -6.67
C THR L 147 -1.40 -66.44 -7.69
N LEU L 148 -0.54 -65.53 -7.20
CA LEU L 148 0.37 -64.77 -8.07
C LEU L 148 1.75 -65.41 -8.21
N ASN L 149 2.28 -65.40 -9.43
CA ASN L 149 3.53 -66.10 -9.72
C ASN L 149 4.61 -65.19 -10.29
N PHE L 150 5.29 -64.47 -9.39
CA PHE L 150 6.38 -63.59 -9.77
C PHE L 150 7.56 -64.42 -10.24
N SER L 151 8.39 -63.84 -11.11
CA SER L 151 9.54 -64.56 -11.66
C SER L 151 10.69 -64.59 -10.67
N GLN L 152 10.70 -63.62 -9.76
CA GLN L 152 11.86 -63.34 -8.92
C GLN L 152 11.50 -63.23 -7.44
N PRO L 153 11.00 -64.32 -6.82
CA PRO L 153 10.75 -64.25 -5.39
C PRO L 153 12.06 -64.20 -4.60
N ARG L 154 11.98 -63.77 -3.35
CA ARG L 154 13.16 -63.69 -2.51
C ARG L 154 12.93 -64.45 -1.23
N GLU L 155 14.02 -64.95 -0.67
CA GLU L 155 13.96 -65.76 0.53
C GLU L 155 13.96 -64.83 1.73
N LEU L 156 13.06 -65.10 2.66
CA LEU L 156 13.02 -64.37 3.90
C LEU L 156 14.23 -64.75 4.75
N PRO L 157 14.80 -63.78 5.49
CA PRO L 157 15.85 -64.12 6.45
C PRO L 157 15.21 -64.88 7.62
N GLU L 158 16.01 -65.42 8.53
CA GLU L 158 15.41 -66.25 9.58
C GLU L 158 14.70 -65.54 10.73
N TRP L 159 15.06 -64.29 10.99
CA TRP L 159 14.18 -63.43 11.82
C TRP L 159 12.80 -63.20 11.16
N GLY L 160 12.61 -63.79 9.97
CA GLY L 160 11.38 -63.65 9.18
C GLY L 160 10.25 -64.64 9.48
N ASN L 161 10.40 -65.39 10.56
CA ASN L 161 9.26 -66.10 11.12
C ASN L 161 8.29 -65.13 11.80
N ILE L 162 8.65 -63.83 11.87
CA ILE L 162 7.66 -62.83 12.29
C ILE L 162 6.62 -62.60 11.20
N PHE L 163 6.95 -63.00 9.98
CA PHE L 163 6.06 -62.83 8.86
C PHE L 163 5.12 -64.02 8.72
N SER L 164 3.93 -63.76 8.19
CA SER L 164 2.93 -64.82 7.97
C SER L 164 3.24 -65.60 6.71
N ASP L 165 2.51 -66.67 6.44
CA ASP L 165 2.75 -67.43 5.19
C ASP L 165 2.16 -66.75 3.99
N PHE L 166 1.44 -65.65 4.17
CA PHE L 166 0.95 -64.91 3.01
C PHE L 166 1.93 -63.79 2.59
N CYS L 167 2.99 -63.63 3.36
CA CYS L 167 3.99 -62.61 3.08
C CYS L 167 4.49 -62.66 1.64
N ILE L 168 4.62 -61.49 1.03
CA ILE L 168 5.14 -61.40 -0.31
C ILE L 168 6.46 -60.63 -0.33
N PHE L 169 7.49 -61.27 -0.89
CA PHE L 169 8.82 -60.72 -0.90
C PHE L 169 9.44 -61.00 -2.25
N VAL L 170 9.51 -59.98 -3.10
CA VAL L 170 9.96 -60.15 -4.47
C VAL L 170 10.85 -59.01 -4.93
N ARG L 171 11.55 -59.25 -6.03
CA ARG L 171 12.11 -58.19 -6.85
C ARG L 171 11.31 -58.15 -8.15
N PRO L 172 10.49 -57.11 -8.32
CA PRO L 172 9.67 -57.00 -9.53
C PRO L 172 10.55 -56.80 -10.77
N SER L 173 10.41 -57.69 -11.74
CA SER L 173 11.20 -57.62 -12.96
C SER L 173 10.57 -56.76 -14.06
N SER L 174 9.24 -56.79 -14.17
CA SER L 174 8.51 -56.02 -15.16
C SER L 174 7.57 -55.05 -14.47
N PRO L 175 7.02 -54.08 -15.22
CA PRO L 175 5.90 -53.25 -14.71
C PRO L 175 4.59 -54.01 -14.51
N GLU L 176 4.46 -55.19 -15.11
CA GLU L 176 3.32 -56.04 -14.85
C GLU L 176 3.41 -56.61 -13.44
N GLU L 177 4.63 -56.97 -13.04
CA GLU L 177 4.89 -57.46 -11.68
C GLU L 177 4.70 -56.35 -10.66
N GLU L 178 5.13 -55.14 -11.01
CA GLU L 178 4.91 -53.97 -10.18
C GLU L 178 3.43 -53.74 -9.91
N ALA L 179 2.61 -53.91 -10.94
CA ALA L 179 1.17 -53.77 -10.80
C ALA L 179 0.53 -54.92 -10.03
N MET L 180 1.07 -56.12 -10.21
CA MET L 180 0.65 -57.29 -9.43
C MET L 180 0.89 -57.05 -7.95
N PHE L 181 2.07 -56.53 -7.64
CA PHE L 181 2.44 -56.27 -6.28
C PHE L 181 1.53 -55.21 -5.67
N LEU L 182 1.37 -54.10 -6.37
CA LEU L 182 0.50 -53.02 -5.92
C LEU L 182 -0.94 -53.51 -5.69
N GLY L 183 -1.45 -54.31 -6.62
CA GLY L 183 -2.77 -54.92 -6.49
C GLY L 183 -2.93 -55.77 -5.24
N ARG L 184 -1.90 -56.56 -4.93
CA ARG L 184 -1.93 -57.43 -3.77
C ARG L 184 -1.87 -56.63 -2.47
N VAL L 185 -0.99 -55.64 -2.40
CA VAL L 185 -0.93 -54.79 -1.20
C VAL L 185 -2.32 -54.20 -0.96
N ARG L 186 -2.98 -53.77 -2.03
CA ARG L 186 -4.30 -53.17 -1.90
C ARG L 186 -5.31 -54.16 -1.32
N GLU L 187 -5.29 -55.39 -1.81
CA GLU L 187 -6.12 -56.46 -1.25
C GLU L 187 -5.85 -56.71 0.24
N PHE L 188 -4.57 -56.71 0.62
CA PHE L 188 -4.18 -56.86 2.02
C PHE L 188 -4.82 -55.74 2.83
N LEU L 189 -4.68 -54.53 2.34
CA LEU L 189 -5.22 -53.41 3.07
C LEU L 189 -6.72 -53.47 3.22
N GLN L 190 -7.43 -53.87 2.16
CA GLN L 190 -8.89 -53.94 2.24
C GLN L 190 -9.31 -54.97 3.26
N VAL L 191 -8.64 -56.13 3.26
CA VAL L 191 -8.97 -57.19 4.19
C VAL L 191 -8.71 -56.67 5.59
N HIS L 192 -7.59 -55.98 5.72
CA HIS L 192 -7.16 -55.50 7.01
C HIS L 192 -8.10 -54.42 7.57
N CYS L 193 -8.58 -53.55 6.69
CA CYS L 193 -9.52 -52.52 7.11
C CYS L 193 -10.89 -53.05 7.51
N GLN L 194 -11.38 -54.04 6.77
CA GLN L 194 -12.57 -54.78 7.16
C GLN L 194 -12.37 -55.46 8.52
N GLY L 195 -11.20 -56.09 8.69
CA GLY L 195 -10.86 -56.73 9.95
C GLY L 195 -10.95 -55.74 11.09
N ALA L 196 -10.35 -54.57 10.90
CA ALA L 196 -10.31 -53.53 11.91
C ALA L 196 -11.70 -53.02 12.30
N ILE L 197 -12.54 -52.83 11.29
CA ILE L 197 -13.87 -52.28 11.52
C ILE L 197 -14.75 -53.26 12.29
N ALA L 198 -14.54 -54.55 12.04
CA ALA L 198 -15.28 -55.65 12.67
C ALA L 198 -14.76 -56.03 14.05
N ALA L 199 -13.60 -55.52 14.45
CA ALA L 199 -12.97 -55.98 15.68
C ALA L 199 -13.59 -55.42 16.96
N SER L 200 -13.73 -56.27 17.99
CA SER L 200 -14.13 -55.83 19.32
C SER L 200 -12.97 -55.91 20.26
N PRO L 201 -12.88 -54.99 21.25
CA PRO L 201 -11.85 -55.10 22.27
C PRO L 201 -11.95 -56.45 22.95
N VAL L 202 -10.80 -57.10 23.16
CA VAL L 202 -10.72 -58.44 23.74
C VAL L 202 -10.29 -58.34 25.20
N SER L 203 -10.57 -59.37 25.99
CA SER L 203 -10.38 -59.33 27.46
C SER L 203 -8.92 -59.13 27.88
N ALA L 204 -8.76 -58.81 29.19
CA ALA L 204 -7.41 -58.59 29.79
C ALA L 204 -6.36 -59.62 29.34
N GLU L 205 -6.81 -60.88 29.27
CA GLU L 205 -5.96 -62.01 28.92
C GLU L 205 -5.48 -62.04 27.46
N GLN L 206 -6.33 -61.68 26.51
CA GLN L 206 -5.94 -61.73 25.08
C GLN L 206 -4.92 -60.65 24.76
N LYS L 207 -5.04 -59.52 25.45
CA LYS L 207 -4.04 -58.44 25.37
C LYS L 207 -2.61 -58.96 25.62
N GLN L 208 -2.43 -59.70 26.71
CA GLN L 208 -1.15 -60.33 27.08
C GLN L 208 -0.41 -60.89 25.86
N GLN L 209 -1.07 -61.84 25.19
CA GLN L 209 -0.50 -62.49 24.00
C GLN L 209 -0.30 -61.53 22.84
N ILE L 210 -1.23 -60.62 22.64
CA ILE L 210 -1.16 -59.64 21.57
C ILE L 210 -0.01 -58.65 21.82
N LEU L 211 0.01 -58.08 23.03
CA LEU L 211 1.06 -57.15 23.46
C LEU L 211 2.43 -57.77 23.23
N ALA L 212 2.58 -59.01 23.67
CA ALA L 212 3.82 -59.76 23.49
C ALA L 212 4.14 -59.96 22.01
N GLY L 213 3.12 -60.27 21.22
CA GLY L 213 3.26 -60.44 19.78
C GLY L 213 3.79 -59.20 19.08
N GLN L 214 3.24 -58.04 19.43
CA GLN L 214 3.71 -56.78 18.88
C GLN L 214 5.12 -56.50 19.34
N HIS L 215 5.37 -56.71 20.64
CA HIS L 215 6.70 -56.51 21.20
C HIS L 215 7.70 -57.35 20.42
N ASN L 216 7.39 -58.63 20.21
CA ASN L 216 8.30 -59.47 19.45
C ASN L 216 8.55 -58.93 18.06
N TYR L 217 7.47 -58.52 17.37
CA TYR L 217 7.57 -58.01 16.02
C TYR L 217 8.46 -56.76 15.93
N CYS L 218 8.26 -55.83 16.85
CA CYS L 218 9.02 -54.58 16.84
C CYS L 218 10.49 -54.79 17.21
N SER L 219 10.80 -55.65 18.19
CA SER L 219 12.20 -55.88 18.51
C SER L 219 12.94 -56.53 17.36
N LYS L 220 12.32 -57.50 16.70
CA LYS L 220 12.96 -58.16 15.58
C LYS L 220 13.23 -57.18 14.45
N GLN L 221 12.25 -56.31 14.19
CA GLN L 221 12.39 -55.29 13.16
C GLN L 221 13.46 -54.25 13.50
N GLN L 222 13.51 -53.82 14.76
CA GLN L 222 14.57 -52.92 15.19
C GLN L 222 15.91 -53.55 14.98
N GLN L 223 16.07 -54.79 15.44
CA GLN L 223 17.34 -55.50 15.37
C GLN L 223 17.85 -55.65 13.95
N ASN L 224 16.93 -55.63 12.99
CA ASN L 224 17.26 -56.16 11.68
C ASN L 224 16.99 -55.28 10.47
N ASP L 225 16.09 -54.30 10.59
CA ASP L 225 15.79 -53.44 9.46
C ASP L 225 17.05 -52.76 8.96
N LYS L 226 17.20 -52.71 7.63
CA LYS L 226 18.45 -52.26 6.99
C LYS L 226 18.53 -50.75 6.78
N THR L 227 17.44 -50.05 7.00
CA THR L 227 17.47 -48.60 6.85
C THR L 227 18.40 -48.00 7.91
N ARG L 228 18.63 -48.74 8.99
CA ARG L 228 19.54 -48.35 10.05
C ARG L 228 20.89 -47.85 9.53
N ARG L 229 21.51 -48.66 8.69
CA ARG L 229 22.83 -48.38 8.13
C ARG L 229 22.85 -47.02 7.42
N VAL L 230 21.84 -46.80 6.59
CA VAL L 230 21.67 -45.56 5.88
C VAL L 230 21.57 -44.41 6.86
N LEU L 231 20.80 -44.60 7.92
CA LEU L 231 20.57 -43.54 8.88
C LEU L 231 21.82 -43.25 9.69
N GLU L 232 22.58 -44.29 10.03
CA GLU L 232 23.84 -44.13 10.75
C GLU L 232 24.80 -43.27 9.93
N LYS L 233 24.94 -43.58 8.64
CA LYS L 233 25.86 -42.85 7.78
C LYS L 233 25.42 -41.41 7.59
N ALA L 234 24.12 -41.16 7.76
CA ALA L 234 23.59 -39.82 7.58
C ALA L 234 23.73 -38.97 8.83
N PHE L 235 23.49 -39.58 9.99
CA PHE L 235 23.32 -38.80 11.22
C PHE L 235 24.04 -39.32 12.44
N GLY L 236 24.75 -40.44 12.30
CA GLY L 236 25.45 -41.04 13.45
C GLY L 236 24.60 -42.14 14.08
N VAL L 237 25.25 -42.94 14.91
CA VAL L 237 24.71 -44.18 15.46
C VAL L 237 23.55 -43.98 16.42
N ASP L 238 23.66 -43.00 17.33
CA ASP L 238 22.60 -42.74 18.31
C ASP L 238 21.34 -42.16 17.72
N TRP L 239 21.48 -41.25 16.76
CA TRP L 239 20.34 -40.69 16.06
C TRP L 239 19.59 -41.83 15.38
N ALA L 240 20.34 -42.72 14.75
CA ALA L 240 19.73 -43.82 14.05
C ALA L 240 19.03 -44.75 15.03
N GLU L 241 19.67 -45.02 16.16
CA GLU L 241 19.09 -45.87 17.19
C GLU L 241 17.78 -45.28 17.68
N ASN L 242 17.80 -43.99 17.98
CA ASN L 242 16.64 -43.29 18.48
C ASN L 242 15.51 -43.28 17.48
N TYR L 243 15.85 -43.20 16.20
CA TYR L 243 14.85 -43.20 15.14
C TYR L 243 14.19 -44.57 15.00
N MET L 244 14.99 -45.62 15.07
CA MET L 244 14.50 -47.01 14.99
C MET L 244 13.55 -47.34 16.12
N THR L 245 13.88 -46.90 17.33
CA THR L 245 13.11 -47.27 18.52
C THR L 245 11.98 -46.32 18.87
N THR L 246 11.94 -45.12 18.29
CA THR L 246 10.85 -44.22 18.63
C THR L 246 10.01 -43.80 17.43
N VAL L 247 10.51 -43.97 16.21
CA VAL L 247 9.74 -43.59 15.04
C VAL L 247 9.25 -44.80 14.23
N LEU L 248 10.17 -45.70 13.89
CA LEU L 248 9.86 -46.82 13.00
C LEU L 248 9.21 -47.99 13.69
N PHE L 249 9.80 -48.44 14.79
CA PHE L 249 9.31 -49.63 15.45
C PHE L 249 9.26 -49.42 16.93
N ASP L 250 8.47 -48.45 17.37
CA ASP L 250 8.32 -48.16 18.80
C ASP L 250 7.49 -49.21 19.54
N LEU L 251 7.96 -49.60 20.71
CA LEU L 251 7.30 -50.65 21.49
C LEU L 251 5.91 -50.20 21.95
N PRO L 252 4.93 -51.13 21.97
CA PRO L 252 3.48 -50.91 22.16
C PRO L 252 2.99 -50.18 23.43
N GLU L 253 3.62 -50.47 24.56
CA GLU L 253 3.33 -49.78 25.82
C GLU L 253 4.65 -49.63 26.57
CA CA M . -11.06 29.19 31.96
#